data_8JC7
#
_entry.id   8JC7
#
loop_
_entity.id
_entity.type
_entity.pdbx_description
1 polymer Hemolysin
2 non-polymer 'POTASSIUM ION'
3 non-polymer 'CALCIUM ION'
4 water water
#
_entity_poly.entity_id   1
_entity_poly.type   'polypeptide(L)'
_entity_poly.pdbx_seq_one_letter_code
;MNINEPSGEAANIISQAADSHAMKYYNAADWQAEDNALPSLAELRDLVINQQKSVLFDFSQNSDADGQAEMQAQFRKTYG
VGFANQFIFITEHKGELLFTPFEHSEEVDPKLLEAPLTTRSGLKSTAPTNSETSTLPHVAFYISVNRPISDEECTFDNSW
LWKDEKGSRPFCKDANISLIYRVNLERSLQYGIVGSATPNAKIVRISLDDDSSGAGIHLNDQLSYRRFGASYTTLDAYFR
EWSTDAIAQDYRFVFKTSNNKAEILETFPIDNLNVKYEKRKQSGFELGVTGGAEVSEDGPKAKLEARASITQSRWLTYNT
QDYRVERNAKNAQTVSFTWNRQEYATAESLLNRSTDALWVDTYPVDVNRISPLSYASFVPKMDVIYKASDTETGSTDFII
DSSVNIRPIYNGAYKHYYVVGAHQSYHGFENSPRRRITKSASFTVDWDHPVFTGGRPVNLQLASFNNRCVQVDAQSRLTA
NTCDDQQSAQSFIYDQLGRYVSASNTELCLDGAALDVLQTCNQNLTQRWEWRKNTDELTNVYSGESLGHDKQTGELGLYA
SSNDAVSLRTITAYTNVFNVQKSSPILGYTQGKMNQQSVGQNYRLYVREGSAIDALGTASDLLVGGNGGSLTSVDLSGVK
SITATSGDFQYGGQQLVALTFTYQDGRQQMVGSKAHVTNAHEDRFDLPDAAKITQLNIWADDWLVKGVQFDLNLEHHHHH
H
;
_entity_poly.pdbx_strand_id   A,B,C,D,E,F,G
#
loop_
_chem_comp.id
_chem_comp.type
_chem_comp.name
_chem_comp.formula
CA non-polymer 'CALCIUM ION' 'Ca 2'
K non-polymer 'POTASSIUM ION' 'K 1'
#
# COMPACT_ATOMS: atom_id res chain seq x y z
N SER A 134 26.77 -7.85 -21.90
CA SER A 134 25.82 -6.90 -22.47
C SER A 134 25.54 -5.77 -21.49
N THR A 135 25.36 -6.13 -20.22
CA THR A 135 25.05 -5.14 -19.21
C THR A 135 26.30 -4.35 -18.82
N LEU A 136 26.09 -3.33 -18.01
CA LEU A 136 27.15 -2.41 -17.67
C LEU A 136 28.12 -3.03 -16.67
N PRO A 137 29.41 -3.02 -16.94
CA PRO A 137 30.37 -3.61 -16.00
C PRO A 137 30.67 -2.68 -14.83
N HIS A 138 31.05 -3.29 -13.72
CA HIS A 138 31.41 -2.57 -12.51
C HIS A 138 32.74 -3.06 -11.99
N VAL A 139 33.41 -2.19 -11.25
CA VAL A 139 34.48 -2.59 -10.35
C VAL A 139 33.91 -2.46 -8.95
N ALA A 140 33.81 -3.57 -8.24
CA ALA A 140 33.21 -3.59 -6.92
C ALA A 140 34.19 -4.19 -5.93
N PHE A 141 34.35 -3.54 -4.79
CA PHE A 141 35.20 -4.08 -3.75
C PHE A 141 34.76 -3.52 -2.40
N TYR A 142 35.21 -4.19 -1.34
CA TYR A 142 34.93 -3.79 0.02
C TYR A 142 36.15 -3.09 0.60
N ILE A 143 35.90 -2.10 1.44
CA ILE A 143 36.95 -1.46 2.22
C ILE A 143 36.63 -1.68 3.68
N SER A 144 37.49 -2.43 4.36
CA SER A 144 37.33 -2.67 5.78
C SER A 144 38.03 -1.57 6.57
N VAL A 145 37.31 -0.98 7.49
CA VAL A 145 37.84 0.08 8.35
C VAL A 145 37.81 -0.46 9.76
N ASN A 146 38.93 -1.01 10.22
CA ASN A 146 39.04 -1.59 11.54
C ASN A 146 40.00 -0.77 12.38
N ARG A 147 39.54 -0.31 13.53
CA ARG A 147 40.35 0.53 14.40
C ARG A 147 39.98 0.22 15.84
N PRO A 148 40.78 -0.57 16.52
CA PRO A 148 40.59 -0.71 17.97
C PRO A 148 41.05 0.54 18.67
N ILE A 149 40.28 0.95 19.68
CA ILE A 149 40.56 2.16 20.43
C ILE A 149 41.23 1.75 21.73
N SER A 150 42.45 2.22 21.94
CA SER A 150 43.24 1.80 23.08
C SER A 150 42.68 2.37 24.38
N ASP A 151 43.14 1.81 25.49
CA ASP A 151 42.69 2.27 26.80
C ASP A 151 43.10 3.71 27.06
N GLU A 152 44.32 4.08 26.67
CA GLU A 152 44.77 5.45 26.85
C GLU A 152 44.07 6.41 25.91
N GLU A 153 43.57 5.93 24.78
CA GLU A 153 42.90 6.82 23.84
C GLU A 153 41.58 7.33 24.37
N CYS A 154 40.98 6.67 25.35
CA CYS A 154 39.80 7.21 26.00
C CYS A 154 39.95 7.10 27.50
N THR A 155 41.09 7.55 28.00
CA THR A 155 41.30 7.78 29.43
C THR A 155 41.08 9.26 29.70
N PHE A 156 40.16 9.56 30.60
CA PHE A 156 39.86 10.93 30.98
C PHE A 156 40.06 11.10 32.48
N ASP A 157 40.05 12.34 32.93
CA ASP A 157 40.14 12.60 34.36
C ASP A 157 38.94 12.03 35.09
N ASN A 158 39.20 11.46 36.26
CA ASN A 158 38.12 10.85 37.04
C ASN A 158 37.07 11.87 37.44
N SER A 159 37.47 13.12 37.59
CA SER A 159 36.55 14.17 38.01
C SER A 159 36.80 15.40 37.17
N TRP A 160 35.77 16.24 37.08
CA TRP A 160 35.86 17.50 36.36
C TRP A 160 36.09 18.68 37.27
N LEU A 161 35.51 18.66 38.48
CA LEU A 161 35.72 19.74 39.43
C LEU A 161 37.08 19.66 40.09
N TRP A 162 37.58 18.45 40.34
CA TRP A 162 38.84 18.21 41.01
C TRP A 162 39.75 17.37 40.15
N LYS A 163 39.90 17.79 38.89
CA LYS A 163 40.57 16.97 37.90
C LYS A 163 42.00 16.64 38.29
N ASP A 164 42.64 17.48 39.09
CA ASP A 164 44.03 17.26 39.46
C ASP A 164 44.19 16.36 40.67
N GLU A 165 43.11 16.00 41.35
CA GLU A 165 43.20 15.26 42.60
C GLU A 165 42.77 13.81 42.49
N LYS A 166 41.78 13.50 41.66
CA LYS A 166 41.16 12.19 41.67
C LYS A 166 41.74 11.24 40.63
N GLY A 167 42.73 11.68 39.87
CA GLY A 167 43.34 10.79 38.91
C GLY A 167 42.52 10.61 37.65
N SER A 168 42.82 9.53 36.93
CA SER A 168 42.20 9.26 35.64
C SER A 168 41.89 7.77 35.55
N ARG A 169 41.02 7.43 34.60
CA ARG A 169 40.61 6.05 34.40
C ARG A 169 40.13 5.89 32.97
N PRO A 170 40.10 4.67 32.46
CA PRO A 170 39.53 4.45 31.12
C PRO A 170 38.02 4.48 31.16
N PHE A 171 37.43 5.29 30.28
CA PHE A 171 35.99 5.43 30.24
C PHE A 171 35.33 4.53 29.20
N CYS A 172 36.09 3.67 28.55
CA CYS A 172 35.56 2.74 27.58
C CYS A 172 35.85 1.33 28.05
N LYS A 173 35.45 0.36 27.23
CA LYS A 173 35.79 -1.03 27.49
C LYS A 173 35.88 -1.70 26.13
N ASP A 174 37.10 -1.85 25.63
CA ASP A 174 37.34 -2.46 24.31
C ASP A 174 36.58 -1.70 23.22
N ALA A 175 36.73 -0.38 23.22
CA ALA A 175 36.12 0.42 22.18
C ALA A 175 36.71 0.06 20.82
N ASN A 176 35.88 0.15 19.79
CA ASN A 176 36.29 -0.38 18.50
C ASN A 176 35.49 0.29 17.40
N ILE A 177 36.13 0.47 16.26
CA ILE A 177 35.46 0.87 15.02
C ILE A 177 35.64 -0.24 14.01
N SER A 178 34.54 -0.73 13.46
CA SER A 178 34.60 -1.81 12.47
C SER A 178 33.51 -1.55 11.43
N LEU A 179 33.90 -1.00 10.29
CA LEU A 179 32.98 -0.69 9.22
C LEU A 179 33.47 -1.30 7.92
N ILE A 180 32.53 -1.59 7.03
CA ILE A 180 32.85 -2.15 5.72
C ILE A 180 32.13 -1.31 4.69
N TYR A 181 32.89 -0.56 3.91
CA TYR A 181 32.33 0.23 2.82
C TYR A 181 32.34 -0.57 1.54
N ARG A 182 31.29 -0.41 0.74
CA ARG A 182 31.25 -0.99 -0.59
C ARG A 182 31.47 0.11 -1.61
N VAL A 183 32.41 -0.10 -2.51
CA VAL A 183 32.77 0.87 -3.53
C VAL A 183 32.44 0.30 -4.89
N ASN A 184 31.77 1.07 -5.72
CA ASN A 184 31.47 0.70 -7.09
C ASN A 184 32.04 1.74 -8.04
N LEU A 185 32.78 1.29 -9.04
CA LEU A 185 33.22 2.14 -10.14
C LEU A 185 32.47 1.71 -11.39
N GLU A 186 31.96 2.68 -12.13
CA GLU A 186 31.22 2.35 -13.35
C GLU A 186 31.11 3.60 -14.20
N ARG A 187 30.77 3.39 -15.45
CA ARG A 187 30.30 4.45 -16.33
C ARG A 187 28.80 4.59 -16.13
N SER A 188 28.28 5.78 -16.42
CA SER A 188 26.86 5.99 -16.28
C SER A 188 26.05 5.23 -17.33
N LEU A 189 26.65 4.95 -18.48
CA LEU A 189 25.97 4.26 -19.57
C LEU A 189 26.91 3.26 -20.19
N GLN A 190 26.33 2.28 -20.87
CA GLN A 190 27.13 1.33 -21.62
C GLN A 190 27.86 2.02 -22.76
N TYR A 191 28.90 1.38 -23.24
CA TYR A 191 29.71 1.96 -24.28
C TYR A 191 28.91 2.19 -25.54
N GLY A 192 29.08 3.37 -26.13
CA GLY A 192 28.54 3.65 -27.44
C GLY A 192 27.07 3.96 -27.50
N ILE A 193 26.39 4.12 -26.37
CA ILE A 193 24.98 4.44 -26.38
C ILE A 193 24.81 5.93 -26.61
N VAL A 194 24.01 6.29 -27.61
CA VAL A 194 23.81 7.68 -27.95
C VAL A 194 22.36 8.05 -27.76
N GLY A 195 22.13 9.32 -27.46
CA GLY A 195 20.78 9.82 -27.31
C GLY A 195 20.08 9.42 -26.04
N SER A 196 20.82 9.03 -25.01
CA SER A 196 20.21 8.65 -23.75
C SER A 196 19.86 9.87 -22.92
N ALA A 197 18.87 9.71 -22.05
CA ALA A 197 18.49 10.79 -21.14
C ALA A 197 19.45 10.94 -19.98
N THR A 198 20.34 10.01 -19.79
CA THR A 198 21.39 10.07 -18.78
C THR A 198 22.65 10.66 -19.38
N PRO A 199 23.24 11.68 -18.78
CA PRO A 199 24.49 12.21 -19.28
C PRO A 199 25.63 11.21 -19.13
N ASN A 200 26.61 11.31 -20.01
CA ASN A 200 27.80 10.48 -19.92
C ASN A 200 28.66 10.96 -18.75
N ALA A 201 29.07 10.04 -17.90
CA ALA A 201 29.89 10.39 -16.76
C ALA A 201 30.57 9.14 -16.22
N LYS A 202 31.64 9.36 -15.48
CA LYS A 202 32.31 8.30 -14.74
C LYS A 202 31.87 8.39 -13.29
N ILE A 203 31.32 7.30 -12.76
CA ILE A 203 30.64 7.30 -11.48
C ILE A 203 31.46 6.52 -10.47
N VAL A 204 31.67 7.11 -9.30
CA VAL A 204 32.23 6.42 -8.15
C VAL A 204 31.19 6.42 -7.05
N ARG A 205 30.77 5.25 -6.62
CA ARG A 205 29.73 5.11 -5.62
C ARG A 205 30.33 4.49 -4.37
N ILE A 206 30.21 5.19 -3.24
CA ILE A 206 30.67 4.69 -1.96
C ILE A 206 29.46 4.51 -1.08
N SER A 207 29.28 3.31 -0.57
CA SER A 207 28.04 2.96 0.09
C SER A 207 28.32 2.27 1.42
N LEU A 208 27.49 2.57 2.40
CA LEU A 208 27.49 1.89 3.69
C LEU A 208 26.02 1.62 3.96
N ASP A 209 25.53 0.45 3.55
CA ASP A 209 24.11 0.20 3.56
C ASP A 209 23.76 -1.11 4.24
N ASP A 210 22.50 -1.53 4.14
CA ASP A 210 22.07 -2.75 4.81
C ASP A 210 22.76 -3.98 4.27
N ASP A 211 23.15 -3.97 3.00
CA ASP A 211 23.83 -5.13 2.44
C ASP A 211 25.28 -5.25 2.89
N SER A 212 25.89 -4.15 3.33
CA SER A 212 27.30 -4.18 3.69
C SER A 212 27.54 -3.06 4.69
N SER A 213 27.64 -3.40 5.93
CA SER A 213 27.83 -2.35 6.92
C SER A 213 28.96 -2.63 7.89
N GLY A 214 29.15 -3.87 8.27
CA GLY A 214 30.14 -4.20 9.28
C GLY A 214 29.56 -4.22 10.66
N ALA A 215 30.45 -4.45 11.63
CA ALA A 215 30.01 -4.57 13.02
C ALA A 215 29.49 -3.25 13.55
N GLY A 216 30.21 -2.17 13.31
CA GLY A 216 29.78 -0.87 13.75
C GLY A 216 30.78 -0.27 14.70
N ILE A 217 30.38 0.80 15.36
CA ILE A 217 31.22 1.51 16.31
C ILE A 217 30.75 1.16 17.71
N HIS A 218 31.68 0.77 18.56
CA HIS A 218 31.38 0.24 19.87
C HIS A 218 32.22 0.96 20.90
N LEU A 219 31.61 1.34 22.01
CA LEU A 219 32.33 2.00 23.08
C LEU A 219 32.31 1.23 24.39
N ASN A 220 31.19 0.63 24.75
CA ASN A 220 31.03 0.03 26.06
C ASN A 220 30.01 -1.09 25.98
N ASP A 221 30.17 -2.08 26.85
CA ASP A 221 29.09 -3.06 27.03
C ASP A 221 27.97 -2.49 27.87
N GLN A 222 28.31 -1.76 28.93
CA GLN A 222 27.31 -1.10 29.76
C GLN A 222 27.98 0.07 30.45
N LEU A 223 27.16 0.99 30.93
CA LEU A 223 27.65 2.23 31.51
C LEU A 223 27.72 2.10 33.03
N SER A 224 28.85 2.45 33.59
CA SER A 224 29.05 2.50 35.03
C SER A 224 29.46 3.91 35.42
N TYR A 225 29.59 4.13 36.73
CA TYR A 225 29.94 5.44 37.23
C TYR A 225 30.82 5.30 38.45
N ARG A 226 31.48 6.40 38.79
CA ARG A 226 32.25 6.52 40.01
C ARG A 226 31.85 7.79 40.71
N ARG A 227 31.76 7.73 42.03
CA ARG A 227 31.38 8.88 42.85
C ARG A 227 32.60 9.44 43.56
N PHE A 228 32.72 10.75 43.55
CA PHE A 228 33.83 11.43 44.21
C PHE A 228 33.29 12.55 45.08
N GLY A 229 33.90 12.71 46.24
CA GLY A 229 33.51 13.77 47.15
C GLY A 229 34.61 14.78 47.34
N ALA A 230 34.26 16.00 47.69
CA ALA A 230 35.26 17.02 47.96
C ALA A 230 36.06 16.65 49.20
N SER A 231 37.39 16.76 49.10
CA SER A 231 38.25 16.44 50.23
C SER A 231 38.07 17.42 51.39
N TYR A 232 37.56 18.61 51.12
CA TYR A 232 37.36 19.64 52.13
C TYR A 232 35.88 20.01 52.16
N THR A 233 35.34 20.15 53.37
CA THR A 233 33.97 20.58 53.52
C THR A 233 33.86 22.07 53.29
N THR A 234 32.67 22.51 52.86
CA THR A 234 32.42 23.92 52.58
C THR A 234 30.94 24.20 52.79
N LEU A 235 30.49 25.36 52.33
CA LEU A 235 29.12 25.79 52.54
C LEU A 235 28.34 25.90 51.24
N ASP A 236 28.79 26.70 50.29
CA ASP A 236 28.09 26.88 49.01
C ASP A 236 29.07 26.58 47.89
N ALA A 237 29.18 25.31 47.54
CA ALA A 237 30.06 24.86 46.47
C ALA A 237 29.67 23.43 46.12
N TYR A 238 30.32 22.89 45.09
CA TYR A 238 30.12 21.50 44.74
C TYR A 238 30.80 20.62 45.76
N PHE A 239 30.08 19.63 46.27
CA PHE A 239 30.62 18.72 47.26
C PHE A 239 30.60 17.26 46.83
N ARG A 240 29.93 16.94 45.73
CA ARG A 240 29.90 15.58 45.23
C ARG A 240 29.97 15.61 43.71
N GLU A 241 30.47 14.53 43.13
CA GLU A 241 30.57 14.44 41.69
C GLU A 241 30.50 12.98 41.27
N TRP A 242 29.79 12.72 40.18
CA TRP A 242 29.76 11.41 39.55
C TRP A 242 30.31 11.54 38.15
N SER A 243 31.14 10.59 37.75
CA SER A 243 31.64 10.51 36.40
C SER A 243 31.17 9.21 35.77
N THR A 244 30.34 9.32 34.76
CA THR A 244 29.76 8.17 34.08
C THR A 244 30.60 7.79 32.87
N ASP A 245 30.58 6.51 32.53
CA ASP A 245 31.31 6.00 31.38
C ASP A 245 30.92 6.77 30.12
N ALA A 246 31.87 6.88 29.20
CA ALA A 246 31.72 7.75 28.05
C ALA A 246 30.68 7.24 27.08
N ILE A 247 29.94 8.17 26.50
CA ILE A 247 29.03 7.86 25.41
C ILE A 247 29.53 8.57 24.17
N ALA A 248 28.89 8.32 23.04
CA ALA A 248 29.24 8.98 21.80
C ALA A 248 28.42 10.25 21.67
N GLN A 249 29.09 11.39 21.76
CA GLN A 249 28.40 12.65 21.50
C GLN A 249 27.93 12.71 20.06
N ASP A 250 28.76 12.25 19.13
CA ASP A 250 28.34 12.14 17.75
C ASP A 250 29.21 11.13 17.03
N TYR A 251 28.71 10.65 15.91
CA TYR A 251 29.47 9.87 14.96
C TYR A 251 29.54 10.65 13.67
N ARG A 252 30.75 10.80 13.14
CA ARG A 252 30.96 11.62 11.96
C ARG A 252 31.64 10.80 10.87
N PHE A 253 31.18 10.98 9.64
CA PHE A 253 31.75 10.27 8.49
C PHE A 253 31.98 11.29 7.39
N VAL A 254 33.24 11.51 7.05
CA VAL A 254 33.65 12.55 6.12
C VAL A 254 34.16 11.90 4.85
N PHE A 255 33.65 12.33 3.71
CA PHE A 255 34.07 11.84 2.41
C PHE A 255 34.80 12.97 1.70
N LYS A 256 36.07 12.76 1.42
CA LYS A 256 36.91 13.77 0.81
C LYS A 256 37.44 13.27 -0.51
N THR A 257 38.11 14.17 -1.22
CA THR A 257 38.66 13.89 -2.53
C THR A 257 39.99 14.61 -2.63
N SER A 258 40.99 13.95 -3.22
CA SER A 258 42.33 14.54 -3.27
C SER A 258 42.39 15.73 -4.23
N ASN A 259 41.68 15.66 -5.35
CA ASN A 259 41.64 16.79 -6.27
C ASN A 259 40.20 17.07 -6.65
N ASN A 260 39.98 17.95 -7.63
CA ASN A 260 38.63 18.34 -8.00
C ASN A 260 38.16 17.68 -9.28
N LYS A 261 38.78 16.56 -9.67
CA LYS A 261 38.33 15.84 -10.85
C LYS A 261 36.94 15.25 -10.66
N ALA A 262 36.57 14.94 -9.42
CA ALA A 262 35.28 14.36 -9.12
C ALA A 262 34.46 15.33 -8.28
N GLU A 263 33.15 15.34 -8.51
CA GLU A 263 32.22 16.16 -7.75
C GLU A 263 31.15 15.29 -7.15
N ILE A 264 30.63 15.69 -6.01
CA ILE A 264 29.51 14.97 -5.42
C ILE A 264 28.30 15.15 -6.31
N LEU A 265 27.73 14.05 -6.75
CA LEU A 265 26.53 14.11 -7.57
C LEU A 265 25.27 13.96 -6.73
N GLU A 266 25.26 13.00 -5.82
CA GLU A 266 24.11 12.78 -4.97
C GLU A 266 24.56 12.02 -3.74
N THR A 267 23.76 12.10 -2.68
CA THR A 267 24.09 11.43 -1.44
C THR A 267 22.83 10.78 -0.88
N PHE A 268 23.05 9.91 0.07
CA PHE A 268 21.99 9.46 0.96
C PHE A 268 22.54 9.51 2.37
N PRO A 269 21.86 10.15 3.33
CA PRO A 269 20.61 10.90 3.28
C PRO A 269 20.66 12.05 2.28
N ILE A 270 19.54 12.31 1.62
CA ILE A 270 19.55 13.25 0.51
C ILE A 270 19.82 14.66 1.01
N ASP A 271 19.25 15.04 2.14
CA ASP A 271 19.39 16.39 2.64
C ASP A 271 19.13 16.40 4.14
N ASN A 272 19.38 17.55 4.74
CA ASN A 272 18.98 17.77 6.12
C ASN A 272 17.47 17.81 6.22
N LEU A 273 16.96 17.45 7.39
CA LEU A 273 15.52 17.35 7.60
C LEU A 273 14.85 18.71 7.60
N ASN A 274 13.73 18.79 6.89
CA ASN A 274 12.84 19.95 6.94
C ASN A 274 11.78 19.64 7.99
N VAL A 275 12.01 20.13 9.21
CA VAL A 275 11.17 19.73 10.34
C VAL A 275 9.75 20.21 10.15
N LYS A 276 8.80 19.35 10.49
CA LYS A 276 7.38 19.66 10.38
C LYS A 276 6.82 19.95 11.77
N TYR A 277 6.16 21.09 11.91
CA TYR A 277 5.60 21.51 13.18
C TYR A 277 4.09 21.50 13.11
N GLU A 278 3.45 21.12 14.20
CA GLU A 278 2.01 21.20 14.32
C GLU A 278 1.66 22.31 15.29
N LYS A 279 1.01 23.35 14.78
CA LYS A 279 0.58 24.46 15.60
C LYS A 279 -0.88 24.31 15.95
N ARG A 280 -1.25 24.80 17.12
CA ARG A 280 -2.62 24.69 17.60
C ARG A 280 -2.96 25.93 18.40
N LYS A 281 -4.04 26.59 18.03
CA LYS A 281 -4.53 27.77 18.74
C LYS A 281 -5.86 27.43 19.38
N GLN A 282 -6.01 27.78 20.65
CA GLN A 282 -7.24 27.58 21.38
C GLN A 282 -7.72 28.91 21.91
N SER A 283 -9.02 29.17 21.77
CA SER A 283 -9.66 30.32 22.37
C SER A 283 -10.93 29.86 23.05
N GLY A 284 -11.17 30.32 24.26
CA GLY A 284 -12.35 29.90 24.98
C GLY A 284 -12.87 30.98 25.89
N PHE A 285 -14.14 30.85 26.23
CA PHE A 285 -14.75 31.70 27.24
C PHE A 285 -15.61 30.84 28.14
N GLU A 286 -15.78 31.29 29.37
CA GLU A 286 -16.59 30.56 30.34
C GLU A 286 -17.44 31.55 31.11
N LEU A 287 -18.72 31.22 31.28
CA LEU A 287 -19.66 32.03 32.04
C LEU A 287 -20.18 31.20 33.19
N GLY A 288 -20.27 31.80 34.37
CA GLY A 288 -20.72 31.07 35.54
C GLY A 288 -21.58 31.94 36.44
N VAL A 289 -22.47 31.29 37.16
CA VAL A 289 -23.24 31.91 38.23
C VAL A 289 -23.19 31.00 39.44
N THR A 290 -23.36 31.59 40.62
CA THR A 290 -23.34 30.85 41.87
C THR A 290 -24.38 31.44 42.81
N GLY A 291 -25.15 30.57 43.45
CA GLY A 291 -26.11 31.01 44.43
C GLY A 291 -25.94 30.30 45.76
N GLY A 292 -25.56 31.03 46.79
CA GLY A 292 -25.29 30.46 48.09
C GLY A 292 -26.32 30.90 49.11
N ALA A 293 -26.57 30.01 50.08
CA ALA A 293 -27.50 30.29 51.18
C ALA A 293 -26.89 29.76 52.46
N GLU A 294 -26.40 30.66 53.30
CA GLU A 294 -25.77 30.30 54.56
C GLU A 294 -26.74 30.60 55.69
N VAL A 295 -27.04 29.59 56.50
CA VAL A 295 -27.96 29.72 57.63
C VAL A 295 -27.20 29.40 58.91
N SER A 296 -27.26 30.31 59.87
CA SER A 296 -26.58 30.14 61.13
C SER A 296 -27.36 30.87 62.21
N GLU A 297 -26.77 30.99 63.39
CA GLU A 297 -27.41 31.72 64.48
C GLU A 297 -27.56 33.20 64.16
N ASP A 298 -26.67 33.75 63.33
CA ASP A 298 -26.75 35.16 62.98
C ASP A 298 -28.00 35.45 62.16
N GLY A 299 -28.36 34.56 61.25
CA GLY A 299 -29.51 34.74 60.41
C GLY A 299 -29.24 34.33 58.98
N PRO A 300 -30.30 34.15 58.20
CA PRO A 300 -30.12 33.74 56.80
C PRO A 300 -29.24 34.72 56.04
N LYS A 301 -28.36 34.18 55.21
CA LYS A 301 -27.43 34.97 54.42
C LYS A 301 -27.42 34.41 53.01
N ALA A 302 -27.65 35.28 52.03
CA ALA A 302 -27.76 34.87 50.64
C ALA A 302 -26.61 35.46 49.83
N LYS A 303 -26.09 34.66 48.90
CA LYS A 303 -24.98 35.06 48.05
C LYS A 303 -25.35 34.85 46.59
N LEU A 304 -24.90 35.77 45.74
CA LEU A 304 -25.11 35.67 44.30
C LEU A 304 -23.82 36.11 43.63
N GLU A 305 -23.27 35.24 42.78
CA GLU A 305 -21.98 35.48 42.17
C GLU A 305 -22.06 35.24 40.66
N ALA A 306 -21.28 35.99 39.91
CA ALA A 306 -21.20 35.83 38.47
C ALA A 306 -19.74 35.81 38.06
N ARG A 307 -19.40 34.90 37.17
CA ARG A 307 -18.02 34.71 36.72
C ARG A 307 -17.98 34.79 35.19
N ALA A 308 -16.89 35.35 34.68
CA ALA A 308 -16.64 35.36 33.25
C ALA A 308 -15.14 35.19 33.04
N SER A 309 -14.76 34.22 32.23
CA SER A 309 -13.36 33.94 31.98
C SER A 309 -13.09 33.93 30.48
N ILE A 310 -11.87 34.28 30.13
CA ILE A 310 -11.41 34.26 28.75
C ILE A 310 -10.08 33.53 28.72
N THR A 311 -9.93 32.58 27.82
CA THR A 311 -8.74 31.74 27.78
C THR A 311 -8.16 31.76 26.38
N GLN A 312 -6.85 31.60 26.29
CA GLN A 312 -6.17 31.51 25.02
C GLN A 312 -4.89 30.72 25.22
N SER A 313 -4.67 29.72 24.38
CA SER A 313 -3.48 28.91 24.51
C SER A 313 -2.93 28.57 23.14
N ARG A 314 -1.63 28.33 23.08
CA ARG A 314 -0.95 27.95 21.85
C ARG A 314 -0.17 26.67 22.11
N TRP A 315 -0.21 25.76 21.16
CA TRP A 315 0.54 24.52 21.24
C TRP A 315 1.51 24.45 20.07
N LEU A 316 2.67 23.85 20.31
CA LEU A 316 3.62 23.55 19.26
C LEU A 316 4.10 22.12 19.44
N THR A 317 4.03 21.33 18.40
CA THR A 317 4.40 19.92 18.46
C THR A 317 5.38 19.60 17.35
N TYR A 318 6.41 18.84 17.67
CA TYR A 318 7.38 18.40 16.68
C TYR A 318 8.07 17.17 17.21
N ASN A 319 8.77 16.47 16.32
CA ASN A 319 9.46 15.24 16.64
C ASN A 319 10.95 15.48 16.74
N THR A 320 11.58 14.80 17.69
CA THR A 320 13.03 14.74 17.77
C THR A 320 13.45 13.28 17.81
N GLN A 321 14.75 13.05 17.70
CA GLN A 321 15.34 11.74 17.89
C GLN A 321 16.48 11.89 18.88
N ASP A 322 17.01 10.77 19.36
CA ASP A 322 18.19 10.93 20.18
C ASP A 322 19.44 11.09 19.35
N TYR A 323 19.41 10.74 18.07
CA TYR A 323 20.51 11.04 17.16
C TYR A 323 19.93 11.61 15.88
N ARG A 324 20.33 12.81 15.53
CA ARG A 324 19.87 13.47 14.31
C ARG A 324 21.01 13.51 13.31
N VAL A 325 20.70 13.13 12.07
CA VAL A 325 21.68 13.17 10.99
C VAL A 325 21.81 14.59 10.49
N GLU A 326 23.04 15.09 10.44
CA GLU A 326 23.31 16.42 9.92
C GLU A 326 24.29 16.29 8.78
N ARG A 327 23.84 16.67 7.60
CA ARG A 327 24.64 16.62 6.38
C ARG A 327 25.31 17.96 6.19
N ASN A 328 26.60 17.94 5.90
CA ASN A 328 27.40 19.16 5.83
C ASN A 328 28.31 19.04 4.63
N ALA A 329 28.03 19.81 3.59
CA ALA A 329 28.79 19.73 2.34
C ALA A 329 29.55 21.03 2.16
N LYS A 330 30.84 21.02 2.51
CA LYS A 330 31.64 22.23 2.45
C LYS A 330 31.81 22.71 1.01
N ASN A 331 32.07 21.80 0.09
CA ASN A 331 32.25 22.16 -1.31
C ASN A 331 31.86 20.97 -2.16
N ALA A 332 32.16 21.04 -3.45
CA ALA A 332 31.75 20.00 -4.37
C ALA A 332 32.50 18.69 -4.18
N GLN A 333 33.59 18.70 -3.43
CA GLN A 333 34.40 17.51 -3.27
C GLN A 333 34.23 16.82 -1.93
N THR A 334 33.68 17.48 -0.93
CA THR A 334 33.64 16.92 0.41
C THR A 334 32.25 17.05 0.99
N VAL A 335 31.80 15.97 1.62
CA VAL A 335 30.54 15.97 2.36
C VAL A 335 30.78 15.17 3.62
N SER A 336 30.16 15.60 4.72
CA SER A 336 30.25 14.89 5.97
C SER A 336 28.86 14.63 6.50
N PHE A 337 28.65 13.43 7.03
CA PHE A 337 27.43 13.07 7.71
C PHE A 337 27.74 12.90 9.18
N THR A 338 26.98 13.58 10.03
CA THR A 338 27.16 13.49 11.47
C THR A 338 25.87 13.07 12.10
N TRP A 339 25.90 12.00 12.87
CA TRP A 339 24.79 11.64 13.75
C TRP A 339 25.06 12.28 15.09
N ASN A 340 24.32 13.31 15.42
CA ASN A 340 24.55 14.12 16.59
C ASN A 340 23.47 13.85 17.61
N ARG A 341 23.86 13.74 18.88
CA ARG A 341 22.88 13.59 19.95
C ARG A 341 21.94 14.79 19.95
N GLN A 342 20.65 14.51 19.94
CA GLN A 342 19.67 15.60 19.91
C GLN A 342 18.81 15.65 21.17
N GLU A 343 18.07 14.59 21.49
CA GLU A 343 17.07 14.69 22.54
C GLU A 343 17.71 14.86 23.91
N TYR A 344 18.67 14.01 24.25
CA TYR A 344 19.42 14.11 25.49
C TYR A 344 20.87 14.36 25.12
N ALA A 345 21.17 15.61 24.79
CA ALA A 345 22.50 15.94 24.31
C ALA A 345 23.42 16.42 25.42
N THR A 346 22.87 16.86 26.54
CA THR A 346 23.65 17.45 27.62
C THR A 346 23.62 16.54 28.83
N ALA A 347 24.65 16.63 29.65
CA ALA A 347 24.66 15.89 30.90
C ALA A 347 23.54 16.35 31.82
N GLU A 348 23.12 17.60 31.70
CA GLU A 348 22.01 18.10 32.50
C GLU A 348 20.71 17.38 32.18
N SER A 349 20.48 17.10 30.90
CA SER A 349 19.24 16.46 30.49
C SER A 349 19.15 15.02 30.94
N LEU A 350 20.24 14.42 31.40
CA LEU A 350 20.24 13.05 31.83
C LEU A 350 19.86 12.89 33.30
N LEU A 351 19.69 13.98 34.03
CA LEU A 351 19.34 13.90 35.44
C LEU A 351 17.85 13.66 35.58
N ASN A 352 17.48 12.61 36.31
CA ASN A 352 16.07 12.35 36.57
C ASN A 352 15.53 13.18 37.72
N ARG A 353 16.42 13.77 38.52
CA ARG A 353 16.00 14.62 39.63
C ARG A 353 16.86 15.87 39.63
N SER A 354 16.27 16.98 40.05
CA SER A 354 16.98 18.26 40.04
C SER A 354 17.34 18.76 41.42
N THR A 355 16.67 18.29 42.46
CA THR A 355 16.89 18.78 43.81
C THR A 355 16.70 17.64 44.79
N ASP A 356 17.33 17.73 45.95
CA ASP A 356 17.23 16.68 46.95
C ASP A 356 17.63 17.24 48.31
N ALA A 357 17.30 16.49 49.35
CA ALA A 357 17.73 16.81 50.69
C ALA A 357 19.19 16.43 50.88
N LEU A 358 19.82 17.03 51.89
CA LEU A 358 21.25 16.87 52.07
C LEU A 358 21.62 15.42 52.37
N TRP A 359 20.79 14.72 53.14
CA TRP A 359 21.12 13.35 53.51
C TRP A 359 21.03 12.37 52.35
N VAL A 360 20.45 12.77 51.23
CA VAL A 360 20.34 11.90 50.07
C VAL A 360 21.69 11.80 49.38
N ASP A 361 22.14 10.57 49.14
CA ASP A 361 23.40 10.32 48.44
C ASP A 361 23.18 9.18 47.47
N THR A 362 22.76 9.51 46.26
CA THR A 362 22.48 8.52 45.23
C THR A 362 22.91 9.05 43.87
N TYR A 363 23.09 8.14 42.94
CA TYR A 363 23.41 8.48 41.58
C TYR A 363 22.23 9.24 40.97
N PRO A 364 22.41 10.48 40.54
CA PRO A 364 21.27 11.27 40.03
C PRO A 364 21.03 11.17 38.53
N VAL A 365 21.70 10.27 37.83
CA VAL A 365 21.57 10.14 36.38
C VAL A 365 20.62 8.99 36.07
N ASP A 366 19.69 9.23 35.16
CA ASP A 366 18.79 8.18 34.68
C ASP A 366 19.47 7.52 33.49
N VAL A 367 20.11 6.37 33.72
CA VAL A 367 20.84 5.71 32.65
C VAL A 367 19.90 5.13 31.61
N ASN A 368 18.62 4.99 31.92
CA ASN A 368 17.67 4.52 30.93
C ASN A 368 17.48 5.51 29.80
N ARG A 369 17.85 6.77 30.00
CA ARG A 369 17.77 7.76 28.93
C ARG A 369 18.90 7.62 27.94
N ILE A 370 19.93 6.86 28.26
CA ILE A 370 21.06 6.65 27.36
C ILE A 370 20.80 5.36 26.60
N SER A 371 20.42 5.48 25.34
CA SER A 371 20.11 4.34 24.52
C SER A 371 21.36 3.55 24.18
N PRO A 372 21.23 2.27 23.89
CA PRO A 372 22.39 1.49 23.45
C PRO A 372 22.99 2.00 22.16
N LEU A 373 22.25 2.79 21.39
CA LEU A 373 22.79 3.41 20.19
C LEU A 373 23.97 4.31 20.49
N SER A 374 24.10 4.79 21.71
CA SER A 374 25.13 5.75 22.04
C SER A 374 26.41 5.12 22.58
N TYR A 375 26.40 3.85 22.94
CA TYR A 375 27.64 3.21 23.33
C TYR A 375 27.80 1.78 22.86
N ALA A 376 26.73 1.04 22.60
CA ALA A 376 26.87 -0.40 22.41
C ALA A 376 27.21 -0.74 20.98
N SER A 377 26.52 -0.14 20.03
CA SER A 377 26.76 -0.40 18.63
C SER A 377 26.07 0.65 17.80
N PHE A 378 26.78 1.26 16.87
CA PHE A 378 26.19 2.21 15.95
C PHE A 378 26.61 1.83 14.54
N VAL A 379 25.64 1.75 13.64
CA VAL A 379 25.90 1.48 12.23
C VAL A 379 25.24 2.59 11.42
N PRO A 380 26.00 3.41 10.71
CA PRO A 380 25.40 4.41 9.84
C PRO A 380 24.90 3.79 8.55
N LYS A 381 23.99 4.50 7.89
CA LYS A 381 23.53 4.13 6.56
C LYS A 381 23.69 5.36 5.67
N MET A 382 24.60 5.29 4.71
CA MET A 382 24.79 6.44 3.85
C MET A 382 25.40 6.02 2.53
N ASP A 383 25.13 6.81 1.51
CA ASP A 383 25.67 6.64 0.17
C ASP A 383 26.23 7.96 -0.31
N VAL A 384 27.33 7.91 -1.04
CA VAL A 384 27.87 9.08 -1.71
C VAL A 384 28.19 8.67 -3.14
N ILE A 385 27.72 9.46 -4.09
CA ILE A 385 27.98 9.21 -5.50
C ILE A 385 28.81 10.36 -6.04
N TYR A 386 30.00 10.07 -6.49
CA TYR A 386 30.84 11.04 -7.15
C TYR A 386 30.73 10.86 -8.66
N LYS A 387 30.95 11.93 -9.39
CA LYS A 387 30.99 11.85 -10.83
C LYS A 387 32.17 12.64 -11.36
N ALA A 388 32.75 12.13 -12.43
CA ALA A 388 33.79 12.81 -13.17
C ALA A 388 33.32 12.95 -14.59
N SER A 389 33.93 13.87 -15.34
CA SER A 389 33.55 14.04 -16.73
C SER A 389 33.93 12.80 -17.52
N ASP A 390 33.21 12.58 -18.61
CA ASP A 390 33.44 11.40 -19.42
C ASP A 390 34.81 11.37 -20.07
N THR A 391 35.54 12.48 -20.07
CA THR A 391 36.88 12.52 -20.64
C THR A 391 37.95 12.77 -19.59
N GLU A 392 37.65 12.49 -18.32
CA GLU A 392 38.62 12.73 -17.27
C GLU A 392 39.81 11.79 -17.41
N THR A 393 40.99 12.31 -17.10
CA THR A 393 42.22 11.54 -17.10
C THR A 393 42.89 11.66 -15.73
N GLY A 394 44.00 10.97 -15.56
CA GLY A 394 44.69 11.02 -14.30
C GLY A 394 44.03 10.13 -13.27
N SER A 395 44.27 10.46 -12.01
CA SER A 395 43.77 9.67 -10.91
C SER A 395 43.28 10.59 -9.80
N THR A 396 42.56 10.00 -8.85
CA THR A 396 41.99 10.74 -7.74
C THR A 396 41.94 9.84 -6.53
N ASP A 397 42.33 10.35 -5.37
CA ASP A 397 42.25 9.62 -4.12
C ASP A 397 40.98 10.00 -3.39
N PHE A 398 40.22 9.01 -2.96
CA PHE A 398 39.03 9.21 -2.17
C PHE A 398 39.33 8.79 -0.75
N ILE A 399 39.02 9.66 0.21
CA ILE A 399 39.31 9.41 1.61
C ILE A 399 37.99 9.35 2.37
N ILE A 400 37.86 8.35 3.23
CA ILE A 400 36.72 8.23 4.12
C ILE A 400 37.21 8.29 5.55
N ASP A 401 36.76 9.29 6.30
CA ASP A 401 37.12 9.47 7.70
C ASP A 401 35.93 9.09 8.55
N SER A 402 36.06 8.03 9.32
CA SER A 402 35.03 7.59 10.25
C SER A 402 35.51 7.87 11.65
N SER A 403 34.70 8.56 12.44
CA SER A 403 35.13 8.98 13.75
C SER A 403 33.96 8.97 14.72
N VAL A 404 34.29 8.90 16.00
CA VAL A 404 33.33 8.99 17.07
C VAL A 404 33.83 10.02 18.07
N ASN A 405 32.94 10.90 18.49
CA ASN A 405 33.26 11.93 19.48
C ASN A 405 32.96 11.37 20.86
N ILE A 406 33.99 10.88 21.53
CA ILE A 406 33.81 10.21 22.81
C ILE A 406 33.66 11.26 23.91
N ARG A 407 32.62 11.13 24.72
CA ARG A 407 32.31 12.13 25.72
C ARG A 407 32.02 11.50 27.07
N PRO A 408 32.89 11.66 28.06
CA PRO A 408 32.52 11.26 29.42
C PRO A 408 31.49 12.19 30.00
N ILE A 409 30.70 11.66 30.92
CA ILE A 409 29.59 12.40 31.52
C ILE A 409 29.94 12.74 32.95
N TYR A 410 29.87 14.02 33.29
CA TYR A 410 30.19 14.50 34.62
C TYR A 410 28.98 15.21 35.20
N ASN A 411 28.61 14.85 36.42
CA ASN A 411 27.54 15.52 37.14
C ASN A 411 28.01 15.86 38.53
N GLY A 412 27.52 16.97 39.06
CA GLY A 412 27.90 17.42 40.38
C GLY A 412 26.68 17.80 41.20
N ALA A 413 26.83 17.69 42.51
CA ALA A 413 25.83 18.11 43.47
C ALA A 413 26.29 19.38 44.14
N TYR A 414 25.45 20.41 44.12
CA TYR A 414 25.78 21.71 44.67
C TYR A 414 25.01 21.92 45.96
N LYS A 415 25.72 22.37 47.00
CA LYS A 415 25.11 22.58 48.30
C LYS A 415 24.56 24.00 48.38
N HIS A 416 23.25 24.12 48.54
CA HIS A 416 22.59 25.41 48.68
C HIS A 416 22.12 25.53 50.12
N TYR A 417 22.77 26.42 50.89
CA TYR A 417 22.39 26.64 52.28
C TYR A 417 21.42 27.81 52.36
N TYR A 418 20.19 27.51 52.73
CA TYR A 418 19.16 28.52 52.94
C TYR A 418 18.62 28.38 54.35
N VAL A 419 18.30 29.53 54.97
CA VAL A 419 17.79 29.52 56.34
C VAL A 419 16.47 28.76 56.41
N VAL A 420 15.62 28.90 55.39
CA VAL A 420 14.38 28.14 55.34
C VAL A 420 14.67 26.64 55.25
N GLY A 421 15.63 26.26 54.39
CA GLY A 421 16.00 24.87 54.25
C GLY A 421 17.19 24.66 53.34
N ALA A 422 18.14 23.84 53.77
CA ALA A 422 19.31 23.53 52.97
C ALA A 422 19.04 22.31 52.10
N HIS A 423 19.33 22.43 50.82
CA HIS A 423 19.10 21.38 49.84
C HIS A 423 20.30 21.30 48.92
N GLN A 424 20.33 20.23 48.12
CA GLN A 424 21.37 20.05 47.10
C GLN A 424 20.71 20.04 45.74
N SER A 425 21.33 20.72 44.78
CA SER A 425 20.86 20.75 43.41
C SER A 425 21.88 20.08 42.52
N TYR A 426 21.40 19.29 41.57
CA TYR A 426 22.26 18.53 40.69
C TYR A 426 22.49 19.29 39.39
N HIS A 427 23.73 19.28 38.93
CA HIS A 427 24.11 19.98 37.72
C HIS A 427 24.94 19.07 36.83
N GLY A 428 24.82 19.30 35.53
CA GLY A 428 25.67 18.64 34.55
C GLY A 428 26.65 19.66 33.99
N PHE A 429 27.85 19.20 33.67
CA PHE A 429 28.89 20.06 33.15
C PHE A 429 29.03 19.80 31.65
N GLU A 430 28.89 20.84 30.86
CA GLU A 430 28.97 20.70 29.41
C GLU A 430 30.33 21.02 28.83
N ASN A 431 31.17 21.75 29.55
CA ASN A 431 32.51 22.06 29.08
C ASN A 431 33.51 20.97 29.38
N SER A 432 33.02 19.79 29.75
CA SER A 432 33.92 18.68 30.03
C SER A 432 34.61 18.21 28.75
N PRO A 433 35.74 17.54 28.87
CA PRO A 433 36.51 17.19 27.67
C PRO A 433 35.80 16.18 26.80
N ARG A 434 36.11 16.24 25.51
CA ARG A 434 35.70 15.25 24.53
C ARG A 434 36.90 14.89 23.68
N ARG A 435 36.92 13.67 23.19
CA ARG A 435 38.00 13.20 22.34
C ARG A 435 37.41 12.57 21.10
N ARG A 436 37.89 12.99 19.94
CA ARG A 436 37.46 12.42 18.68
C ARG A 436 38.47 11.35 18.25
N ILE A 437 37.99 10.15 18.00
CA ILE A 437 38.83 9.04 17.58
C ILE A 437 38.47 8.72 16.14
N THR A 438 39.45 8.83 15.24
CA THR A 438 39.21 8.74 13.81
C THR A 438 39.97 7.57 13.22
N LYS A 439 39.40 6.97 12.19
CA LYS A 439 40.10 6.02 11.33
C LYS A 439 39.86 6.43 9.89
N SER A 440 40.95 6.59 9.14
CA SER A 440 40.88 7.02 7.75
C SER A 440 41.10 5.84 6.83
N ALA A 441 40.26 5.70 5.82
CA ALA A 441 40.46 4.76 4.75
C ALA A 441 40.51 5.52 3.44
N SER A 442 41.28 5.01 2.49
CA SER A 442 41.37 5.67 1.21
C SER A 442 41.55 4.65 0.10
N PHE A 443 41.16 5.04 -1.09
CA PHE A 443 41.41 4.26 -2.29
C PHE A 443 41.63 5.21 -3.44
N THR A 444 42.36 4.75 -4.43
CA THR A 444 42.71 5.56 -5.58
C THR A 444 41.92 5.08 -6.79
N VAL A 445 41.35 6.01 -7.52
CA VAL A 445 40.62 5.72 -8.74
C VAL A 445 41.42 6.29 -9.90
N ASP A 446 41.81 5.42 -10.82
CA ASP A 446 42.43 5.84 -12.06
C ASP A 446 41.34 6.04 -13.10
N TRP A 447 41.15 7.27 -13.55
CA TRP A 447 40.04 7.57 -14.43
C TRP A 447 40.19 6.95 -15.81
N ASP A 448 41.36 6.39 -16.12
CA ASP A 448 41.56 5.68 -17.36
C ASP A 448 41.38 4.19 -17.21
N HIS A 449 40.79 3.75 -16.11
CA HIS A 449 40.51 2.34 -15.93
C HIS A 449 39.53 1.86 -17.01
N PRO A 450 39.68 0.63 -17.49
CA PRO A 450 38.77 0.16 -18.55
C PRO A 450 37.32 0.10 -18.15
N VAL A 451 37.01 0.05 -16.85
CA VAL A 451 35.61 0.01 -16.44
C VAL A 451 34.90 1.29 -16.85
N PHE A 452 35.63 2.38 -16.99
CA PHE A 452 35.01 3.65 -17.31
C PHE A 452 34.75 3.84 -18.78
N THR A 453 35.12 2.87 -19.61
CA THR A 453 34.64 2.85 -20.99
C THR A 453 33.19 2.40 -21.08
N GLY A 454 32.72 1.63 -20.10
CA GLY A 454 31.37 1.11 -20.13
C GLY A 454 31.19 -0.11 -20.99
N GLY A 455 32.26 -0.64 -21.57
CA GLY A 455 32.12 -1.79 -22.43
C GLY A 455 32.77 -3.03 -21.85
N ARG A 456 32.43 -4.19 -22.39
CA ARG A 456 33.03 -5.43 -21.94
C ARG A 456 34.06 -5.87 -22.95
N PRO A 457 35.34 -5.79 -22.64
CA PRO A 457 36.37 -6.06 -23.64
C PRO A 457 36.53 -7.55 -23.92
N VAL A 458 37.11 -7.82 -25.08
CA VAL A 458 37.47 -9.16 -25.50
C VAL A 458 38.91 -9.12 -25.97
N ASN A 459 39.52 -10.29 -26.09
CA ASN A 459 40.84 -10.40 -26.67
C ASN A 459 40.75 -11.06 -28.03
N LEU A 460 41.80 -10.89 -28.83
CA LEU A 460 41.88 -11.50 -30.14
C LEU A 460 43.02 -12.50 -30.11
N GLN A 461 42.69 -13.77 -29.92
CA GLN A 461 43.68 -14.81 -29.78
C GLN A 461 44.00 -15.41 -31.15
N LEU A 462 45.27 -15.43 -31.50
CA LEU A 462 45.70 -16.02 -32.76
C LEU A 462 45.73 -17.54 -32.59
N ALA A 463 44.78 -18.22 -33.20
CA ALA A 463 44.49 -19.60 -32.84
C ALA A 463 45.40 -20.61 -33.50
N SER A 464 46.33 -20.19 -34.35
CA SER A 464 47.33 -21.14 -34.82
C SER A 464 48.35 -21.44 -33.73
N PHE A 465 48.52 -20.52 -32.80
CA PHE A 465 49.37 -20.74 -31.65
C PHE A 465 48.56 -21.27 -30.49
N ASN A 466 49.26 -21.91 -29.55
CA ASN A 466 48.58 -22.35 -28.33
C ASN A 466 48.22 -21.17 -27.45
N ASN A 467 49.12 -20.19 -27.34
CA ASN A 467 48.89 -19.07 -26.43
C ASN A 467 49.55 -17.82 -27.01
N ARG A 468 48.80 -17.08 -27.82
CA ARG A 468 49.29 -15.84 -28.41
C ARG A 468 48.10 -14.93 -28.64
N CYS A 469 48.19 -13.69 -28.17
CA CYS A 469 47.12 -12.73 -28.32
C CYS A 469 47.67 -11.46 -28.94
N VAL A 470 46.80 -10.71 -29.60
CA VAL A 470 47.16 -9.41 -30.11
C VAL A 470 47.33 -8.46 -28.95
N GLN A 471 48.45 -7.75 -28.91
CA GLN A 471 48.75 -6.84 -27.82
C GLN A 471 49.18 -5.50 -28.37
N VAL A 472 48.78 -4.43 -27.70
CA VAL A 472 49.15 -3.06 -28.05
C VAL A 472 50.20 -2.59 -27.06
N ASP A 473 51.31 -2.06 -27.57
CA ASP A 473 52.32 -1.50 -26.68
C ASP A 473 52.05 -0.01 -26.50
N ALA A 474 53.04 0.70 -25.94
CA ALA A 474 52.82 2.09 -25.53
C ALA A 474 52.58 3.00 -26.73
N GLN A 475 53.31 2.79 -27.82
CA GLN A 475 53.19 3.65 -28.99
C GLN A 475 52.24 3.09 -30.05
N SER A 476 51.32 2.22 -29.66
CA SER A 476 50.26 1.80 -30.54
C SER A 476 50.58 0.66 -31.46
N ARG A 477 51.79 0.12 -31.44
CA ARG A 477 52.13 -0.98 -32.33
C ARG A 477 51.50 -2.27 -31.83
N LEU A 478 51.27 -3.19 -32.76
CA LEU A 478 50.62 -4.45 -32.47
C LEU A 478 51.63 -5.58 -32.52
N THR A 479 51.61 -6.43 -31.50
CA THR A 479 52.46 -7.61 -31.46
C THR A 479 51.64 -8.77 -30.95
N ALA A 480 52.20 -9.96 -31.06
CA ALA A 480 51.59 -11.17 -30.54
C ALA A 480 52.35 -11.59 -29.30
N ASN A 481 51.67 -11.63 -28.16
CA ASN A 481 52.26 -12.02 -26.90
C ASN A 481 51.41 -13.09 -26.25
N THR A 482 51.97 -13.75 -25.25
CA THR A 482 51.21 -14.75 -24.51
C THR A 482 50.00 -14.08 -23.87
N CYS A 483 48.84 -14.70 -24.01
CA CYS A 483 47.61 -14.09 -23.56
C CYS A 483 47.58 -13.98 -22.04
N ASP A 484 47.10 -12.85 -21.56
CA ASP A 484 46.85 -12.62 -20.15
C ASP A 484 45.45 -12.09 -20.02
N ASP A 485 44.60 -12.80 -19.26
CA ASP A 485 43.19 -12.43 -19.18
C ASP A 485 42.96 -11.08 -18.53
N GLN A 486 43.92 -10.60 -17.74
CA GLN A 486 43.76 -9.33 -17.03
C GLN A 486 44.57 -8.21 -17.64
N GLN A 487 45.22 -8.45 -18.76
CA GLN A 487 46.00 -7.43 -19.42
C GLN A 487 45.08 -6.55 -20.25
N SER A 488 44.97 -5.28 -19.88
CA SER A 488 44.13 -4.38 -20.64
C SER A 488 44.74 -4.01 -21.98
N ALA A 489 46.05 -4.21 -22.14
CA ALA A 489 46.69 -3.99 -23.43
C ALA A 489 46.30 -5.03 -24.46
N GLN A 490 45.67 -6.12 -24.05
CA GLN A 490 45.20 -7.15 -24.96
C GLN A 490 43.69 -7.16 -25.08
N SER A 491 43.03 -6.09 -24.65
CA SER A 491 41.58 -6.04 -24.58
C SER A 491 41.06 -5.06 -25.61
N PHE A 492 39.99 -5.46 -26.28
CA PHE A 492 39.35 -4.63 -27.29
C PHE A 492 37.85 -4.64 -27.06
N ILE A 493 37.20 -3.53 -27.33
CA ILE A 493 35.75 -3.45 -27.28
C ILE A 493 35.23 -3.55 -28.70
N TYR A 494 34.33 -4.50 -28.91
CA TYR A 494 33.66 -4.67 -30.20
C TYR A 494 32.43 -3.78 -30.21
N ASP A 495 32.54 -2.63 -30.88
CA ASP A 495 31.51 -1.62 -30.74
C ASP A 495 30.39 -1.83 -31.76
N GLN A 496 29.45 -0.89 -31.80
CA GLN A 496 28.26 -1.04 -32.63
C GLN A 496 28.60 -1.00 -34.11
N LEU A 497 29.56 -0.17 -34.50
CA LEU A 497 29.96 -0.10 -35.89
C LEU A 497 30.66 -1.37 -36.35
N GLY A 498 31.10 -2.22 -35.44
CA GLY A 498 31.93 -3.34 -35.79
C GLY A 498 33.40 -3.09 -35.68
N ARG A 499 33.81 -2.04 -34.98
CA ARG A 499 35.22 -1.75 -34.79
C ARG A 499 35.73 -2.41 -33.53
N TYR A 500 37.03 -2.66 -33.49
CA TYR A 500 37.71 -3.20 -32.33
C TYR A 500 38.54 -2.06 -31.75
N VAL A 501 37.98 -1.36 -30.81
CA VAL A 501 38.68 -0.24 -30.21
C VAL A 501 39.47 -0.75 -29.02
N SER A 502 40.66 -0.20 -28.82
CA SER A 502 41.48 -0.60 -27.70
C SER A 502 40.80 -0.23 -26.40
N ALA A 503 40.79 -1.16 -25.45
CA ALA A 503 40.12 -0.90 -24.18
C ALA A 503 40.91 0.09 -23.34
N SER A 504 42.22 0.14 -23.51
CA SER A 504 43.04 1.07 -22.77
C SER A 504 43.03 2.48 -23.37
N ASN A 505 42.56 2.62 -24.60
CA ASN A 505 42.48 3.93 -25.23
C ASN A 505 41.41 3.84 -26.32
N THR A 506 40.22 4.31 -26.01
CA THR A 506 39.13 4.10 -26.95
C THR A 506 39.19 4.99 -28.14
N GLU A 507 40.27 5.74 -28.36
CA GLU A 507 40.42 6.52 -29.57
C GLU A 507 41.23 5.79 -30.63
N LEU A 508 41.62 4.54 -30.37
CA LEU A 508 42.44 3.78 -31.29
C LEU A 508 41.70 2.52 -31.72
N CYS A 509 41.73 2.23 -33.01
CA CYS A 509 41.06 1.10 -33.60
C CYS A 509 42.03 0.16 -34.28
N LEU A 510 41.59 -1.08 -34.45
CA LEU A 510 42.27 -2.02 -35.32
C LEU A 510 41.82 -1.74 -36.75
N ASP A 511 42.74 -1.29 -37.59
CA ASP A 511 42.43 -0.86 -38.94
C ASP A 511 43.02 -1.83 -39.94
N GLY A 512 42.19 -2.29 -40.88
CA GLY A 512 42.65 -3.24 -41.87
C GLY A 512 43.58 -2.67 -42.90
N ALA A 513 43.61 -1.34 -43.04
CA ALA A 513 44.53 -0.73 -43.99
C ALA A 513 45.98 -0.86 -43.55
N ALA A 514 46.23 -0.74 -42.24
CA ALA A 514 47.59 -0.82 -41.70
C ALA A 514 47.53 -1.61 -40.40
N LEU A 515 47.80 -2.91 -40.48
CA LEU A 515 47.64 -3.80 -39.33
C LEU A 515 48.93 -3.98 -38.56
N ASP A 516 49.62 -2.90 -38.25
CA ASP A 516 50.83 -3.00 -37.45
C ASP A 516 50.76 -2.01 -36.31
N VAL A 517 49.97 -0.95 -36.49
CA VAL A 517 49.73 0.03 -35.45
C VAL A 517 48.24 0.29 -35.39
N LEU A 518 47.76 0.59 -34.20
CA LEU A 518 46.38 1.03 -34.06
C LEU A 518 46.22 2.40 -34.68
N GLN A 519 45.07 2.63 -35.30
CA GLN A 519 44.78 3.89 -35.95
C GLN A 519 43.67 4.61 -35.19
N THR A 520 43.60 5.92 -35.40
CA THR A 520 42.54 6.70 -34.78
C THR A 520 41.18 6.25 -35.29
N CYS A 521 40.23 6.09 -34.38
CA CYS A 521 38.90 5.68 -34.78
C CYS A 521 38.28 6.72 -35.70
N ASN A 522 37.75 6.26 -36.82
CA ASN A 522 36.97 7.11 -37.70
C ASN A 522 35.96 6.22 -38.40
N GLN A 523 35.43 6.69 -39.51
CA GLN A 523 34.41 5.96 -40.25
C GLN A 523 34.97 5.12 -41.37
N ASN A 524 36.27 4.88 -41.39
CA ASN A 524 36.86 4.04 -42.41
C ASN A 524 36.18 2.68 -42.42
N LEU A 525 35.87 2.19 -43.61
CA LEU A 525 35.30 0.87 -43.70
C LEU A 525 36.34 -0.21 -43.40
N THR A 526 37.62 0.10 -43.56
CA THR A 526 38.66 -0.85 -43.19
C THR A 526 38.76 -1.04 -41.69
N GLN A 527 38.12 -0.19 -40.89
CA GLN A 527 38.13 -0.35 -39.46
C GLN A 527 36.96 -1.15 -38.94
N ARG A 528 36.12 -1.67 -39.82
CA ARG A 528 34.94 -2.43 -39.42
C ARG A 528 35.15 -3.89 -39.72
N TRP A 529 34.78 -4.73 -38.77
CA TRP A 529 35.00 -6.17 -38.87
C TRP A 529 33.70 -6.90 -38.57
N GLU A 530 33.52 -8.02 -39.24
CA GLU A 530 32.40 -8.90 -38.93
C GLU A 530 32.89 -10.33 -38.89
N TRP A 531 32.25 -11.13 -38.06
CA TRP A 531 32.63 -12.52 -37.90
C TRP A 531 31.91 -13.36 -38.95
N ARG A 532 32.68 -14.11 -39.72
CA ARG A 532 32.07 -15.07 -40.64
C ARG A 532 31.31 -16.11 -39.85
N LYS A 533 30.09 -16.41 -40.28
CA LYS A 533 29.20 -17.23 -39.48
C LYS A 533 29.71 -18.66 -39.35
N ASN A 534 29.61 -19.19 -38.13
CA ASN A 534 29.98 -20.57 -37.82
C ASN A 534 31.44 -20.87 -38.10
N THR A 535 32.31 -19.87 -38.08
CA THR A 535 33.72 -20.08 -38.27
C THR A 535 34.49 -19.21 -37.28
N ASP A 536 35.81 -19.33 -37.33
CA ASP A 536 36.71 -18.51 -36.53
C ASP A 536 37.42 -17.49 -37.39
N GLU A 537 36.73 -16.95 -38.39
CA GLU A 537 37.31 -15.99 -39.31
C GLU A 537 36.73 -14.62 -39.03
N LEU A 538 37.60 -13.63 -38.92
CA LEU A 538 37.23 -12.24 -38.78
C LEU A 538 37.48 -11.56 -40.12
N THR A 539 36.43 -11.04 -40.73
CA THR A 539 36.52 -10.47 -42.06
C THR A 539 36.40 -8.96 -42.01
N ASN A 540 37.16 -8.29 -42.87
CA ASN A 540 37.08 -6.84 -42.99
C ASN A 540 35.88 -6.45 -43.82
N VAL A 541 35.18 -5.40 -43.39
CA VAL A 541 33.97 -4.98 -44.08
C VAL A 541 34.29 -4.40 -45.44
N TYR A 542 35.37 -3.63 -45.54
CA TYR A 542 35.64 -2.91 -46.78
C TYR A 542 35.92 -3.86 -47.93
N SER A 543 36.85 -4.79 -47.74
CA SER A 543 37.28 -5.66 -48.83
C SER A 543 36.74 -7.07 -48.76
N GLY A 544 36.22 -7.48 -47.61
CA GLY A 544 35.77 -8.84 -47.46
C GLY A 544 36.88 -9.82 -47.13
N GLU A 545 38.13 -9.37 -47.10
CA GLU A 545 39.22 -10.26 -46.76
C GLU A 545 39.21 -10.60 -45.28
N SER A 546 39.83 -11.71 -44.94
CA SER A 546 39.85 -12.18 -43.57
C SER A 546 41.14 -11.74 -42.89
N LEU A 547 41.05 -11.57 -41.58
CA LEU A 547 42.22 -11.25 -40.78
C LEU A 547 43.02 -12.51 -40.57
N GLY A 548 44.28 -12.51 -41.01
CA GLY A 548 45.16 -13.63 -40.86
C GLY A 548 46.43 -13.21 -40.14
N HIS A 549 47.13 -14.20 -39.60
CA HIS A 549 48.38 -13.96 -38.92
C HIS A 549 49.42 -14.93 -39.43
N ASP A 550 50.66 -14.46 -39.48
CA ASP A 550 51.76 -15.32 -39.86
C ASP A 550 51.92 -16.44 -38.83
N LYS A 551 52.10 -17.66 -39.32
CA LYS A 551 52.14 -18.81 -38.43
C LYS A 551 53.41 -18.87 -37.59
N GLN A 552 54.41 -18.05 -37.89
CA GLN A 552 55.65 -18.04 -37.14
C GLN A 552 55.78 -16.87 -36.18
N THR A 553 55.41 -15.67 -36.62
CA THR A 553 55.58 -14.48 -35.81
C THR A 553 54.26 -13.88 -35.34
N GLY A 554 53.13 -14.29 -35.89
CA GLY A 554 51.87 -13.70 -35.51
C GLY A 554 51.63 -12.32 -36.05
N GLU A 555 52.33 -11.92 -37.11
CA GLU A 555 52.10 -10.63 -37.71
C GLU A 555 50.76 -10.63 -38.45
N LEU A 556 49.96 -9.61 -38.20
CA LEU A 556 48.62 -9.56 -38.77
C LEU A 556 48.65 -9.10 -40.22
N GLY A 557 47.60 -9.47 -40.94
CA GLY A 557 47.45 -9.07 -42.33
C GLY A 557 46.08 -9.45 -42.82
N LEU A 558 45.76 -8.99 -44.01
CA LEU A 558 44.49 -9.30 -44.65
C LEU A 558 44.73 -10.25 -45.81
N TYR A 559 43.98 -11.34 -45.85
CA TYR A 559 44.19 -12.36 -46.86
C TYR A 559 42.85 -12.86 -47.38
N ALA A 560 42.80 -13.12 -48.68
CA ALA A 560 41.61 -13.75 -49.24
C ALA A 560 41.45 -15.17 -48.75
N SER A 561 42.55 -15.91 -48.62
CA SER A 561 42.50 -17.28 -48.13
C SER A 561 43.81 -17.60 -47.44
N SER A 562 43.76 -18.61 -46.58
CA SER A 562 44.95 -19.04 -45.86
C SER A 562 45.89 -19.78 -46.79
N ASN A 563 47.15 -19.87 -46.37
CA ASN A 563 48.15 -20.65 -47.08
C ASN A 563 49.00 -21.34 -46.04
N ASP A 564 50.17 -21.83 -46.46
CA ASP A 564 51.03 -22.54 -45.53
C ASP A 564 51.57 -21.63 -44.44
N ALA A 565 51.88 -20.39 -44.79
CA ALA A 565 52.50 -19.47 -43.85
C ALA A 565 51.51 -18.61 -43.08
N VAL A 566 50.22 -18.67 -43.40
CA VAL A 566 49.24 -17.76 -42.86
C VAL A 566 48.04 -18.55 -42.37
N SER A 567 47.59 -18.25 -41.15
CA SER A 567 46.41 -18.86 -40.58
C SER A 567 45.32 -17.81 -40.44
N LEU A 568 44.09 -18.21 -40.72
CA LEU A 568 42.95 -17.31 -40.62
C LEU A 568 42.10 -17.57 -39.38
N ARG A 569 42.61 -18.32 -38.42
CA ARG A 569 41.82 -18.71 -37.26
C ARG A 569 42.01 -17.71 -36.15
N THR A 570 40.94 -17.04 -35.77
CA THR A 570 40.94 -16.06 -34.69
C THR A 570 39.89 -16.46 -33.67
N ILE A 571 40.27 -16.45 -32.41
CA ILE A 571 39.38 -16.82 -31.32
C ILE A 571 39.28 -15.64 -30.38
N THR A 572 38.08 -15.32 -29.96
CA THR A 572 37.83 -14.18 -29.10
C THR A 572 37.12 -14.64 -27.83
N ALA A 573 37.47 -14.02 -26.71
CA ALA A 573 36.86 -14.34 -25.44
C ALA A 573 36.85 -13.10 -24.58
N TYR A 574 35.89 -13.02 -23.67
CA TYR A 574 35.82 -11.89 -22.76
C TYR A 574 36.98 -11.93 -21.78
N THR A 575 37.57 -10.77 -21.55
CA THR A 575 38.69 -10.64 -20.62
C THR A 575 38.21 -10.03 -19.32
N ASN A 576 38.93 -10.30 -18.24
CA ASN A 576 38.57 -9.81 -16.92
C ASN A 576 39.51 -8.67 -16.56
N VAL A 577 39.16 -7.47 -16.99
CA VAL A 577 39.94 -6.29 -16.68
C VAL A 577 39.26 -5.45 -15.59
N PHE A 578 38.29 -6.02 -14.89
CA PHE A 578 37.50 -5.29 -13.91
C PHE A 578 37.90 -5.60 -12.50
N ASN A 579 39.17 -5.86 -12.26
CA ASN A 579 39.72 -5.96 -10.93
C ASN A 579 40.34 -4.64 -10.55
N VAL A 580 40.23 -4.27 -9.28
CA VAL A 580 40.76 -2.99 -8.83
C VAL A 580 42.28 -3.07 -8.82
N GLN A 581 42.92 -2.22 -9.62
CA GLN A 581 44.37 -2.23 -9.73
C GLN A 581 44.93 -0.82 -9.64
N SER B 134 15.24 3.21 -31.86
CA SER B 134 13.78 3.13 -31.91
C SER B 134 13.14 4.10 -30.93
N THR B 135 13.69 4.17 -29.72
CA THR B 135 13.15 5.04 -28.71
C THR B 135 13.54 6.48 -28.96
N LEU B 136 12.98 7.37 -28.17
CA LEU B 136 13.13 8.80 -28.39
C LEU B 136 14.51 9.26 -27.95
N PRO B 137 15.25 9.96 -28.80
CA PRO B 137 16.58 10.42 -28.41
C PRO B 137 16.52 11.66 -27.53
N HIS B 138 17.56 11.83 -26.73
CA HIS B 138 17.70 12.97 -25.84
C HIS B 138 19.07 13.59 -26.01
N VAL B 139 19.15 14.87 -25.68
CA VAL B 139 20.42 15.51 -25.38
C VAL B 139 20.43 15.74 -23.89
N ALA B 140 21.38 15.12 -23.20
CA ALA B 140 21.45 15.17 -21.75
C ALA B 140 22.83 15.67 -21.34
N PHE B 141 22.85 16.62 -20.41
CA PHE B 141 24.13 17.09 -19.89
C PHE B 141 23.92 17.66 -18.50
N TYR B 142 25.02 17.79 -17.77
CA TYR B 142 25.03 18.36 -16.45
C TYR B 142 25.52 19.79 -16.51
N ILE B 143 24.95 20.65 -15.67
CA ILE B 143 25.45 22.00 -15.49
C ILE B 143 25.89 22.14 -14.05
N SER B 144 27.18 22.33 -13.84
CA SER B 144 27.72 22.55 -12.52
C SER B 144 27.67 24.02 -12.17
N VAL B 145 27.14 24.33 -11.00
CA VAL B 145 27.03 25.69 -10.52
C VAL B 145 27.86 25.76 -9.24
N ASN B 146 29.11 26.20 -9.37
CA ASN B 146 30.03 26.28 -8.25
C ASN B 146 30.36 27.73 -7.98
N ARG B 147 30.14 28.17 -6.76
CA ARG B 147 30.36 29.56 -6.38
C ARG B 147 30.82 29.59 -4.94
N PRO B 148 32.11 29.71 -4.70
CA PRO B 148 32.58 29.98 -3.34
C PRO B 148 32.23 31.40 -2.95
N ILE B 149 31.80 31.56 -1.70
CA ILE B 149 31.40 32.86 -1.17
C ILE B 149 32.55 33.40 -0.34
N SER B 150 33.09 34.55 -0.74
CA SER B 150 34.26 35.09 -0.10
C SER B 150 33.94 35.60 1.30
N ASP B 151 35.00 35.84 2.07
CA ASP B 151 34.83 36.34 3.43
C ASP B 151 34.19 37.72 3.45
N GLU B 152 34.60 38.59 2.53
CA GLU B 152 34.00 39.91 2.46
C GLU B 152 32.57 39.88 1.96
N GLU B 153 32.21 38.85 1.20
CA GLU B 153 30.85 38.78 0.68
C GLU B 153 29.82 38.53 1.76
N CYS B 154 30.22 38.01 2.92
CA CYS B 154 29.31 37.91 4.05
C CYS B 154 29.98 38.41 5.31
N THR B 155 30.57 39.60 5.20
CA THR B 155 31.02 40.36 6.35
C THR B 155 29.95 41.40 6.68
N PHE B 156 29.45 41.36 7.89
CA PHE B 156 28.45 42.30 8.36
C PHE B 156 28.96 43.03 9.59
N ASP B 157 28.25 44.07 9.98
CA ASP B 157 28.61 44.80 11.19
C ASP B 157 28.48 43.90 12.40
N ASN B 158 29.42 44.03 13.32
CA ASN B 158 29.41 43.20 14.52
C ASN B 158 28.18 43.44 15.36
N SER B 159 27.61 44.64 15.28
CA SER B 159 26.45 44.98 16.08
C SER B 159 25.47 45.74 15.21
N TRP B 160 24.21 45.70 15.62
CA TRP B 160 23.16 46.42 14.92
C TRP B 160 22.79 47.73 15.62
N LEU B 161 22.84 47.76 16.94
CA LEU B 161 22.56 48.98 17.67
C LEU B 161 23.71 49.97 17.62
N TRP B 162 24.94 49.47 17.61
CA TRP B 162 26.14 50.29 17.61
C TRP B 162 27.01 49.93 16.42
N LYS B 163 26.40 49.91 15.24
CA LYS B 163 27.06 49.39 14.05
C LYS B 163 28.34 50.15 13.72
N ASP B 164 28.43 51.41 14.13
CA ASP B 164 29.60 52.21 13.79
C ASP B 164 30.73 52.06 14.80
N GLU B 165 30.52 51.38 15.91
CA GLU B 165 31.52 51.31 16.98
C GLU B 165 32.19 49.96 17.09
N LYS B 166 31.49 48.87 16.84
CA LYS B 166 32.01 47.55 17.16
C LYS B 166 32.68 46.86 15.98
N GLY B 167 32.76 47.52 14.83
CA GLY B 167 33.46 46.92 13.71
C GLY B 167 32.62 45.87 12.99
N SER B 168 33.31 45.05 12.20
CA SER B 168 32.67 44.05 11.38
C SER B 168 33.46 42.75 11.44
N ARG B 169 32.83 41.67 11.04
CA ARG B 169 33.45 40.36 11.07
C ARG B 169 32.76 39.47 10.03
N PRO B 170 33.41 38.39 9.61
CA PRO B 170 32.75 37.46 8.69
C PRO B 170 31.78 36.57 9.44
N PHE B 171 30.55 36.50 8.94
CA PHE B 171 29.50 35.73 9.59
C PHE B 171 29.35 34.33 9.01
N CYS B 172 30.19 33.96 8.06
CA CYS B 172 30.17 32.62 7.48
C CYS B 172 31.53 31.98 7.71
N LYS B 173 31.65 30.74 7.26
CA LYS B 173 32.92 30.03 7.33
C LYS B 173 32.98 29.14 6.10
N ASP B 174 33.69 29.59 5.07
CA ASP B 174 33.81 28.87 3.82
C ASP B 174 32.44 28.59 3.21
N ALA B 175 31.63 29.63 3.11
CA ALA B 175 30.33 29.50 2.47
C ALA B 175 30.51 29.14 1.01
N ASN B 176 29.57 28.37 0.48
CA ASN B 176 29.76 27.81 -0.85
C ASN B 176 28.42 27.43 -1.43
N ILE B 177 28.31 27.56 -2.76
CA ILE B 177 27.19 27.05 -3.53
C ILE B 177 27.75 26.02 -4.49
N SER B 178 27.20 24.81 -4.46
CA SER B 178 27.63 23.73 -5.34
C SER B 178 26.41 22.92 -5.76
N LEU B 179 25.89 23.19 -6.94
CA LEU B 179 24.73 22.50 -7.45
C LEU B 179 25.03 21.92 -8.82
N ILE B 180 24.33 20.84 -9.15
CA ILE B 180 24.47 20.19 -10.45
C ILE B 180 23.09 20.02 -11.04
N TYR B 181 22.78 20.77 -12.09
CA TYR B 181 21.53 20.63 -12.78
C TYR B 181 21.66 19.63 -13.91
N ARG B 182 20.61 18.85 -14.13
CA ARG B 182 20.52 17.97 -15.27
C ARG B 182 19.56 18.57 -16.29
N VAL B 183 20.01 18.68 -17.53
CA VAL B 183 19.23 19.27 -18.61
C VAL B 183 18.96 18.20 -19.64
N ASN B 184 17.71 18.08 -20.06
CA ASN B 184 17.32 17.17 -21.12
C ASN B 184 16.65 17.96 -22.23
N LEU B 185 17.09 17.73 -23.46
CA LEU B 185 16.42 18.25 -24.64
C LEU B 185 15.82 17.08 -25.39
N GLU B 186 14.57 17.22 -25.83
CA GLU B 186 13.92 16.14 -26.54
C GLU B 186 12.69 16.69 -27.24
N ARG B 187 12.20 15.92 -28.19
CA ARG B 187 10.88 16.12 -28.75
C ARG B 187 9.88 15.37 -27.88
N SER B 188 8.64 15.84 -27.90
CA SER B 188 7.61 15.18 -27.09
C SER B 188 7.29 13.80 -27.63
N LEU B 189 7.47 13.57 -28.93
CA LEU B 189 7.15 12.30 -29.55
C LEU B 189 8.22 11.93 -30.55
N GLN B 190 8.30 10.64 -30.86
CA GLN B 190 9.21 10.19 -31.89
C GLN B 190 8.82 10.75 -33.24
N TYR B 191 9.78 10.75 -34.15
CA TYR B 191 9.55 11.32 -35.46
C TYR B 191 8.44 10.59 -36.20
N GLY B 192 7.55 11.35 -36.80
CA GLY B 192 6.57 10.79 -37.71
C GLY B 192 5.38 10.10 -37.08
N ILE B 193 5.24 10.17 -35.76
CA ILE B 193 4.11 9.55 -35.09
C ILE B 193 2.89 10.45 -35.23
N VAL B 194 1.80 9.90 -35.74
CA VAL B 194 0.59 10.67 -35.96
C VAL B 194 -0.53 10.13 -35.11
N GLY B 195 -1.45 11.01 -34.75
CA GLY B 195 -2.62 10.61 -33.99
C GLY B 195 -2.38 10.32 -32.53
N SER B 196 -1.28 10.82 -31.97
CA SER B 196 -0.99 10.58 -30.57
C SER B 196 -1.77 11.54 -29.68
N ALA B 197 -1.99 11.11 -28.45
CA ALA B 197 -2.67 11.95 -27.47
C ALA B 197 -1.78 13.03 -26.89
N THR B 198 -0.51 12.97 -27.15
CA THR B 198 0.46 13.99 -26.75
C THR B 198 0.65 14.98 -27.89
N PRO B 199 0.54 16.27 -27.64
CA PRO B 199 0.81 17.25 -28.69
C PRO B 199 2.28 17.26 -29.08
N ASN B 200 2.54 17.62 -30.32
CA ASN B 200 3.91 17.78 -30.79
C ASN B 200 4.53 19.03 -30.18
N ALA B 201 5.71 18.88 -29.60
CA ALA B 201 6.37 20.02 -28.98
C ALA B 201 7.85 19.71 -28.81
N LYS B 202 8.63 20.75 -28.68
CA LYS B 202 10.05 20.64 -28.33
C LYS B 202 10.20 20.92 -26.85
N ILE B 203 10.77 19.98 -26.12
CA ILE B 203 10.77 19.99 -24.66
C ILE B 203 12.18 20.27 -24.15
N VAL B 204 12.30 21.20 -23.23
CA VAL B 204 13.52 21.42 -22.48
C VAL B 204 13.21 21.16 -21.01
N ARG B 205 13.90 20.20 -20.43
CA ARG B 205 13.67 19.81 -19.05
C ARG B 205 14.90 20.13 -18.22
N ILE B 206 14.72 20.93 -17.17
CA ILE B 206 15.79 21.28 -16.25
C ILE B 206 15.43 20.69 -14.91
N SER B 207 16.30 19.88 -14.36
CA SER B 207 15.98 19.11 -13.19
C SER B 207 17.08 19.21 -12.15
N LEU B 208 16.68 19.27 -10.89
CA LEU B 208 17.58 19.21 -9.74
C LEU B 208 16.92 18.21 -8.80
N ASP B 209 17.25 16.94 -8.96
CA ASP B 209 16.50 15.90 -8.27
C ASP B 209 17.41 14.97 -7.49
N ASP B 210 16.86 13.86 -6.99
CA ASP B 210 17.64 12.94 -6.18
C ASP B 210 18.77 12.30 -6.95
N ASP B 211 18.60 12.11 -8.26
CA ASP B 211 19.65 11.49 -9.05
C ASP B 211 20.81 12.44 -9.33
N SER B 212 20.59 13.74 -9.26
CA SER B 212 21.64 14.70 -9.61
C SER B 212 21.35 15.99 -8.84
N SER B 213 22.07 16.22 -7.80
CA SER B 213 21.79 17.41 -7.03
C SER B 213 23.04 18.21 -6.70
N GLY B 214 24.15 17.57 -6.44
CA GLY B 214 25.34 18.26 -6.02
C GLY B 214 25.46 18.35 -4.53
N ALA B 215 26.50 19.03 -4.09
CA ALA B 215 26.78 19.15 -2.66
C ALA B 215 25.71 19.98 -1.95
N GLY B 216 25.34 21.11 -2.52
CA GLY B 216 24.32 21.94 -1.94
C GLY B 216 24.88 23.30 -1.58
N ILE B 217 24.10 24.05 -0.82
CA ILE B 217 24.47 25.39 -0.40
C ILE B 217 24.88 25.32 1.07
N HIS B 218 26.05 25.85 1.38
CA HIS B 218 26.66 25.73 2.69
C HIS B 218 27.03 27.11 3.19
N LEU B 219 26.77 27.38 4.45
CA LEU B 219 27.12 28.65 5.05
C LEU B 219 28.08 28.52 6.22
N ASN B 220 27.91 27.52 7.06
CA ASN B 220 28.65 27.43 8.30
C ASN B 220 28.73 25.98 8.74
N ASP B 221 29.81 25.63 9.44
CA ASP B 221 29.86 24.34 10.10
C ASP B 221 29.02 24.35 11.37
N GLN B 222 29.11 25.43 12.14
CA GLN B 222 28.30 25.58 13.35
C GLN B 222 28.15 27.06 13.61
N LEU B 223 27.15 27.39 14.41
CA LEU B 223 26.80 28.78 14.68
C LEU B 223 27.43 29.22 15.99
N SER B 224 28.12 30.37 15.94
CA SER B 224 28.69 30.99 17.11
C SER B 224 28.12 32.39 17.26
N TYR B 225 28.49 33.06 18.34
CA TYR B 225 27.97 34.39 18.62
C TYR B 225 29.04 35.24 19.28
N ARG B 226 28.82 36.54 19.25
CA ARG B 226 29.64 37.50 19.96
C ARG B 226 28.74 38.41 20.76
N ARG B 227 29.18 38.76 21.95
CA ARG B 227 28.42 39.63 22.85
C ARG B 227 29.06 41.00 22.90
N PHE B 228 28.23 42.03 22.82
CA PHE B 228 28.68 43.40 22.86
C PHE B 228 27.85 44.18 23.88
N GLY B 229 28.53 45.05 24.61
CA GLY B 229 27.86 45.87 25.59
C GLY B 229 27.93 47.34 25.22
N ALA B 230 26.98 48.13 25.69
CA ALA B 230 27.01 49.56 25.44
C ALA B 230 28.20 50.19 26.16
N SER B 231 28.94 51.04 25.45
CA SER B 231 30.09 51.70 26.04
C SER B 231 29.69 52.69 27.13
N TYR B 232 28.45 53.17 27.12
CA TYR B 232 27.96 54.11 28.10
C TYR B 232 26.77 53.50 28.82
N THR B 233 26.73 53.67 30.14
CA THR B 233 25.59 53.20 30.92
C THR B 233 24.42 54.14 30.75
N THR B 234 23.22 53.60 30.93
CA THR B 234 21.99 54.37 30.78
C THR B 234 20.92 53.75 31.67
N LEU B 235 19.67 54.18 31.48
CA LEU B 235 18.56 53.72 32.30
C LEU B 235 17.56 52.88 31.52
N ASP B 236 16.97 53.42 30.46
CA ASP B 236 15.97 52.71 29.67
C ASP B 236 16.42 52.71 28.21
N ALA B 237 17.25 51.74 27.87
CA ALA B 237 17.76 51.59 26.51
C ALA B 237 18.39 50.21 26.40
N TYR B 238 18.83 49.88 25.19
CA TYR B 238 19.54 48.64 24.98
C TYR B 238 20.93 48.74 25.58
N PHE B 239 21.31 47.76 26.39
CA PHE B 239 22.62 47.75 27.00
C PHE B 239 23.46 46.54 26.65
N ARG B 240 22.89 45.54 25.99
CA ARG B 240 23.65 44.37 25.58
C ARG B 240 23.16 43.94 24.20
N GLU B 241 24.04 43.26 23.48
CA GLU B 241 23.68 42.77 22.15
C GLU B 241 24.50 41.54 21.84
N TRP B 242 23.85 40.57 21.21
CA TRP B 242 24.51 39.38 20.68
C TRP B 242 24.30 39.34 19.18
N SER B 243 25.37 39.04 18.45
CA SER B 243 25.28 38.84 17.01
C SER B 243 25.67 37.40 16.71
N THR B 244 24.72 36.64 16.20
CA THR B 244 24.91 35.23 15.89
C THR B 244 25.30 35.06 14.43
N ASP B 245 26.06 34.00 14.16
CA ASP B 245 26.49 33.70 12.80
C ASP B 245 25.29 33.60 11.86
N ALA B 246 25.53 33.95 10.61
CA ALA B 246 24.44 34.10 9.66
C ALA B 246 23.80 32.78 9.30
N ILE B 247 22.49 32.81 9.13
CA ILE B 247 21.75 31.68 8.60
C ILE B 247 21.16 32.08 7.26
N ALA B 248 20.54 31.14 6.58
CA ALA B 248 19.90 31.41 5.31
C ALA B 248 18.45 31.79 5.57
N GLN B 249 18.12 33.05 5.32
CA GLN B 249 16.73 33.45 5.40
C GLN B 249 15.90 32.75 4.36
N ASP B 250 16.44 32.59 3.16
CA ASP B 250 15.77 31.81 2.13
C ASP B 250 16.78 31.38 1.10
N TYR B 251 16.41 30.35 0.34
CA TYR B 251 17.13 29.92 -0.84
C TYR B 251 16.20 30.10 -2.03
N ARG B 252 16.68 30.77 -3.06
CA ARG B 252 15.86 31.10 -4.22
C ARG B 252 16.50 30.55 -5.47
N PHE B 253 15.67 30.00 -6.36
CA PHE B 253 16.14 29.46 -7.63
C PHE B 253 15.22 29.98 -8.72
N VAL B 254 15.77 30.78 -9.61
CA VAL B 254 15.00 31.47 -10.65
C VAL B 254 15.35 30.86 -11.99
N PHE B 255 14.33 30.50 -12.74
CA PHE B 255 14.49 29.97 -14.09
C PHE B 255 13.95 30.98 -15.07
N LYS B 256 14.82 31.52 -15.90
CA LYS B 256 14.45 32.56 -16.85
C LYS B 256 14.70 32.07 -18.27
N THR B 257 14.27 32.88 -19.22
CA THR B 257 14.39 32.59 -20.63
C THR B 257 14.71 33.87 -21.35
N SER B 258 15.59 33.79 -22.34
CA SER B 258 16.03 35.01 -23.03
C SER B 258 14.93 35.60 -23.90
N ASN B 259 14.15 34.75 -24.56
CA ASN B 259 13.02 35.24 -25.35
C ASN B 259 11.78 34.44 -25.02
N ASN B 260 10.71 34.63 -25.78
CA ASN B 260 9.44 33.97 -25.49
C ASN B 260 9.18 32.78 -26.40
N LYS B 261 10.21 32.21 -27.00
CA LYS B 261 10.02 31.03 -27.82
C LYS B 261 9.61 29.83 -27.00
N ALA B 262 9.98 29.79 -25.73
CA ALA B 262 9.64 28.69 -24.85
C ALA B 262 8.73 29.17 -23.74
N GLU B 263 7.83 28.32 -23.30
CA GLU B 263 6.92 28.60 -22.21
C GLU B 263 7.03 27.51 -21.16
N ILE B 264 6.81 27.88 -19.91
CA ILE B 264 6.78 26.88 -18.85
C ILE B 264 5.58 25.97 -19.08
N LEU B 265 5.82 24.68 -19.19
CA LEU B 265 4.74 23.73 -19.34
C LEU B 265 4.33 23.12 -18.01
N GLU B 266 5.29 22.75 -17.19
CA GLU B 266 4.98 22.17 -15.88
C GLU B 266 6.22 22.31 -15.01
N THR B 267 6.01 22.24 -13.71
CA THR B 267 7.09 22.36 -12.75
C THR B 267 6.92 21.32 -11.66
N PHE B 268 7.98 21.13 -10.91
CA PHE B 268 7.90 20.45 -9.64
C PHE B 268 8.70 21.28 -8.64
N PRO B 269 8.14 21.66 -7.49
CA PRO B 269 6.79 21.44 -6.95
C PRO B 269 5.72 21.97 -7.87
N ILE B 270 4.58 21.27 -7.93
CA ILE B 270 3.58 21.60 -8.93
C ILE B 270 2.94 22.95 -8.64
N ASP B 271 2.74 23.26 -7.37
CA ASP B 271 2.03 24.48 -7.00
C ASP B 271 2.37 24.83 -5.57
N ASN B 272 1.94 26.02 -5.16
CA ASN B 272 1.99 26.39 -3.76
C ASN B 272 1.02 25.53 -2.96
N LEU B 273 1.33 25.36 -1.68
CA LEU B 273 0.56 24.46 -0.83
C LEU B 273 -0.81 25.04 -0.51
N ASN B 274 -1.82 24.20 -0.60
CA ASN B 274 -3.17 24.51 -0.15
C ASN B 274 -3.30 24.00 1.27
N VAL B 275 -3.08 24.89 2.23
CA VAL B 275 -2.96 24.47 3.63
C VAL B 275 -4.27 23.88 4.12
N LYS B 276 -4.17 22.81 4.90
CA LYS B 276 -5.32 22.14 5.48
C LYS B 276 -5.41 22.48 6.96
N TYR B 277 -6.58 22.95 7.38
CA TYR B 277 -6.81 23.34 8.77
C TYR B 277 -7.79 22.40 9.41
N GLU B 278 -7.58 22.10 10.68
CA GLU B 278 -8.52 21.32 11.46
C GLU B 278 -9.18 22.25 12.47
N LYS B 279 -10.48 22.44 12.32
CA LYS B 279 -11.25 23.27 13.23
C LYS B 279 -11.96 22.37 14.24
N ARG B 280 -12.16 22.90 15.44
CA ARG B 280 -12.78 22.15 16.50
C ARG B 280 -13.59 23.10 17.36
N LYS B 281 -14.86 22.79 17.56
CA LYS B 281 -15.75 23.59 18.38
C LYS B 281 -16.15 22.75 19.60
N GLN B 282 -16.07 23.34 20.77
CA GLN B 282 -16.48 22.68 22.00
C GLN B 282 -17.53 23.54 22.69
N SER B 283 -18.58 22.91 23.17
CA SER B 283 -19.58 23.55 24.00
C SER B 283 -19.85 22.66 25.19
N GLY B 284 -19.94 23.25 26.37
CA GLY B 284 -20.19 22.45 27.56
C GLY B 284 -20.94 23.24 28.62
N PHE B 285 -21.56 22.50 29.53
CA PHE B 285 -22.17 23.10 30.69
C PHE B 285 -21.80 22.26 31.90
N GLU B 286 -21.80 22.89 33.06
CA GLU B 286 -21.49 22.20 34.30
C GLU B 286 -22.47 22.64 35.37
N LEU B 287 -23.01 21.69 36.12
CA LEU B 287 -23.92 21.95 37.21
C LEU B 287 -23.29 21.42 38.50
N GLY B 288 -23.37 22.19 39.57
CA GLY B 288 -22.77 21.78 40.82
C GLY B 288 -23.61 22.20 42.00
N VAL B 289 -23.49 21.42 43.07
CA VAL B 289 -24.05 21.76 44.37
C VAL B 289 -22.98 21.53 45.42
N THR B 290 -23.11 22.25 46.53
CA THR B 290 -22.17 22.13 47.63
C THR B 290 -22.92 22.25 48.94
N GLY B 291 -22.61 21.36 49.88
CA GLY B 291 -23.20 21.42 51.19
C GLY B 291 -22.16 21.46 52.28
N GLY B 292 -22.06 22.56 53.01
CA GLY B 292 -21.06 22.74 54.03
C GLY B 292 -21.67 22.78 55.42
N ALA B 293 -20.91 22.31 56.40
CA ALA B 293 -21.33 22.30 57.79
C ALA B 293 -20.14 22.72 58.64
N GLU B 294 -20.16 23.94 59.14
CA GLU B 294 -19.09 24.47 59.97
C GLU B 294 -19.54 24.48 61.42
N VAL B 295 -18.76 23.84 62.28
CA VAL B 295 -19.06 23.75 63.70
C VAL B 295 -17.93 24.40 64.47
N SER B 296 -18.26 25.35 65.33
CA SER B 296 -17.27 26.04 66.14
C SER B 296 -17.93 26.47 67.45
N GLU B 297 -17.22 27.32 68.21
CA GLU B 297 -17.77 27.81 69.46
C GLU B 297 -18.99 28.69 69.24
N ASP B 298 -19.08 29.35 68.08
CA ASP B 298 -20.23 30.20 67.80
C ASP B 298 -21.51 29.39 67.67
N GLY B 299 -21.42 28.22 67.04
CA GLY B 299 -22.58 27.38 66.84
C GLY B 299 -22.60 26.77 65.46
N PRO B 300 -23.42 25.73 65.26
CA PRO B 300 -23.50 25.09 63.96
C PRO B 300 -23.86 26.08 62.86
N LYS B 301 -23.19 25.95 61.72
CA LYS B 301 -23.41 26.81 60.58
C LYS B 301 -23.50 25.95 59.33
N ALA B 302 -24.57 26.12 58.57
CA ALA B 302 -24.82 25.29 57.40
C ALA B 302 -24.76 26.15 56.14
N LYS B 303 -24.19 25.58 55.08
CA LYS B 303 -24.04 26.26 53.80
C LYS B 303 -24.62 25.39 52.70
N LEU B 304 -25.24 26.04 51.72
CA LEU B 304 -25.78 25.36 50.55
C LEU B 304 -25.49 26.24 49.35
N GLU B 305 -24.83 25.68 48.35
CA GLU B 305 -24.37 26.42 47.20
C GLU B 305 -24.76 25.68 45.92
N ALA B 306 -25.03 26.45 44.87
CA ALA B 306 -25.35 25.91 43.57
C ALA B 306 -24.55 26.65 42.52
N ARG B 307 -24.00 25.92 41.57
CA ARG B 307 -23.16 26.46 40.52
C ARG B 307 -23.69 26.04 39.16
N ALA B 308 -23.55 26.92 38.18
CA ALA B 308 -23.87 26.60 36.80
C ALA B 308 -22.87 27.31 35.92
N SER B 309 -22.23 26.57 35.02
CA SER B 309 -21.22 27.13 34.14
C SER B 309 -21.55 26.80 32.70
N ILE B 310 -21.11 27.67 31.80
CA ILE B 310 -21.27 27.48 30.38
C ILE B 310 -19.92 27.74 29.74
N THR B 311 -19.48 26.84 28.89
CA THR B 311 -18.16 26.92 28.29
C THR B 311 -18.27 26.83 26.78
N GLN B 312 -17.33 27.47 26.10
CA GLN B 312 -17.27 27.40 24.65
C GLN B 312 -15.85 27.68 24.23
N SER B 313 -15.28 26.79 23.42
CA SER B 313 -13.91 26.97 22.95
C SER B 313 -13.81 26.60 21.49
N ARG B 314 -12.83 27.20 20.82
CA ARG B 314 -12.54 26.93 19.43
C ARG B 314 -11.07 26.57 19.29
N TRP B 315 -10.79 25.54 18.51
CA TRP B 315 -9.43 25.14 18.23
C TRP B 315 -9.15 25.29 16.74
N LEU B 316 -7.91 25.61 16.42
CA LEU B 316 -7.44 25.62 15.04
C LEU B 316 -6.08 24.95 14.98
N THR B 317 -5.94 23.97 14.13
CA THR B 317 -4.71 23.20 14.02
C THR B 317 -4.24 23.19 12.58
N TYR B 318 -2.94 23.38 12.38
CA TYR B 318 -2.35 23.31 11.05
C TYR B 318 -0.88 23.02 11.19
N ASN B 319 -0.26 22.65 10.08
CA ASN B 319 1.14 22.28 10.05
C ASN B 319 1.97 23.39 9.43
N THR B 320 3.17 23.59 9.97
CA THR B 320 4.17 24.45 9.36
C THR B 320 5.45 23.66 9.21
N GLN B 321 6.41 24.23 8.50
CA GLN B 321 7.76 23.71 8.40
C GLN B 321 8.72 24.83 8.73
N ASP B 322 9.98 24.51 8.92
CA ASP B 322 10.91 25.62 9.08
C ASP B 322 11.33 26.21 7.75
N TYR B 323 11.12 25.51 6.64
CA TYR B 323 11.31 26.10 5.32
C TYR B 323 10.12 25.73 4.46
N ARG B 324 9.43 26.73 3.95
CA ARG B 324 8.28 26.53 3.09
C ARG B 324 8.64 26.90 1.67
N VAL B 325 8.29 26.04 0.73
CA VAL B 325 8.53 26.29 -0.69
C VAL B 325 7.46 27.24 -1.20
N GLU B 326 7.88 28.32 -1.83
CA GLU B 326 6.98 29.28 -2.42
C GLU B 326 7.31 29.39 -3.90
N ARG B 327 6.35 29.01 -4.74
CA ARG B 327 6.51 29.05 -6.17
C ARG B 327 5.94 30.37 -6.68
N ASN B 328 6.68 31.04 -7.54
CA ASN B 328 6.33 32.38 -8.00
C ASN B 328 6.58 32.44 -9.49
N ALA B 329 5.53 32.49 -10.28
CA ALA B 329 5.64 32.47 -11.73
C ALA B 329 5.18 33.81 -12.27
N LYS B 330 6.13 34.69 -12.56
CA LYS B 330 5.78 36.03 -13.02
C LYS B 330 5.09 36.01 -14.36
N ASN B 331 5.57 35.19 -15.30
CA ASN B 331 4.97 35.10 -16.61
C ASN B 331 5.26 33.72 -17.17
N ALA B 332 4.95 33.51 -18.44
CA ALA B 332 5.09 32.21 -19.05
C ALA B 332 6.54 31.77 -19.21
N GLN B 333 7.49 32.69 -19.08
CA GLN B 333 8.88 32.38 -19.31
C GLN B 333 9.71 32.23 -18.06
N THR B 334 9.24 32.71 -16.91
CA THR B 334 10.04 32.72 -15.71
C THR B 334 9.26 32.17 -14.53
N VAL B 335 9.93 31.32 -13.76
CA VAL B 335 9.38 30.81 -12.52
C VAL B 335 10.50 30.80 -11.50
N SER B 336 10.18 31.11 -10.26
CA SER B 336 11.16 31.06 -9.18
C SER B 336 10.62 30.20 -8.06
N PHE B 337 11.50 29.40 -7.48
CA PHE B 337 11.19 28.62 -6.29
C PHE B 337 11.99 29.17 -5.13
N THR B 338 11.32 29.48 -4.04
CA THR B 338 11.99 30.01 -2.87
C THR B 338 11.65 29.12 -1.68
N TRP B 339 12.67 28.62 -1.01
CA TRP B 339 12.50 27.98 0.28
C TRP B 339 12.70 29.05 1.34
N ASN B 340 11.61 29.45 1.97
CA ASN B 340 11.60 30.57 2.89
C ASN B 340 11.44 30.06 4.30
N ARG B 341 12.19 30.64 5.24
CA ARG B 341 12.03 30.30 6.64
C ARG B 341 10.60 30.59 7.07
N GLN B 342 9.95 29.61 7.68
CA GLN B 342 8.56 29.79 8.11
C GLN B 342 8.40 29.72 9.62
N GLU B 343 8.76 28.62 10.26
CA GLU B 343 8.40 28.43 11.66
C GLU B 343 9.16 29.40 12.56
N TYR B 344 10.47 29.47 12.41
CA TYR B 344 11.29 30.42 13.16
C TYR B 344 11.93 31.35 12.15
N ALA B 345 11.15 32.33 11.69
CA ALA B 345 11.61 33.22 10.64
C ALA B 345 12.24 34.49 11.17
N THR B 346 11.97 34.84 12.42
CA THR B 346 12.43 36.09 12.99
C THR B 346 13.43 35.82 14.10
N ALA B 347 14.31 36.79 14.32
CA ALA B 347 15.26 36.68 15.42
C ALA B 347 14.53 36.63 16.76
N GLU B 348 13.35 37.25 16.83
CA GLU B 348 12.58 37.21 18.07
C GLU B 348 12.12 35.79 18.40
N SER B 349 11.74 35.03 17.38
CA SER B 349 11.25 33.67 17.62
C SER B 349 12.34 32.73 18.08
N LEU B 350 13.60 33.11 17.97
CA LEU B 350 14.69 32.25 18.36
C LEU B 350 15.04 32.39 19.83
N LEU B 351 14.43 33.33 20.55
CA LEU B 351 14.74 33.52 21.96
C LEU B 351 13.99 32.49 22.79
N ASN B 352 14.72 31.76 23.61
CA ASN B 352 14.09 30.81 24.51
C ASN B 352 13.56 31.46 25.77
N ARG B 353 13.98 32.69 26.06
CA ARG B 353 13.51 33.42 27.22
C ARG B 353 13.20 34.85 26.80
N SER B 354 12.20 35.44 27.44
CA SER B 354 11.77 36.78 27.09
C SER B 354 12.12 37.82 28.13
N THR B 355 12.36 37.43 29.38
CA THR B 355 12.62 38.36 30.45
C THR B 355 13.61 37.74 31.41
N ASP B 356 14.34 38.58 32.13
CA ASP B 356 15.33 38.09 33.09
C ASP B 356 15.65 39.19 34.08
N ALA B 357 16.32 38.79 35.16
CA ALA B 357 16.82 39.74 36.13
C ALA B 357 18.10 40.40 35.61
N LEU B 358 18.42 41.55 36.20
CA LEU B 358 19.52 42.36 35.68
C LEU B 358 20.85 41.63 35.80
N TRP B 359 21.05 40.87 36.86
CA TRP B 359 22.32 40.20 37.05
C TRP B 359 22.54 39.04 36.09
N VAL B 360 21.51 38.61 35.36
CA VAL B 360 21.66 37.52 34.40
C VAL B 360 22.37 38.05 33.16
N ASP B 361 23.41 37.34 32.74
CA ASP B 361 24.16 37.71 31.54
C ASP B 361 24.50 36.42 30.80
N THR B 362 23.59 36.00 29.92
CA THR B 362 23.75 34.77 29.16
C THR B 362 23.20 34.96 27.77
N TYR B 363 23.63 34.10 26.87
CA TYR B 363 23.14 34.10 25.51
C TYR B 363 21.66 33.72 25.51
N PRO B 364 20.77 34.60 25.03
CA PRO B 364 19.33 34.32 25.11
C PRO B 364 18.75 33.60 23.91
N VAL B 365 19.55 33.11 22.99
CA VAL B 365 19.08 32.46 21.77
C VAL B 365 19.15 30.97 21.97
N ASP B 366 18.09 30.26 21.59
CA ASP B 366 18.08 28.81 21.60
C ASP B 366 18.57 28.33 20.24
N VAL B 367 19.84 27.97 20.15
CA VAL B 367 20.41 27.57 18.88
C VAL B 367 19.86 26.24 18.40
N ASN B 368 19.24 25.47 19.28
CA ASN B 368 18.63 24.22 18.84
C ASN B 368 17.44 24.45 17.94
N ARG B 369 16.88 25.66 17.94
CA ARG B 369 15.79 25.97 17.02
C ARG B 369 16.26 26.23 15.61
N ILE B 370 17.56 26.40 15.40
CA ILE B 370 18.11 26.61 14.07
C ILE B 370 18.57 25.26 13.55
N SER B 371 17.82 24.71 12.61
CA SER B 371 18.14 23.42 12.04
C SER B 371 19.39 23.51 11.18
N PRO B 372 20.08 22.39 10.99
CA PRO B 372 21.22 22.39 10.06
C PRO B 372 20.84 22.71 8.65
N LEU B 373 19.56 22.58 8.30
CA LEU B 373 19.09 23.03 7.00
C LEU B 373 19.29 24.52 6.78
N SER B 374 19.43 25.28 7.86
CA SER B 374 19.60 26.72 7.78
C SER B 374 21.01 27.14 7.39
N TYR B 375 22.02 26.36 7.72
CA TYR B 375 23.39 26.78 7.46
C TYR B 375 24.31 25.66 6.97
N ALA B 376 24.04 24.41 7.27
CA ALA B 376 25.04 23.38 7.06
C ALA B 376 25.03 22.87 5.62
N SER B 377 23.84 22.57 5.10
CA SER B 377 23.72 22.06 3.75
C SER B 377 22.26 22.14 3.35
N PHE B 378 21.99 22.70 2.19
CA PHE B 378 20.65 22.73 1.65
C PHE B 378 20.69 22.24 0.21
N VAL B 379 19.83 21.30 -0.11
CA VAL B 379 19.70 20.79 -1.46
C VAL B 379 18.24 20.92 -1.88
N PRO B 380 17.92 21.73 -2.88
CA PRO B 380 16.55 21.81 -3.36
C PRO B 380 16.23 20.64 -4.28
N LYS B 381 14.93 20.39 -4.43
CA LYS B 381 14.44 19.41 -5.38
C LYS B 381 13.39 20.08 -6.25
N MET B 382 13.70 20.27 -7.53
CA MET B 382 12.75 20.93 -8.39
C MET B 382 13.00 20.56 -9.84
N ASP B 383 11.93 20.62 -10.62
CA ASP B 383 11.95 20.36 -12.05
C ASP B 383 11.24 21.51 -12.74
N VAL B 384 11.74 21.90 -13.90
CA VAL B 384 11.04 22.85 -14.76
C VAL B 384 11.05 22.27 -16.17
N ILE B 385 9.88 22.23 -16.79
CA ILE B 385 9.76 21.75 -18.15
C ILE B 385 9.31 22.91 -19.02
N TYR B 386 10.13 23.26 -19.99
CA TYR B 386 9.77 24.25 -20.99
C TYR B 386 9.32 23.54 -22.25
N LYS B 387 8.45 24.20 -22.99
CA LYS B 387 8.04 23.68 -24.28
C LYS B 387 8.10 24.79 -25.31
N ALA B 388 8.46 24.42 -26.52
CA ALA B 388 8.44 25.33 -27.65
C ALA B 388 7.55 24.72 -28.72
N SER B 389 7.16 25.55 -29.66
CA SER B 389 6.36 25.08 -30.78
C SER B 389 7.14 24.06 -31.59
N ASP B 390 6.42 23.11 -32.16
CA ASP B 390 7.08 22.09 -32.97
C ASP B 390 7.73 22.64 -34.22
N THR B 391 7.44 23.88 -34.60
CA THR B 391 8.09 24.52 -35.73
C THR B 391 8.97 25.68 -35.32
N GLU B 392 9.39 25.73 -34.07
CA GLU B 392 10.21 26.83 -33.60
C GLU B 392 11.57 26.83 -34.28
N THR B 393 12.07 28.02 -34.56
CA THR B 393 13.38 28.21 -35.14
C THR B 393 14.18 29.16 -34.25
N GLY B 394 15.44 29.36 -34.61
CA GLY B 394 16.28 30.24 -33.83
C GLY B 394 16.81 29.54 -32.59
N SER B 395 17.15 30.35 -31.61
CA SER B 395 17.75 29.84 -30.38
C SER B 395 17.17 30.57 -29.19
N THR B 396 17.43 30.02 -28.00
CA THR B 396 16.92 30.58 -26.77
C THR B 396 17.93 30.31 -25.67
N ASP B 397 18.21 31.30 -24.85
CA ASP B 397 19.08 31.13 -23.69
C ASP B 397 18.24 30.89 -22.46
N PHE B 398 18.59 29.85 -21.72
CA PHE B 398 17.95 29.54 -20.45
C PHE B 398 18.91 29.89 -19.33
N ILE B 399 18.44 30.64 -18.35
CA ILE B 399 19.26 31.11 -17.25
C ILE B 399 18.73 30.51 -15.96
N ILE B 400 19.62 30.00 -15.13
CA ILE B 400 19.27 29.52 -13.80
C ILE B 400 20.03 30.35 -12.78
N ASP B 401 19.29 31.03 -11.91
CA ASP B 401 19.87 31.86 -10.85
C ASP B 401 19.65 31.16 -9.53
N SER B 402 20.73 30.71 -8.91
CA SER B 402 20.69 30.08 -7.60
C SER B 402 21.27 31.04 -6.60
N SER B 403 20.54 31.32 -5.52
CA SER B 403 20.96 32.32 -4.58
C SER B 403 20.56 31.91 -3.17
N VAL B 404 21.25 32.50 -2.20
CA VAL B 404 20.92 32.33 -0.80
C VAL B 404 20.85 33.71 -0.17
N ASN B 405 19.83 33.96 0.63
CA ASN B 405 19.66 35.22 1.33
C ASN B 405 20.31 35.09 2.69
N ILE B 406 21.56 35.56 2.80
CA ILE B 406 22.33 35.40 4.03
C ILE B 406 21.88 36.43 5.05
N ARG B 407 21.56 35.97 6.25
CA ARG B 407 21.01 36.85 7.28
C ARG B 407 21.72 36.66 8.62
N PRO B 408 22.50 37.63 9.08
CA PRO B 408 23.00 37.58 10.44
C PRO B 408 21.87 37.82 11.44
N ILE B 409 22.05 37.27 12.63
CA ILE B 409 21.03 37.34 13.67
C ILE B 409 21.50 38.27 14.76
N TYR B 410 20.70 39.26 15.09
CA TYR B 410 21.02 40.25 16.11
C TYR B 410 19.94 40.22 17.18
N ASN B 411 20.36 40.15 18.43
CA ASN B 411 19.46 40.22 19.56
C ASN B 411 19.98 41.22 20.57
N GLY B 412 19.08 41.89 21.26
CA GLY B 412 19.46 42.87 22.24
C GLY B 412 18.70 42.69 23.53
N ALA B 413 19.31 43.15 24.62
CA ALA B 413 18.70 43.15 25.93
C ALA B 413 18.35 44.58 26.30
N TYR B 414 17.10 44.81 26.66
CA TYR B 414 16.58 46.13 26.98
C TYR B 414 16.38 46.25 28.47
N LYS B 415 16.88 47.34 29.05
CA LYS B 415 16.78 47.56 30.49
C LYS B 415 15.47 48.29 30.80
N HIS B 416 14.61 47.64 31.55
CA HIS B 416 13.34 48.22 31.98
C HIS B 416 13.42 48.50 33.47
N TYR B 417 13.49 49.78 33.84
CA TYR B 417 13.56 50.19 35.23
C TYR B 417 12.17 50.46 35.74
N TYR B 418 11.70 49.63 36.66
CA TYR B 418 10.42 49.80 37.33
C TYR B 418 10.65 49.85 38.83
N VAL B 419 9.85 50.69 39.51
CA VAL B 419 9.99 50.83 40.96
C VAL B 419 9.69 49.51 41.65
N VAL B 420 8.72 48.76 41.16
CA VAL B 420 8.44 47.43 41.71
C VAL B 420 9.63 46.50 41.50
N GLY B 421 10.20 46.53 40.31
CA GLY B 421 11.36 45.71 40.01
C GLY B 421 11.96 45.97 38.64
N ALA B 422 13.28 46.09 38.58
CA ALA B 422 13.97 46.30 37.32
C ALA B 422 14.35 44.97 36.70
N HIS B 423 14.02 44.80 35.42
CA HIS B 423 14.27 43.57 34.70
C HIS B 423 14.78 43.93 33.31
N GLN B 424 15.26 42.92 32.60
CA GLN B 424 15.71 43.07 31.22
C GLN B 424 14.84 42.21 30.32
N SER B 425 14.46 42.76 29.19
CA SER B 425 13.67 42.05 28.20
C SER B 425 14.49 41.88 26.94
N TYR B 426 14.40 40.71 26.33
CA TYR B 426 15.18 40.38 25.16
C TYR B 426 14.37 40.64 23.90
N HIS B 427 15.02 41.24 22.90
CA HIS B 427 14.37 41.57 21.65
C HIS B 427 15.23 41.11 20.49
N GLY B 428 14.58 40.77 19.39
CA GLY B 428 15.25 40.50 18.13
C GLY B 428 14.97 41.63 17.17
N PHE B 429 15.95 41.93 16.34
CA PHE B 429 15.84 43.01 15.36
C PHE B 429 15.61 42.40 13.99
N GLU B 430 14.53 42.80 13.34
CA GLU B 430 14.19 42.25 12.04
C GLU B 430 14.65 43.12 10.88
N ASN B 431 14.95 44.39 11.10
CA ASN B 431 15.44 45.26 10.06
C ASN B 431 16.94 45.16 9.88
N SER B 432 17.55 44.12 10.41
CA SER B 432 18.98 43.93 10.25
C SER B 432 19.31 43.63 8.79
N PRO B 433 20.54 43.89 8.37
CA PRO B 433 20.90 43.70 6.96
C PRO B 433 20.83 42.26 6.53
N ARG B 434 20.56 42.06 5.25
CA ARG B 434 20.64 40.77 4.60
C ARG B 434 21.37 40.95 3.28
N ARG B 435 22.07 39.91 2.86
CA ARG B 435 22.80 39.95 1.61
C ARG B 435 22.43 38.71 0.80
N ARG B 436 22.05 38.93 -0.47
CA ARG B 436 21.76 37.82 -1.37
C ARG B 436 22.98 37.53 -2.21
N ILE B 437 23.44 36.29 -2.17
CA ILE B 437 24.60 35.85 -2.94
C ILE B 437 24.11 34.93 -4.03
N THR B 438 24.36 35.29 -5.28
CA THR B 438 23.79 34.61 -6.43
C THR B 438 24.89 34.02 -7.31
N LYS B 439 24.58 32.89 -7.93
CA LYS B 439 25.38 32.35 -9.01
C LYS B 439 24.47 32.03 -10.17
N SER B 440 24.78 32.55 -11.35
CA SER B 440 23.98 32.36 -12.54
C SER B 440 24.64 31.33 -13.45
N ALA B 441 23.84 30.39 -13.95
CA ALA B 441 24.27 29.47 -14.98
C ALA B 441 23.33 29.62 -16.16
N SER B 442 23.86 29.39 -17.36
CA SER B 442 23.03 29.51 -18.54
C SER B 442 23.48 28.51 -19.58
N PHE B 443 22.55 28.16 -20.46
CA PHE B 443 22.86 27.35 -21.62
C PHE B 443 21.95 27.79 -22.75
N THR B 444 22.41 27.57 -23.97
CA THR B 444 21.68 27.97 -25.16
C THR B 444 21.10 26.76 -25.84
N VAL B 445 19.84 26.85 -26.23
CA VAL B 445 19.16 25.79 -26.95
C VAL B 445 18.91 26.30 -28.36
N ASP B 446 19.45 25.60 -29.35
CA ASP B 446 19.14 25.86 -30.74
C ASP B 446 17.95 25.00 -31.13
N TRP B 447 16.84 25.63 -31.46
CA TRP B 447 15.62 24.88 -31.71
C TRP B 447 15.69 24.07 -32.99
N ASP B 448 16.70 24.28 -33.81
CA ASP B 448 16.90 23.46 -35.00
C ASP B 448 17.86 22.32 -34.76
N HIS B 449 18.17 22.02 -33.51
CA HIS B 449 19.01 20.88 -33.20
C HIS B 449 18.36 19.60 -33.69
N PRO B 450 19.13 18.63 -34.17
CA PRO B 450 18.53 17.39 -34.67
C PRO B 450 17.77 16.60 -33.63
N VAL B 451 18.03 16.82 -32.34
CA VAL B 451 17.32 16.07 -31.31
C VAL B 451 15.84 16.43 -31.35
N PHE B 452 15.50 17.62 -31.83
CA PHE B 452 14.12 18.06 -31.83
C PHE B 452 13.33 17.54 -33.00
N THR B 453 13.96 16.80 -33.91
CA THR B 453 13.21 16.04 -34.89
C THR B 453 12.55 14.81 -34.29
N GLY B 454 13.11 14.29 -33.21
CA GLY B 454 12.59 13.09 -32.58
C GLY B 454 13.02 11.81 -33.24
N GLY B 455 13.87 11.86 -34.24
CA GLY B 455 14.29 10.67 -34.92
C GLY B 455 15.75 10.35 -34.70
N ARG B 456 16.16 9.13 -35.02
CA ARG B 456 17.54 8.73 -34.89
C ARG B 456 18.18 8.70 -36.25
N PRO B 457 19.05 9.64 -36.59
CA PRO B 457 19.56 9.73 -37.96
C PRO B 457 20.59 8.66 -38.26
N VAL B 458 20.76 8.43 -39.56
CA VAL B 458 21.78 7.53 -40.08
C VAL B 458 22.52 8.28 -41.18
N ASN B 459 23.67 7.75 -41.56
CA ASN B 459 24.40 8.29 -42.69
C ASN B 459 24.34 7.30 -43.84
N LEU B 460 24.63 7.80 -45.04
CA LEU B 460 24.66 6.98 -46.24
C LEU B 460 26.10 6.96 -46.73
N GLN B 461 26.82 5.89 -46.42
CA GLN B 461 28.22 5.79 -46.75
C GLN B 461 28.38 5.08 -48.08
N LEU B 462 29.09 5.72 -49.01
CA LEU B 462 29.36 5.13 -50.31
C LEU B 462 30.47 4.12 -50.15
N ALA B 463 30.13 2.85 -50.24
CA ALA B 463 31.02 1.80 -49.77
C ALA B 463 32.08 1.38 -50.78
N SER B 464 32.10 1.97 -51.97
CA SER B 464 33.24 1.73 -52.84
C SER B 464 34.46 2.50 -52.36
N PHE B 465 34.26 3.57 -51.63
CA PHE B 465 35.34 4.32 -51.01
C PHE B 465 35.58 3.82 -49.60
N ASN B 466 36.78 4.09 -49.10
CA ASN B 466 37.05 3.77 -47.72
C ASN B 466 36.30 4.71 -46.77
N ASN B 467 36.24 5.98 -47.10
CA ASN B 467 35.63 6.96 -46.20
C ASN B 467 35.00 8.07 -47.04
N ARG B 468 33.74 7.90 -47.40
CA ARG B 468 32.99 8.89 -48.17
C ARG B 468 31.52 8.75 -47.82
N CYS B 469 30.89 9.86 -47.46
CA CYS B 469 29.48 9.85 -47.10
C CYS B 469 28.75 10.90 -47.91
N VAL B 470 27.45 10.69 -48.09
CA VAL B 470 26.62 11.69 -48.73
C VAL B 470 26.45 12.87 -47.79
N GLN B 471 26.70 14.07 -48.30
CA GLN B 471 26.64 15.27 -47.48
C GLN B 471 25.81 16.33 -48.19
N VAL B 472 25.04 17.08 -47.41
CA VAL B 472 24.22 18.18 -47.92
C VAL B 472 24.89 19.47 -47.55
N ASP B 473 25.05 20.36 -48.52
CA ASP B 473 25.61 21.67 -48.22
C ASP B 473 24.48 22.66 -47.94
N ALA B 474 24.81 23.94 -47.91
CA ALA B 474 23.85 24.95 -47.46
C ALA B 474 22.68 25.07 -48.42
N GLN B 475 22.93 25.00 -49.72
CA GLN B 475 21.89 25.17 -50.72
C GLN B 475 21.30 23.84 -51.20
N SER B 476 21.43 22.79 -50.41
CA SER B 476 20.72 21.55 -50.68
C SER B 476 21.41 20.60 -51.63
N ARG B 477 22.55 20.95 -52.18
CA ARG B 477 23.22 20.04 -53.11
C ARG B 477 23.89 18.91 -52.35
N LEU B 478 24.06 17.79 -53.06
CA LEU B 478 24.62 16.58 -52.48
C LEU B 478 26.04 16.37 -52.99
N THR B 479 26.96 16.08 -52.08
CA THR B 479 28.32 15.75 -52.43
C THR B 479 28.77 14.58 -51.58
N ALA B 480 29.91 14.01 -51.94
CA ALA B 480 30.53 12.94 -51.18
C ALA B 480 31.73 13.51 -50.44
N ASN B 481 31.69 13.45 -49.12
CA ASN B 481 32.77 13.95 -48.29
C ASN B 481 33.18 12.88 -47.30
N THR B 482 34.33 13.08 -46.67
CA THR B 482 34.76 12.13 -45.65
C THR B 482 33.76 12.10 -44.52
N CYS B 483 33.40 10.89 -44.10
CA CYS B 483 32.35 10.74 -43.12
C CYS B 483 32.76 11.31 -41.78
N ASP B 484 31.81 11.96 -41.11
CA ASP B 484 31.98 12.46 -39.75
C ASP B 484 30.75 12.04 -38.97
N ASP B 485 30.94 11.28 -37.90
CA ASP B 485 29.82 10.72 -37.18
C ASP B 485 28.97 11.79 -36.51
N GLN B 486 29.51 12.98 -36.28
CA GLN B 486 28.80 14.03 -35.58
C GLN B 486 28.33 15.14 -36.52
N GLN B 487 28.53 14.98 -37.81
CA GLN B 487 28.10 15.98 -38.77
C GLN B 487 26.64 15.77 -39.08
N SER B 488 25.80 16.75 -38.71
CA SER B 488 24.39 16.64 -38.99
C SER B 488 24.08 16.83 -40.47
N ALA B 489 25.00 17.42 -41.22
CA ALA B 489 24.82 17.55 -42.66
C ALA B 489 24.95 16.21 -43.38
N GLN B 490 25.44 15.18 -42.71
CA GLN B 490 25.53 13.85 -43.29
C GLN B 490 24.53 12.89 -42.67
N SER B 491 23.52 13.41 -41.99
CA SER B 491 22.58 12.60 -41.25
C SER B 491 21.21 12.64 -41.92
N PHE B 492 20.59 11.49 -42.01
CA PHE B 492 19.26 11.37 -42.60
C PHE B 492 18.39 10.53 -41.68
N ILE B 493 17.12 10.86 -41.64
CA ILE B 493 16.15 10.06 -40.91
C ILE B 493 15.40 9.19 -41.90
N TYR B 494 15.40 7.89 -41.65
CA TYR B 494 14.67 6.93 -42.47
C TYR B 494 13.26 6.84 -41.90
N ASP B 495 12.30 7.48 -42.55
CA ASP B 495 10.99 7.64 -41.96
C ASP B 495 10.07 6.47 -42.33
N GLN B 496 8.81 6.58 -41.93
CA GLN B 496 7.87 5.48 -42.09
C GLN B 496 7.57 5.22 -43.56
N LEU B 497 7.48 6.26 -44.36
CA LEU B 497 7.23 6.10 -45.79
C LEU B 497 8.40 5.45 -46.51
N GLY B 498 9.58 5.42 -45.90
CA GLY B 498 10.76 5.00 -46.60
C GLY B 498 11.58 6.11 -47.20
N ARG B 499 11.32 7.34 -46.81
CA ARG B 499 12.09 8.47 -47.32
C ARG B 499 13.31 8.72 -46.45
N TYR B 500 14.34 9.27 -47.06
CA TYR B 500 15.55 9.65 -46.35
C TYR B 500 15.49 11.16 -46.19
N VAL B 501 15.07 11.57 -45.05
CA VAL B 501 14.83 12.97 -44.74
C VAL B 501 16.07 13.55 -44.10
N SER B 502 16.51 14.69 -44.59
CA SER B 502 17.66 15.36 -44.02
C SER B 502 17.43 15.69 -42.56
N ALA B 503 18.39 15.36 -41.71
CA ALA B 503 18.22 15.58 -40.28
C ALA B 503 18.35 17.05 -39.92
N SER B 504 19.10 17.82 -40.70
CA SER B 504 19.25 19.23 -40.43
C SER B 504 18.07 20.05 -40.95
N ASN B 505 17.24 19.48 -41.82
CA ASN B 505 16.07 20.18 -42.35
C ASN B 505 15.08 19.10 -42.78
N THR B 506 14.10 18.86 -41.94
CA THR B 506 13.23 17.74 -42.25
C THR B 506 12.26 18.01 -43.35
N GLU B 507 12.35 19.12 -44.08
CA GLU B 507 11.51 19.35 -45.23
C GLU B 507 12.17 18.94 -46.53
N LEU B 508 13.35 18.36 -46.47
CA LEU B 508 14.10 17.99 -47.66
C LEU B 508 14.35 16.49 -47.66
N CYS B 509 14.13 15.87 -48.81
CA CYS B 509 14.29 14.43 -48.99
C CYS B 509 15.31 14.13 -50.06
N LEU B 510 15.83 12.91 -50.00
CA LEU B 510 16.61 12.34 -51.08
C LEU B 510 15.64 11.82 -52.13
N ASP B 511 15.67 12.41 -53.32
CA ASP B 511 14.71 12.09 -54.37
C ASP B 511 15.43 11.40 -55.52
N GLY B 512 14.89 10.27 -55.95
CA GLY B 512 15.52 9.52 -57.03
C GLY B 512 15.36 10.15 -58.39
N ALA B 513 14.45 11.11 -58.53
CA ALA B 513 14.29 11.78 -59.81
C ALA B 513 15.45 12.72 -60.09
N ALA B 514 15.96 13.40 -59.06
CA ALA B 514 17.07 14.33 -59.22
C ALA B 514 18.02 14.15 -58.04
N LEU B 515 19.06 13.35 -58.23
CA LEU B 515 19.95 12.98 -57.14
C LEU B 515 21.17 13.88 -57.06
N ASP B 516 20.97 15.19 -57.12
CA ASP B 516 22.09 16.11 -56.97
C ASP B 516 21.73 17.19 -55.97
N VAL B 517 20.43 17.40 -55.75
CA VAL B 517 19.94 18.31 -54.74
C VAL B 517 18.82 17.62 -53.98
N LEU B 518 18.73 17.91 -52.70
CA LEU B 518 17.59 17.45 -51.93
C LEU B 518 16.33 18.15 -52.41
N GLN B 519 15.23 17.42 -52.43
CA GLN B 519 13.95 17.94 -52.87
C GLN B 519 13.00 18.06 -51.69
N THR B 520 11.98 18.89 -51.85
CA THR B 520 10.96 19.02 -50.82
C THR B 520 10.24 17.70 -50.63
N CYS B 521 10.03 17.31 -49.37
CA CYS B 521 9.33 16.07 -49.09
C CYS B 521 7.91 16.14 -49.61
N ASN B 522 7.52 15.11 -50.35
CA ASN B 522 6.14 14.96 -50.77
C ASN B 522 5.87 13.48 -50.89
N GLN B 523 4.83 13.12 -51.63
CA GLN B 523 4.43 11.73 -51.78
C GLN B 523 4.99 11.10 -53.03
N ASN B 524 5.98 11.72 -53.67
CA ASN B 524 6.59 11.12 -54.85
C ASN B 524 7.10 9.72 -54.52
N LEU B 525 6.83 8.78 -55.40
CA LEU B 525 7.36 7.44 -55.21
C LEU B 525 8.86 7.39 -55.42
N THR B 526 9.42 8.34 -56.17
CA THR B 526 10.86 8.42 -56.32
C THR B 526 11.56 8.84 -55.05
N GLN B 527 10.83 9.32 -54.05
CA GLN B 527 11.43 9.68 -52.79
C GLN B 527 11.40 8.56 -51.77
N ARG B 528 10.93 7.39 -52.14
CA ARG B 528 10.83 6.26 -51.22
C ARG B 528 11.88 5.23 -51.57
N TRP B 529 12.54 4.70 -50.55
CA TRP B 529 13.63 3.77 -50.73
C TRP B 529 13.39 2.55 -49.86
N GLU B 530 13.84 1.41 -50.34
CA GLU B 530 13.82 0.21 -49.54
C GLU B 530 15.14 -0.52 -49.72
N TRP B 531 15.58 -1.21 -48.68
CA TRP B 531 16.83 -1.93 -48.71
C TRP B 531 16.60 -3.31 -49.30
N ARG B 532 17.34 -3.63 -50.36
CA ARG B 532 17.30 -4.98 -50.89
C ARG B 532 17.80 -5.94 -49.83
N LYS B 533 17.07 -7.03 -49.61
CA LYS B 533 17.31 -7.86 -48.45
C LYS B 533 18.65 -8.59 -48.57
N ASN B 534 19.38 -8.64 -47.45
CA ASN B 534 20.65 -9.34 -47.32
C ASN B 534 21.73 -8.77 -48.24
N THR B 535 21.60 -7.51 -48.63
CA THR B 535 22.61 -6.87 -49.46
C THR B 535 22.83 -5.45 -48.96
N ASP B 536 23.74 -4.76 -49.63
CA ASP B 536 24.02 -3.36 -49.35
C ASP B 536 23.49 -2.47 -50.46
N GLU B 537 22.35 -2.83 -51.03
CA GLU B 537 21.74 -2.08 -52.11
C GLU B 537 20.52 -1.35 -51.60
N LEU B 538 20.44 -0.07 -51.94
CA LEU B 538 19.28 0.75 -51.65
C LEU B 538 18.54 0.96 -52.95
N THR B 539 17.29 0.51 -53.00
CA THR B 539 16.51 0.54 -54.23
C THR B 539 15.40 1.56 -54.14
N ASN B 540 15.14 2.22 -55.26
CA ASN B 540 14.06 3.19 -55.34
C ASN B 540 12.73 2.47 -55.51
N VAL B 541 11.70 2.96 -54.81
CA VAL B 541 10.41 2.28 -54.84
C VAL B 541 9.75 2.45 -56.21
N TYR B 542 9.88 3.62 -56.81
CA TYR B 542 9.15 3.89 -58.04
C TYR B 542 9.59 2.99 -59.17
N SER B 543 10.89 2.94 -59.44
CA SER B 543 11.40 2.22 -60.60
C SER B 543 12.06 0.90 -60.26
N GLY B 544 12.37 0.65 -59.00
CA GLY B 544 13.09 -0.55 -58.64
C GLY B 544 14.58 -0.48 -58.85
N GLU B 545 15.09 0.61 -59.41
CA GLU B 545 16.51 0.74 -59.63
C GLU B 545 17.23 0.99 -58.32
N SER B 546 18.51 0.64 -58.29
CA SER B 546 19.32 0.78 -57.09
C SER B 546 20.05 2.10 -57.11
N LEU B 547 20.32 2.61 -55.92
CA LEU B 547 21.12 3.81 -55.77
C LEU B 547 22.58 3.46 -55.95
N GLY B 548 23.23 4.08 -56.94
CA GLY B 548 24.63 3.84 -57.21
C GLY B 548 25.39 5.16 -57.20
N HIS B 549 26.70 5.04 -57.03
CA HIS B 549 27.56 6.20 -57.02
C HIS B 549 28.73 5.95 -57.95
N ASP B 550 29.19 7.03 -58.59
CA ASP B 550 30.37 6.94 -59.43
C ASP B 550 31.57 6.58 -58.59
N LYS B 551 32.37 5.64 -59.09
CA LYS B 551 33.49 5.13 -58.32
C LYS B 551 34.63 6.13 -58.18
N GLN B 552 34.60 7.22 -58.93
CA GLN B 552 35.65 8.22 -58.86
C GLN B 552 35.24 9.47 -58.08
N THR B 553 34.04 9.98 -58.30
CA THR B 553 33.59 11.20 -57.67
C THR B 553 32.49 11.00 -56.64
N GLY B 554 31.87 9.84 -56.59
CA GLY B 554 30.79 9.63 -55.67
C GLY B 554 29.49 10.30 -56.05
N GLU B 555 29.32 10.66 -57.30
CA GLU B 555 28.07 11.26 -57.74
C GLU B 555 26.97 10.21 -57.77
N LEU B 556 25.82 10.55 -57.18
CA LEU B 556 24.74 9.59 -57.04
C LEU B 556 23.96 9.45 -58.34
N GLY B 557 23.30 8.31 -58.48
CA GLY B 557 22.46 8.05 -59.64
C GLY B 557 21.67 6.78 -59.40
N LEU B 558 20.74 6.52 -60.32
CA LEU B 558 19.93 5.32 -60.28
C LEU B 558 20.35 4.40 -61.41
N TYR B 559 20.61 3.14 -61.08
CA TYR B 559 21.11 2.19 -62.06
C TYR B 559 20.44 0.85 -61.87
N ALA B 560 20.14 0.19 -62.99
CA ALA B 560 19.61 -1.16 -62.92
C ALA B 560 20.66 -2.13 -62.39
N SER B 561 21.91 -1.95 -62.80
CA SER B 561 22.99 -2.81 -62.33
C SER B 561 24.28 -2.02 -62.33
N SER B 562 25.23 -2.50 -61.54
CA SER B 562 26.54 -1.85 -61.47
C SER B 562 27.34 -2.13 -62.73
N ASN B 563 28.34 -1.29 -62.96
CA ASN B 563 29.29 -1.48 -64.04
C ASN B 563 30.66 -1.12 -63.52
N ASP B 564 31.61 -0.92 -64.44
CA ASP B 564 32.97 -0.62 -64.02
C ASP B 564 33.05 0.73 -63.32
N ALA B 565 32.28 1.71 -63.79
CA ALA B 565 32.38 3.06 -63.25
C ALA B 565 31.40 3.34 -62.11
N VAL B 566 30.50 2.42 -61.81
CA VAL B 566 29.41 2.67 -60.87
C VAL B 566 29.36 1.54 -59.86
N SER B 567 29.27 1.89 -58.58
CA SER B 567 29.12 0.93 -57.51
C SER B 567 27.75 1.06 -56.88
N LEU B 568 27.14 -0.06 -56.54
CA LEU B 568 25.83 -0.07 -55.92
C LEU B 568 25.88 -0.35 -54.43
N ARG B 569 27.05 -0.27 -53.82
CA ARG B 569 27.20 -0.65 -52.42
C ARG B 569 27.01 0.57 -51.53
N THR B 570 25.97 0.53 -50.70
CA THR B 570 25.68 1.60 -49.76
C THR B 570 25.61 1.02 -48.37
N ILE B 571 26.29 1.66 -47.44
CA ILE B 571 26.34 1.22 -46.05
C ILE B 571 25.77 2.33 -45.19
N THR B 572 24.91 1.97 -44.25
CA THR B 572 24.27 2.93 -43.38
C THR B 572 24.55 2.59 -41.93
N ALA B 573 24.73 3.62 -41.11
CA ALA B 573 24.97 3.43 -39.70
C ALA B 573 24.41 4.62 -38.95
N TYR B 574 24.05 4.40 -37.69
CA TYR B 574 23.53 5.49 -36.87
C TYR B 574 24.62 6.49 -36.55
N THR B 575 24.28 7.76 -36.65
CA THR B 575 25.22 8.83 -36.35
C THR B 575 24.93 9.41 -34.98
N ASN B 576 25.94 10.01 -34.37
CA ASN B 576 25.81 10.58 -33.04
C ASN B 576 25.76 12.09 -33.18
N VAL B 577 24.55 12.61 -33.41
CA VAL B 577 24.33 14.03 -33.50
C VAL B 577 23.70 14.59 -32.24
N PHE B 578 23.69 13.83 -31.15
CA PHE B 578 23.01 14.22 -29.93
C PHE B 578 23.97 14.70 -28.86
N ASN B 579 25.05 15.36 -29.26
CA ASN B 579 25.92 16.05 -28.33
C ASN B 579 25.54 17.51 -28.31
N VAL B 580 25.63 18.13 -27.14
CA VAL B 580 25.25 19.52 -27.00
C VAL B 580 26.29 20.38 -27.72
N GLN B 581 25.82 21.13 -28.72
CA GLN B 581 26.71 21.97 -29.50
C GLN B 581 26.13 23.37 -29.70
N SER C 134 -3.18 0.93 -35.30
CA SER C 134 -4.06 -0.02 -34.65
C SER C 134 -4.81 0.63 -33.49
N THR C 135 -4.08 1.42 -32.70
CA THR C 135 -4.69 2.06 -31.55
C THR C 135 -5.53 3.26 -31.99
N LEU C 136 -6.23 3.83 -31.04
CA LEU C 136 -7.18 4.89 -31.31
C LEU C 136 -6.47 6.20 -31.59
N PRO C 137 -6.76 6.87 -32.69
CA PRO C 137 -6.11 8.15 -32.98
C PRO C 137 -6.69 9.29 -32.19
N HIS C 138 -5.87 10.31 -31.98
CA HIS C 138 -6.27 11.52 -31.27
C HIS C 138 -5.89 12.73 -32.07
N VAL C 139 -6.59 13.82 -31.82
CA VAL C 139 -6.13 15.15 -32.17
C VAL C 139 -5.77 15.82 -30.86
N ALA C 140 -4.51 16.17 -30.70
CA ALA C 140 -4.01 16.72 -29.45
C ALA C 140 -3.32 18.04 -29.73
N PHE C 141 -3.65 19.07 -28.95
CA PHE C 141 -2.98 20.35 -29.10
C PHE C 141 -3.07 21.11 -27.79
N TYR C 142 -2.21 22.11 -27.67
CA TYR C 142 -2.15 22.98 -26.50
C TYR C 142 -2.86 24.28 -26.81
N ILE C 143 -3.50 24.85 -25.80
CA ILE C 143 -4.06 26.18 -25.89
C ILE C 143 -3.38 27.03 -24.84
N SER C 144 -2.62 28.03 -25.27
CA SER C 144 -1.97 28.94 -24.36
C SER C 144 -2.90 30.09 -24.04
N VAL C 145 -3.06 30.38 -22.76
CA VAL C 145 -3.90 31.46 -22.30
C VAL C 145 -2.99 32.44 -21.57
N ASN C 146 -2.54 33.47 -22.27
CA ASN C 146 -1.63 34.45 -21.72
C ASN C 146 -2.33 35.80 -21.66
N ARG C 147 -2.36 36.38 -20.48
CA ARG C 147 -3.05 37.66 -20.27
C ARG C 147 -2.29 38.44 -19.21
N PRO C 148 -1.47 39.39 -19.61
CA PRO C 148 -0.90 40.31 -18.63
C PRO C 148 -1.96 41.27 -18.14
N ILE C 149 -1.94 41.52 -16.84
CA ILE C 149 -2.92 42.38 -16.20
C ILE C 149 -2.27 43.75 -16.01
N SER C 150 -2.86 44.77 -16.62
CA SER C 150 -2.26 46.09 -16.62
C SER C 150 -2.34 46.73 -15.24
N ASP C 151 -1.57 47.80 -15.07
CA ASP C 151 -1.57 48.51 -13.79
C ASP C 151 -2.93 49.12 -13.49
N GLU C 152 -3.57 49.70 -14.50
CA GLU C 152 -4.90 50.27 -14.29
C GLU C 152 -5.96 49.21 -14.07
N GLU C 153 -5.74 48.00 -14.54
CA GLU C 153 -6.73 46.95 -14.37
C GLU C 153 -6.85 46.51 -12.92
N CYS C 154 -5.86 46.76 -12.09
CA CYS C 154 -5.99 46.51 -10.67
C CYS C 154 -5.48 47.70 -9.88
N THR C 155 -5.95 48.88 -10.26
CA THR C 155 -5.80 50.08 -9.47
C THR C 155 -7.07 50.30 -8.67
N PHE C 156 -6.96 50.38 -7.36
CA PHE C 156 -8.09 50.59 -6.48
C PHE C 156 -7.86 51.85 -5.66
N ASP C 157 -8.91 52.30 -4.98
CA ASP C 157 -8.78 53.44 -4.09
C ASP C 157 -7.83 53.11 -2.95
N ASN C 158 -7.00 54.09 -2.59
CA ASN C 158 -6.04 53.87 -1.52
C ASN C 158 -6.72 53.59 -0.19
N SER C 159 -7.92 54.09 0.00
CA SER C 159 -8.64 53.91 1.24
C SER C 159 -10.08 53.58 0.93
N TRP C 160 -10.73 52.91 1.87
CA TRP C 160 -12.14 52.57 1.76
C TRP C 160 -13.03 53.51 2.52
N LEU C 161 -12.57 54.02 3.67
CA LEU C 161 -13.35 54.97 4.44
C LEU C 161 -13.31 56.36 3.84
N TRP C 162 -12.18 56.75 3.24
CA TRP C 162 -11.98 58.07 2.68
C TRP C 162 -11.57 57.94 1.22
N LYS C 163 -12.36 57.16 0.47
CA LYS C 163 -11.97 56.79 -0.89
C LYS C 163 -11.78 58.01 -1.79
N ASP C 164 -12.45 59.11 -1.48
CA ASP C 164 -12.37 60.28 -2.34
C ASP C 164 -11.20 61.19 -1.99
N GLU C 165 -10.50 60.94 -0.90
CA GLU C 165 -9.46 61.85 -0.44
C GLU C 165 -8.05 61.33 -0.64
N LYS C 166 -7.84 60.02 -0.52
CA LYS C 166 -6.48 59.48 -0.47
C LYS C 166 -5.98 59.00 -1.82
N GLY C 167 -6.76 59.13 -2.87
CA GLY C 167 -6.29 58.75 -4.19
C GLY C 167 -6.33 57.25 -4.41
N SER C 168 -5.59 56.81 -5.43
CA SER C 168 -5.59 55.43 -5.84
C SER C 168 -4.16 54.99 -6.13
N ARG C 169 -3.96 53.68 -6.19
CA ARG C 169 -2.64 53.12 -6.44
C ARG C 169 -2.82 51.73 -7.03
N PRO C 170 -1.81 51.19 -7.69
CA PRO C 170 -1.89 49.81 -8.18
C PRO C 170 -1.66 48.83 -7.05
N PHE C 171 -2.56 47.87 -6.91
CA PHE C 171 -2.48 46.89 -5.84
C PHE C 171 -1.81 45.60 -6.28
N CYS C 172 -1.30 45.53 -7.49
CA CYS C 172 -0.61 44.36 -8.00
C CYS C 172 0.81 44.75 -8.37
N LYS C 173 1.54 43.78 -8.87
CA LYS C 173 2.88 44.05 -9.38
C LYS C 173 3.12 43.04 -10.50
N ASP C 174 2.92 43.47 -11.74
CA ASP C 174 3.08 42.61 -12.91
C ASP C 174 2.19 41.38 -12.80
N ALA C 175 0.91 41.62 -12.49
CA ALA C 175 -0.04 40.53 -12.44
C ALA C 175 -0.19 39.90 -13.81
N ASN C 176 -0.43 38.59 -13.83
CA ASN C 176 -0.36 37.86 -15.09
C ASN C 176 -1.17 36.57 -14.97
N ILE C 177 -1.77 36.17 -16.08
CA ILE C 177 -2.39 34.87 -16.23
C ILE C 177 -1.65 34.12 -17.32
N SER C 178 -1.16 32.93 -17.02
CA SER C 178 -0.43 32.12 -18.00
C SER C 178 -0.80 30.66 -17.77
N LEU C 179 -1.70 30.14 -18.58
CA LEU C 179 -2.15 28.77 -18.47
C LEU C 179 -2.01 28.07 -19.81
N ILE C 180 -1.85 26.76 -19.77
CA ILE C 180 -1.74 25.94 -20.97
C ILE C 180 -2.70 24.79 -20.83
N TYR C 181 -3.77 24.79 -21.62
CA TYR C 181 -4.72 23.71 -21.64
C TYR C 181 -4.32 22.68 -22.69
N ARG C 182 -4.53 21.41 -22.37
CA ARG C 182 -4.36 20.34 -23.33
C ARG C 182 -5.73 19.86 -23.78
N VAL C 183 -5.94 19.81 -25.09
CA VAL C 183 -7.21 19.41 -25.67
C VAL C 183 -6.99 18.13 -26.45
N ASN C 184 -7.86 17.15 -26.23
CA ASN C 184 -7.84 15.90 -26.98
C ASN C 184 -9.19 15.71 -27.65
N LEU C 185 -9.16 15.39 -28.93
CA LEU C 185 -10.34 14.96 -29.66
C LEU C 185 -10.17 13.51 -30.03
N GLU C 186 -11.21 12.71 -29.82
CA GLU C 186 -11.13 11.30 -30.13
C GLU C 186 -12.52 10.71 -30.18
N ARG C 187 -12.61 9.53 -30.76
CA ARG C 187 -13.79 8.70 -30.62
C ARG C 187 -13.64 7.84 -29.38
N SER C 188 -14.77 7.42 -28.81
CA SER C 188 -14.70 6.58 -27.63
C SER C 188 -14.12 5.21 -27.94
N LEU C 189 -14.30 4.73 -29.16
CA LEU C 189 -13.83 3.41 -29.54
C LEU C 189 -13.21 3.47 -30.92
N GLN C 190 -12.38 2.48 -31.22
CA GLN C 190 -11.83 2.35 -32.55
C GLN C 190 -12.92 2.08 -33.57
N TYR C 191 -12.61 2.35 -34.82
CA TYR C 191 -13.60 2.20 -35.88
C TYR C 191 -14.06 0.75 -35.99
N GLY C 192 -15.37 0.57 -36.11
CA GLY C 192 -15.92 -0.72 -36.44
C GLY C 192 -15.97 -1.74 -35.31
N ILE C 193 -15.69 -1.33 -34.09
CA ILE C 193 -15.76 -2.25 -32.96
C ILE C 193 -17.20 -2.39 -32.51
N VAL C 194 -17.69 -3.62 -32.44
CA VAL C 194 -19.08 -3.86 -32.09
C VAL C 194 -19.14 -4.65 -30.78
N GLY C 195 -20.21 -4.45 -30.04
CA GLY C 195 -20.42 -5.19 -28.81
C GLY C 195 -19.57 -4.76 -27.65
N SER C 196 -19.03 -3.55 -27.67
CA SER C 196 -18.20 -3.08 -26.58
C SER C 196 -19.07 -2.56 -25.44
N ALA C 197 -18.51 -2.60 -24.23
CA ALA C 197 -19.20 -2.08 -23.07
C ALA C 197 -19.18 -0.56 -23.00
N THR C 198 -18.40 0.07 -23.82
CA THR C 198 -18.34 1.53 -23.93
C THR C 198 -19.28 1.98 -25.03
N PRO C 199 -20.17 2.93 -24.77
CA PRO C 199 -21.03 3.45 -25.83
C PRO C 199 -20.22 4.22 -26.86
N ASN C 200 -20.73 4.23 -28.09
CA ASN C 200 -20.11 5.02 -29.15
C ASN C 200 -20.37 6.50 -28.92
N ALA C 201 -19.31 7.30 -28.96
CA ALA C 201 -19.45 8.73 -28.74
C ALA C 201 -18.23 9.45 -29.29
N LYS C 202 -18.40 10.73 -29.56
CA LYS C 202 -17.31 11.62 -29.92
C LYS C 202 -16.91 12.41 -28.69
N ILE C 203 -15.64 12.30 -28.30
CA ILE C 203 -15.17 12.79 -27.02
C ILE C 203 -14.29 14.01 -27.23
N VAL C 204 -14.54 15.06 -26.48
CA VAL C 204 -13.66 16.22 -26.40
C VAL C 204 -13.19 16.32 -24.97
N ARG C 205 -11.88 16.23 -24.76
CA ARG C 205 -11.30 16.27 -23.43
C ARG C 205 -10.45 17.52 -23.29
N ILE C 206 -10.77 18.34 -22.29
CA ILE C 206 -10.01 19.54 -21.99
C ILE C 206 -9.39 19.36 -20.63
N SER C 207 -8.08 19.49 -20.56
CA SER C 207 -7.36 19.12 -19.35
C SER C 207 -6.38 20.21 -18.97
N LEU C 208 -6.26 20.43 -17.67
CA LEU C 208 -5.25 21.31 -17.08
C LEU C 208 -4.67 20.50 -15.94
N ASP C 209 -3.63 19.73 -16.22
CA ASP C 209 -3.16 18.75 -15.25
C ASP C 209 -1.67 18.88 -14.98
N ASP C 210 -1.10 17.91 -14.27
CA ASP C 210 0.30 17.98 -13.91
C ASP C 210 1.22 17.95 -15.12
N ASP C 211 0.80 17.27 -16.18
CA ASP C 211 1.64 17.19 -17.38
C ASP C 211 1.64 18.48 -18.18
N SER C 212 0.62 19.33 -18.03
CA SER C 212 0.52 20.54 -18.83
C SER C 212 -0.30 21.54 -18.03
N SER C 213 0.35 22.49 -17.46
CA SER C 213 -0.39 23.45 -16.66
C SER C 213 -0.04 24.89 -16.97
N GLY C 214 1.21 25.18 -17.27
CA GLY C 214 1.63 26.54 -17.47
C GLY C 214 2.15 27.17 -16.20
N ALA C 215 2.49 28.45 -16.32
CA ALA C 215 3.08 29.17 -15.20
C ALA C 215 2.07 29.35 -14.07
N GLY C 216 0.86 29.75 -14.40
CA GLY C 216 -0.18 29.94 -13.41
C GLY C 216 -0.63 31.38 -13.36
N ILE C 217 -1.41 31.70 -12.35
CA ILE C 217 -1.95 33.03 -12.15
C ILE C 217 -1.15 33.72 -11.06
N HIS C 218 -0.68 34.92 -11.35
CA HIS C 218 0.24 35.63 -10.48
C HIS C 218 -0.29 37.03 -10.24
N LEU C 219 -0.22 37.48 -9.00
CA LEU C 219 -0.65 38.81 -8.64
C LEU C 219 0.45 39.69 -8.06
N ASN C 220 1.30 39.14 -7.22
CA ASN C 220 2.27 39.93 -6.48
C ASN C 220 3.46 39.08 -6.14
N ASP C 221 4.62 39.72 -6.01
CA ASP C 221 5.77 39.03 -5.44
C ASP C 221 5.66 38.96 -3.93
N GLN C 222 5.22 40.04 -3.30
CA GLN C 222 5.00 40.06 -1.86
C GLN C 222 3.97 41.13 -1.56
N LEU C 223 3.38 41.04 -0.39
CA LEU C 223 2.29 41.92 0.01
C LEU C 223 2.83 43.06 0.85
N SER C 224 2.46 44.28 0.48
CA SER C 224 2.80 45.48 1.23
C SER C 224 1.51 46.19 1.60
N TYR C 225 1.65 47.26 2.37
CA TYR C 225 0.48 48.00 2.85
C TYR C 225 0.82 49.47 2.92
N ARG C 226 -0.23 50.28 2.99
CA ARG C 226 -0.12 51.70 3.20
C ARG C 226 -1.07 52.09 4.33
N ARG C 227 -0.62 53.00 5.18
CA ARG C 227 -1.41 53.46 6.32
C ARG C 227 -1.93 54.85 6.03
N PHE C 228 -3.20 55.07 6.35
CA PHE C 228 -3.84 56.36 6.17
C PHE C 228 -4.56 56.76 7.44
N GLY C 229 -4.48 58.05 7.76
CA GLY C 229 -5.15 58.56 8.93
C GLY C 229 -6.23 59.54 8.55
N ALA C 230 -7.23 59.69 9.42
CA ALA C 230 -8.29 60.66 9.17
C ALA C 230 -7.72 62.08 9.24
N SER C 231 -8.08 62.90 8.25
CA SER C 231 -7.59 64.27 8.22
C SER C 231 -8.16 65.11 9.35
N TYR C 232 -9.29 64.70 9.92
CA TYR C 232 -9.93 65.41 11.01
C TYR C 232 -10.03 64.50 12.22
N THR C 233 -9.73 65.04 13.40
CA THR C 233 -9.87 64.27 14.63
C THR C 233 -11.34 64.18 15.03
N THR C 234 -11.67 63.12 15.75
CA THR C 234 -13.04 62.88 16.20
C THR C 234 -13.00 62.09 17.50
N LEU C 235 -14.16 61.57 17.90
CA LEU C 235 -14.28 60.85 19.15
C LEU C 235 -14.61 59.38 18.96
N ASP C 236 -15.72 59.07 18.29
CA ASP C 236 -16.13 57.68 18.07
C ASP C 236 -16.32 57.47 16.57
N ALA C 237 -15.23 57.15 15.89
CA ALA C 237 -15.26 56.90 14.46
C ALA C 237 -13.94 56.25 14.09
N TYR C 238 -13.84 55.87 12.82
CA TYR C 238 -12.58 55.32 12.32
C TYR C 238 -11.57 56.45 12.18
N PHE C 239 -10.37 56.23 12.72
CA PHE C 239 -9.32 57.22 12.64
C PHE C 239 -8.07 56.74 11.95
N ARG C 240 -7.97 55.45 11.63
CA ARG C 240 -6.82 54.92 10.93
C ARG C 240 -7.30 53.86 9.95
N GLU C 241 -6.52 53.65 8.90
CA GLU C 241 -6.85 52.64 7.92
C GLU C 241 -5.58 52.14 7.25
N TRP C 242 -5.53 50.83 7.02
CA TRP C 242 -4.46 50.21 6.25
C TRP C 242 -5.07 49.56 5.03
N SER C 243 -4.43 49.74 3.88
CA SER C 243 -4.83 49.06 2.66
C SER C 243 -3.70 48.15 2.22
N THR C 244 -3.95 46.85 2.24
CA THR C 244 -2.97 45.85 1.89
C THR C 244 -3.10 45.47 0.42
N ASP C 245 -1.97 45.08 -0.17
CA ASP C 245 -1.94 44.67 -1.56
C ASP C 245 -2.96 43.57 -1.82
N ALA C 246 -3.47 43.53 -3.05
CA ALA C 246 -4.59 42.68 -3.37
C ALA C 246 -4.21 41.21 -3.37
N ILE C 247 -5.13 40.38 -2.92
CA ILE C 247 -5.00 38.93 -3.00
C ILE C 247 -6.11 38.43 -3.91
N ALA C 248 -6.09 37.14 -4.21
CA ALA C 248 -7.11 36.53 -5.03
C ALA C 248 -8.21 36.02 -4.12
N GLN C 249 -9.37 36.64 -4.19
CA GLN C 249 -10.52 36.13 -3.45
C GLN C 249 -10.91 34.76 -3.98
N ASP C 250 -10.87 34.58 -5.30
CA ASP C 250 -11.10 33.28 -5.88
C ASP C 250 -10.49 33.23 -7.27
N TYR C 251 -10.27 32.01 -7.74
CA TYR C 251 -9.92 31.74 -9.13
C TYR C 251 -11.04 30.92 -9.73
N ARG C 252 -11.54 31.37 -10.88
CA ARG C 252 -12.67 30.72 -11.51
C ARG C 252 -12.31 30.29 -12.92
N PHE C 253 -12.76 29.10 -13.30
CA PHE C 253 -12.51 28.55 -14.63
C PHE C 253 -13.83 28.01 -15.16
N VAL C 254 -14.33 28.63 -16.22
CA VAL C 254 -15.64 28.32 -16.77
C VAL C 254 -15.46 27.65 -18.12
N PHE C 255 -16.12 26.52 -18.30
CA PHE C 255 -16.10 25.79 -19.56
C PHE C 255 -17.48 25.87 -20.17
N LYS C 256 -17.57 26.50 -21.33
CA LYS C 256 -18.84 26.72 -22.00
C LYS C 256 -18.82 26.04 -23.36
N THR C 257 -19.97 26.06 -24.00
CA THR C 257 -20.18 25.43 -25.29
C THR C 257 -21.10 26.33 -26.10
N SER C 258 -20.81 26.48 -27.40
CA SER C 258 -21.59 27.40 -28.21
C SER C 258 -23.00 26.87 -28.47
N ASN C 259 -23.15 25.56 -28.66
CA ASN C 259 -24.47 24.98 -28.83
C ASN C 259 -24.61 23.76 -27.94
N ASN C 260 -25.68 22.99 -28.12
CA ASN C 260 -25.94 21.85 -27.26
C ASN C 260 -25.60 20.52 -27.91
N LYS C 261 -24.75 20.54 -28.94
CA LYS C 261 -24.34 19.29 -29.57
C LYS C 261 -23.49 18.45 -28.63
N ALA C 262 -22.79 19.07 -27.69
CA ALA C 262 -21.95 18.36 -26.75
C ALA C 262 -22.50 18.54 -25.34
N GLU C 263 -22.35 17.51 -24.52
CA GLU C 263 -22.75 17.53 -23.13
C GLU C 263 -21.58 17.16 -22.26
N ILE C 264 -21.54 17.70 -21.05
CA ILE C 264 -20.51 17.30 -20.10
C ILE C 264 -20.74 15.86 -19.71
N LEU C 265 -19.73 15.03 -19.91
CA LEU C 265 -19.83 13.64 -19.52
C LEU C 265 -19.24 13.39 -18.15
N GLU C 266 -18.07 13.96 -17.87
CA GLU C 266 -17.44 13.80 -16.58
C GLU C 266 -16.45 14.93 -16.39
N THR C 267 -16.10 15.18 -15.14
CA THR C 267 -15.17 16.24 -14.81
C THR C 267 -14.19 15.75 -13.76
N PHE C 268 -13.12 16.49 -13.60
CA PHE C 268 -12.29 16.38 -12.42
C PHE C 268 -12.00 17.79 -11.94
N PRO C 269 -12.23 18.11 -10.67
CA PRO C 269 -12.76 17.33 -9.55
C PRO C 269 -14.13 16.76 -9.84
N ILE C 270 -14.39 15.54 -9.35
CA ILE C 270 -15.60 14.83 -9.76
C ILE C 270 -16.84 15.52 -9.21
N ASP C 271 -16.76 16.03 -8.00
CA ASP C 271 -17.94 16.61 -7.36
C ASP C 271 -17.47 17.55 -6.26
N ASN C 272 -18.43 18.28 -5.70
CA ASN C 272 -18.18 19.05 -4.50
C ASN C 272 -17.93 18.12 -3.33
N LEU C 273 -17.19 18.61 -2.36
CA LEU C 273 -16.79 17.80 -1.22
C LEU C 273 -17.96 17.48 -0.31
N ASN C 274 -18.06 16.22 0.10
CA ASN C 274 -18.99 15.78 1.13
C ASN C 274 -18.23 15.81 2.44
N VAL C 275 -18.38 16.92 3.19
CA VAL C 275 -17.55 17.14 4.37
C VAL C 275 -17.82 16.09 5.42
N LYS C 276 -16.76 15.62 6.05
CA LYS C 276 -16.84 14.63 7.12
C LYS C 276 -16.63 15.32 8.47
N TYR C 277 -17.55 15.10 9.39
CA TYR C 277 -17.50 15.70 10.71
C TYR C 277 -17.27 14.64 11.76
N GLU C 278 -16.50 14.98 12.78
CA GLU C 278 -16.31 14.10 13.91
C GLU C 278 -17.04 14.70 15.11
N LYS C 279 -18.05 14.00 15.60
CA LYS C 279 -18.81 14.43 16.75
C LYS C 279 -18.32 13.69 17.98
N ARG C 280 -18.39 14.37 19.12
CA ARG C 280 -17.91 13.80 20.37
C ARG C 280 -18.79 14.29 21.50
N LYS C 281 -19.36 13.35 22.26
CA LYS C 281 -20.19 13.67 23.40
C LYS C 281 -19.47 13.22 24.66
N GLN C 282 -19.42 14.09 25.66
CA GLN C 282 -18.82 13.77 26.93
C GLN C 282 -19.85 13.99 28.02
N SER C 283 -19.93 13.06 28.96
CA SER C 283 -20.74 13.19 30.15
C SER C 283 -19.89 12.80 31.34
N GLY C 284 -19.97 13.56 32.42
CA GLY C 284 -19.16 13.26 33.58
C GLY C 284 -19.85 13.69 34.86
N PHE C 285 -19.40 13.09 35.95
CA PHE C 285 -19.84 13.49 37.27
C PHE C 285 -18.62 13.51 38.19
N GLU C 286 -18.67 14.34 39.21
CA GLU C 286 -17.58 14.44 40.16
C GLU C 286 -18.15 14.55 41.56
N LEU C 287 -17.58 13.78 42.48
CA LEU C 287 -17.97 13.79 43.88
C LEU C 287 -16.78 14.20 44.72
N GLY C 288 -17.00 15.08 45.68
CA GLY C 288 -15.91 15.56 46.50
C GLY C 288 -16.33 15.75 47.94
N VAL C 289 -15.36 15.61 48.84
CA VAL C 289 -15.53 15.96 50.25
C VAL C 289 -14.33 16.78 50.67
N THR C 290 -14.52 17.58 51.71
CA THR C 290 -13.47 18.45 52.23
C THR C 290 -13.58 18.50 53.74
N GLY C 291 -12.45 18.37 54.42
CA GLY C 291 -12.43 18.49 55.86
C GLY C 291 -11.42 19.52 56.33
N GLY C 292 -11.90 20.61 56.93
CA GLY C 292 -11.03 21.69 57.35
C GLY C 292 -10.98 21.80 58.85
N ALA C 293 -9.84 22.25 59.36
CA ALA C 293 -9.62 22.45 60.79
C ALA C 293 -8.87 23.76 60.97
N GLU C 294 -9.56 24.79 61.41
CA GLU C 294 -8.96 26.10 61.63
C GLU C 294 -8.77 26.32 63.12
N VAL C 295 -7.54 26.60 63.52
CA VAL C 295 -7.19 26.83 64.92
C VAL C 295 -6.64 28.24 65.05
N SER C 296 -7.22 29.01 65.96
CA SER C 296 -6.80 30.38 66.19
C SER C 296 -7.07 30.74 67.65
N GLU C 297 -6.96 32.03 67.98
CA GLU C 297 -7.22 32.47 69.34
C GLU C 297 -8.69 32.29 69.71
N ASP C 298 -9.58 32.32 68.72
CA ASP C 298 -11.01 32.16 69.01
C ASP C 298 -11.31 30.75 69.51
N GLY C 299 -10.67 29.75 68.93
CA GLY C 299 -10.89 28.38 69.30
C GLY C 299 -10.94 27.46 68.10
N PRO C 300 -10.83 26.15 68.33
CA PRO C 300 -10.87 25.21 67.21
C PRO C 300 -12.16 25.34 66.42
N LYS C 301 -12.02 25.27 65.10
CA LYS C 301 -13.14 25.39 64.18
C LYS C 301 -13.02 24.30 63.13
N ALA C 302 -14.07 23.52 62.97
CA ALA C 302 -14.06 22.38 62.06
C ALA C 302 -15.04 22.62 60.92
N LYS C 303 -14.64 22.20 59.72
CA LYS C 303 -15.44 22.35 58.51
C LYS C 303 -15.59 21.01 57.83
N LEU C 304 -16.76 20.78 57.25
CA LEU C 304 -17.03 19.57 56.49
C LEU C 304 -17.86 19.97 55.28
N GLU C 305 -17.38 19.63 54.09
CA GLU C 305 -17.98 20.06 52.84
C GLU C 305 -18.15 18.88 51.91
N ALA C 306 -19.20 18.93 51.10
CA ALA C 306 -19.45 17.91 50.09
C ALA C 306 -19.82 18.61 48.79
N ARG C 307 -19.26 18.11 47.68
CA ARG C 307 -19.49 18.67 46.37
C ARG C 307 -19.97 17.58 45.43
N ALA C 308 -20.86 17.95 44.51
CA ALA C 308 -21.28 17.05 43.45
C ALA C 308 -21.43 17.88 42.19
N SER C 309 -20.78 17.46 41.12
CA SER C 309 -20.82 18.18 39.86
C SER C 309 -21.27 17.25 38.75
N ILE C 310 -21.91 17.84 37.74
CA ILE C 310 -22.36 17.13 36.56
C ILE C 310 -21.90 17.93 35.35
N THR C 311 -21.28 17.25 34.39
CA THR C 311 -20.69 17.93 33.24
C THR C 311 -21.20 17.29 31.97
N GLN C 312 -21.30 18.09 30.92
CA GLN C 312 -21.70 17.59 29.61
C GLN C 312 -21.11 18.51 28.57
N SER C 313 -20.41 17.94 27.60
CA SER C 313 -19.81 18.75 26.55
C SER C 313 -19.98 18.06 25.20
N ARG C 314 -19.98 18.86 24.15
CA ARG C 314 -20.07 18.37 22.78
C ARG C 314 -18.93 18.96 21.99
N TRP C 315 -18.31 18.13 21.16
CA TRP C 315 -17.25 18.56 20.27
C TRP C 315 -17.67 18.35 18.83
N LEU C 316 -17.21 19.21 17.94
CA LEU C 316 -17.38 19.05 16.51
C LEU C 316 -16.07 19.38 15.83
N THR C 317 -15.58 18.45 15.02
CA THR C 317 -14.30 18.61 14.35
C THR C 317 -14.47 18.41 12.86
N TYR C 318 -13.84 19.26 12.07
CA TYR C 318 -13.87 19.13 10.62
C TYR C 318 -12.67 19.87 10.05
N ASN C 319 -12.39 19.59 8.79
CA ASN C 319 -11.24 20.17 8.11
C ASN C 319 -11.68 21.26 7.15
N THR C 320 -10.87 22.31 7.06
CA THR C 320 -11.03 23.32 6.03
C THR C 320 -9.71 23.48 5.30
N GLN C 321 -9.74 24.23 4.22
CA GLN C 321 -8.54 24.64 3.51
C GLN C 321 -8.60 26.14 3.33
N ASP C 322 -7.50 26.74 2.91
CA ASP C 322 -7.62 28.15 2.60
C ASP C 322 -8.21 28.40 1.23
N TYR C 323 -8.23 27.40 0.35
CA TYR C 323 -8.95 27.51 -0.91
C TYR C 323 -9.75 26.23 -1.10
N ARG C 324 -11.05 26.36 -1.23
CA ARG C 324 -11.94 25.24 -1.44
C ARG C 324 -12.44 25.25 -2.87
N VAL C 325 -12.39 24.10 -3.51
CA VAL C 325 -12.88 23.95 -4.88
C VAL C 325 -14.39 23.83 -4.85
N GLU C 326 -15.07 24.66 -5.61
CA GLU C 326 -16.52 24.61 -5.72
C GLU C 326 -16.88 24.40 -7.18
N ARG C 327 -17.51 23.27 -7.47
CA ARG C 327 -17.93 22.92 -8.81
C ARG C 327 -19.37 23.36 -9.00
N ASN C 328 -19.65 24.01 -10.10
CA ASN C 328 -20.95 24.62 -10.36
C ASN C 328 -21.34 24.33 -11.80
N ALA C 329 -22.29 23.45 -11.99
CA ALA C 329 -22.70 23.03 -13.33
C ALA C 329 -24.10 23.54 -13.60
N LYS C 330 -24.20 24.66 -14.31
CA LYS C 330 -25.50 25.27 -14.55
C LYS C 330 -26.39 24.38 -15.41
N ASN C 331 -25.84 23.77 -16.45
CA ASN C 331 -26.61 22.91 -17.32
C ASN C 331 -25.65 21.90 -17.93
N ALA C 332 -26.14 21.16 -18.93
CA ALA C 332 -25.34 20.10 -19.52
C ALA C 332 -24.18 20.61 -20.34
N GLN C 333 -24.15 21.89 -20.68
CA GLN C 333 -23.11 22.42 -21.54
C GLN C 333 -22.06 23.23 -20.81
N THR C 334 -22.31 23.65 -19.58
CA THR C 334 -21.39 24.55 -18.90
C THR C 334 -21.12 24.06 -17.50
N VAL C 335 -19.85 24.10 -17.11
CA VAL C 335 -19.42 23.81 -15.75
C VAL C 335 -18.35 24.82 -15.39
N SER C 336 -18.36 25.28 -14.16
CA SER C 336 -17.34 26.19 -13.67
C SER C 336 -16.72 25.62 -12.41
N PHE C 337 -15.41 25.75 -12.30
CA PHE C 337 -14.68 25.39 -11.11
C PHE C 337 -14.16 26.66 -10.48
N THR C 338 -14.43 26.85 -9.20
CA THR C 338 -13.96 28.01 -8.48
C THR C 338 -13.16 27.57 -7.28
N TRP C 339 -11.95 28.06 -7.15
CA TRP C 339 -11.18 27.92 -5.93
C TRP C 339 -11.45 29.16 -5.10
N ASN C 340 -12.21 29.00 -4.04
CA ASN C 340 -12.68 30.11 -3.24
C ASN C 340 -11.95 30.12 -1.90
N ARG C 341 -11.54 31.30 -1.45
CA ARG C 341 -10.94 31.40 -0.13
C ARG C 341 -11.92 30.90 0.93
N GLN C 342 -11.45 30.00 1.78
CA GLN C 342 -12.33 29.45 2.80
C GLN C 342 -11.88 29.79 4.22
N GLU C 343 -10.67 29.43 4.62
CA GLU C 343 -10.30 29.54 6.03
C GLU C 343 -10.17 30.99 6.46
N TYR C 344 -9.43 31.80 5.70
CA TYR C 344 -9.31 33.22 5.97
C TYR C 344 -9.88 33.95 4.77
N ALA C 345 -11.20 34.04 4.72
CA ALA C 345 -11.87 34.61 3.56
C ALA C 345 -12.16 36.09 3.72
N THR C 346 -12.17 36.59 4.96
CA THR C 346 -12.55 37.97 5.23
C THR C 346 -11.34 38.74 5.73
N ALA C 347 -11.37 40.05 5.49
CA ALA C 347 -10.31 40.90 6.03
C ALA C 347 -10.30 40.88 7.54
N GLU C 348 -11.45 40.63 8.17
CA GLU C 348 -11.51 40.54 9.62
C GLU C 348 -10.71 39.35 10.14
N SER C 349 -10.77 38.23 9.44
CA SER C 349 -10.08 37.03 9.89
C SER C 349 -8.56 37.15 9.79
N LEU C 350 -8.06 38.16 9.08
CA LEU C 350 -6.63 38.34 8.93
C LEU C 350 -6.00 39.15 10.05
N LEU C 351 -6.81 39.68 10.97
CA LEU C 351 -6.28 40.47 12.06
C LEU C 351 -5.77 39.56 13.16
N ASN C 352 -4.51 39.73 13.55
CA ASN C 352 -3.96 38.96 14.65
C ASN C 352 -4.33 39.54 16.00
N ARG C 353 -4.80 40.77 16.05
CA ARG C 353 -5.23 41.41 17.28
C ARG C 353 -6.54 42.11 17.04
N SER C 354 -7.41 42.10 18.06
CA SER C 354 -8.73 42.69 17.93
C SER C 354 -8.88 44.01 18.68
N THR C 355 -8.05 44.26 19.68
CA THR C 355 -8.17 45.47 20.48
C THR C 355 -6.77 45.93 20.85
N ASP C 356 -6.63 47.23 21.11
CA ASP C 356 -5.34 47.78 21.47
C ASP C 356 -5.54 49.11 22.19
N ALA C 357 -4.46 49.57 22.81
CA ALA C 357 -4.45 50.87 23.45
C ALA C 357 -4.26 51.97 22.41
N LEU C 358 -4.60 53.20 22.80
CA LEU C 358 -4.64 54.30 21.85
C LEU C 358 -3.26 54.61 21.29
N TRP C 359 -2.22 54.55 22.12
CA TRP C 359 -0.90 54.89 21.62
C TRP C 359 -0.33 53.85 20.67
N VAL C 360 -0.92 52.67 20.58
CA VAL C 360 -0.42 51.64 19.68
C VAL C 360 -0.75 52.04 18.25
N ASP C 361 0.27 52.05 17.39
CA ASP C 361 0.10 52.39 15.98
C ASP C 361 0.95 51.40 15.18
N THR C 362 0.37 50.25 14.85
CA THR C 362 1.07 49.21 14.11
C THR C 362 0.11 48.56 13.14
N TYR C 363 0.68 47.90 12.16
CA TYR C 363 -0.09 47.14 11.20
C TYR C 363 -0.78 45.98 11.91
N PRO C 364 -2.11 45.91 11.91
CA PRO C 364 -2.81 44.87 12.67
C PRO C 364 -3.09 43.59 11.89
N VAL C 365 -2.55 43.42 10.69
CA VAL C 365 -2.82 42.27 9.86
C VAL C 365 -1.67 41.29 10.00
N ASP C 366 -2.00 40.02 10.19
CA ASP C 366 -0.99 38.96 10.21
C ASP C 366 -0.82 38.46 8.78
N VAL C 367 0.21 38.95 8.10
CA VAL C 367 0.43 38.58 6.71
C VAL C 367 0.83 37.13 6.58
N ASN C 368 1.26 36.48 7.65
CA ASN C 368 1.58 35.07 7.58
C ASN C 368 0.35 34.21 7.33
N ARG C 369 -0.83 34.73 7.59
CA ARG C 369 -2.04 34.00 7.29
C ARG C 369 -2.40 34.00 5.82
N ILE C 370 -1.75 34.84 5.02
CA ILE C 370 -1.99 34.88 3.59
C ILE C 370 -0.94 34.02 2.92
N SER C 371 -1.35 32.87 2.44
CA SER C 371 -0.44 31.93 1.81
C SER C 371 0.00 32.46 0.45
N PRO C 372 1.15 32.01 -0.04
CA PRO C 372 1.57 32.39 -1.39
C PRO C 372 0.60 31.92 -2.46
N LEU C 373 -0.24 30.94 -2.16
CA LEU C 373 -1.29 30.54 -3.07
C LEU C 373 -2.25 31.67 -3.38
N SER C 374 -2.34 32.66 -2.50
CA SER C 374 -3.25 33.78 -2.68
C SER C 374 -2.77 34.81 -3.69
N TYR C 375 -1.47 34.96 -3.86
CA TYR C 375 -0.97 36.00 -4.75
C TYR C 375 0.22 35.60 -5.60
N ALA C 376 1.03 34.62 -5.19
CA ALA C 376 2.32 34.42 -5.85
C ALA C 376 2.17 33.56 -7.09
N SER C 377 1.45 32.46 -6.99
CA SER C 377 1.26 31.57 -8.11
C SER C 377 0.14 30.60 -7.77
N PHE C 378 -0.81 30.47 -8.67
CA PHE C 378 -1.87 29.49 -8.52
C PHE C 378 -1.98 28.69 -9.80
N VAL C 379 -2.01 27.37 -9.67
CA VAL C 379 -2.19 26.49 -10.81
C VAL C 379 -3.35 25.56 -10.48
N PRO C 380 -4.45 25.62 -11.23
CA PRO C 380 -5.55 24.67 -11.00
C PRO C 380 -5.25 23.33 -11.63
N LYS C 381 -5.94 22.31 -11.14
CA LYS C 381 -5.89 20.98 -11.74
C LYS C 381 -7.32 20.55 -12.02
N MET C 382 -7.67 20.42 -13.28
CA MET C 382 -9.04 20.07 -13.61
C MET C 382 -9.13 19.47 -15.00
N ASP C 383 -10.12 18.62 -15.19
CA ASP C 383 -10.43 17.98 -16.45
C ASP C 383 -11.91 18.15 -16.74
N VAL C 384 -12.25 18.33 -18.01
CA VAL C 384 -13.62 18.32 -18.45
C VAL C 384 -13.70 17.44 -19.68
N ILE C 385 -14.64 16.51 -19.69
CA ILE C 385 -14.84 15.63 -20.82
C ILE C 385 -16.22 15.90 -21.40
N TYR C 386 -16.26 16.33 -22.63
CA TYR C 386 -17.51 16.50 -23.35
C TYR C 386 -17.74 15.30 -24.24
N LYS C 387 -19.00 15.01 -24.50
CA LYS C 387 -19.34 13.96 -25.43
C LYS C 387 -20.41 14.46 -26.37
N ALA C 388 -20.33 14.00 -27.61
CA ALA C 388 -21.35 14.26 -28.60
C ALA C 388 -21.87 12.94 -29.12
N SER C 389 -23.01 12.99 -29.78
CA SER C 389 -23.57 11.79 -30.38
C SER C 389 -22.62 11.25 -31.44
N ASP C 390 -22.64 9.94 -31.61
CA ASP C 390 -21.78 9.32 -32.60
C ASP C 390 -22.16 9.70 -34.02
N THR C 391 -23.32 10.30 -34.24
CA THR C 391 -23.72 10.78 -35.55
C THR C 391 -23.82 12.29 -35.61
N GLU C 392 -23.16 13.00 -34.71
CA GLU C 392 -23.24 14.45 -34.69
C GLU C 392 -22.60 15.04 -35.92
N THR C 393 -23.19 16.11 -36.43
CA THR C 393 -22.67 16.85 -37.57
C THR C 393 -22.51 18.31 -37.17
N GLY C 394 -21.98 19.11 -38.08
CA GLY C 394 -21.78 20.51 -37.79
C GLY C 394 -20.54 20.74 -36.96
N SER C 395 -20.54 21.87 -36.26
CA SER C 395 -19.40 22.26 -35.46
C SER C 395 -19.88 22.83 -34.14
N THR C 396 -18.94 22.99 -33.22
CA THR C 396 -19.23 23.49 -31.88
C THR C 396 -18.02 24.26 -31.39
N ASP C 397 -18.25 25.43 -30.80
CA ASP C 397 -17.19 26.21 -30.20
C ASP C 397 -17.14 25.94 -28.70
N PHE C 398 -15.95 25.63 -28.21
CA PHE C 398 -15.73 25.44 -26.78
C PHE C 398 -14.98 26.65 -26.26
N ILE C 399 -15.47 27.23 -25.18
CA ILE C 399 -14.90 28.44 -24.61
C ILE C 399 -14.39 28.11 -23.21
N ILE C 400 -13.18 28.57 -22.89
CA ILE C 400 -12.64 28.44 -21.56
C ILE C 400 -12.37 29.84 -21.02
N ASP C 401 -13.03 30.18 -19.92
CA ASP C 401 -12.88 31.47 -19.26
C ASP C 401 -12.08 31.28 -17.99
N SER C 402 -10.87 31.82 -17.95
CA SER C 402 -10.03 31.76 -16.77
C SER C 402 -9.97 33.15 -16.16
N SER C 403 -10.30 33.26 -14.88
CA SER C 403 -10.39 34.56 -14.25
C SER C 403 -9.90 34.49 -12.82
N VAL C 404 -9.52 35.64 -12.30
CA VAL C 404 -9.14 35.79 -10.90
C VAL C 404 -9.91 36.97 -10.35
N ASN C 405 -10.48 36.78 -9.16
CA ASN C 405 -11.22 37.82 -8.47
C ASN C 405 -10.25 38.58 -7.57
N ILE C 406 -9.76 39.71 -8.06
CA ILE C 406 -8.74 40.47 -7.34
C ILE C 406 -9.40 41.28 -6.24
N ARG C 407 -8.88 41.17 -5.02
CA ARG C 407 -9.49 41.80 -3.87
C ARG C 407 -8.46 42.53 -3.03
N PRO C 408 -8.47 43.86 -3.00
CA PRO C 408 -7.64 44.58 -2.03
C PRO C 408 -8.19 44.41 -0.62
N ILE C 409 -7.31 44.51 0.35
CA ILE C 409 -7.65 44.28 1.75
C ILE C 409 -7.62 45.62 2.47
N TYR C 410 -8.73 45.96 3.13
CA TYR C 410 -8.85 47.20 3.86
C TYR C 410 -9.17 46.89 5.32
N ASN C 411 -8.42 47.49 6.23
CA ASN C 411 -8.68 47.36 7.65
C ASN C 411 -8.69 48.74 8.27
N GLY C 412 -9.49 48.91 9.31
CA GLY C 412 -9.62 50.18 9.98
C GLY C 412 -9.53 50.02 11.48
N ALA C 413 -9.10 51.09 12.13
CA ALA C 413 -9.05 51.17 13.59
C ALA C 413 -10.14 52.11 14.06
N TYR C 414 -10.97 51.63 14.97
CA TYR C 414 -12.11 52.39 15.48
C TYR C 414 -11.81 52.86 16.90
N LYS C 415 -12.04 54.13 17.17
CA LYS C 415 -11.78 54.70 18.48
C LYS C 415 -13.01 54.54 19.36
N HIS C 416 -12.86 53.81 20.45
CA HIS C 416 -13.94 53.61 21.42
C HIS C 416 -13.58 54.36 22.69
N TYR C 417 -14.29 55.45 22.96
CA TYR C 417 -14.05 56.25 24.15
C TYR C 417 -14.98 55.78 25.26
N TYR C 418 -14.39 55.19 26.30
CA TYR C 418 -15.10 54.78 27.49
C TYR C 418 -14.49 55.45 28.70
N VAL C 419 -15.35 55.80 29.66
CA VAL C 419 -14.86 56.47 30.87
C VAL C 419 -13.91 55.56 31.64
N VAL C 420 -14.19 54.26 31.66
CA VAL C 420 -13.28 53.31 32.30
C VAL C 420 -11.94 53.29 31.57
N GLY C 421 -11.98 53.25 30.24
CA GLY C 421 -10.77 53.25 29.45
C GLY C 421 -11.03 53.35 27.96
N ALA C 422 -10.28 54.21 27.27
CA ALA C 422 -10.40 54.37 25.84
C ALA C 422 -9.45 53.42 25.13
N HIS C 423 -9.98 52.68 24.16
CA HIS C 423 -9.23 51.70 23.41
C HIS C 423 -9.60 51.81 21.94
N GLN C 424 -8.83 51.12 21.09
CA GLN C 424 -9.12 51.05 19.67
C GLN C 424 -9.39 49.61 19.29
N SER C 425 -10.41 49.39 18.47
CA SER C 425 -10.75 48.08 17.98
C SER C 425 -10.55 48.02 16.47
N TYR C 426 -9.96 46.94 16.00
CA TYR C 426 -9.64 46.78 14.60
C TYR C 426 -10.77 46.07 13.88
N HIS C 427 -11.08 46.55 12.68
CA HIS C 427 -12.15 45.99 11.89
C HIS C 427 -11.68 45.79 10.45
N GLY C 428 -12.25 44.78 9.81
CA GLY C 428 -12.04 44.56 8.38
C GLY C 428 -13.33 44.90 7.65
N PHE C 429 -13.18 45.42 6.45
CA PHE C 429 -14.33 45.82 5.63
C PHE C 429 -14.51 44.79 4.53
N GLU C 430 -15.70 44.21 4.47
CA GLU C 430 -15.99 43.17 3.48
C GLU C 430 -16.69 43.70 2.23
N ASN C 431 -17.30 44.86 2.30
CA ASN C 431 -17.96 45.45 1.14
C ASN C 431 -16.99 46.22 0.26
N SER C 432 -15.70 46.06 0.47
CA SER C 432 -14.72 46.73 -0.34
C SER C 432 -14.75 46.20 -1.77
N PRO C 433 -14.28 46.97 -2.74
CA PRO C 433 -14.41 46.56 -4.14
C PRO C 433 -13.58 45.34 -4.47
N ARG C 434 -14.05 44.60 -5.47
CA ARG C 434 -13.33 43.51 -6.08
C ARG C 434 -13.43 43.65 -7.59
N ARG C 435 -12.41 43.18 -8.29
CA ARG C 435 -12.39 43.22 -9.74
C ARG C 435 -12.04 41.86 -10.27
N ARG C 436 -12.85 41.36 -11.20
CA ARG C 436 -12.59 40.08 -11.85
C ARG C 436 -11.87 40.34 -13.17
N ILE C 437 -10.72 39.72 -13.36
CA ILE C 437 -9.93 39.85 -14.56
C ILE C 437 -9.97 38.52 -15.28
N THR C 438 -10.49 38.52 -16.51
CA THR C 438 -10.76 37.30 -17.25
C THR C 438 -9.94 37.25 -18.53
N LYS C 439 -9.58 36.04 -18.93
CA LYS C 439 -9.06 35.78 -20.26
C LYS C 439 -9.81 34.61 -20.85
N SER C 440 -10.35 34.79 -22.04
CA SER C 440 -11.14 33.78 -22.71
C SER C 440 -10.33 33.12 -23.81
N ALA C 441 -10.36 31.80 -23.85
CA ALA C 441 -9.80 31.04 -24.96
C ALA C 441 -10.90 30.18 -25.56
N SER C 442 -10.80 29.95 -26.86
CA SER C 442 -11.81 29.15 -27.51
C SER C 442 -11.19 28.35 -28.63
N PHE C 443 -11.84 27.24 -28.97
CA PHE C 443 -11.46 26.45 -30.13
C PHE C 443 -12.73 25.85 -30.70
N THR C 444 -12.69 25.55 -31.99
CA THR C 444 -13.83 25.01 -32.70
C THR C 444 -13.59 23.55 -33.00
N VAL C 445 -14.59 22.72 -32.75
CA VAL C 445 -14.55 21.31 -33.06
C VAL C 445 -15.53 21.06 -34.18
N ASP C 446 -15.04 20.54 -35.29
CA ASP C 446 -15.89 20.09 -36.37
C ASP C 446 -16.19 18.62 -36.16
N TRP C 447 -17.45 18.29 -35.92
CA TRP C 447 -17.80 16.93 -35.57
C TRP C 447 -17.62 15.95 -36.71
N ASP C 448 -17.40 16.44 -37.92
CA ASP C 448 -17.10 15.59 -39.06
C ASP C 448 -15.62 15.42 -39.30
N HIS C 449 -14.79 15.79 -38.33
CA HIS C 449 -13.36 15.59 -38.45
C HIS C 449 -13.06 14.10 -38.55
N PRO C 450 -12.07 13.71 -39.34
CA PRO C 450 -11.77 12.28 -39.48
C PRO C 450 -11.35 11.60 -38.20
N VAL C 451 -10.89 12.35 -37.19
CA VAL C 451 -10.51 11.71 -35.94
C VAL C 451 -11.70 11.07 -35.27
N PHE C 452 -12.90 11.55 -35.55
CA PHE C 452 -14.09 11.04 -34.90
C PHE C 452 -14.63 9.79 -35.57
N THR C 453 -14.02 9.33 -36.65
CA THR C 453 -14.32 8.00 -37.14
C THR C 453 -13.69 6.92 -36.29
N GLY C 454 -12.61 7.24 -35.58
CA GLY C 454 -11.92 6.26 -34.79
C GLY C 454 -10.97 5.38 -35.56
N GLY C 455 -10.79 5.62 -36.85
CA GLY C 455 -9.92 4.78 -37.64
C GLY C 455 -8.70 5.50 -38.15
N ARG C 456 -7.70 4.76 -38.56
CA ARG C 456 -6.49 5.36 -39.11
C ARG C 456 -6.53 5.25 -40.62
N PRO C 457 -6.71 6.35 -41.34
CA PRO C 457 -6.91 6.27 -42.78
C PRO C 457 -5.63 6.01 -43.54
N VAL C 458 -5.79 5.52 -44.76
CA VAL C 458 -4.71 5.31 -45.70
C VAL C 458 -5.12 5.94 -47.02
N ASN C 459 -4.14 6.13 -47.88
CA ASN C 459 -4.43 6.58 -49.24
C ASN C 459 -4.17 5.44 -50.21
N LEU C 460 -4.74 5.56 -51.41
CA LEU C 460 -4.55 4.59 -52.47
C LEU C 460 -3.77 5.29 -53.58
N GLN C 461 -2.47 5.05 -53.63
CA GLN C 461 -1.61 5.72 -54.59
C GLN C 461 -1.47 4.87 -55.84
N LEU C 462 -1.75 5.46 -56.99
CA LEU C 462 -1.61 4.76 -58.26
C LEU C 462 -0.14 4.75 -58.64
N ALA C 463 0.49 3.59 -58.53
CA ALA C 463 1.94 3.51 -58.52
C ALA C 463 2.56 3.53 -59.90
N SER C 464 1.77 3.56 -60.97
CA SER C 464 2.38 3.78 -62.27
C SER C 464 2.78 5.24 -62.45
N PHE C 465 2.15 6.13 -61.72
CA PHE C 465 2.54 7.53 -61.69
C PHE C 465 3.50 7.79 -60.56
N ASN C 466 4.26 8.88 -60.69
CA ASN C 466 5.13 9.27 -59.59
C ASN C 466 4.32 9.82 -58.43
N ASN C 467 3.29 10.60 -58.69
CA ASN C 467 2.52 11.23 -57.62
C ASN C 467 1.07 11.38 -58.08
N ARG C 468 0.26 10.36 -57.80
CA ARG C 468 -1.15 10.38 -58.12
C ARG C 468 -1.90 9.51 -57.12
N CYS C 469 -2.94 10.05 -56.51
CA CYS C 469 -3.72 9.32 -55.54
C CYS C 469 -5.19 9.36 -55.92
N VAL C 470 -5.93 8.37 -55.46
CA VAL C 470 -7.37 8.37 -55.63
C VAL C 470 -7.97 9.44 -54.75
N GLN C 471 -8.81 10.29 -55.32
CA GLN C 471 -9.42 11.39 -54.58
C GLN C 471 -10.91 11.42 -54.82
N VAL C 472 -11.65 11.73 -53.78
CA VAL C 472 -13.11 11.87 -53.84
C VAL C 472 -13.45 13.35 -53.85
N ASP C 473 -14.28 13.77 -54.80
CA ASP C 473 -14.71 15.15 -54.82
C ASP C 473 -16.03 15.28 -54.05
N ALA C 474 -16.68 16.43 -54.20
CA ALA C 474 -17.84 16.73 -53.37
C ALA C 474 -19.01 15.80 -53.65
N GLN C 475 -19.24 15.46 -54.91
CA GLN C 475 -20.36 14.62 -55.28
C GLN C 475 -20.00 13.14 -55.40
N SER C 476 -18.91 12.72 -54.78
CA SER C 476 -18.60 11.31 -54.66
C SER C 476 -17.82 10.71 -55.81
N ARG C 477 -17.52 11.48 -56.85
CA ARG C 477 -16.78 10.92 -57.97
C ARG C 477 -15.32 10.75 -57.63
N LEU C 478 -14.68 9.81 -58.31
CA LEU C 478 -13.28 9.46 -58.06
C LEU C 478 -12.41 9.99 -59.17
N THR C 479 -11.31 10.63 -58.79
CA THR C 479 -10.33 11.11 -59.75
C THR C 479 -8.94 10.81 -59.19
N ALA C 480 -7.94 10.97 -60.05
CA ALA C 480 -6.55 10.83 -59.65
C ALA C 480 -5.93 12.21 -59.57
N ASN C 481 -5.46 12.58 -58.39
CA ASN C 481 -4.84 13.87 -58.17
C ASN C 481 -3.49 13.66 -57.49
N THR C 482 -2.68 14.71 -57.47
CA THR C 482 -1.40 14.64 -56.78
C THR C 482 -1.65 14.37 -55.30
N CYS C 483 -0.92 13.42 -54.75
CA CYS C 483 -1.16 13.00 -53.38
C CYS C 483 -0.83 14.11 -52.41
N ASP C 484 -1.68 14.25 -51.40
CA ASP C 484 -1.46 15.16 -50.28
C ASP C 484 -1.70 14.38 -49.01
N ASP C 485 -0.68 14.30 -48.15
CA ASP C 485 -0.76 13.45 -46.97
C ASP C 485 -1.81 13.93 -45.99
N GLN C 486 -2.20 15.20 -46.04
CA GLN C 486 -3.16 15.75 -45.10
C GLN C 486 -4.53 15.96 -45.72
N GLN C 487 -4.73 15.54 -46.95
CA GLN C 487 -6.01 15.69 -47.61
C GLN C 487 -6.92 14.54 -47.18
N SER C 488 -8.00 14.87 -46.47
CA SER C 488 -8.93 13.83 -46.05
C SER C 488 -9.76 13.30 -47.20
N ALA C 489 -9.84 14.04 -48.31
CA ALA C 489 -10.52 13.53 -49.49
C ALA C 489 -9.77 12.41 -50.18
N GLN C 490 -8.51 12.18 -49.81
CA GLN C 490 -7.73 11.08 -50.34
C GLN C 490 -7.50 9.98 -49.32
N SER C 491 -8.27 9.99 -48.24
CA SER C 491 -8.06 9.07 -47.14
C SER C 491 -9.20 8.06 -47.09
N PHE C 492 -8.84 6.81 -46.86
CA PHE C 492 -9.81 5.73 -46.75
C PHE C 492 -9.48 4.90 -45.53
N ILE C 493 -10.51 4.37 -44.89
CA ILE C 493 -10.33 3.46 -43.78
C ILE C 493 -10.55 2.04 -44.29
N TYR C 494 -9.56 1.18 -44.06
CA TYR C 494 -9.65 -0.22 -44.42
C TYR C 494 -10.29 -0.96 -43.27
N ASP C 495 -11.58 -1.27 -43.38
CA ASP C 495 -12.34 -1.76 -42.25
C ASP C 495 -12.24 -3.28 -42.13
N GLN C 496 -12.99 -3.83 -41.18
CA GLN C 496 -12.89 -5.25 -40.87
C GLN C 496 -13.39 -6.11 -42.02
N LEU C 497 -14.44 -5.67 -42.70
CA LEU C 497 -14.97 -6.41 -43.83
C LEU C 497 -14.02 -6.42 -45.00
N GLY C 498 -13.04 -5.53 -45.03
CA GLY C 498 -12.21 -5.35 -46.20
C GLY C 498 -12.65 -4.25 -47.12
N ARG C 499 -13.53 -3.37 -46.67
CA ARG C 499 -13.98 -2.25 -47.48
C ARG C 499 -13.08 -1.05 -47.28
N TYR C 500 -13.03 -0.19 -48.28
CA TYR C 500 -12.31 1.07 -48.22
C TYR C 500 -13.35 2.17 -48.10
N VAL C 501 -13.66 2.56 -46.91
CA VAL C 501 -14.66 3.58 -46.69
C VAL C 501 -13.97 4.93 -46.69
N SER C 502 -14.64 5.92 -47.26
CA SER C 502 -14.09 7.26 -47.30
C SER C 502 -13.95 7.81 -45.89
N ALA C 503 -12.80 8.41 -45.59
CA ALA C 503 -12.59 8.92 -44.25
C ALA C 503 -13.40 10.18 -44.00
N SER C 504 -13.71 10.93 -45.05
CA SER C 504 -14.53 12.13 -44.89
C SER C 504 -16.01 11.83 -44.81
N ASN C 505 -16.43 10.62 -45.19
CA ASN C 505 -17.83 10.22 -45.11
C ASN C 505 -17.86 8.71 -45.03
N THR C 506 -18.02 8.20 -43.83
CA THR C 506 -17.91 6.75 -43.67
C THR C 506 -19.10 6.01 -44.17
N GLU C 507 -20.04 6.64 -44.85
CA GLU C 507 -21.15 5.94 -45.46
C GLU C 507 -20.90 5.61 -46.92
N LEU C 508 -19.72 5.93 -47.44
CA LEU C 508 -19.39 5.72 -48.84
C LEU C 508 -18.21 4.78 -48.95
N CYS C 509 -18.31 3.82 -49.87
CA CYS C 509 -17.29 2.81 -50.09
C CYS C 509 -16.77 2.86 -51.51
N LEU C 510 -15.57 2.32 -51.67
CA LEU C 510 -15.03 2.02 -52.99
C LEU C 510 -15.63 0.71 -53.46
N ASP C 511 -16.45 0.75 -54.50
CA ASP C 511 -17.20 -0.40 -54.99
C ASP C 511 -16.64 -0.84 -56.33
N GLY C 512 -16.33 -2.14 -56.44
CA GLY C 512 -15.77 -2.66 -57.67
C GLY C 512 -16.76 -2.74 -58.80
N ALA C 513 -18.06 -2.66 -58.51
CA ALA C 513 -19.05 -2.69 -59.58
C ALA C 513 -19.04 -1.41 -60.39
N ALA C 514 -18.81 -0.27 -59.73
CA ALA C 514 -18.80 1.03 -60.41
C ALA C 514 -17.66 1.85 -59.82
N LEU C 515 -16.49 1.80 -60.45
CA LEU C 515 -15.30 2.44 -59.91
C LEU C 515 -15.10 3.85 -60.46
N ASP C 516 -16.15 4.65 -60.44
CA ASP C 516 -16.05 6.04 -60.82
C ASP C 516 -16.68 6.96 -59.81
N VAL C 517 -17.56 6.44 -58.97
CA VAL C 517 -18.19 7.20 -57.91
C VAL C 517 -18.30 6.29 -56.70
N LEU C 518 -18.05 6.84 -55.51
CA LEU C 518 -18.21 6.06 -54.30
C LEU C 518 -19.67 5.64 -54.13
N GLN C 519 -19.87 4.44 -53.61
CA GLN C 519 -21.20 3.90 -53.39
C GLN C 519 -21.47 3.78 -51.90
N THR C 520 -22.75 3.71 -51.56
CA THR C 520 -23.14 3.53 -50.18
C THR C 520 -22.64 2.20 -49.65
N CYS C 521 -22.09 2.22 -48.44
CA CYS C 521 -21.60 0.99 -47.83
C CYS C 521 -22.73 0.00 -47.63
N ASN C 522 -22.52 -1.22 -48.08
CA ASN C 522 -23.45 -2.31 -47.80
C ASN C 522 -22.64 -3.58 -47.76
N GLN C 523 -23.31 -4.72 -47.91
CA GLN C 523 -22.66 -6.01 -47.83
C GLN C 523 -22.28 -6.56 -49.19
N ASN C 524 -22.28 -5.73 -50.23
CA ASN C 524 -21.88 -6.18 -51.54
C ASN C 524 -20.48 -6.78 -51.48
N LEU C 525 -20.30 -7.93 -52.13
CA LEU C 525 -18.97 -8.50 -52.20
C LEU C 525 -18.04 -7.70 -53.10
N THR C 526 -18.60 -6.92 -54.02
CA THR C 526 -17.77 -6.05 -54.84
C THR C 526 -17.18 -4.89 -54.06
N GLN C 527 -17.65 -4.65 -52.84
CA GLN C 527 -17.08 -3.60 -52.02
C GLN C 527 -15.99 -4.09 -51.10
N ARG C 528 -15.61 -5.35 -51.19
CA ARG C 528 -14.59 -5.92 -50.33
C ARG C 528 -13.33 -6.16 -51.11
N TRP C 529 -12.19 -5.81 -50.52
CA TRP C 529 -10.90 -5.88 -51.19
C TRP C 529 -9.92 -6.60 -50.30
N GLU C 530 -9.01 -7.33 -50.92
CA GLU C 530 -7.92 -7.94 -50.19
C GLU C 530 -6.64 -7.74 -50.97
N TRP C 531 -5.54 -7.63 -50.25
CA TRP C 531 -4.24 -7.40 -50.86
C TRP C 531 -3.63 -8.74 -51.25
N ARG C 532 -3.28 -8.88 -52.52
CA ARG C 532 -2.55 -10.06 -52.96
C ARG C 532 -1.21 -10.10 -52.25
N LYS C 533 -0.86 -11.25 -51.71
CA LYS C 533 0.27 -11.34 -50.81
C LYS C 533 1.59 -11.08 -51.52
N ASN C 534 2.46 -10.31 -50.87
CA ASN C 534 3.79 -9.97 -51.36
C ASN C 534 3.77 -9.23 -52.69
N THR C 535 2.70 -8.51 -52.98
CA THR C 535 2.61 -7.73 -54.21
C THR C 535 1.95 -6.40 -53.88
N ASP C 536 1.82 -5.58 -54.91
CA ASP C 536 1.13 -4.30 -54.81
C ASP C 536 -0.20 -4.34 -55.54
N GLU C 537 -0.87 -5.48 -55.50
CA GLU C 537 -2.14 -5.67 -56.18
C GLU C 537 -3.27 -5.71 -55.16
N LEU C 538 -4.31 -4.94 -55.42
CA LEU C 538 -5.52 -4.95 -54.64
C LEU C 538 -6.58 -5.70 -55.43
N THR C 539 -7.09 -6.78 -54.89
CA THR C 539 -8.02 -7.64 -55.60
C THR C 539 -9.41 -7.54 -55.00
N ASN C 540 -10.41 -7.60 -55.87
CA ASN C 540 -11.80 -7.58 -55.44
C ASN C 540 -12.21 -8.95 -54.95
N VAL C 541 -12.97 -8.99 -53.86
CA VAL C 541 -13.34 -10.27 -53.27
C VAL C 541 -14.33 -11.01 -54.16
N TYR C 542 -15.27 -10.28 -54.77
CA TYR C 542 -16.34 -10.93 -55.51
C TYR C 542 -15.81 -11.69 -56.71
N SER C 543 -15.02 -11.03 -57.56
CA SER C 543 -14.59 -11.62 -58.81
C SER C 543 -13.14 -12.07 -58.81
N GLY C 544 -12.34 -11.64 -57.85
CA GLY C 544 -10.94 -11.95 -57.85
C GLY C 544 -10.11 -11.08 -58.76
N GLU C 545 -10.72 -10.18 -59.50
CA GLU C 545 -9.98 -9.28 -60.37
C GLU C 545 -9.23 -8.24 -59.56
N SER C 546 -8.18 -7.70 -60.14
CA SER C 546 -7.35 -6.71 -59.46
C SER C 546 -7.78 -5.31 -59.83
N LEU C 547 -7.57 -4.39 -58.90
CA LEU C 547 -7.84 -2.99 -59.17
C LEU C 547 -6.71 -2.42 -60.01
N GLY C 548 -7.04 -1.91 -61.19
CA GLY C 548 -6.08 -1.33 -62.08
C GLY C 548 -6.49 0.08 -62.45
N HIS C 549 -5.52 0.85 -62.93
CA HIS C 549 -5.77 2.22 -63.34
C HIS C 549 -5.16 2.44 -64.71
N ASP C 550 -5.82 3.28 -65.49
CA ASP C 550 -5.29 3.65 -66.79
C ASP C 550 -3.97 4.40 -66.62
N LYS C 551 -2.98 4.01 -67.42
CA LYS C 551 -1.65 4.59 -67.27
C LYS C 551 -1.57 6.04 -67.69
N GLN C 552 -2.58 6.57 -68.35
CA GLN C 552 -2.58 7.96 -68.80
C GLN C 552 -3.44 8.87 -67.92
N THR C 553 -4.64 8.43 -67.56
CA THR C 553 -5.56 9.27 -66.81
C THR C 553 -5.78 8.80 -65.38
N GLY C 554 -5.36 7.59 -65.03
CA GLY C 554 -5.60 7.10 -63.70
C GLY C 554 -7.02 6.67 -63.42
N GLU C 555 -7.81 6.41 -64.47
CA GLU C 555 -9.17 5.94 -64.26
C GLU C 555 -9.16 4.51 -63.75
N LEU C 556 -9.92 4.26 -62.68
CA LEU C 556 -9.91 2.96 -62.05
C LEU C 556 -10.75 1.95 -62.82
N GLY C 557 -10.44 0.68 -62.62
CA GLY C 557 -11.18 -0.39 -63.25
C GLY C 557 -10.74 -1.72 -62.65
N LEU C 558 -11.46 -2.77 -63.02
CA LEU C 558 -11.16 -4.12 -62.59
C LEU C 558 -10.63 -4.90 -63.78
N TYR C 559 -9.49 -5.56 -63.60
CA TYR C 559 -8.84 -6.27 -64.69
C TYR C 559 -8.29 -7.58 -64.19
N ALA C 560 -8.40 -8.61 -65.03
CA ALA C 560 -7.77 -9.89 -64.72
C ALA C 560 -6.26 -9.77 -64.73
N SER C 561 -5.71 -9.02 -65.68
CA SER C 561 -4.28 -8.84 -65.76
C SER C 561 -3.98 -7.49 -66.39
N SER C 562 -2.78 -7.00 -66.14
CA SER C 562 -2.36 -5.72 -66.69
C SER C 562 -2.08 -5.85 -68.18
N ASN C 563 -2.10 -4.72 -68.85
CA ASN C 563 -1.73 -4.64 -70.26
C ASN C 563 -0.92 -3.38 -70.45
N ASP C 564 -0.75 -2.96 -71.71
CA ASP C 564 0.05 -1.78 -71.99
C ASP C 564 -0.60 -0.52 -71.43
N ALA C 565 -1.91 -0.43 -71.48
CA ALA C 565 -2.61 0.77 -71.07
C ALA C 565 -3.03 0.77 -69.61
N VAL C 566 -2.87 -0.34 -68.90
CA VAL C 566 -3.43 -0.50 -67.56
C VAL C 566 -2.35 -1.02 -66.64
N SER C 567 -2.21 -0.40 -65.47
CA SER C 567 -1.28 -0.84 -64.45
C SER C 567 -2.06 -1.37 -63.25
N LEU C 568 -1.55 -2.43 -62.65
CA LEU C 568 -2.19 -3.02 -61.48
C LEU C 568 -1.45 -2.69 -60.19
N ARG C 569 -0.55 -1.73 -60.20
CA ARG C 569 0.28 -1.43 -59.04
C ARG C 569 -0.40 -0.38 -58.18
N THR C 570 -0.75 -0.76 -56.96
CA THR C 570 -1.36 0.15 -56.00
C THR C 570 -0.53 0.15 -54.73
N ILE C 571 -0.23 1.34 -54.24
CA ILE C 571 0.57 1.51 -53.04
C ILE C 571 -0.27 2.27 -52.02
N THR C 572 -0.25 1.79 -50.79
CA THR C 572 -1.04 2.39 -49.73
C THR C 572 -0.13 2.81 -48.58
N ALA C 573 -0.45 3.93 -47.95
CA ALA C 573 0.30 4.41 -46.82
C ALA C 573 -0.62 5.19 -45.90
N TYR C 574 -0.28 5.21 -44.62
CA TYR C 574 -1.09 5.95 -43.66
C TYR C 574 -0.96 7.45 -43.91
N THR C 575 -2.09 8.13 -43.84
CA THR C 575 -2.12 9.58 -44.03
C THR C 575 -2.26 10.27 -42.68
N ASN C 576 -1.82 11.51 -42.64
CA ASN C 576 -1.85 12.30 -41.42
C ASN C 576 -2.97 13.32 -41.53
N VAL C 577 -4.17 12.89 -41.17
CA VAL C 577 -5.33 13.75 -41.16
C VAL C 577 -5.71 14.19 -39.75
N PHE C 578 -4.81 14.01 -38.79
CA PHE C 578 -5.09 14.27 -37.39
C PHE C 578 -4.46 15.56 -36.90
N ASN C 579 -4.36 16.55 -37.77
CA ASN C 579 -3.96 17.88 -37.39
C ASN C 579 -5.22 18.73 -37.20
N VAL C 580 -5.18 19.60 -36.20
CA VAL C 580 -6.35 20.43 -35.91
C VAL C 580 -6.52 21.44 -37.04
N GLN C 581 -7.66 21.37 -37.72
CA GLN C 581 -7.92 22.26 -38.84
C GLN C 581 -9.32 22.86 -38.76
N SER D 134 -14.54 -12.95 -29.63
CA SER D 134 -14.24 -13.96 -28.63
C SER D 134 -14.77 -13.56 -27.27
N THR D 135 -14.59 -12.29 -26.91
CA THR D 135 -15.04 -11.81 -25.61
C THR D 135 -16.55 -11.60 -25.63
N LEU D 136 -17.07 -11.30 -24.45
CA LEU D 136 -18.50 -11.21 -24.25
C LEU D 136 -19.04 -9.91 -24.83
N PRO D 137 -20.08 -9.97 -25.67
CA PRO D 137 -20.62 -8.74 -26.25
C PRO D 137 -21.53 -8.00 -25.30
N HIS D 138 -21.63 -6.70 -25.51
CA HIS D 138 -22.48 -5.83 -24.71
C HIS D 138 -23.34 -4.98 -25.61
N VAL D 139 -24.45 -4.54 -25.07
CA VAL D 139 -25.21 -3.42 -25.61
C VAL D 139 -25.00 -2.28 -24.63
N ALA D 140 -24.36 -1.21 -25.08
CA ALA D 140 -24.01 -0.10 -24.22
C ALA D 140 -24.57 1.18 -24.81
N PHE D 141 -25.23 1.99 -23.99
CA PHE D 141 -25.73 3.27 -24.44
C PHE D 141 -25.86 4.20 -23.25
N TYR D 142 -25.96 5.49 -23.55
CA TYR D 142 -26.12 6.53 -22.57
C TYR D 142 -27.58 6.96 -22.52
N ILE D 143 -28.05 7.29 -21.33
CA ILE D 143 -29.36 7.90 -21.16
C ILE D 143 -29.15 9.27 -20.55
N SER D 144 -29.50 10.31 -21.30
CA SER D 144 -29.40 11.68 -20.81
C SER D 144 -30.69 12.05 -20.11
N VAL D 145 -30.56 12.59 -18.91
CA VAL D 145 -31.69 13.02 -18.11
C VAL D 145 -31.53 14.52 -17.92
N ASN D 146 -32.18 15.30 -18.75
CA ASN D 146 -32.10 16.75 -18.71
C ASN D 146 -33.45 17.33 -18.33
N ARG D 147 -33.48 18.12 -17.29
CA ARG D 147 -34.72 18.69 -16.78
C ARG D 147 -34.42 20.06 -16.21
N PRO D 148 -34.69 21.12 -16.97
CA PRO D 148 -34.62 22.45 -16.38
C PRO D 148 -35.80 22.67 -15.45
N ILE D 149 -35.53 23.30 -14.32
CA ILE D 149 -36.54 23.55 -13.31
C ILE D 149 -37.01 24.99 -13.46
N SER D 150 -38.29 25.17 -13.73
CA SER D 150 -38.82 26.49 -14.03
C SER D 150 -38.85 27.35 -12.78
N ASP D 151 -39.04 28.65 -13.00
CA ASP D 151 -39.10 29.60 -11.89
C ASP D 151 -40.29 29.32 -10.99
N GLU D 152 -41.44 29.01 -11.58
CA GLU D 152 -42.61 28.70 -10.77
C GLU D 152 -42.48 27.36 -10.06
N GLU D 153 -41.67 26.45 -10.58
CA GLU D 153 -41.53 25.15 -9.94
C GLU D 153 -40.81 25.23 -8.60
N CYS D 154 -40.07 26.30 -8.35
CA CYS D 154 -39.50 26.52 -7.03
C CYS D 154 -39.73 27.95 -6.58
N THR D 155 -40.97 28.39 -6.71
CA THR D 155 -41.44 29.62 -6.09
C THR D 155 -42.16 29.27 -4.80
N PHE D 156 -41.68 29.83 -3.69
CA PHE D 156 -42.26 29.59 -2.38
C PHE D 156 -42.70 30.92 -1.78
N ASP D 157 -43.45 30.84 -0.69
CA ASP D 157 -43.87 32.04 0.01
C ASP D 157 -42.64 32.76 0.57
N ASN D 158 -42.66 34.09 0.49
CA ASN D 158 -41.54 34.88 0.97
C ASN D 158 -41.32 34.70 2.46
N SER D 159 -42.38 34.39 3.20
CA SER D 159 -42.29 34.24 4.63
C SER D 159 -43.10 33.02 5.05
N TRP D 160 -42.73 32.46 6.19
CA TRP D 160 -43.44 31.32 6.76
C TRP D 160 -44.41 31.72 7.85
N LEU D 161 -44.08 32.75 8.64
CA LEU D 161 -44.99 33.21 9.68
C LEU D 161 -46.12 34.05 9.11
N TRP D 162 -45.86 34.81 8.07
CA TRP D 162 -46.83 35.70 7.45
C TRP D 162 -46.96 35.37 5.98
N LYS D 163 -47.18 34.09 5.69
CA LYS D 163 -47.13 33.60 4.32
C LYS D 163 -48.16 34.29 3.42
N ASP D 164 -49.24 34.78 3.99
CA ASP D 164 -50.28 35.40 3.19
C ASP D 164 -50.05 36.89 2.94
N GLU D 165 -49.05 37.49 3.58
CA GLU D 165 -48.84 38.93 3.48
C GLU D 165 -47.65 39.33 2.64
N LYS D 166 -46.58 38.56 2.67
CA LYS D 166 -45.32 39.00 2.07
C LYS D 166 -45.12 38.51 0.64
N GLY D 167 -46.08 37.78 0.08
CA GLY D 167 -45.95 37.35 -1.29
C GLY D 167 -45.03 36.16 -1.45
N SER D 168 -44.57 35.98 -2.69
CA SER D 168 -43.75 34.83 -3.04
C SER D 168 -42.64 35.27 -3.98
N ARG D 169 -41.63 34.43 -4.10
CA ARG D 169 -40.48 34.74 -4.94
C ARG D 169 -39.84 33.43 -5.36
N PRO D 170 -39.04 33.43 -6.43
CA PRO D 170 -38.31 32.22 -6.81
C PRO D 170 -37.10 32.03 -5.91
N PHE D 171 -36.98 30.83 -5.35
CA PHE D 171 -35.89 30.52 -4.43
C PHE D 171 -34.72 29.84 -5.12
N CYS D 172 -34.76 29.71 -6.44
CA CYS D 172 -33.68 29.10 -7.19
C CYS D 172 -33.13 30.12 -8.16
N LYS D 173 -32.18 29.69 -8.97
CA LYS D 173 -31.67 30.52 -10.06
C LYS D 173 -31.20 29.55 -11.14
N ASP D 174 -32.05 29.34 -12.14
CA ASP D 174 -31.75 28.42 -13.24
C ASP D 174 -31.44 27.03 -12.71
N ALA D 175 -32.31 26.53 -11.84
CA ALA D 175 -32.15 25.18 -11.33
C ALA D 175 -32.27 24.18 -12.47
N ASN D 176 -31.53 23.08 -12.36
CA ASN D 176 -31.40 22.18 -13.49
C ASN D 176 -30.99 20.81 -12.99
N ILE D 177 -31.48 19.78 -13.69
CA ILE D 177 -31.01 18.41 -13.51
C ILE D 177 -30.41 17.95 -14.82
N SER D 178 -29.17 17.48 -14.77
CA SER D 178 -28.47 17.01 -15.96
C SER D 178 -27.62 15.81 -15.59
N LEU D 179 -28.12 14.62 -15.86
CA LEU D 179 -27.42 13.39 -15.55
C LEU D 179 -27.31 12.53 -16.78
N ILE D 180 -26.27 11.69 -16.82
CA ILE D 180 -26.06 10.77 -17.92
C ILE D 180 -25.83 9.40 -17.32
N TYR D 181 -26.78 8.50 -17.51
CA TYR D 181 -26.65 7.13 -17.07
C TYR D 181 -26.03 6.28 -18.17
N ARG D 182 -25.19 5.34 -17.78
CA ARG D 182 -24.66 4.35 -18.71
C ARG D 182 -25.36 3.03 -18.45
N VAL D 183 -25.90 2.43 -19.50
CA VAL D 183 -26.64 1.17 -19.40
C VAL D 183 -25.87 0.11 -20.18
N ASN D 184 -25.67 -1.04 -19.58
CA ASN D 184 -25.05 -2.18 -20.23
C ASN D 184 -26.01 -3.36 -20.17
N LEU D 185 -26.21 -3.99 -21.32
CA LEU D 185 -26.92 -5.26 -21.40
C LEU D 185 -25.94 -6.33 -21.79
N GLU D 186 -25.97 -7.46 -21.09
CA GLU D 186 -25.05 -8.53 -21.40
C GLU D 186 -25.56 -9.82 -20.78
N ARG D 187 -25.00 -10.92 -21.24
CA ARG D 187 -25.14 -12.19 -20.55
C ARG D 187 -24.03 -12.32 -19.53
N SER D 188 -24.27 -13.11 -18.49
CA SER D 188 -23.25 -13.28 -17.47
C SER D 188 -22.04 -14.04 -18.00
N LEU D 189 -22.23 -14.89 -18.99
CA LEU D 189 -21.15 -15.70 -19.54
C LEU D 189 -21.25 -15.74 -21.04
N GLN D 190 -20.14 -16.06 -21.69
CA GLN D 190 -20.15 -16.26 -23.12
C GLN D 190 -21.00 -17.45 -23.49
N TYR D 191 -21.42 -17.49 -24.76
CA TYR D 191 -22.30 -18.54 -25.21
C TYR D 191 -21.63 -19.90 -25.09
N GLY D 192 -22.37 -20.87 -24.57
CA GLY D 192 -21.94 -22.24 -24.60
C GLY D 192 -20.92 -22.63 -23.56
N ILE D 193 -20.61 -21.77 -22.61
CA ILE D 193 -19.64 -22.10 -21.58
C ILE D 193 -20.32 -22.92 -20.50
N VAL D 194 -19.76 -24.09 -20.19
CA VAL D 194 -20.36 -24.98 -19.21
C VAL D 194 -19.41 -25.15 -18.04
N GLY D 195 -19.99 -25.41 -16.88
CA GLY D 195 -19.20 -25.65 -15.70
C GLY D 195 -18.56 -24.44 -15.07
N SER D 196 -19.06 -23.26 -15.37
CA SER D 196 -18.48 -22.04 -14.79
C SER D 196 -19.02 -21.83 -13.38
N ALA D 197 -18.24 -21.11 -12.59
CA ALA D 197 -18.66 -20.76 -11.23
C ALA D 197 -19.66 -19.63 -11.20
N THR D 198 -19.87 -18.96 -12.29
CA THR D 198 -20.88 -17.93 -12.45
C THR D 198 -22.17 -18.53 -12.98
N PRO D 199 -23.30 -18.30 -12.33
CA PRO D 199 -24.56 -18.79 -12.88
C PRO D 199 -24.92 -18.09 -14.18
N ASN D 200 -25.66 -18.79 -15.02
CA ASN D 200 -26.15 -18.20 -16.26
C ASN D 200 -27.26 -17.20 -15.94
N ALA D 201 -27.16 -16.00 -16.48
CA ALA D 201 -28.17 -14.98 -16.24
C ALA D 201 -28.06 -13.90 -17.31
N LYS D 202 -29.15 -13.17 -17.46
CA LYS D 202 -29.17 -11.99 -18.31
C LYS D 202 -29.05 -10.77 -17.42
N ILE D 203 -28.05 -9.94 -17.68
CA ILE D 203 -27.64 -8.87 -16.78
C ILE D 203 -27.98 -7.53 -17.40
N VAL D 204 -28.63 -6.67 -16.62
CA VAL D 204 -28.83 -5.28 -16.98
C VAL D 204 -28.12 -4.44 -15.93
N ARG D 205 -27.16 -3.64 -16.36
CA ARG D 205 -26.36 -2.82 -15.47
C ARG D 205 -26.63 -1.36 -15.75
N ILE D 206 -27.06 -0.62 -14.75
CA ILE D 206 -27.31 0.81 -14.85
C ILE D 206 -26.32 1.51 -13.93
N SER D 207 -25.54 2.40 -14.49
CA SER D 207 -24.42 2.98 -13.77
C SER D 207 -24.41 4.48 -13.90
N LEU D 208 -24.02 5.15 -12.82
CA LEU D 208 -23.79 6.58 -12.77
C LEU D 208 -22.47 6.72 -12.04
N ASP D 209 -21.36 6.71 -12.77
CA ASP D 209 -20.06 6.61 -12.12
C ASP D 209 -19.11 7.70 -12.60
N ASP D 210 -17.84 7.57 -12.23
CA ASP D 210 -16.87 8.61 -12.59
C ASP D 210 -16.67 8.72 -14.09
N ASP D 211 -16.83 7.61 -14.82
CA ASP D 211 -16.66 7.67 -16.26
C ASP D 211 -17.82 8.34 -16.98
N SER D 212 -18.99 8.39 -16.37
CA SER D 212 -20.16 8.93 -17.04
C SER D 212 -21.12 9.43 -15.96
N SER D 213 -21.14 10.70 -15.78
CA SER D 213 -22.01 11.22 -14.73
C SER D 213 -22.89 12.36 -15.18
N GLY D 214 -22.39 13.23 -16.04
CA GLY D 214 -23.13 14.41 -16.43
C GLY D 214 -22.80 15.60 -15.56
N ALA D 215 -23.51 16.69 -15.84
CA ALA D 215 -23.24 17.93 -15.13
C ALA D 215 -23.64 17.83 -13.66
N GLY D 216 -24.80 17.29 -13.39
CA GLY D 216 -25.27 17.13 -12.03
C GLY D 216 -26.53 17.91 -11.80
N ILE D 217 -26.91 18.01 -10.54
CA ILE D 217 -28.12 18.71 -10.13
C ILE D 217 -27.71 20.06 -9.54
N HIS D 218 -28.32 21.12 -10.03
CA HIS D 218 -27.93 22.47 -9.70
C HIS D 218 -29.15 23.25 -9.25
N LEU D 219 -29.00 24.02 -8.19
CA LEU D 219 -30.09 24.85 -7.69
C LEU D 219 -29.80 26.32 -7.72
N ASN D 220 -28.58 26.73 -7.37
CA ASN D 220 -28.27 28.13 -7.17
C ASN D 220 -26.79 28.36 -7.42
N ASP D 221 -26.45 29.56 -7.89
CA ASP D 221 -25.05 29.94 -7.91
C ASP D 221 -24.56 30.32 -6.52
N GLN D 222 -25.38 31.05 -5.77
CA GLN D 222 -25.04 31.40 -4.40
C GLN D 222 -26.35 31.66 -3.65
N LEU D 223 -26.26 31.62 -2.33
CA LEU D 223 -27.43 31.73 -1.48
C LEU D 223 -27.59 33.17 -1.01
N SER D 224 -28.80 33.71 -1.18
CA SER D 224 -29.16 35.02 -0.68
C SER D 224 -30.34 34.89 0.25
N TYR D 225 -30.73 36.00 0.85
CA TYR D 225 -31.83 35.99 1.81
C TYR D 225 -32.61 37.29 1.70
N ARG D 226 -33.82 37.26 2.25
CA ARG D 226 -34.65 38.44 2.38
C ARG D 226 -35.13 38.52 3.81
N ARG D 227 -35.21 39.73 4.34
CA ARG D 227 -35.64 39.97 5.71
C ARG D 227 -37.04 40.56 5.70
N PHE D 228 -37.89 40.06 6.58
CA PHE D 228 -39.26 40.54 6.70
C PHE D 228 -39.57 40.80 8.16
N GLY D 229 -40.28 41.90 8.40
CA GLY D 229 -40.68 42.25 9.74
C GLY D 229 -42.18 42.19 9.91
N ALA D 230 -42.63 41.98 11.13
CA ALA D 230 -44.07 41.96 11.41
C ALA D 230 -44.65 43.35 11.18
N SER D 231 -45.77 43.41 10.47
CA SER D 231 -46.42 44.69 10.20
C SER D 231 -46.98 45.33 11.47
N TYR D 232 -47.23 44.54 12.50
CA TYR D 232 -47.78 45.02 13.76
C TYR D 232 -46.80 44.70 14.88
N THR D 233 -46.59 45.67 15.77
CA THR D 233 -45.73 45.44 16.92
C THR D 233 -46.48 44.62 17.97
N THR D 234 -45.71 43.89 18.78
CA THR D 234 -46.28 43.04 19.81
C THR D 234 -45.27 42.93 20.95
N LEU D 235 -45.51 41.98 21.86
CA LEU D 235 -44.67 41.81 23.04
C LEU D 235 -43.94 40.47 23.03
N ASP D 236 -44.66 39.35 22.97
CA ASP D 236 -44.04 38.03 22.98
C ASP D 236 -44.53 37.26 21.76
N ALA D 237 -43.85 37.46 20.65
CA ALA D 237 -44.17 36.79 19.40
C ALA D 237 -43.00 36.98 18.45
N TYR D 238 -43.09 36.35 17.29
CA TYR D 238 -42.09 36.54 16.26
C TYR D 238 -42.25 37.92 15.65
N PHE D 239 -41.16 38.66 15.56
CA PHE D 239 -41.20 39.99 14.98
C PHE D 239 -40.28 40.17 13.78
N ARG D 240 -39.42 39.21 13.48
CA ARG D 240 -38.57 39.27 12.31
C ARG D 240 -38.47 37.90 11.70
N GLU D 241 -38.17 37.87 10.41
CA GLU D 241 -38.02 36.60 9.70
C GLU D 241 -37.08 36.79 8.53
N TRP D 242 -36.25 35.79 8.30
CA TRP D 242 -35.38 35.72 7.13
C TRP D 242 -35.73 34.47 6.35
N SER D 243 -35.83 34.62 5.03
CA SER D 243 -36.04 33.49 4.15
C SER D 243 -34.83 33.38 3.24
N THR D 244 -34.09 32.29 3.39
CA THR D 244 -32.88 32.04 2.63
C THR D 244 -33.20 31.21 1.39
N ASP D 245 -32.39 31.39 0.35
CA ASP D 245 -32.58 30.65 -0.88
C ASP D 245 -32.55 29.15 -0.63
N ALA D 246 -33.26 28.42 -1.47
CA ALA D 246 -33.51 27.01 -1.22
C ALA D 246 -32.25 26.18 -1.39
N ILE D 247 -32.12 25.17 -0.54
CA ILE D 247 -31.07 24.18 -0.67
C ILE D 247 -31.73 22.84 -0.94
N ALA D 248 -30.93 21.83 -1.20
CA ALA D 248 -31.43 20.48 -1.44
C ALA D 248 -31.49 19.76 -0.11
N GLN D 249 -32.71 19.49 0.37
CA GLN D 249 -32.83 18.67 1.56
C GLN D 249 -32.32 17.26 1.30
N ASP D 250 -32.61 16.72 0.12
CA ASP D 250 -32.04 15.45 -0.27
C ASP D 250 -32.10 15.31 -1.78
N TYR D 251 -31.27 14.41 -2.29
CA TYR D 251 -31.33 13.96 -3.67
C TYR D 251 -31.68 12.49 -3.66
N ARG D 252 -32.69 12.12 -4.44
CA ARG D 252 -33.18 10.76 -4.45
C ARG D 252 -33.13 10.20 -5.86
N PHE D 253 -32.71 8.94 -5.98
CA PHE D 253 -32.63 8.25 -7.26
C PHE D 253 -33.27 6.90 -7.10
N VAL D 254 -34.38 6.67 -7.80
CA VAL D 254 -35.19 5.48 -7.66
C VAL D 254 -35.07 4.66 -8.93
N PHE D 255 -34.78 3.38 -8.77
CA PHE D 255 -34.69 2.44 -9.88
C PHE D 255 -35.84 1.47 -9.78
N LYS D 256 -36.73 1.48 -10.76
CA LYS D 256 -37.91 0.65 -10.74
C LYS D 256 -37.89 -0.28 -11.95
N THR D 257 -38.86 -1.18 -11.98
CA THR D 257 -38.99 -2.18 -13.02
C THR D 257 -40.47 -2.36 -13.30
N SER D 258 -40.82 -2.51 -14.57
CA SER D 258 -42.23 -2.58 -14.93
C SER D 258 -42.85 -3.90 -14.49
N ASN D 259 -42.11 -5.00 -14.58
CA ASN D 259 -42.61 -6.28 -14.09
C ASN D 259 -41.57 -6.95 -13.24
N ASN D 260 -41.78 -8.21 -12.87
CA ASN D 260 -40.86 -8.91 -11.98
C ASN D 260 -39.95 -9.88 -12.71
N LYS D 261 -39.77 -9.69 -14.02
CA LYS D 261 -38.85 -10.55 -14.75
C LYS D 261 -37.41 -10.34 -14.32
N ALA D 262 -37.08 -9.15 -13.82
CA ALA D 262 -35.73 -8.85 -13.38
C ALA D 262 -35.73 -8.58 -11.88
N GLU D 263 -34.65 -8.96 -11.22
CA GLU D 263 -34.46 -8.73 -9.80
C GLU D 263 -33.15 -8.01 -9.58
N ILE D 264 -33.10 -7.20 -8.54
CA ILE D 264 -31.85 -6.55 -8.19
C ILE D 264 -30.86 -7.61 -7.72
N LEU D 265 -29.71 -7.66 -8.36
CA LEU D 265 -28.68 -8.60 -7.96
C LEU D 265 -27.68 -7.95 -7.02
N GLU D 266 -27.23 -6.75 -7.34
CA GLU D 266 -26.27 -6.06 -6.51
C GLU D 266 -26.35 -4.58 -6.81
N THR D 267 -25.87 -3.77 -5.88
CA THR D 267 -25.90 -2.33 -6.04
C THR D 267 -24.58 -1.74 -5.57
N PHE D 268 -24.35 -0.52 -5.95
CA PHE D 268 -23.34 0.31 -5.31
C PHE D 268 -23.98 1.65 -5.03
N PRO D 269 -23.92 2.18 -3.80
CA PRO D 269 -23.35 1.66 -2.56
C PRO D 269 -23.92 0.32 -2.17
N ILE D 270 -23.08 -0.55 -1.61
CA ILE D 270 -23.49 -1.92 -1.36
C ILE D 270 -24.60 -1.98 -0.33
N ASP D 271 -24.48 -1.19 0.73
CA ASP D 271 -25.43 -1.25 1.83
C ASP D 271 -25.41 0.07 2.57
N ASN D 272 -26.35 0.21 3.50
CA ASN D 272 -26.32 1.31 4.44
C ASN D 272 -25.11 1.18 5.36
N LEU D 273 -24.65 2.32 5.87
CA LEU D 273 -23.45 2.34 6.68
C LEU D 273 -23.68 1.71 8.04
N ASN D 274 -22.73 0.88 8.46
CA ASN D 274 -22.69 0.33 9.81
C ASN D 274 -21.77 1.23 10.62
N VAL D 275 -22.38 2.19 11.33
CA VAL D 275 -21.61 3.25 11.96
C VAL D 275 -20.70 2.68 13.04
N LYS D 276 -19.49 3.20 13.11
CA LYS D 276 -18.49 2.79 14.09
C LYS D 276 -18.38 3.85 15.17
N TYR D 277 -18.52 3.44 16.42
CA TYR D 277 -18.46 4.35 17.56
C TYR D 277 -17.22 4.07 18.39
N GLU D 278 -16.61 5.11 18.91
CA GLU D 278 -15.50 4.97 19.84
C GLU D 278 -15.98 5.37 21.23
N LYS D 279 -16.01 4.41 22.13
CA LYS D 279 -16.39 4.65 23.51
C LYS D 279 -15.15 4.82 24.36
N ARG D 280 -15.28 5.64 25.39
CA ARG D 280 -14.16 5.92 26.27
C ARG D 280 -14.68 6.11 27.68
N LYS D 281 -14.15 5.36 28.63
CA LYS D 281 -14.51 5.47 30.03
C LYS D 281 -13.32 6.00 30.81
N GLN D 282 -13.56 6.99 31.64
CA GLN D 282 -12.51 7.54 32.50
C GLN D 282 -12.96 7.44 33.94
N SER D 283 -12.04 7.03 34.81
CA SER D 283 -12.26 7.03 36.24
C SER D 283 -11.04 7.64 36.90
N GLY D 284 -11.26 8.53 37.85
CA GLY D 284 -10.15 9.18 38.50
C GLY D 284 -10.45 9.50 39.95
N PHE D 285 -9.39 9.68 40.72
CA PHE D 285 -9.51 10.17 42.08
C PHE D 285 -8.42 11.20 42.31
N GLU D 286 -8.69 12.12 43.22
CA GLU D 286 -7.74 13.18 43.55
C GLU D 286 -7.70 13.37 45.05
N LEU D 287 -6.50 13.47 45.61
CA LEU D 287 -6.29 13.71 47.02
C LEU D 287 -5.52 15.00 47.19
N GLY D 288 -5.94 15.82 48.14
CA GLY D 288 -5.30 17.10 48.34
C GLY D 288 -5.21 17.45 49.81
N VAL D 289 -4.19 18.24 50.14
CA VAL D 289 -4.07 18.85 51.46
C VAL D 289 -3.73 20.32 51.27
N THR D 290 -4.06 21.12 52.26
CA THR D 290 -3.80 22.55 52.22
C THR D 290 -3.40 23.03 53.60
N GLY D 291 -2.36 23.85 53.67
CA GLY D 291 -1.95 24.43 54.93
C GLY D 291 -1.85 25.93 54.85
N GLY D 292 -2.70 26.63 55.58
CA GLY D 292 -2.73 28.08 55.53
C GLY D 292 -2.27 28.69 56.85
N ALA D 293 -1.67 29.88 56.74
CA ALA D 293 -1.20 30.62 57.89
C ALA D 293 -1.55 32.09 57.68
N GLU D 294 -2.59 32.56 58.37
CA GLU D 294 -3.05 33.93 58.26
C GLU D 294 -2.59 34.71 59.48
N VAL D 295 -1.91 35.82 59.26
CA VAL D 295 -1.42 36.68 60.33
C VAL D 295 -2.07 38.05 60.17
N SER D 296 -2.43 38.66 61.29
CA SER D 296 -3.07 39.96 61.30
C SER D 296 -2.97 40.54 62.71
N GLU D 297 -3.69 41.64 62.94
CA GLU D 297 -3.72 42.23 64.27
C GLU D 297 -4.41 41.32 65.27
N ASP D 298 -5.33 40.46 64.80
CA ASP D 298 -6.03 39.57 65.72
C ASP D 298 -5.09 38.52 66.31
N GLY D 299 -4.17 38.00 65.50
CA GLY D 299 -3.24 37.00 65.95
C GLY D 299 -3.06 35.90 64.92
N PRO D 300 -2.01 35.10 65.08
CA PRO D 300 -1.75 34.02 64.12
C PRO D 300 -2.93 33.07 64.02
N LYS D 301 -3.24 32.66 62.80
CA LYS D 301 -4.35 31.76 62.52
C LYS D 301 -3.86 30.70 61.55
N ALA D 302 -4.07 29.43 61.90
CA ALA D 302 -3.58 28.31 61.11
C ALA D 302 -4.76 27.53 60.57
N LYS D 303 -4.61 27.05 59.33
CA LYS D 303 -5.64 26.28 58.65
C LYS D 303 -5.05 24.99 58.13
N LEU D 304 -5.84 23.93 58.17
CA LEU D 304 -5.44 22.63 57.65
C LEU D 304 -6.66 22.03 56.95
N GLU D 305 -6.51 21.66 55.70
CA GLU D 305 -7.60 21.20 54.88
C GLU D 305 -7.21 19.92 54.14
N ALA D 306 -8.19 19.06 53.93
CA ALA D 306 -8.00 17.83 53.18
C ALA D 306 -9.13 17.68 52.19
N ARG D 307 -8.79 17.28 50.97
CA ARG D 307 -9.76 17.12 49.90
C ARG D 307 -9.65 15.72 49.31
N ALA D 308 -10.78 15.17 48.91
CA ALA D 308 -10.81 13.90 48.19
C ALA D 308 -11.90 14.01 47.13
N SER D 309 -11.55 13.72 45.89
CA SER D 309 -12.49 13.80 44.78
C SER D 309 -12.52 12.49 44.02
N ILE D 310 -13.66 12.20 43.44
CA ILE D 310 -13.86 11.02 42.61
C ILE D 310 -14.52 11.47 41.33
N THR D 311 -13.99 11.06 40.19
CA THR D 311 -14.47 11.51 38.90
C THR D 311 -14.78 10.32 38.03
N GLN D 312 -15.75 10.49 37.13
CA GLN D 312 -16.10 9.46 36.18
C GLN D 312 -16.70 10.13 34.97
N SER D 313 -16.18 9.82 33.78
CA SER D 313 -16.70 10.43 32.57
C SER D 313 -16.78 9.38 31.48
N ARG D 314 -17.70 9.61 30.54
CA ARG D 314 -17.88 8.75 29.39
C ARG D 314 -17.82 9.60 28.13
N TRP D 315 -17.14 9.09 27.12
CA TRP D 315 -17.06 9.74 25.82
C TRP D 315 -17.66 8.85 24.76
N LEU D 316 -18.26 9.47 23.75
CA LEU D 316 -18.74 8.77 22.58
C LEU D 316 -18.34 9.57 21.36
N THR D 317 -17.70 8.93 20.40
CA THR D 317 -17.20 9.59 19.21
C THR D 317 -17.67 8.85 17.97
N TYR D 318 -18.11 9.59 16.97
CA TYR D 318 -18.51 8.99 15.71
C TYR D 318 -18.45 10.07 14.64
N ASN D 319 -18.51 9.62 13.39
CA ASN D 319 -18.39 10.51 12.24
C ASN D 319 -19.75 10.72 11.60
N THR D 320 -19.99 11.93 11.12
CA THR D 320 -21.13 12.24 10.29
C THR D 320 -20.64 12.91 9.02
N GLN D 321 -21.55 13.08 8.08
CA GLN D 321 -21.30 13.86 6.88
C GLN D 321 -22.43 14.85 6.73
N ASP D 322 -22.28 15.82 5.83
CA ASP D 322 -23.43 16.66 5.60
C ASP D 322 -24.44 16.03 4.67
N TYR D 323 -24.06 15.00 3.91
CA TYR D 323 -25.02 14.21 3.16
C TYR D 323 -24.72 12.74 3.37
N ARG D 324 -25.69 12.01 3.89
CA ARG D 324 -25.55 10.58 4.13
C ARG D 324 -26.36 9.81 3.10
N VAL D 325 -25.75 8.79 2.52
CA VAL D 325 -26.42 7.94 1.55
C VAL D 325 -27.29 6.94 2.29
N GLU D 326 -28.56 6.88 1.93
CA GLU D 326 -29.49 5.94 2.52
C GLU D 326 -30.06 5.08 1.41
N ARG D 327 -29.79 3.79 1.46
CA ARG D 327 -30.27 2.83 0.48
C ARG D 327 -31.56 2.23 1.01
N ASN D 328 -32.56 2.15 0.14
CA ASN D 328 -33.90 1.72 0.53
C ASN D 328 -34.43 0.80 -0.55
N ALA D 329 -34.50 -0.48 -0.27
CA ALA D 329 -34.93 -1.47 -1.25
C ALA D 329 -36.27 -2.03 -0.82
N LYS D 330 -37.34 -1.52 -1.42
CA LYS D 330 -38.68 -1.94 -1.02
C LYS D 330 -38.92 -3.42 -1.35
N ASN D 331 -38.49 -3.86 -2.52
CA ASN D 331 -38.67 -5.24 -2.91
C ASN D 331 -37.57 -5.60 -3.91
N ALA D 332 -37.70 -6.77 -4.53
CA ALA D 332 -36.67 -7.25 -5.42
C ALA D 332 -36.55 -6.44 -6.70
N GLN D 333 -37.53 -5.62 -7.03
CA GLN D 333 -37.54 -4.89 -8.28
C GLN D 333 -37.16 -3.44 -8.15
N THR D 334 -37.21 -2.87 -6.96
CA THR D 334 -37.02 -1.44 -6.80
C THR D 334 -36.03 -1.14 -5.68
N VAL D 335 -35.13 -0.22 -5.95
CA VAL D 335 -34.20 0.28 -4.94
C VAL D 335 -34.08 1.78 -5.14
N SER D 336 -33.97 2.51 -4.05
CA SER D 336 -33.78 3.94 -4.11
C SER D 336 -32.56 4.33 -3.30
N PHE D 337 -31.78 5.26 -3.82
CA PHE D 337 -30.66 5.84 -3.12
C PHE D 337 -30.97 7.29 -2.82
N THR D 338 -30.85 7.67 -1.56
CA THR D 338 -31.13 9.04 -1.16
C THR D 338 -29.90 9.59 -0.45
N TRP D 339 -29.41 10.72 -0.93
CA TRP D 339 -28.41 11.47 -0.21
C TRP D 339 -29.16 12.50 0.64
N ASN D 340 -29.18 12.28 1.94
CA ASN D 340 -29.98 13.07 2.85
C ASN D 340 -29.06 13.96 3.67
N ARG D 341 -29.47 15.21 3.87
CA ARG D 341 -28.72 16.09 4.75
C ARG D 341 -28.64 15.49 6.14
N GLN D 342 -27.43 15.40 6.68
CA GLN D 342 -27.27 14.81 8.00
C GLN D 342 -26.74 15.80 9.04
N GLU D 343 -25.58 16.40 8.82
CA GLU D 343 -24.95 17.16 9.89
C GLU D 343 -25.72 18.44 10.19
N TYR D 344 -26.05 19.22 9.17
CA TYR D 344 -26.87 20.41 9.33
C TYR D 344 -28.14 20.20 8.54
N ALA D 345 -29.06 19.44 9.12
CA ALA D 345 -30.27 19.07 8.42
C ALA D 345 -31.43 20.02 8.68
N THR D 346 -31.37 20.78 9.76
CA THR D 346 -32.46 21.64 10.17
C THR D 346 -32.06 23.09 10.02
N ALA D 347 -33.06 23.95 9.82
CA ALA D 347 -32.80 25.38 9.79
C ALA D 347 -32.26 25.88 11.11
N GLU D 348 -32.61 25.21 12.21
CA GLU D 348 -32.11 25.60 13.52
C GLU D 348 -30.60 25.40 13.61
N SER D 349 -30.10 24.31 13.02
CA SER D 349 -28.67 24.01 13.11
C SER D 349 -27.83 24.98 12.30
N LEU D 350 -28.43 25.79 11.43
CA LEU D 350 -27.69 26.73 10.62
C LEU D 350 -27.47 28.06 11.31
N LEU D 351 -28.05 28.26 12.49
CA LEU D 351 -27.88 29.52 13.20
C LEU D 351 -26.55 29.53 13.93
N ASN D 352 -25.74 30.55 13.67
CA ASN D 352 -24.48 30.69 14.39
C ASN D 352 -24.65 31.33 15.75
N ARG D 353 -25.80 31.94 16.01
CA ARG D 353 -26.09 32.56 17.29
C ARG D 353 -27.50 32.19 17.69
N SER D 354 -27.71 32.05 19.00
CA SER D 354 -29.01 31.64 19.51
C SER D 354 -29.76 32.75 20.22
N THR D 355 -29.08 33.78 20.70
CA THR D 355 -29.70 34.85 21.46
C THR D 355 -29.00 36.15 21.12
N ASP D 356 -29.71 37.26 21.31
CA ASP D 356 -29.14 38.57 21.01
C ASP D 356 -29.95 39.64 21.72
N ALA D 357 -29.37 40.84 21.78
CA ALA D 357 -30.07 41.99 22.32
C ALA D 357 -31.05 42.53 21.28
N LEU D 358 -32.02 43.32 21.77
CA LEU D 358 -33.11 43.75 20.90
C LEU D 358 -32.62 44.64 19.77
N TRP D 359 -31.63 45.49 20.03
CA TRP D 359 -31.18 46.40 19.00
C TRP D 359 -30.41 45.71 17.88
N VAL D 360 -30.02 44.46 18.07
CA VAL D 360 -29.28 43.73 17.04
C VAL D 360 -30.24 43.34 15.93
N ASP D 361 -29.87 43.67 14.70
CA ASP D 361 -30.69 43.32 13.53
C ASP D 361 -29.72 42.85 12.43
N THR D 362 -29.43 41.55 12.42
CA THR D 362 -28.51 40.98 11.45
C THR D 362 -29.00 39.60 11.06
N TYR D 363 -28.51 39.14 9.93
CA TYR D 363 -28.80 37.81 9.45
C TYR D 363 -28.21 36.79 10.41
N PRO D 364 -29.03 35.93 11.04
CA PRO D 364 -28.51 35.01 12.05
C PRO D 364 -28.06 33.65 11.51
N VAL D 365 -28.00 33.46 10.21
CA VAL D 365 -27.65 32.18 9.60
C VAL D 365 -26.19 32.21 9.20
N ASP D 366 -25.46 31.15 9.53
CA ASP D 366 -24.07 31.00 9.09
C ASP D 366 -24.09 30.27 7.76
N VAL D 367 -23.98 31.03 6.66
CA VAL D 367 -24.06 30.42 5.34
C VAL D 367 -22.85 29.57 5.04
N ASN D 368 -21.76 29.71 5.79
CA ASN D 368 -20.61 28.85 5.58
C ASN D 368 -20.89 27.42 5.95
N ARG D 369 -21.93 27.17 6.74
CA ARG D 369 -22.31 25.80 7.06
C ARG D 369 -23.03 25.11 5.93
N ILE D 370 -23.47 25.83 4.91
CA ILE D 370 -24.13 25.25 3.76
C ILE D 370 -23.08 25.04 2.68
N SER D 371 -22.71 23.78 2.48
CA SER D 371 -21.70 23.45 1.49
C SER D 371 -22.23 23.65 0.09
N PRO D 372 -21.35 23.86 -0.89
CA PRO D 372 -21.80 23.93 -2.28
C PRO D 372 -22.45 22.67 -2.76
N LEU D 373 -22.21 21.54 -2.09
CA LEU D 373 -22.92 20.31 -2.40
C LEU D 373 -24.42 20.45 -2.23
N SER D 374 -24.85 21.41 -1.43
CA SER D 374 -26.27 21.62 -1.16
C SER D 374 -27.01 22.32 -2.29
N TYR D 375 -26.34 23.15 -3.06
CA TYR D 375 -27.03 23.92 -4.08
C TYR D 375 -26.27 24.06 -5.39
N ALA D 376 -24.95 23.98 -5.40
CA ALA D 376 -24.20 24.39 -6.58
C ALA D 376 -24.12 23.28 -7.61
N SER D 377 -23.80 22.06 -7.17
CA SER D 377 -23.68 20.94 -8.07
C SER D 377 -23.62 19.68 -7.23
N PHE D 378 -24.44 18.70 -7.56
CA PHE D 378 -24.39 17.41 -6.91
C PHE D 378 -24.34 16.33 -7.98
N VAL D 379 -23.41 15.41 -7.84
CA VAL D 379 -23.29 14.27 -8.75
C VAL D 379 -23.30 13.00 -7.91
N PRO D 380 -24.29 12.14 -8.04
CA PRO D 380 -24.27 10.87 -7.32
C PRO D 380 -23.38 9.86 -8.01
N LYS D 381 -22.97 8.86 -7.24
CA LYS D 381 -22.23 7.72 -7.77
C LYS D 381 -22.94 6.45 -7.33
N MET D 382 -23.53 5.74 -8.29
CA MET D 382 -24.23 4.53 -7.91
C MET D 382 -24.34 3.58 -9.10
N ASP D 383 -24.43 2.31 -8.79
CA ASP D 383 -24.62 1.24 -9.76
C ASP D 383 -25.78 0.37 -9.31
N VAL D 384 -26.56 -0.10 -10.26
CA VAL D 384 -27.59 -1.09 -10.00
C VAL D 384 -27.44 -2.19 -11.04
N ILE D 385 -27.40 -3.43 -10.60
CA ILE D 385 -27.30 -4.56 -11.50
C ILE D 385 -28.56 -5.39 -11.35
N TYR D 386 -29.30 -5.53 -12.43
CA TYR D 386 -30.45 -6.39 -12.47
C TYR D 386 -30.09 -7.70 -13.14
N LYS D 387 -30.79 -8.75 -12.78
CA LYS D 387 -30.61 -10.03 -13.44
C LYS D 387 -31.96 -10.64 -13.75
N ALA D 388 -32.01 -11.33 -14.88
CA ALA D 388 -33.16 -12.12 -15.26
C ALA D 388 -32.68 -13.54 -15.48
N SER D 389 -33.63 -14.48 -15.45
CA SER D 389 -33.25 -15.87 -15.67
C SER D 389 -32.75 -16.05 -17.09
N ASP D 390 -31.92 -17.07 -17.28
CA ASP D 390 -31.32 -17.30 -18.58
C ASP D 390 -32.34 -17.68 -19.65
N THR D 391 -33.56 -18.01 -19.27
CA THR D 391 -34.60 -18.35 -20.23
C THR D 391 -35.73 -17.33 -20.25
N GLU D 392 -35.48 -16.12 -19.77
CA GLU D 392 -36.53 -15.12 -19.73
C GLU D 392 -36.95 -14.70 -21.14
N THR D 393 -38.24 -14.46 -21.30
CA THR D 393 -38.80 -13.98 -22.55
C THR D 393 -39.57 -12.70 -22.30
N GLY D 394 -40.08 -12.11 -23.36
CA GLY D 394 -40.82 -10.87 -23.21
C GLY D 394 -39.90 -9.68 -23.07
N SER D 395 -40.44 -8.63 -22.46
CA SER D 395 -39.71 -7.39 -22.30
C SER D 395 -39.97 -6.82 -20.91
N THR D 396 -39.15 -5.84 -20.55
CA THR D 396 -39.25 -5.21 -19.24
C THR D 396 -38.84 -3.76 -19.39
N ASP D 397 -39.59 -2.86 -18.77
CA ASP D 397 -39.25 -1.44 -18.75
C ASP D 397 -38.53 -1.12 -17.45
N PHE D 398 -37.40 -0.44 -17.56
CA PHE D 398 -36.65 0.03 -16.43
C PHE D 398 -36.82 1.53 -16.33
N ILE D 399 -37.18 2.02 -15.15
CA ILE D 399 -37.44 3.43 -14.93
C ILE D 399 -36.42 3.95 -13.94
N ILE D 400 -35.85 5.11 -14.23
CA ILE D 400 -34.96 5.80 -13.32
C ILE D 400 -35.58 7.14 -12.98
N ASP D 401 -35.86 7.36 -11.70
CA ASP D 401 -36.43 8.61 -11.21
C ASP D 401 -35.35 9.38 -10.46
N SER D 402 -34.95 10.52 -10.99
CA SER D 402 -33.97 11.37 -10.35
C SER D 402 -34.68 12.62 -9.87
N SER D 403 -34.54 12.93 -8.58
CA SER D 403 -35.29 14.03 -8.01
C SER D 403 -34.44 14.73 -6.97
N VAL D 404 -34.82 15.98 -6.70
CA VAL D 404 -34.21 16.77 -5.64
C VAL D 404 -35.32 17.34 -4.79
N ASN D 405 -35.16 17.26 -3.48
CA ASN D 405 -36.13 17.81 -2.53
C ASN D 405 -35.72 19.24 -2.21
N ILE D 406 -36.35 20.19 -2.88
CA ILE D 406 -35.98 21.59 -2.74
C ILE D 406 -36.60 22.15 -1.47
N ARG D 407 -35.78 22.78 -0.64
CA ARG D 407 -36.22 23.27 0.66
C ARG D 407 -35.78 24.69 0.92
N PRO D 408 -36.69 25.65 0.92
CA PRO D 408 -36.32 27.00 1.39
C PRO D 408 -36.09 27.01 2.88
N ILE D 409 -35.26 27.94 3.32
CA ILE D 409 -34.85 28.03 4.72
C ILE D 409 -35.51 29.24 5.34
N TYR D 410 -36.22 29.04 6.44
CA TYR D 410 -36.92 30.10 7.13
C TYR D 410 -36.42 30.18 8.56
N ASN D 411 -36.07 31.37 9.01
CA ASN D 411 -35.66 31.61 10.38
C ASN D 411 -36.41 32.81 10.92
N GLY D 412 -36.70 32.79 12.21
CA GLY D 412 -37.41 33.87 12.84
C GLY D 412 -36.75 34.28 14.14
N ALA D 413 -36.97 35.54 14.49
CA ALA D 413 -36.50 36.10 15.75
C ALA D 413 -37.69 36.29 16.67
N TYR D 414 -37.60 35.74 17.88
CA TYR D 414 -38.68 35.76 18.85
C TYR D 414 -38.33 36.75 19.95
N LYS D 415 -39.27 37.62 20.28
CA LYS D 415 -39.06 38.64 21.30
C LYS D 415 -39.46 38.07 22.67
N HIS D 416 -38.48 37.98 23.56
CA HIS D 416 -38.70 37.51 24.93
C HIS D 416 -38.57 38.70 25.86
N TYR D 417 -39.68 39.14 26.43
CA TYR D 417 -39.69 40.26 27.37
C TYR D 417 -39.58 39.72 28.78
N TYR D 418 -38.45 40.00 29.43
CA TYR D 418 -38.22 39.66 30.81
C TYR D 418 -37.89 40.92 31.59
N VAL D 419 -38.35 40.98 32.84
CA VAL D 419 -38.10 42.16 33.67
C VAL D 419 -36.60 42.33 33.91
N VAL D 420 -35.87 41.23 34.08
CA VAL D 420 -34.42 41.30 34.22
C VAL D 420 -33.79 41.85 32.95
N GLY D 421 -34.24 41.36 31.79
CA GLY D 421 -33.73 41.83 30.52
C GLY D 421 -34.46 41.25 29.33
N ALA D 422 -34.80 42.10 28.37
CA ALA D 422 -35.47 41.67 27.15
C ALA D 422 -34.44 41.32 26.08
N HIS D 423 -34.61 40.14 25.49
CA HIS D 423 -33.69 39.64 24.48
C HIS D 423 -34.50 39.00 23.36
N GLN D 424 -33.83 38.70 22.26
CA GLN D 424 -34.44 38.00 21.14
C GLN D 424 -33.74 36.66 20.95
N SER D 425 -34.52 35.63 20.70
CA SER D 425 -34.00 34.29 20.45
C SER D 425 -34.33 33.90 19.03
N TYR D 426 -33.37 33.27 18.36
CA TYR D 426 -33.53 32.89 16.97
C TYR D 426 -34.01 31.45 16.86
N HIS D 427 -34.95 31.22 15.96
CA HIS D 427 -35.51 29.90 15.77
C HIS D 427 -35.55 29.57 14.28
N GLY D 428 -35.44 28.29 13.99
CA GLY D 428 -35.63 27.78 12.64
C GLY D 428 -36.93 27.01 12.59
N PHE D 429 -37.61 27.07 11.46
CA PHE D 429 -38.88 26.40 11.27
C PHE D 429 -38.67 25.17 10.41
N GLU D 430 -39.05 24.01 10.92
CA GLU D 430 -38.85 22.76 10.20
C GLU D 430 -40.07 22.31 9.42
N ASN D 431 -41.26 22.80 9.75
CA ASN D 431 -42.47 22.44 9.04
C ASN D 431 -42.69 23.29 7.80
N SER D 432 -41.68 24.02 7.37
CA SER D 432 -41.79 24.83 6.18
C SER D 432 -41.92 23.95 4.95
N PRO D 433 -42.48 24.48 3.86
CA PRO D 433 -42.76 23.64 2.70
C PRO D 433 -41.49 23.14 2.02
N ARG D 434 -41.62 21.99 1.37
CA ARG D 434 -40.60 21.44 0.50
C ARG D 434 -41.28 20.98 -0.78
N ARG D 435 -40.53 21.03 -1.87
CA ARG D 435 -41.03 20.59 -3.16
C ARG D 435 -40.05 19.61 -3.78
N ARG D 436 -40.55 18.46 -4.21
CA ARG D 436 -39.70 17.49 -4.88
C ARG D 436 -39.87 17.65 -6.39
N ILE D 437 -38.76 17.84 -7.08
CA ILE D 437 -38.75 18.01 -8.52
C ILE D 437 -38.10 16.78 -9.13
N THR D 438 -38.85 16.06 -9.95
CA THR D 438 -38.43 14.76 -10.46
C THR D 438 -38.31 14.80 -11.98
N LYS D 439 -37.37 14.02 -12.49
CA LYS D 439 -37.30 13.71 -13.91
C LYS D 439 -37.16 12.20 -14.07
N SER D 440 -38.04 11.61 -14.86
CA SER D 440 -38.06 10.18 -15.07
C SER D 440 -37.45 9.83 -16.42
N ALA D 441 -36.57 8.84 -16.44
CA ALA D 441 -36.07 8.27 -17.67
C ALA D 441 -36.39 6.79 -17.67
N SER D 442 -36.59 6.23 -18.86
CA SER D 442 -36.91 4.82 -18.95
C SER D 442 -36.33 4.24 -20.22
N PHE D 443 -36.11 2.94 -20.21
CA PHE D 443 -35.72 2.21 -21.39
C PHE D 443 -36.29 0.81 -21.30
N THR D 444 -36.54 0.21 -22.45
CA THR D 444 -37.13 -1.11 -22.52
C THR D 444 -36.06 -2.12 -22.89
N VAL D 445 -36.05 -3.24 -22.19
CA VAL D 445 -35.15 -4.34 -22.47
C VAL D 445 -35.98 -5.48 -22.99
N ASP D 446 -35.68 -5.93 -24.20
CA ASP D 446 -36.28 -7.14 -24.76
C ASP D 446 -35.38 -8.31 -24.41
N TRP D 447 -35.89 -9.24 -23.60
CA TRP D 447 -35.06 -10.31 -23.10
C TRP D 447 -34.66 -11.29 -24.19
N ASP D 448 -35.25 -11.20 -25.37
CA ASP D 448 -34.86 -12.02 -26.50
C ASP D 448 -33.86 -11.31 -27.41
N HIS D 449 -33.27 -10.23 -26.95
CA HIS D 449 -32.25 -9.55 -27.73
C HIS D 449 -31.06 -10.48 -27.95
N PRO D 450 -30.41 -10.43 -29.12
CA PRO D 450 -29.28 -11.33 -29.36
C PRO D 450 -28.12 -11.15 -28.41
N VAL D 451 -28.01 -10.00 -27.74
CA VAL D 451 -26.90 -9.81 -26.82
C VAL D 451 -27.00 -10.79 -25.66
N PHE D 452 -28.20 -11.25 -25.35
CA PHE D 452 -28.39 -12.12 -24.20
C PHE D 452 -28.11 -13.57 -24.52
N THR D 453 -27.77 -13.90 -25.77
CA THR D 453 -27.21 -15.20 -26.05
C THR D 453 -25.77 -15.32 -25.58
N GLY D 454 -25.06 -14.21 -25.48
CA GLY D 454 -23.68 -14.23 -25.09
C GLY D 454 -22.71 -14.55 -26.20
N GLY D 455 -23.18 -14.69 -27.43
CA GLY D 455 -22.31 -15.04 -28.51
C GLY D 455 -22.19 -13.94 -29.55
N ARG D 456 -21.20 -14.03 -30.40
CA ARG D 456 -21.01 -13.05 -31.46
C ARG D 456 -21.47 -13.64 -32.77
N PRO D 457 -22.60 -13.21 -33.31
CA PRO D 457 -23.15 -13.85 -34.49
C PRO D 457 -22.40 -13.51 -35.77
N VAL D 458 -22.58 -14.37 -36.76
CA VAL D 458 -22.05 -14.18 -38.10
C VAL D 458 -23.18 -14.41 -39.07
N ASN D 459 -22.99 -13.97 -40.30
CA ASN D 459 -23.93 -14.27 -41.36
C ASN D 459 -23.31 -15.26 -42.33
N LEU D 460 -24.16 -15.90 -43.12
CA LEU D 460 -23.71 -16.84 -44.14
C LEU D 460 -24.08 -16.24 -45.49
N GLN D 461 -23.10 -15.64 -46.14
CA GLN D 461 -23.33 -14.96 -47.40
C GLN D 461 -23.07 -15.92 -48.55
N LEU D 462 -24.04 -16.04 -49.45
CA LEU D 462 -23.90 -16.89 -50.62
C LEU D 462 -23.08 -16.13 -51.65
N ALA D 463 -21.84 -16.55 -51.85
CA ALA D 463 -20.86 -15.72 -52.53
C ALA D 463 -20.93 -15.80 -54.04
N SER D 464 -21.83 -16.60 -54.61
CA SER D 464 -22.04 -16.51 -56.04
C SER D 464 -22.82 -15.25 -56.40
N PHE D 465 -23.62 -14.75 -55.47
CA PHE D 465 -24.32 -13.49 -55.65
C PHE D 465 -23.49 -12.35 -55.11
N ASN D 466 -23.79 -11.14 -55.58
CA ASN D 466 -23.14 -9.97 -55.03
C ASN D 466 -23.64 -9.69 -53.62
N ASN D 467 -24.93 -9.84 -53.38
CA ASN D 467 -25.50 -9.48 -52.08
C ASN D 467 -26.68 -10.40 -51.80
N ARG D 468 -26.41 -11.53 -51.16
CA ARG D 468 -27.44 -12.49 -50.78
C ARG D 468 -26.98 -13.23 -49.54
N CYS D 469 -27.82 -13.26 -48.52
CA CYS D 469 -27.49 -13.95 -47.28
C CYS D 469 -28.59 -14.92 -46.92
N VAL D 470 -28.22 -15.94 -46.16
CA VAL D 470 -29.21 -16.87 -45.63
C VAL D 470 -30.04 -16.16 -44.57
N GLN D 471 -31.35 -16.24 -44.69
CA GLN D 471 -32.24 -15.56 -43.77
C GLN D 471 -33.31 -16.52 -43.28
N VAL D 472 -33.66 -16.39 -42.00
CA VAL D 472 -34.70 -17.20 -41.37
C VAL D 472 -35.94 -16.34 -41.24
N ASP D 473 -37.08 -16.85 -41.68
CA ASP D 473 -38.32 -16.13 -41.49
C ASP D 473 -39.00 -16.58 -40.20
N ALA D 474 -40.26 -16.18 -40.02
CA ALA D 474 -40.94 -16.40 -38.75
C ALA D 474 -41.13 -17.87 -38.45
N GLN D 475 -41.49 -18.66 -39.45
CA GLN D 475 -41.77 -20.08 -39.26
C GLN D 475 -40.56 -20.96 -39.56
N SER D 476 -39.36 -20.42 -39.48
CA SER D 476 -38.14 -21.20 -39.53
C SER D 476 -37.62 -21.54 -40.89
N ARG D 477 -38.31 -21.16 -41.97
CA ARG D 477 -37.83 -21.48 -43.30
C ARG D 477 -36.64 -20.61 -43.66
N LEU D 478 -35.80 -21.12 -44.56
CA LEU D 478 -34.58 -20.46 -44.98
C LEU D 478 -34.75 -19.91 -46.38
N THR D 479 -34.36 -18.66 -46.57
CA THR D 479 -34.37 -18.04 -47.88
C THR D 479 -33.10 -17.23 -48.05
N ALA D 480 -32.85 -16.80 -49.27
CA ALA D 480 -31.73 -15.94 -49.58
C ALA D 480 -32.25 -14.53 -49.82
N ASN D 481 -31.79 -13.59 -49.00
CA ASN D 481 -32.21 -12.20 -49.11
C ASN D 481 -30.98 -11.32 -49.14
N THR D 482 -31.19 -10.06 -49.54
CA THR D 482 -30.09 -9.11 -49.52
C THR D 482 -29.57 -8.95 -48.10
N CYS D 483 -28.25 -9.01 -47.96
CA CYS D 483 -27.66 -9.00 -46.63
C CYS D 483 -27.88 -7.67 -45.93
N ASP D 484 -28.18 -7.76 -44.64
CA ASP D 484 -28.29 -6.59 -43.78
C ASP D 484 -27.48 -6.89 -42.53
N ASP D 485 -26.48 -6.05 -42.26
CA ASP D 485 -25.56 -6.32 -41.16
C ASP D 485 -26.23 -6.29 -39.80
N GLN D 486 -27.38 -5.63 -39.68
CA GLN D 486 -28.06 -5.49 -38.40
C GLN D 486 -29.28 -6.37 -38.30
N GLN D 487 -29.53 -7.22 -39.29
CA GLN D 487 -30.68 -8.10 -39.26
C GLN D 487 -30.34 -9.33 -38.44
N SER D 488 -31.02 -9.51 -37.31
CA SER D 488 -30.77 -10.67 -36.49
C SER D 488 -31.32 -11.94 -37.11
N ALA D 489 -32.23 -11.84 -38.07
CA ALA D 489 -32.73 -13.00 -38.78
C ALA D 489 -31.70 -13.57 -39.73
N GLN D 490 -30.61 -12.86 -39.99
CA GLN D 490 -29.53 -13.36 -40.83
C GLN D 490 -28.28 -13.67 -40.02
N SER D 491 -28.42 -13.80 -38.71
CA SER D 491 -27.29 -13.97 -37.82
C SER D 491 -27.30 -15.36 -37.23
N PHE D 492 -26.13 -15.99 -37.18
CA PHE D 492 -25.97 -17.31 -36.62
C PHE D 492 -24.78 -17.31 -35.69
N ILE D 493 -24.85 -18.09 -34.64
CA ILE D 493 -23.73 -18.28 -33.73
C ILE D 493 -23.06 -19.60 -34.07
N TYR D 494 -21.76 -19.56 -34.32
CA TYR D 494 -20.98 -20.75 -34.59
C TYR D 494 -20.49 -21.28 -33.24
N ASP D 495 -21.14 -22.32 -32.75
CA ASP D 495 -20.90 -22.77 -31.39
C ASP D 495 -19.75 -23.77 -31.32
N GLN D 496 -19.53 -24.30 -30.11
CA GLN D 496 -18.38 -25.16 -29.88
C GLN D 496 -18.49 -26.48 -30.64
N LEU D 497 -19.71 -27.01 -30.74
CA LEU D 497 -19.92 -28.24 -31.48
C LEU D 497 -19.69 -28.07 -32.97
N GLY D 498 -19.69 -26.85 -33.47
CA GLY D 498 -19.67 -26.62 -34.89
C GLY D 498 -21.03 -26.39 -35.50
N ARG D 499 -22.04 -26.13 -34.70
CA ARG D 499 -23.37 -25.85 -35.21
C ARG D 499 -23.55 -24.37 -35.47
N TYR D 500 -24.46 -24.05 -36.38
CA TYR D 500 -24.84 -22.68 -36.69
C TYR D 500 -26.23 -22.48 -36.11
N VAL D 501 -26.30 -21.98 -34.91
CA VAL D 501 -27.58 -21.77 -34.25
C VAL D 501 -28.06 -20.38 -34.60
N SER D 502 -29.37 -20.25 -34.79
CA SER D 502 -29.94 -18.96 -35.10
C SER D 502 -29.75 -18.01 -33.93
N ALA D 503 -29.32 -16.78 -34.21
CA ALA D 503 -29.10 -15.83 -33.14
C ALA D 503 -30.41 -15.34 -32.54
N SER D 504 -31.48 -15.32 -33.34
CA SER D 504 -32.77 -14.89 -32.82
C SER D 504 -33.49 -15.99 -32.05
N ASN D 505 -33.04 -17.23 -32.17
CA ASN D 505 -33.65 -18.35 -31.44
C ASN D 505 -32.59 -19.44 -31.32
N THR D 506 -31.93 -19.50 -30.19
CA THR D 506 -30.82 -20.44 -30.08
C THR D 506 -31.25 -21.86 -29.96
N GLU D 507 -32.51 -22.20 -30.12
CA GLU D 507 -32.94 -23.58 -30.13
C GLU D 507 -33.05 -24.14 -31.54
N LEU D 508 -32.68 -23.37 -32.55
CA LEU D 508 -32.81 -23.79 -33.93
C LEU D 508 -31.44 -23.79 -34.59
N CYS D 509 -31.16 -24.84 -35.35
CA CYS D 509 -29.88 -25.04 -36.00
C CYS D 509 -30.05 -25.15 -37.50
N LEU D 510 -28.96 -24.89 -38.21
CA LEU D 510 -28.85 -25.22 -39.62
C LEU D 510 -28.49 -26.69 -39.73
N ASP D 511 -29.39 -27.49 -40.27
CA ASP D 511 -29.24 -28.93 -40.33
C ASP D 511 -29.04 -29.37 -41.77
N GLY D 512 -27.98 -30.15 -42.02
CA GLY D 512 -27.69 -30.60 -43.36
C GLY D 512 -28.65 -31.64 -43.89
N ALA D 513 -29.42 -32.28 -43.01
CA ALA D 513 -30.39 -33.25 -43.48
C ALA D 513 -31.55 -32.59 -44.20
N ALA D 514 -31.98 -31.41 -43.73
CA ALA D 514 -33.09 -30.69 -44.33
C ALA D 514 -32.75 -29.21 -44.35
N LEU D 515 -32.22 -28.74 -45.47
CA LEU D 515 -31.71 -27.37 -45.56
C LEU D 515 -32.74 -26.41 -46.12
N ASP D 516 -33.97 -26.44 -45.60
CA ASP D 516 -34.97 -25.50 -46.04
C ASP D 516 -35.65 -24.89 -44.82
N VAL D 517 -35.57 -25.57 -43.70
CA VAL D 517 -36.07 -25.07 -42.43
C VAL D 517 -35.01 -25.32 -41.37
N LEU D 518 -34.92 -24.41 -40.42
CA LEU D 518 -34.08 -24.65 -39.26
C LEU D 518 -34.67 -25.77 -38.43
N GLN D 519 -33.80 -26.60 -37.87
CA GLN D 519 -34.21 -27.73 -37.05
C GLN D 519 -33.83 -27.48 -35.60
N THR D 520 -34.49 -28.19 -34.70
CA THR D 520 -34.15 -28.11 -33.29
C THR D 520 -32.73 -28.58 -33.06
N CYS D 521 -31.99 -27.83 -32.26
CA CYS D 521 -30.61 -28.22 -31.96
C CYS D 521 -30.60 -29.55 -31.23
N ASN D 522 -29.77 -30.47 -31.71
CA ASN D 522 -29.52 -31.71 -31.01
C ASN D 522 -28.10 -32.15 -31.35
N GLN D 523 -27.81 -33.42 -31.16
CA GLN D 523 -26.47 -33.94 -31.40
C GLN D 523 -26.31 -34.56 -32.77
N ASN D 524 -27.24 -34.30 -33.69
CA ASN D 524 -27.12 -34.82 -35.03
C ASN D 524 -25.79 -34.38 -35.63
N LEU D 525 -25.11 -35.31 -36.28
CA LEU D 525 -23.87 -34.96 -36.96
C LEU D 525 -24.13 -34.11 -38.19
N THR D 526 -25.33 -34.19 -38.76
CA THR D 526 -25.67 -33.33 -39.88
C THR D 526 -25.83 -31.87 -39.48
N GLN D 527 -25.88 -31.58 -38.19
CA GLN D 527 -25.96 -30.20 -37.73
C GLN D 527 -24.62 -29.60 -37.43
N ARG D 528 -23.53 -30.31 -37.68
CA ARG D 528 -22.19 -29.83 -37.39
C ARG D 528 -21.49 -29.48 -38.69
N TRP D 529 -20.81 -28.35 -38.70
CA TRP D 529 -20.16 -27.84 -39.90
C TRP D 529 -18.73 -27.47 -39.57
N GLU D 530 -17.85 -27.66 -40.54
CA GLU D 530 -16.48 -27.20 -40.40
C GLU D 530 -16.07 -26.53 -41.70
N TRP D 531 -15.19 -25.55 -41.57
CA TRP D 531 -14.72 -24.80 -42.73
C TRP D 531 -13.52 -25.52 -43.33
N ARG D 532 -13.63 -25.85 -44.61
CA ARG D 532 -12.48 -26.39 -45.32
C ARG D 532 -11.36 -25.38 -45.32
N LYS D 533 -10.15 -25.83 -45.01
CA LYS D 533 -9.05 -24.91 -44.78
C LYS D 533 -8.67 -24.16 -46.05
N ASN D 534 -8.41 -22.87 -45.90
CA ASN D 534 -7.94 -22.00 -46.98
C ASN D 534 -8.92 -21.90 -48.13
N THR D 535 -10.21 -22.15 -47.88
CA THR D 535 -11.21 -22.03 -48.93
C THR D 535 -12.44 -21.36 -48.34
N ASP D 536 -13.45 -21.18 -49.19
CA ASP D 536 -14.74 -20.63 -48.79
C ASP D 536 -15.80 -21.72 -48.81
N GLU D 537 -15.43 -22.93 -48.44
CA GLU D 537 -16.34 -24.06 -48.44
C GLU D 537 -16.70 -24.43 -47.01
N LEU D 538 -17.98 -24.59 -46.77
CA LEU D 538 -18.50 -25.06 -45.50
C LEU D 538 -18.93 -26.51 -45.69
N THR D 539 -18.32 -27.42 -44.94
CA THR D 539 -18.57 -28.84 -45.13
C THR D 539 -19.33 -29.41 -43.95
N ASN D 540 -20.23 -30.34 -44.25
CA ASN D 540 -20.98 -31.02 -43.21
C ASN D 540 -20.13 -32.11 -42.57
N VAL D 541 -20.23 -32.24 -41.26
CA VAL D 541 -19.39 -33.20 -40.55
C VAL D 541 -19.83 -34.62 -40.85
N TYR D 542 -21.13 -34.86 -40.95
CA TYR D 542 -21.62 -36.22 -41.10
C TYR D 542 -21.16 -36.86 -42.39
N SER D 543 -21.39 -36.18 -43.52
CA SER D 543 -21.12 -36.76 -44.82
C SER D 543 -19.88 -36.22 -45.50
N GLY D 544 -19.35 -35.10 -45.04
CA GLY D 544 -18.23 -34.48 -45.70
C GLY D 544 -18.60 -33.65 -46.90
N GLU D 545 -19.87 -33.61 -47.27
CA GLU D 545 -20.30 -32.80 -48.40
C GLU D 545 -20.27 -31.33 -48.04
N SER D 546 -20.16 -30.49 -49.06
CA SER D 546 -20.08 -29.05 -48.86
C SER D 546 -21.45 -28.43 -49.00
N LEU D 547 -21.65 -27.32 -48.29
CA LEU D 547 -22.87 -26.56 -48.41
C LEU D 547 -22.82 -25.75 -49.69
N GLY D 548 -23.78 -25.97 -50.58
CA GLY D 548 -23.86 -25.25 -51.82
C GLY D 548 -25.22 -24.60 -51.98
N HIS D 549 -25.28 -23.62 -52.85
CA HIS D 549 -26.52 -22.92 -53.12
C HIS D 549 -26.74 -22.85 -54.62
N ASP D 550 -28.01 -22.89 -55.00
CA ASP D 550 -28.36 -22.74 -56.40
C ASP D 550 -27.97 -21.34 -56.88
N LYS D 551 -27.35 -21.28 -58.06
CA LYS D 551 -26.84 -20.01 -58.55
C LYS D 551 -27.93 -19.05 -58.98
N GLN D 552 -29.18 -19.50 -59.08
CA GLN D 552 -30.28 -18.64 -59.49
C GLN D 552 -31.17 -18.21 -58.32
N THR D 553 -31.51 -19.13 -57.43
CA THR D 553 -32.43 -18.84 -56.34
C THR D 553 -31.77 -18.83 -54.97
N GLY D 554 -30.55 -19.32 -54.86
CA GLY D 554 -29.91 -19.38 -53.56
C GLY D 554 -30.43 -20.46 -52.65
N GLU D 555 -31.10 -21.47 -53.19
CA GLU D 555 -31.59 -22.57 -52.36
C GLU D 555 -30.42 -23.43 -51.90
N LEU D 556 -30.37 -23.72 -50.61
CA LEU D 556 -29.26 -24.45 -50.03
C LEU D 556 -29.37 -25.94 -50.31
N GLY D 557 -28.23 -26.61 -50.27
CA GLY D 557 -28.17 -28.04 -50.46
C GLY D 557 -26.78 -28.54 -50.13
N LEU D 558 -26.65 -29.85 -50.10
CA LEU D 558 -25.37 -30.50 -49.85
C LEU D 558 -24.89 -31.15 -51.14
N TYR D 559 -23.64 -30.87 -51.51
CA TYR D 559 -23.11 -31.35 -52.77
C TYR D 559 -21.68 -31.81 -52.58
N ALA D 560 -21.33 -32.90 -53.26
CA ALA D 560 -19.94 -33.35 -53.26
C ALA D 560 -19.04 -32.35 -53.99
N SER D 561 -19.53 -31.80 -55.09
CA SER D 561 -18.76 -30.83 -55.85
C SER D 561 -19.72 -29.88 -56.55
N SER D 562 -19.21 -28.71 -56.90
CA SER D 562 -20.00 -27.72 -57.60
C SER D 562 -20.23 -28.14 -59.04
N ASN D 563 -21.24 -27.55 -59.65
CA ASN D 563 -21.53 -27.74 -61.06
C ASN D 563 -21.95 -26.39 -61.63
N ASP D 564 -22.56 -26.41 -62.81
CA ASP D 564 -22.95 -25.17 -63.45
C ASP D 564 -24.04 -24.46 -62.66
N ALA D 565 -24.97 -25.21 -62.09
CA ALA D 565 -26.11 -24.62 -61.41
C ALA D 565 -25.88 -24.39 -59.91
N VAL D 566 -24.77 -24.87 -59.36
CA VAL D 566 -24.58 -24.88 -57.91
C VAL D 566 -23.21 -24.28 -57.61
N SER D 567 -23.17 -23.37 -56.65
CA SER D 567 -21.93 -22.78 -56.18
C SER D 567 -21.66 -23.22 -54.76
N LEU D 568 -20.40 -23.50 -54.44
CA LEU D 568 -20.00 -23.92 -53.12
C LEU D 568 -19.33 -22.82 -52.33
N ARG D 569 -19.41 -21.58 -52.78
CA ARG D 569 -18.69 -20.48 -52.15
C ARG D 569 -19.55 -19.83 -51.08
N THR D 570 -19.10 -19.91 -49.83
CA THR D 570 -19.80 -19.31 -48.71
C THR D 570 -18.85 -18.39 -47.99
N ILE D 571 -19.31 -17.18 -47.71
CA ILE D 571 -18.51 -16.17 -47.03
C ILE D 571 -19.22 -15.80 -45.75
N THR D 572 -18.47 -15.71 -44.66
CA THR D 572 -19.03 -15.40 -43.36
C THR D 572 -18.34 -14.18 -42.78
N ALA D 573 -19.11 -13.35 -42.09
CA ALA D 573 -18.58 -12.17 -41.45
C ALA D 573 -19.40 -11.86 -40.21
N TYR D 574 -18.77 -11.21 -39.24
CA TYR D 574 -19.48 -10.84 -38.03
C TYR D 574 -20.51 -9.77 -38.32
N THR D 575 -21.69 -9.93 -37.73
CA THR D 575 -22.76 -8.98 -37.90
C THR D 575 -22.88 -8.10 -36.66
N ASN D 576 -23.44 -6.92 -36.84
CA ASN D 576 -23.59 -5.96 -35.75
C ASN D 576 -25.05 -5.95 -35.32
N VAL D 577 -25.40 -6.86 -34.43
CA VAL D 577 -26.74 -6.94 -33.89
C VAL D 577 -26.81 -6.37 -32.48
N PHE D 578 -25.78 -5.65 -32.05
CA PHE D 578 -25.67 -5.16 -30.68
C PHE D 578 -26.00 -3.68 -30.57
N ASN D 579 -26.91 -3.20 -31.39
CA ASN D 579 -27.45 -1.86 -31.25
C ASN D 579 -28.76 -1.95 -30.50
N VAL D 580 -29.02 -0.96 -29.65
CA VAL D 580 -30.24 -0.97 -28.86
C VAL D 580 -31.42 -0.72 -29.78
N GLN D 581 -32.34 -1.67 -29.84
CA GLN D 581 -33.50 -1.58 -30.71
C GLN D 581 -34.78 -1.95 -29.98
N SER E 134 -10.37 -28.00 -19.11
CA SER E 134 -9.14 -28.24 -18.36
C SER E 134 -9.30 -27.81 -16.90
N THR E 135 -9.93 -26.66 -16.70
CA THR E 135 -10.12 -26.15 -15.35
C THR E 135 -11.23 -26.91 -14.64
N LEU E 136 -11.37 -26.62 -13.36
CA LEU E 136 -12.29 -27.35 -12.52
C LEU E 136 -13.73 -26.93 -12.79
N PRO E 137 -14.63 -27.87 -13.05
CA PRO E 137 -16.02 -27.51 -13.31
C PRO E 137 -16.79 -27.20 -12.05
N HIS E 138 -17.83 -26.39 -12.20
CA HIS E 138 -18.70 -26.01 -11.11
C HIS E 138 -20.14 -26.22 -11.50
N VAL E 139 -20.98 -26.39 -10.49
CA VAL E 139 -22.42 -26.21 -10.62
C VAL E 139 -22.74 -24.94 -9.87
N ALA E 140 -23.23 -23.93 -10.58
CA ALA E 140 -23.48 -22.62 -10.01
C ALA E 140 -24.94 -22.25 -10.26
N PHE E 141 -25.62 -21.78 -9.22
CA PHE E 141 -26.98 -21.31 -9.41
C PHE E 141 -27.30 -20.30 -8.31
N TYR E 142 -28.36 -19.54 -8.54
CA TYR E 142 -28.85 -18.55 -7.61
C TYR E 142 -30.06 -19.10 -6.89
N ILE E 143 -30.21 -18.74 -5.62
CA ILE E 143 -31.41 -19.04 -4.85
C ILE E 143 -32.01 -17.72 -4.43
N SER E 144 -33.20 -17.43 -4.95
CA SER E 144 -33.93 -16.22 -4.57
C SER E 144 -34.77 -16.50 -3.34
N VAL E 145 -34.63 -15.64 -2.35
CA VAL E 145 -35.39 -15.74 -1.11
C VAL E 145 -36.25 -14.50 -1.03
N ASN E 146 -37.50 -14.60 -1.48
CA ASN E 146 -38.42 -13.48 -1.49
C ASN E 146 -39.55 -13.77 -0.52
N ARG E 147 -39.78 -12.85 0.41
CA ARG E 147 -40.81 -13.03 1.43
C ARG E 147 -41.36 -11.67 1.76
N PRO E 148 -42.52 -11.31 1.22
CA PRO E 148 -43.20 -10.11 1.69
C PRO E 148 -43.79 -10.36 3.07
N ILE E 149 -43.68 -9.35 3.93
CA ILE E 149 -44.15 -9.45 5.30
C ILE E 149 -45.49 -8.73 5.37
N SER E 150 -46.53 -9.47 5.74
CA SER E 150 -47.88 -8.94 5.71
C SER E 150 -48.09 -7.91 6.82
N ASP E 151 -49.17 -7.14 6.69
CA ASP E 151 -49.48 -6.13 7.69
C ASP E 151 -49.75 -6.76 9.05
N GLU E 152 -50.48 -7.87 9.08
CA GLU E 152 -50.75 -8.53 10.35
C GLU E 152 -49.51 -9.19 10.93
N GLU E 153 -48.52 -9.53 10.09
CA GLU E 153 -47.33 -10.18 10.61
C GLU E 153 -46.48 -9.24 11.45
N CYS E 154 -46.64 -7.93 11.31
CA CYS E 154 -45.98 -7.01 12.21
C CYS E 154 -46.97 -5.96 12.70
N THR E 155 -48.11 -6.43 13.18
CA THR E 155 -49.04 -5.62 13.92
C THR E 155 -48.82 -5.87 15.41
N PHE E 156 -48.55 -4.82 16.16
CA PHE E 156 -48.32 -4.90 17.59
C PHE E 156 -49.31 -4.01 18.30
N ASP E 157 -49.38 -4.16 19.63
CA ASP E 157 -50.23 -3.30 20.42
C ASP E 157 -49.75 -1.86 20.34
N ASN E 158 -50.70 -0.94 20.26
CA ASN E 158 -50.35 0.47 20.15
C ASN E 158 -49.60 0.97 21.35
N SER E 159 -49.81 0.35 22.50
CA SER E 159 -49.17 0.77 23.73
C SER E 159 -48.72 -0.45 24.49
N TRP E 160 -47.70 -0.26 25.33
CA TRP E 160 -47.19 -1.32 26.18
C TRP E 160 -47.72 -1.26 27.59
N LEU E 161 -47.94 -0.06 28.12
CA LEU E 161 -48.50 0.09 29.46
C LEU E 161 -49.99 -0.18 29.49
N TRP E 162 -50.70 0.17 28.42
CA TRP E 162 -52.16 0.03 28.33
C TRP E 162 -52.51 -0.79 27.11
N LYS E 163 -51.86 -1.94 26.97
CA LYS E 163 -51.96 -2.73 25.75
C LYS E 163 -53.39 -3.13 25.44
N ASP E 164 -54.24 -3.24 26.44
CA ASP E 164 -55.60 -3.69 26.22
C ASP E 164 -56.57 -2.57 25.87
N GLU E 165 -56.13 -1.31 25.95
CA GLU E 165 -57.02 -0.18 25.77
C GLU E 165 -56.81 0.56 24.45
N LYS E 166 -55.58 0.66 23.97
CA LYS E 166 -55.27 1.54 22.86
C LYS E 166 -55.29 0.83 21.51
N GLY E 167 -55.58 -0.45 21.47
CA GLY E 167 -55.67 -1.15 20.20
C GLY E 167 -54.31 -1.50 19.63
N SER E 168 -54.30 -1.81 18.34
CA SER E 168 -53.11 -2.25 17.65
C SER E 168 -53.01 -1.57 16.29
N ARG E 169 -51.82 -1.60 15.71
CA ARG E 169 -51.58 -0.96 14.43
C ARG E 169 -50.40 -1.66 13.77
N PRO E 170 -50.26 -1.53 12.45
CA PRO E 170 -49.07 -2.08 11.78
C PRO E 170 -47.86 -1.19 12.01
N PHE E 171 -46.77 -1.79 12.47
CA PHE E 171 -45.55 -1.06 12.76
C PHE E 171 -44.56 -1.06 11.60
N CYS E 172 -44.94 -1.65 10.47
CA CYS E 172 -44.09 -1.67 9.29
C CYS E 172 -44.79 -0.95 8.16
N LYS E 173 -44.15 -0.93 7.01
CA LYS E 173 -44.77 -0.39 5.81
C LYS E 173 -44.17 -1.15 4.63
N ASP E 174 -44.89 -2.16 4.15
CA ASP E 174 -44.42 -3.00 3.06
C ASP E 174 -43.08 -3.63 3.39
N ALA E 175 -43.00 -4.25 4.57
CA ALA E 175 -41.80 -4.95 4.95
C ALA E 175 -41.57 -6.13 4.01
N ASN E 176 -40.30 -6.46 3.78
CA ASN E 176 -39.97 -7.40 2.74
C ASN E 176 -38.60 -7.99 2.99
N ILE E 177 -38.44 -9.25 2.61
CA ILE E 177 -37.14 -9.90 2.57
C ILE E 177 -36.87 -10.30 1.13
N SER E 178 -35.73 -9.87 0.59
CA SER E 178 -35.35 -10.19 -0.78
C SER E 178 -33.85 -10.42 -0.83
N LEU E 179 -33.45 -11.68 -0.83
CA LEU E 179 -32.05 -12.05 -0.86
C LEU E 179 -31.80 -13.01 -2.01
N ILE E 180 -30.57 -12.99 -2.52
CA ILE E 180 -30.17 -13.89 -3.59
C ILE E 180 -28.87 -14.56 -3.15
N TYR E 181 -28.94 -15.84 -2.86
CA TYR E 181 -27.75 -16.61 -2.53
C TYR E 181 -27.15 -17.22 -3.78
N ARG E 182 -25.83 -17.26 -3.83
CA ARG E 182 -25.12 -17.97 -4.87
C ARG E 182 -24.57 -19.26 -4.31
N VAL E 183 -24.85 -20.37 -4.97
CA VAL E 183 -24.42 -21.68 -4.53
C VAL E 183 -23.46 -22.25 -5.57
N ASN E 184 -22.34 -22.77 -5.11
CA ASN E 184 -21.37 -23.45 -5.96
C ASN E 184 -21.16 -24.86 -5.46
N LEU E 185 -21.21 -25.82 -6.37
CA LEU E 185 -20.83 -27.19 -6.09
C LEU E 185 -19.58 -27.50 -6.88
N GLU E 186 -18.60 -28.12 -6.25
CA GLU E 186 -17.37 -28.44 -6.94
C GLU E 186 -16.60 -29.47 -6.13
N ARG E 187 -15.65 -30.11 -6.79
CA ARG E 187 -14.63 -30.88 -6.12
C ARG E 187 -13.50 -29.94 -5.73
N SER E 188 -12.75 -30.32 -4.70
CA SER E 188 -11.64 -29.48 -4.28
C SER E 188 -10.51 -29.48 -5.30
N LEU E 189 -10.38 -30.53 -6.09
CA LEU E 189 -9.32 -30.64 -7.07
C LEU E 189 -9.86 -31.24 -8.35
N GLN E 190 -9.15 -31.01 -9.43
CA GLN E 190 -9.50 -31.63 -10.70
C GLN E 190 -9.33 -33.14 -10.62
N TYR E 191 -10.01 -33.84 -11.51
CA TYR E 191 -10.00 -35.28 -11.50
C TYR E 191 -8.59 -35.82 -11.70
N GLY E 192 -8.22 -36.80 -10.88
CA GLY E 192 -7.00 -37.54 -11.09
C GLY E 192 -5.73 -36.86 -10.66
N ILE E 193 -5.80 -35.73 -9.99
CA ILE E 193 -4.61 -35.03 -9.53
C ILE E 193 -4.12 -35.69 -8.24
N VAL E 194 -2.85 -36.08 -8.23
CA VAL E 194 -2.30 -36.77 -7.07
C VAL E 194 -1.18 -35.93 -6.49
N GLY E 195 -0.97 -36.09 -5.19
CA GLY E 195 0.10 -35.40 -4.51
C GLY E 195 -0.11 -33.93 -4.28
N SER E 196 -1.35 -33.47 -4.30
CA SER E 196 -1.62 -32.06 -4.07
C SER E 196 -1.63 -31.75 -2.59
N ALA E 197 -1.36 -30.49 -2.27
CA ALA E 197 -1.42 -30.04 -0.88
C ALA E 197 -2.85 -29.81 -0.40
N THR E 198 -3.80 -29.82 -1.27
CA THR E 198 -5.21 -29.72 -0.94
C THR E 198 -5.81 -31.11 -0.80
N PRO E 199 -6.48 -31.41 0.30
CA PRO E 199 -7.13 -32.71 0.43
C PRO E 199 -8.28 -32.86 -0.55
N ASN E 200 -8.56 -34.10 -0.93
CA ASN E 200 -9.70 -34.38 -1.78
C ASN E 200 -10.99 -34.23 -0.99
N ALA E 201 -11.93 -33.48 -1.53
CA ALA E 201 -13.20 -33.27 -0.84
C ALA E 201 -14.23 -32.78 -1.84
N LYS E 202 -15.49 -32.95 -1.48
CA LYS E 202 -16.61 -32.39 -2.23
C LYS E 202 -17.06 -31.14 -1.51
N ILE E 203 -17.06 -30.02 -2.23
CA ILE E 203 -17.24 -28.70 -1.63
C ILE E 203 -18.60 -28.13 -2.03
N VAL E 204 -19.34 -27.64 -1.06
CA VAL E 204 -20.55 -26.87 -1.29
C VAL E 204 -20.32 -25.49 -0.72
N ARG E 205 -20.40 -24.48 -1.57
CA ARG E 205 -20.14 -23.11 -1.16
C ARG E 205 -21.43 -22.31 -1.30
N ILE E 206 -21.88 -21.70 -0.20
CA ILE E 206 -23.05 -20.84 -0.20
C ILE E 206 -22.60 -19.45 0.14
N SER E 207 -22.92 -18.50 -0.73
CA SER E 207 -22.34 -17.17 -0.63
C SER E 207 -23.41 -16.12 -0.76
N LEU E 208 -23.26 -15.05 0.00
CA LEU E 208 -24.09 -13.85 -0.10
C LEU E 208 -23.09 -12.70 -0.07
N ASP E 209 -22.61 -12.29 -1.22
CA ASP E 209 -21.50 -11.36 -1.27
C ASP E 209 -21.80 -10.16 -2.15
N ASP E 210 -20.78 -9.35 -2.42
CA ASP E 210 -20.99 -8.13 -3.20
C ASP E 210 -21.44 -8.44 -4.61
N ASP E 211 -21.03 -9.57 -5.18
CA ASP E 211 -21.42 -9.91 -6.53
C ASP E 211 -22.87 -10.37 -6.63
N SER E 212 -23.45 -10.84 -5.53
CA SER E 212 -24.81 -11.37 -5.58
C SER E 212 -25.40 -11.24 -4.19
N SER E 213 -26.25 -10.27 -4.02
CA SER E 213 -26.80 -10.07 -2.69
C SER E 213 -28.31 -9.92 -2.69
N GLY E 214 -28.87 -9.28 -3.69
CA GLY E 214 -30.28 -9.00 -3.69
C GLY E 214 -30.61 -7.65 -3.09
N ALA E 215 -31.90 -7.37 -3.03
CA ALA E 215 -32.36 -6.07 -2.54
C ALA E 215 -32.06 -5.90 -1.05
N GLY E 216 -32.34 -6.92 -0.25
CA GLY E 216 -32.05 -6.86 1.15
C GLY E 216 -33.32 -6.99 1.95
N ILE E 217 -33.21 -6.71 3.24
CA ILE E 217 -34.33 -6.80 4.17
C ILE E 217 -34.80 -5.38 4.48
N HIS E 218 -36.09 -5.15 4.33
CA HIS E 218 -36.68 -3.82 4.42
C HIS E 218 -37.84 -3.85 5.40
N LEU E 219 -37.92 -2.85 6.25
CA LEU E 219 -39.01 -2.75 7.20
C LEU E 219 -39.86 -1.50 7.02
N ASN E 220 -39.24 -0.36 6.75
CA ASN E 220 -39.94 0.91 6.76
C ASN E 220 -39.24 1.88 5.84
N ASP E 221 -40.00 2.81 5.26
CA ASP E 221 -39.37 3.93 4.57
C ASP E 221 -38.85 4.95 5.56
N GLN E 222 -39.62 5.23 6.61
CA GLN E 222 -39.20 6.15 7.65
C GLN E 222 -39.96 5.80 8.91
N LEU E 223 -39.45 6.26 10.04
CA LEU E 223 -39.98 5.91 11.34
C LEU E 223 -40.92 7.00 11.82
N SER E 224 -42.12 6.61 12.24
CA SER E 224 -43.09 7.52 12.83
C SER E 224 -43.44 7.00 14.22
N TYR E 225 -44.26 7.78 14.93
CA TYR E 225 -44.62 7.43 16.28
C TYR E 225 -46.06 7.87 16.55
N ARG E 226 -46.63 7.29 17.60
CA ARG E 226 -47.93 7.68 18.09
C ARG E 226 -47.82 7.93 19.59
N ARG E 227 -48.51 8.95 20.07
CA ARG E 227 -48.50 9.31 21.48
C ARG E 227 -49.80 8.90 22.12
N PHE E 228 -49.71 8.30 23.30
CA PHE E 228 -50.87 7.87 24.05
C PHE E 228 -50.77 8.35 25.48
N GLY E 229 -51.90 8.79 26.02
CA GLY E 229 -51.95 9.25 27.39
C GLY E 229 -52.81 8.35 28.24
N ALA E 230 -52.55 8.34 29.54
CA ALA E 230 -53.37 7.55 30.45
C ALA E 230 -54.77 8.13 30.52
N SER E 231 -55.78 7.25 30.43
CA SER E 231 -57.16 7.70 30.48
C SER E 231 -57.54 8.25 31.85
N TYR E 232 -56.80 7.86 32.89
CA TYR E 232 -57.06 8.30 34.25
C TYR E 232 -55.83 9.03 34.79
N THR E 233 -56.06 10.16 35.46
CA THR E 233 -54.97 10.88 36.08
C THR E 233 -54.53 10.19 37.36
N THR E 234 -53.27 10.39 37.72
CA THR E 234 -52.70 9.78 38.92
C THR E 234 -51.58 10.68 39.43
N LEU E 235 -50.80 10.16 40.37
CA LEU E 235 -49.74 10.93 41.00
C LEU E 235 -48.34 10.40 40.66
N ASP E 236 -48.05 9.14 40.96
CA ASP E 236 -46.75 8.55 40.69
C ASP E 236 -46.93 7.30 39.85
N ALA E 237 -47.01 7.49 38.54
CA ALA E 237 -47.18 6.40 37.60
C ALA E 237 -46.88 6.93 36.21
N TYR E 238 -46.90 6.02 35.24
CA TYR E 238 -46.74 6.43 33.85
C TYR E 238 -48.00 7.13 33.37
N PHE E 239 -47.84 8.29 32.78
CA PHE E 239 -48.97 9.04 32.28
C PHE E 239 -48.91 9.33 30.79
N ARG E 240 -47.79 9.04 30.13
CA ARG E 240 -47.69 9.22 28.69
C ARG E 240 -46.87 8.07 28.11
N GLU E 241 -47.10 7.80 26.83
CA GLU E 241 -46.38 6.74 26.16
C GLU E 241 -46.29 7.05 24.69
N TRP E 242 -45.14 6.76 24.09
CA TRP E 242 -44.94 6.85 22.66
C TRP E 242 -44.57 5.48 22.14
N SER E 243 -45.17 5.08 21.03
CA SER E 243 -44.82 3.84 20.35
C SER E 243 -44.27 4.19 18.98
N THR E 244 -43.00 3.90 18.78
CA THR E 244 -42.30 4.20 17.53
C THR E 244 -42.36 3.00 16.60
N ASP E 245 -42.32 3.28 15.31
CA ASP E 245 -42.33 2.22 14.30
C ASP E 245 -41.20 1.24 14.53
N ALA E 246 -41.43 0.00 14.13
CA ALA E 246 -40.54 -1.08 14.48
C ALA E 246 -39.21 -0.98 13.75
N ILE E 247 -38.15 -1.35 14.45
CA ILE E 247 -36.83 -1.49 13.85
C ILE E 247 -36.43 -2.95 13.94
N ALA E 248 -35.30 -3.30 13.34
CA ALA E 248 -34.78 -4.65 13.39
C ALA E 248 -33.86 -4.77 14.59
N GLN E 249 -34.29 -5.54 15.59
CA GLN E 249 -33.40 -5.81 16.71
C GLN E 249 -32.19 -6.61 16.25
N ASP E 250 -32.40 -7.57 15.35
CA ASP E 250 -31.29 -8.27 14.75
C ASP E 250 -31.73 -8.90 13.45
N TYR E 251 -30.76 -9.23 12.62
CA TYR E 251 -30.95 -10.05 11.44
C TYR E 251 -30.16 -11.33 11.61
N ARG E 252 -30.81 -12.46 11.41
CA ARG E 252 -30.19 -13.75 11.64
C ARG E 252 -30.25 -14.59 10.39
N PHE E 253 -29.15 -15.29 10.10
CA PHE E 253 -29.07 -16.16 8.94
C PHE E 253 -28.49 -17.49 9.40
N VAL E 254 -29.30 -18.54 9.31
CA VAL E 254 -28.94 -19.85 9.83
C VAL E 254 -28.72 -20.79 8.66
N PHE E 255 -27.59 -21.48 8.67
CA PHE E 255 -27.26 -22.47 7.66
C PHE E 255 -27.28 -23.84 8.30
N LYS E 256 -28.19 -24.68 7.86
CA LYS E 256 -28.37 -26.00 8.44
C LYS E 256 -28.12 -27.06 7.39
N THR E 257 -28.16 -28.31 7.82
CA THR E 257 -27.91 -29.46 6.97
C THR E 257 -28.81 -30.58 7.43
N SER E 258 -29.37 -31.33 6.48
CA SER E 258 -30.33 -32.36 6.83
C SER E 258 -29.67 -33.55 7.53
N ASN E 259 -28.47 -33.93 7.10
CA ASN E 259 -27.76 -34.99 7.77
C ASN E 259 -26.32 -34.56 8.04
N ASN E 260 -25.47 -35.48 8.48
CA ASN E 260 -24.10 -35.13 8.84
C ASN E 260 -23.09 -35.53 7.77
N LYS E 261 -23.53 -35.70 6.53
CA LYS E 261 -22.61 -36.02 5.46
C LYS E 261 -21.68 -34.85 5.16
N ALA E 262 -22.11 -33.63 5.43
CA ALA E 262 -21.31 -32.44 5.18
C ALA E 262 -20.99 -31.76 6.50
N GLU E 263 -19.82 -31.15 6.56
CA GLU E 263 -19.37 -30.40 7.73
C GLU E 263 -18.96 -29.01 7.29
N ILE E 264 -19.13 -28.05 8.19
CA ILE E 264 -18.67 -26.70 7.90
C ILE E 264 -17.16 -26.72 7.85
N LEU E 265 -16.60 -26.27 6.73
CA LEU E 265 -15.16 -26.20 6.61
C LEU E 265 -14.64 -24.82 6.95
N GLU E 266 -15.27 -23.77 6.43
CA GLU E 266 -14.86 -22.41 6.73
C GLU E 266 -16.04 -21.50 6.48
N THR E 267 -15.98 -20.31 7.08
CA THR E 267 -17.05 -19.34 6.94
C THR E 267 -16.44 -17.96 6.72
N PHE E 268 -17.28 -17.06 6.28
CA PHE E 268 -16.98 -15.65 6.35
C PHE E 268 -18.22 -14.95 6.89
N PRO E 269 -18.13 -14.13 7.94
CA PRO E 269 -16.97 -13.74 8.76
C PRO E 269 -16.30 -14.95 9.39
N ILE E 270 -14.97 -14.89 9.50
CA ILE E 270 -14.22 -16.08 9.91
C ILE E 270 -14.52 -16.42 11.37
N ASP E 271 -14.68 -15.42 12.21
CA ASP E 271 -14.86 -15.67 13.64
C ASP E 271 -15.50 -14.45 14.27
N ASN E 272 -15.87 -14.61 15.53
CA ASN E 272 -16.30 -13.48 16.33
C ASN E 272 -15.13 -12.54 16.59
N LEU E 273 -15.44 -11.28 16.80
CA LEU E 273 -14.40 -10.26 16.95
C LEU E 273 -13.65 -10.41 18.27
N ASN E 274 -12.33 -10.30 18.19
CA ASN E 274 -11.47 -10.21 19.37
C ASN E 274 -11.24 -8.73 19.63
N VAL E 275 -12.05 -8.17 20.54
CA VAL E 275 -12.08 -6.73 20.73
C VAL E 275 -10.74 -6.24 21.25
N LYS E 276 -10.29 -5.11 20.72
CA LYS E 276 -9.05 -4.47 21.12
C LYS E 276 -9.35 -3.28 22.01
N TYR E 277 -8.73 -3.24 23.18
CA TYR E 277 -8.93 -2.17 24.15
C TYR E 277 -7.67 -1.36 24.29
N GLU E 278 -7.83 -0.06 24.46
CA GLU E 278 -6.70 0.82 24.76
C GLU E 278 -6.82 1.27 26.20
N LYS E 279 -5.85 0.89 27.02
CA LYS E 279 -5.81 1.28 28.40
C LYS E 279 -4.84 2.43 28.58
N ARG E 280 -5.15 3.29 29.54
CA ARG E 280 -4.33 4.46 29.79
C ARG E 280 -4.33 4.75 31.28
N LYS E 281 -3.14 4.85 31.86
CA LYS E 281 -2.98 5.17 33.27
C LYS E 281 -2.32 6.53 33.38
N GLN E 282 -2.86 7.38 34.22
CA GLN E 282 -2.30 8.69 34.49
C GLN E 282 -2.03 8.84 35.97
N SER E 283 -0.86 9.35 36.30
CA SER E 283 -0.51 9.70 37.68
C SER E 283 0.07 11.10 37.67
N GLY E 284 -0.37 11.93 38.59
CA GLY E 284 0.13 13.29 38.65
C GLY E 284 0.18 13.83 40.05
N PHE E 285 0.99 14.85 40.23
CA PHE E 285 1.04 15.59 41.48
C PHE E 285 1.10 17.07 41.16
N GLU E 286 0.61 17.88 42.08
CA GLU E 286 0.60 19.32 41.90
C GLU E 286 0.99 19.99 43.21
N LEU E 287 1.89 20.96 43.13
CA LEU E 287 2.34 21.72 44.28
C LEU E 287 1.99 23.18 44.05
N GLY E 288 1.47 23.84 45.07
CA GLY E 288 1.07 25.23 44.93
C GLY E 288 1.37 26.02 46.19
N VAL E 289 1.59 27.32 46.00
CA VAL E 289 1.69 28.28 47.08
C VAL E 289 0.83 29.48 46.73
N THR E 290 0.41 30.21 47.76
CA THR E 290 -0.43 31.38 47.59
C THR E 290 -0.05 32.42 48.62
N GLY E 291 0.09 33.66 48.18
CA GLY E 291 0.38 34.75 49.09
C GLY E 291 -0.61 35.88 48.95
N GLY E 292 -1.41 36.11 49.98
CA GLY E 292 -2.46 37.12 49.95
C GLY E 292 -2.14 38.27 50.88
N ALA E 293 -2.60 39.46 50.50
CA ALA E 293 -2.44 40.67 51.30
C ALA E 293 -3.74 41.43 51.26
N GLU E 294 -4.48 41.42 52.37
CA GLU E 294 -5.76 42.11 52.47
C GLU E 294 -5.57 43.37 53.30
N VAL E 295 -5.93 44.52 52.74
CA VAL E 295 -5.81 45.80 53.42
C VAL E 295 -7.19 46.42 53.55
N SER E 296 -7.56 46.78 54.77
CA SER E 296 -8.86 47.37 55.04
C SER E 296 -8.73 48.30 56.24
N GLU E 297 -9.87 48.75 56.76
CA GLU E 297 -9.86 49.61 57.92
C GLU E 297 -9.34 48.88 59.16
N ASP E 298 -9.51 47.56 59.22
CA ASP E 298 -9.04 46.81 60.37
C ASP E 298 -7.52 46.82 60.46
N GLY E 299 -6.84 46.70 59.32
CA GLY E 299 -5.40 46.69 59.30
C GLY E 299 -4.86 45.67 58.33
N PRO E 300 -3.59 45.81 57.96
CA PRO E 300 -2.98 44.86 57.02
C PRO E 300 -3.14 43.43 57.51
N LYS E 301 -3.49 42.55 56.58
CA LYS E 301 -3.68 41.13 56.86
C LYS E 301 -2.97 40.33 55.78
N ALA E 302 -2.10 39.41 56.20
CA ALA E 302 -1.29 38.64 55.28
C ALA E 302 -1.67 37.17 55.36
N LYS E 303 -1.69 36.51 54.20
CA LYS E 303 -2.03 35.11 54.08
C LYS E 303 -0.93 34.36 53.36
N LEU E 304 -0.69 33.13 53.78
CA LEU E 304 0.29 32.26 53.14
C LEU E 304 -0.30 30.87 53.12
N GLU E 305 -0.39 30.26 51.94
CA GLU E 305 -1.04 28.98 51.75
C GLU E 305 -0.15 28.06 50.94
N ALA E 306 -0.26 26.77 51.22
CA ALA E 306 0.47 25.74 50.48
C ALA E 306 -0.49 24.62 50.13
N ARG E 307 -0.39 24.13 48.90
CA ARG E 307 -1.27 23.09 48.40
C ARG E 307 -0.44 21.95 47.85
N ALA E 308 -0.93 20.74 48.03
CA ALA E 308 -0.32 19.56 47.43
C ALA E 308 -1.44 18.63 47.02
N SER E 309 -1.43 18.19 45.76
CA SER E 309 -2.46 17.32 45.24
C SER E 309 -1.83 16.09 44.61
N ILE E 310 -2.58 15.00 44.63
CA ILE E 310 -2.18 13.74 44.02
C ILE E 310 -3.35 13.26 43.17
N THR E 311 -3.07 12.91 41.93
CA THR E 311 -4.12 12.53 41.00
C THR E 311 -3.80 11.17 40.39
N GLN E 312 -4.84 10.43 40.05
CA GLN E 312 -4.68 9.15 39.39
C GLN E 312 -5.94 8.87 38.60
N SER E 313 -5.80 8.56 37.32
CA SER E 313 -6.95 8.27 36.50
C SER E 313 -6.66 7.10 35.58
N ARG E 314 -7.71 6.40 35.19
CA ARG E 314 -7.62 5.28 34.27
C ARG E 314 -8.59 5.51 33.12
N TRP E 315 -8.14 5.21 31.92
CA TRP E 315 -8.97 5.31 30.74
C TRP E 315 -9.11 3.95 30.09
N LEU E 316 -10.26 3.70 29.47
CA LEU E 316 -10.47 2.52 28.67
C LEU E 316 -11.19 2.94 27.39
N THR E 317 -10.64 2.56 26.25
CA THR E 317 -11.18 2.94 24.96
C THR E 317 -11.38 1.71 24.10
N TYR E 318 -12.52 1.65 23.42
CA TYR E 318 -12.80 0.55 22.50
C TYR E 318 -13.84 1.02 21.51
N ASN E 319 -14.01 0.24 20.46
CA ASN E 319 -14.93 0.56 19.38
C ASN E 319 -16.16 -0.32 19.45
N THR E 320 -17.30 0.26 19.14
CA THR E 320 -18.53 -0.50 18.95
C THR E 320 -19.11 -0.13 17.59
N GLN E 321 -20.12 -0.87 17.18
CA GLN E 321 -20.90 -0.55 15.99
C GLN E 321 -22.36 -0.56 16.38
N ASP E 322 -23.23 -0.07 15.51
CA ASP E 322 -24.63 -0.23 15.84
C ASP E 322 -25.15 -1.61 15.50
N TYR E 323 -24.45 -2.37 14.68
CA TYR E 323 -24.78 -3.77 14.46
C TYR E 323 -23.50 -4.58 14.53
N ARG E 324 -23.46 -5.54 15.44
CA ARG E 324 -22.30 -6.41 15.59
C ARG E 324 -22.64 -7.79 15.09
N VAL E 325 -21.73 -8.37 14.30
CA VAL E 325 -21.91 -9.71 13.77
C VAL E 325 -21.52 -10.70 14.85
N GLU E 326 -22.41 -11.64 15.13
CA GLU E 326 -22.16 -12.70 16.09
C GLU E 326 -22.31 -14.04 15.39
N ARG E 327 -21.23 -14.79 15.35
CA ARG E 327 -21.20 -16.09 14.71
C ARG E 327 -21.43 -17.15 15.77
N ASN E 328 -22.34 -18.06 15.51
CA ASN E 328 -22.76 -19.05 16.47
C ASN E 328 -22.83 -20.40 15.78
N ALA E 329 -21.90 -21.28 16.07
CA ALA E 329 -21.80 -22.57 15.42
C ALA E 329 -22.13 -23.66 16.44
N LYS E 330 -23.38 -24.14 16.41
CA LYS E 330 -23.81 -25.13 17.38
C LYS E 330 -23.07 -26.44 17.23
N ASN E 331 -22.88 -26.89 16.00
CA ASN E 331 -22.18 -28.14 15.75
C ASN E 331 -21.57 -28.07 14.36
N ALA E 332 -21.05 -29.19 13.88
CA ALA E 332 -20.35 -29.21 12.61
C ALA E 332 -21.26 -28.98 11.43
N GLN E 333 -22.58 -29.10 11.59
CA GLN E 333 -23.49 -28.98 10.48
C GLN E 333 -24.22 -27.65 10.41
N THR E 334 -24.24 -26.87 11.48
CA THR E 334 -25.04 -25.67 11.51
C THR E 334 -24.23 -24.49 12.03
N VAL E 335 -24.38 -23.36 11.35
CA VAL E 335 -23.79 -22.11 11.79
C VAL E 335 -24.82 -21.02 11.55
N SER E 336 -24.88 -20.06 12.46
CA SER E 336 -25.77 -18.93 12.30
C SER E 336 -24.97 -17.64 12.44
N PHE E 337 -25.29 -16.67 11.60
CA PHE E 337 -24.73 -15.34 11.69
C PHE E 337 -25.85 -14.39 12.09
N THR E 338 -25.61 -13.62 13.13
CA THR E 338 -26.58 -12.65 13.60
C THR E 338 -25.95 -11.28 13.64
N TRP E 339 -26.58 -10.33 12.97
CA TRP E 339 -26.21 -8.93 13.12
C TRP E 339 -27.11 -8.35 14.21
N ASN E 340 -26.54 -8.11 15.37
CA ASN E 340 -27.27 -7.71 16.54
C ASN E 340 -27.02 -6.25 16.83
N ARG E 341 -28.07 -5.52 17.19
CA ARG E 341 -27.90 -4.13 17.60
C ARG E 341 -26.97 -4.05 18.79
N GLN E 342 -25.95 -3.20 18.70
CA GLN E 342 -24.99 -3.09 19.79
C GLN E 342 -25.00 -1.72 20.45
N GLU E 343 -24.74 -0.65 19.70
CA GLU E 343 -24.51 0.65 20.34
C GLU E 343 -25.79 1.20 20.95
N TYR E 344 -26.87 1.22 20.20
CA TYR E 344 -28.17 1.66 20.71
C TYR E 344 -29.10 0.46 20.62
N ALA E 345 -28.98 -0.45 21.58
CA ALA E 345 -29.73 -1.68 21.53
C ALA E 345 -31.04 -1.61 22.30
N THR E 346 -31.17 -0.66 23.22
CA THR E 346 -32.33 -0.57 24.09
C THR E 346 -33.12 0.68 23.75
N ALA E 347 -34.42 0.63 24.04
CA ALA E 347 -35.25 1.82 23.86
C ALA E 347 -34.80 2.94 24.78
N GLU E 348 -34.20 2.60 25.92
CA GLU E 348 -33.70 3.62 26.84
C GLU E 348 -32.57 4.41 26.20
N SER E 349 -31.70 3.74 25.45
CA SER E 349 -30.54 4.41 24.88
C SER E 349 -30.93 5.36 23.75
N LEU E 350 -32.16 5.28 23.26
CA LEU E 350 -32.60 6.14 22.19
C LEU E 350 -33.15 7.48 22.67
N LEU E 351 -33.28 7.67 23.98
CA LEU E 351 -33.80 8.91 24.52
C LEU E 351 -32.70 9.96 24.53
N ASN E 352 -32.96 11.11 23.91
CA ASN E 352 -32.01 12.20 23.96
C ASN E 352 -32.11 13.01 25.24
N ARG E 353 -33.20 12.85 25.98
CA ARG E 353 -33.42 13.57 27.22
C ARG E 353 -33.95 12.60 28.26
N SER E 354 -33.51 12.79 29.50
CA SER E 354 -33.88 11.88 30.58
C SER E 354 -34.88 12.46 31.55
N THR E 355 -34.99 13.79 31.63
CA THR E 355 -35.87 14.43 32.60
C THR E 355 -36.44 15.69 31.97
N ASP E 356 -37.59 16.12 32.46
CA ASP E 356 -38.24 17.30 31.91
C ASP E 356 -39.25 17.83 32.92
N ALA E 357 -39.69 19.06 32.69
CA ALA E 357 -40.76 19.64 33.48
C ALA E 357 -42.11 19.10 33.02
N LEU E 358 -43.10 19.23 33.90
CA LEU E 358 -44.39 18.60 33.64
C LEU E 358 -45.07 19.18 32.41
N TRP E 359 -44.92 20.47 32.18
CA TRP E 359 -45.59 21.10 31.04
C TRP E 359 -45.00 20.69 29.70
N VAL E 360 -43.83 20.07 29.68
CA VAL E 360 -43.20 19.64 28.44
C VAL E 360 -43.93 18.41 27.91
N ASP E 361 -44.33 18.45 26.65
CA ASP E 361 -45.00 17.33 26.00
C ASP E 361 -44.43 17.20 24.59
N THR E 362 -43.35 16.44 24.45
CA THR E 362 -42.69 16.26 23.17
C THR E 362 -42.19 14.83 23.06
N TYR E 363 -41.94 14.43 21.83
CA TYR E 363 -41.37 13.11 21.57
C TYR E 363 -39.96 13.05 22.15
N PRO E 364 -39.68 12.15 23.09
CA PRO E 364 -38.37 12.12 23.74
C PRO E 364 -37.33 11.23 23.07
N VAL E 365 -37.60 10.70 21.90
CA VAL E 365 -36.69 9.78 21.21
C VAL E 365 -35.92 10.56 20.17
N ASP E 366 -34.61 10.34 20.12
CA ASP E 366 -33.76 10.92 19.08
C ASP E 366 -33.72 9.94 17.92
N VAL E 367 -34.54 10.19 16.90
CA VAL E 367 -34.62 9.27 15.77
C VAL E 367 -33.35 9.28 14.95
N ASN E 368 -32.51 10.30 15.11
CA ASN E 368 -31.25 10.31 14.38
C ASN E 368 -30.30 9.21 14.86
N ARG E 369 -30.53 8.68 16.04
CA ARG E 369 -29.72 7.56 16.52
C ARG E 369 -30.09 6.24 15.86
N ILE E 370 -31.21 6.18 15.18
CA ILE E 370 -31.64 4.97 14.49
C ILE E 370 -31.19 5.08 13.05
N SER E 371 -30.16 4.32 12.70
CA SER E 371 -29.60 4.36 11.37
C SER E 371 -30.56 3.72 10.37
N PRO E 372 -30.45 4.09 9.09
CA PRO E 372 -31.25 3.42 8.07
C PRO E 372 -30.94 1.95 7.95
N LEU E 373 -29.78 1.51 8.44
CA LEU E 373 -29.45 0.09 8.45
C LEU E 373 -30.44 -0.72 9.26
N SER E 374 -31.17 -0.10 10.17
CA SER E 374 -32.06 -0.83 11.05
C SER E 374 -33.48 -0.94 10.54
N TYR E 375 -33.86 -0.18 9.54
CA TYR E 375 -35.19 -0.35 8.96
C TYR E 375 -35.26 -0.23 7.45
N ALA E 376 -34.35 0.49 6.80
CA ALA E 376 -34.57 0.84 5.40
C ALA E 376 -34.08 -0.24 4.47
N SER E 377 -32.89 -0.77 4.73
CA SER E 377 -32.33 -1.82 3.90
C SER E 377 -31.15 -2.44 4.61
N PHE E 378 -31.11 -3.75 4.71
CA PHE E 378 -29.97 -4.45 5.27
C PHE E 378 -29.56 -5.54 4.31
N VAL E 379 -28.27 -5.61 3.99
CA VAL E 379 -27.73 -6.66 3.15
C VAL E 379 -26.57 -7.30 3.91
N PRO E 380 -26.66 -8.56 4.27
CA PRO E 380 -25.52 -9.23 4.91
C PRO E 380 -24.48 -9.64 3.89
N LYS E 381 -23.27 -9.87 4.39
CA LYS E 381 -22.19 -10.41 3.57
C LYS E 381 -21.63 -11.62 4.31
N MET E 382 -21.85 -12.81 3.76
CA MET E 382 -21.34 -13.99 4.43
C MET E 382 -21.16 -15.13 3.45
N ASP E 383 -20.23 -16.02 3.79
CA ASP E 383 -19.93 -17.22 3.04
C ASP E 383 -19.94 -18.40 3.98
N VAL E 384 -20.42 -19.55 3.50
CA VAL E 384 -20.29 -20.81 4.23
C VAL E 384 -19.80 -21.84 3.25
N ILE E 385 -18.77 -22.58 3.63
CA ILE E 385 -18.22 -23.64 2.81
C ILE E 385 -18.42 -24.95 3.55
N TYR E 386 -19.17 -25.84 2.96
CA TYR E 386 -19.33 -27.19 3.48
C TYR E 386 -18.42 -28.13 2.73
N LYS E 387 -18.03 -29.20 3.38
CA LYS E 387 -17.25 -30.23 2.72
C LYS E 387 -17.79 -31.59 3.09
N ALA E 388 -17.73 -32.49 2.12
CA ALA E 388 -18.05 -33.89 2.33
C ALA E 388 -16.84 -34.71 1.93
N SER E 389 -16.77 -35.94 2.40
CA SER E 389 -15.65 -36.79 2.05
C SER E 389 -15.67 -37.09 0.57
N ASP E 390 -14.51 -37.38 0.01
CA ASP E 390 -14.40 -37.62 -1.42
C ASP E 390 -15.15 -38.87 -1.87
N THR E 391 -15.57 -39.72 -0.95
CA THR E 391 -16.34 -40.91 -1.30
C THR E 391 -17.76 -40.87 -0.79
N GLU E 392 -18.28 -39.68 -0.50
CA GLU E 392 -19.64 -39.57 0.02
C GLU E 392 -20.65 -39.99 -1.03
N THR E 393 -21.71 -40.65 -0.57
CA THR E 393 -22.82 -41.05 -1.42
C THR E 393 -24.12 -40.51 -0.83
N GLY E 394 -25.21 -40.74 -1.53
CA GLY E 394 -26.48 -40.25 -1.06
C GLY E 394 -26.67 -38.79 -1.38
N SER E 395 -27.54 -38.15 -0.60
CA SER E 395 -27.88 -36.75 -0.81
C SER E 395 -27.97 -36.04 0.52
N THR E 396 -28.01 -34.71 0.45
CA THR E 396 -28.05 -33.88 1.64
C THR E 396 -28.85 -32.62 1.30
N ASP E 397 -29.75 -32.24 2.19
CA ASP E 397 -30.49 -30.99 2.04
C ASP E 397 -29.82 -29.90 2.83
N PHE E 398 -29.60 -28.77 2.19
CA PHE E 398 -29.05 -27.59 2.84
C PHE E 398 -30.16 -26.58 2.99
N ILE E 399 -30.34 -26.05 4.20
CA ILE E 399 -31.40 -25.11 4.50
C ILE E 399 -30.77 -23.79 4.89
N ILE E 400 -31.30 -22.70 4.35
CA ILE E 400 -30.89 -21.35 4.73
C ILE E 400 -32.11 -20.64 5.31
N ASP E 401 -32.01 -20.22 6.55
CA ASP E 401 -33.07 -19.51 7.25
C ASP E 401 -32.67 -18.05 7.38
N SER E 402 -33.40 -17.17 6.73
CA SER E 402 -33.16 -15.74 6.80
C SER E 402 -34.29 -15.11 7.58
N SER E 403 -33.96 -14.36 8.62
CA SER E 403 -35.00 -13.82 9.49
C SER E 403 -34.60 -12.45 9.98
N VAL E 404 -35.60 -11.69 10.39
CA VAL E 404 -35.41 -10.39 11.02
C VAL E 404 -36.22 -10.37 12.29
N ASN E 405 -35.63 -9.90 13.37
CA ASN E 405 -36.30 -9.78 14.67
C ASN E 405 -36.91 -8.39 14.74
N ILE E 406 -38.21 -8.31 14.44
CA ILE E 406 -38.88 -7.02 14.38
C ILE E 406 -39.23 -6.56 15.79
N ARG E 407 -38.86 -5.33 16.12
CA ARG E 407 -39.03 -4.82 17.46
C ARG E 407 -39.66 -3.44 17.47
N PRO E 408 -40.90 -3.29 17.90
CA PRO E 408 -41.45 -1.95 18.12
C PRO E 408 -40.80 -1.30 19.33
N ILE E 409 -40.76 0.02 19.32
CA ILE E 409 -40.10 0.80 20.36
C ILE E 409 -41.15 1.49 21.19
N TYR E 410 -41.10 1.28 22.50
CA TYR E 410 -42.05 1.87 23.44
C TYR E 410 -41.29 2.70 24.45
N ASN E 411 -41.73 3.92 24.67
CA ASN E 411 -41.18 4.79 25.68
C ASN E 411 -42.30 5.39 26.50
N GLY E 412 -42.03 5.63 27.78
CA GLY E 412 -43.02 6.18 28.67
C GLY E 412 -42.46 7.32 29.50
N ALA E 413 -43.35 8.22 29.88
CA ALA E 413 -43.02 9.32 30.77
C ALA E 413 -43.60 9.04 32.14
N TYR E 414 -42.76 9.10 33.16
CA TYR E 414 -43.15 8.79 34.54
C TYR E 414 -43.23 10.07 35.33
N LYS E 415 -44.32 10.25 36.06
CA LYS E 415 -44.54 11.45 36.85
C LYS E 415 -43.94 11.26 38.24
N HIS E 416 -42.95 12.08 38.57
CA HIS E 416 -42.31 12.05 39.88
C HIS E 416 -42.73 13.30 40.63
N TYR E 417 -43.56 13.15 41.65
CA TYR E 417 -44.02 14.27 42.47
C TYR E 417 -43.10 14.42 43.68
N TYR E 418 -42.36 15.51 43.70
CA TYR E 418 -41.51 15.86 44.82
C TYR E 418 -41.90 17.23 45.33
N VAL E 419 -41.82 17.42 46.65
CA VAL E 419 -42.18 18.69 47.26
C VAL E 419 -41.26 19.80 46.76
N VAL E 420 -39.98 19.50 46.57
CA VAL E 420 -39.06 20.48 46.01
C VAL E 420 -39.46 20.83 44.58
N GLY E 421 -39.80 19.82 43.79
CA GLY E 421 -40.22 20.05 42.42
C GLY E 421 -40.68 18.79 41.72
N ALA E 422 -41.82 18.87 41.03
CA ALA E 422 -42.36 17.75 40.28
C ALA E 422 -41.81 17.76 38.86
N HIS E 423 -41.30 16.62 38.42
CA HIS E 423 -40.72 16.47 37.11
C HIS E 423 -41.18 15.15 36.52
N GLN E 424 -40.90 14.96 35.23
CA GLN E 424 -41.18 13.72 34.53
C GLN E 424 -39.88 13.11 34.05
N SER E 425 -39.75 11.80 34.21
CA SER E 425 -38.58 11.07 33.76
C SER E 425 -39.00 10.12 32.66
N TYR E 426 -38.18 10.02 31.62
CA TYR E 426 -38.48 9.18 30.47
C TYR E 426 -37.83 7.82 30.62
N HIS E 427 -38.58 6.79 30.27
CA HIS E 427 -38.10 5.42 30.38
C HIS E 427 -38.39 4.66 29.10
N GLY E 428 -37.53 3.71 28.80
CA GLY E 428 -37.75 2.76 27.71
C GLY E 428 -38.08 1.41 28.29
N PHE E 429 -38.94 0.67 27.61
CA PHE E 429 -39.35 -0.65 28.06
C PHE E 429 -38.67 -1.70 27.20
N GLU E 430 -37.94 -2.60 27.84
CA GLU E 430 -37.19 -3.62 27.13
C GLU E 430 -37.92 -4.95 27.02
N ASN E 431 -38.93 -5.18 27.84
CA ASN E 431 -39.70 -6.42 27.79
C ASN E 431 -40.83 -6.35 26.79
N SER E 432 -40.84 -5.34 25.93
CA SER E 432 -41.89 -5.22 24.93
C SER E 432 -41.77 -6.36 23.92
N PRO E 433 -42.85 -6.68 23.22
CA PRO E 433 -42.84 -7.84 22.33
C PRO E 433 -41.90 -7.66 21.14
N ARG E 434 -41.41 -8.78 20.66
CA ARG E 434 -40.66 -8.86 19.41
C ARG E 434 -41.19 -10.02 18.60
N ARG E 435 -41.12 -9.89 17.28
CA ARG E 435 -41.59 -10.94 16.40
C ARG E 435 -40.49 -11.25 15.40
N ARG E 436 -40.16 -12.53 15.26
CA ARG E 436 -39.18 -12.97 14.28
C ARG E 436 -39.91 -13.43 13.02
N ILE E 437 -39.56 -12.85 11.88
CA ILE E 437 -40.15 -13.20 10.60
C ILE E 437 -39.10 -13.90 9.78
N THR E 438 -39.36 -15.14 9.40
CA THR E 438 -38.37 -15.99 8.77
C THR E 438 -38.81 -16.41 7.38
N LYS E 439 -37.85 -16.59 6.49
CA LYS E 439 -38.06 -17.24 5.21
C LYS E 439 -36.99 -18.29 5.04
N SER E 440 -37.41 -19.52 4.76
CA SER E 440 -36.50 -20.65 4.61
C SER E 440 -36.33 -20.98 3.13
N ALA E 441 -35.10 -21.17 2.70
CA ALA E 441 -34.79 -21.68 1.39
C ALA E 441 -33.97 -22.94 1.55
N SER E 442 -34.13 -23.87 0.61
CA SER E 442 -33.38 -25.11 0.69
C SER E 442 -33.05 -25.60 -0.70
N PHE E 443 -31.99 -26.40 -0.78
CA PHE E 443 -31.64 -27.09 -2.00
C PHE E 443 -31.03 -28.43 -1.62
N THR E 444 -31.13 -29.38 -2.53
CA THR E 444 -30.63 -30.72 -2.30
C THR E 444 -29.36 -30.93 -3.12
N VAL E 445 -28.35 -31.51 -2.49
CA VAL E 445 -27.11 -31.84 -3.16
C VAL E 445 -27.03 -33.36 -3.21
N ASP E 446 -26.95 -33.91 -4.41
CA ASP E 446 -26.68 -35.32 -4.61
C ASP E 446 -25.18 -35.51 -4.71
N TRP E 447 -24.60 -36.21 -3.74
CA TRP E 447 -23.15 -36.33 -3.68
C TRP E 447 -22.58 -37.15 -4.82
N ASP E 448 -23.42 -37.85 -5.59
CA ASP E 448 -22.97 -38.57 -6.75
C ASP E 448 -23.13 -37.76 -8.04
N HIS E 449 -23.33 -36.46 -7.92
CA HIS E 449 -23.42 -35.62 -9.09
C HIS E 449 -22.09 -35.65 -9.85
N PRO E 450 -22.11 -35.60 -11.18
CA PRO E 450 -20.85 -35.65 -11.92
C PRO E 450 -19.91 -34.50 -11.64
N VAL E 451 -20.40 -33.38 -11.12
CA VAL E 451 -19.51 -32.27 -10.83
C VAL E 451 -18.51 -32.64 -9.75
N PHE E 452 -18.86 -33.59 -8.90
CA PHE E 452 -18.00 -33.96 -7.80
C PHE E 452 -16.92 -34.94 -8.20
N THR E 453 -16.90 -35.38 -9.45
CA THR E 453 -15.74 -36.08 -9.96
C THR E 453 -14.58 -35.15 -10.23
N GLY E 454 -14.85 -33.88 -10.49
CA GLY E 454 -13.81 -32.93 -10.80
C GLY E 454 -13.33 -32.95 -12.23
N GLY E 455 -13.96 -33.75 -13.08
CA GLY E 455 -13.53 -33.84 -14.45
C GLY E 455 -14.56 -33.33 -15.42
N ARG E 456 -14.15 -33.05 -16.65
CA ARG E 456 -15.06 -32.58 -17.67
C ARG E 456 -15.39 -33.73 -18.60
N PRO E 457 -16.60 -34.27 -18.56
CA PRO E 457 -16.90 -35.47 -19.33
C PRO E 457 -17.08 -35.19 -20.81
N VAL E 458 -16.93 -36.25 -21.59
CA VAL E 458 -17.18 -36.23 -23.02
C VAL E 458 -18.07 -37.42 -23.34
N ASN E 459 -18.66 -37.39 -24.52
CA ASN E 459 -19.42 -38.53 -25.01
C ASN E 459 -18.67 -39.19 -26.15
N LEU E 460 -19.04 -40.42 -26.43
CA LEU E 460 -18.45 -41.18 -27.53
C LEU E 460 -19.55 -41.41 -28.56
N GLN E 461 -19.56 -40.60 -29.60
CA GLN E 461 -20.60 -40.66 -30.61
C GLN E 461 -20.16 -41.59 -31.74
N LEU E 462 -21.00 -42.56 -32.06
CA LEU E 462 -20.72 -43.47 -33.15
C LEU E 462 -21.05 -42.78 -34.46
N ALA E 463 -20.04 -42.40 -35.21
CA ALA E 463 -20.20 -41.43 -36.28
C ALA E 463 -20.70 -42.05 -37.58
N SER E 464 -20.91 -43.35 -37.64
CA SER E 464 -21.59 -43.90 -38.81
C SER E 464 -23.08 -43.58 -38.77
N PHE E 465 -23.64 -43.38 -37.58
CA PHE E 465 -25.01 -42.95 -37.42
C PHE E 465 -25.08 -41.44 -37.35
N ASN E 466 -26.26 -40.92 -37.63
CA ASN E 466 -26.47 -39.48 -37.47
C ASN E 466 -26.50 -39.11 -36.00
N ASN E 467 -27.17 -39.92 -35.17
CA ASN E 467 -27.33 -39.57 -33.76
C ASN E 467 -27.37 -40.86 -32.94
N ARG E 468 -26.19 -41.30 -32.50
CA ARG E 468 -26.07 -42.49 -31.66
C ARG E 468 -24.85 -42.34 -30.79
N CYS E 469 -25.02 -42.54 -29.48
CA CYS E 469 -23.93 -42.41 -28.55
C CYS E 469 -23.84 -43.67 -27.70
N VAL E 470 -22.64 -43.92 -27.19
CA VAL E 470 -22.46 -45.02 -26.25
C VAL E 470 -23.12 -44.65 -24.93
N GLN E 471 -23.94 -45.54 -24.42
CA GLN E 471 -24.67 -45.29 -23.18
C GLN E 471 -24.53 -46.47 -22.24
N VAL E 472 -24.42 -46.17 -20.95
CA VAL E 472 -24.32 -47.17 -19.90
C VAL E 472 -25.66 -47.26 -19.20
N ASP E 473 -26.19 -48.45 -19.05
CA ASP E 473 -27.42 -48.62 -18.30
C ASP E 473 -27.10 -48.93 -16.84
N ALA E 474 -28.12 -49.35 -16.08
CA ALA E 474 -27.97 -49.49 -14.64
C ALA E 474 -26.97 -50.58 -14.27
N GLN E 475 -26.98 -51.69 -14.98
CA GLN E 475 -26.11 -52.82 -14.67
C GLN E 475 -24.82 -52.82 -15.49
N SER E 476 -24.41 -51.67 -16.00
CA SER E 476 -23.11 -51.52 -16.61
C SER E 476 -23.00 -51.92 -18.06
N ARG E 477 -24.07 -52.40 -18.67
CA ARG E 477 -24.00 -52.79 -20.08
C ARG E 477 -23.96 -51.55 -20.97
N LEU E 478 -23.37 -51.73 -22.14
CA LEU E 478 -23.19 -50.65 -23.10
C LEU E 478 -24.15 -50.82 -24.25
N THR E 479 -24.83 -49.75 -24.62
CA THR E 479 -25.71 -49.74 -25.78
C THR E 479 -25.50 -48.45 -26.53
N ALA E 480 -26.06 -48.38 -27.74
CA ALA E 480 -26.03 -47.18 -28.54
C ALA E 480 -27.42 -46.56 -28.52
N ASN E 481 -27.51 -45.33 -28.03
CA ASN E 481 -28.77 -44.61 -27.94
C ASN E 481 -28.60 -43.24 -28.56
N THR E 482 -29.73 -42.59 -28.82
CA THR E 482 -29.67 -41.22 -29.34
C THR E 482 -28.97 -40.33 -28.34
N CYS E 483 -28.03 -39.53 -28.83
CA CYS E 483 -27.21 -38.73 -27.93
C CYS E 483 -28.03 -37.68 -27.22
N ASP E 484 -27.72 -37.48 -25.95
CA ASP E 484 -28.30 -36.42 -25.13
C ASP E 484 -27.16 -35.71 -24.43
N ASP E 485 -27.02 -34.41 -24.67
CA ASP E 485 -25.87 -33.69 -24.14
C ASP E 485 -25.87 -33.61 -22.62
N GLN E 486 -27.01 -33.80 -21.99
CA GLN E 486 -27.13 -33.68 -20.54
C GLN E 486 -27.26 -35.03 -19.86
N GLN E 487 -27.18 -36.11 -20.60
CA GLN E 487 -27.30 -37.44 -20.03
C GLN E 487 -25.96 -37.85 -19.45
N SER E 488 -25.90 -38.02 -18.13
CA SER E 488 -24.65 -38.44 -17.52
C SER E 488 -24.34 -39.90 -17.79
N ALA E 489 -25.33 -40.69 -18.20
CA ALA E 489 -25.08 -42.07 -18.59
C ALA E 489 -24.35 -42.18 -19.91
N GLN E 490 -24.21 -41.10 -20.66
CA GLN E 490 -23.45 -41.08 -21.89
C GLN E 490 -22.18 -40.29 -21.77
N SER E 491 -21.73 -40.02 -20.55
CA SER E 491 -20.59 -39.17 -20.30
C SER E 491 -19.43 -39.99 -19.76
N PHE E 492 -18.24 -39.71 -20.26
CA PHE E 492 -17.04 -40.38 -19.84
C PHE E 492 -15.95 -39.36 -19.58
N ILE E 493 -15.11 -39.62 -18.61
CA ILE E 493 -13.95 -38.78 -18.33
C ILE E 493 -12.73 -39.45 -18.93
N TYR E 494 -12.01 -38.71 -19.77
CA TYR E 494 -10.77 -39.19 -20.37
C TYR E 494 -9.65 -38.83 -19.41
N ASP E 495 -9.18 -39.82 -18.66
CA ASP E 495 -8.27 -39.54 -17.56
C ASP E 495 -6.82 -39.54 -18.04
N GLN E 496 -5.89 -39.40 -17.07
CA GLN E 496 -4.48 -39.26 -17.40
C GLN E 496 -3.91 -40.52 -18.01
N LEU E 497 -4.36 -41.69 -17.53
CA LEU E 497 -3.90 -42.94 -18.08
C LEU E 497 -4.38 -43.18 -19.49
N GLY E 498 -5.38 -42.44 -19.94
CA GLY E 498 -6.02 -42.74 -21.21
C GLY E 498 -7.25 -43.60 -21.10
N ARG E 499 -7.80 -43.77 -19.91
CA ARG E 499 -9.01 -44.54 -19.73
C ARG E 499 -10.24 -43.67 -19.89
N TYR E 500 -11.34 -44.29 -20.26
CA TYR E 500 -12.64 -43.63 -20.37
C TYR E 500 -13.47 -44.14 -19.19
N VAL E 501 -13.47 -43.40 -18.13
CA VAL E 501 -14.21 -43.81 -16.95
C VAL E 501 -15.60 -43.21 -17.02
N SER E 502 -16.59 -43.98 -16.59
CA SER E 502 -17.95 -43.48 -16.59
C SER E 502 -18.08 -42.31 -15.66
N ALA E 503 -18.76 -41.25 -16.12
CA ALA E 503 -18.90 -40.07 -15.28
C ALA E 503 -19.87 -40.29 -14.15
N SER E 504 -20.84 -41.19 -14.34
CA SER E 504 -21.79 -41.49 -13.29
C SER E 504 -21.23 -42.47 -12.26
N ASN E 505 -20.13 -43.15 -12.56
CA ASN E 505 -19.51 -44.08 -11.62
C ASN E 505 -18.05 -44.18 -12.02
N THR E 506 -17.19 -43.47 -11.31
CA THR E 506 -15.81 -43.44 -11.74
C THR E 506 -15.06 -44.67 -11.43
N GLU E 507 -15.68 -45.75 -10.97
CA GLU E 507 -15.01 -47.01 -10.76
C GLU E 507 -15.17 -47.96 -11.94
N LEU E 508 -15.80 -47.50 -13.02
CA LEU E 508 -16.06 -48.33 -14.18
C LEU E 508 -15.39 -47.73 -15.40
N CYS E 509 -14.73 -48.56 -16.18
CA CYS E 509 -14.00 -48.14 -17.36
C CYS E 509 -14.52 -48.84 -18.60
N LEU E 510 -14.26 -48.22 -19.74
CA LEU E 510 -14.44 -48.86 -21.03
C LEU E 510 -13.23 -49.74 -21.30
N ASP E 511 -13.44 -51.05 -21.33
CA ASP E 511 -12.36 -52.01 -21.45
C ASP E 511 -12.41 -52.68 -22.81
N GLY E 512 -11.28 -52.70 -23.50
CA GLY E 512 -11.23 -53.30 -24.83
C GLY E 512 -11.31 -54.80 -24.83
N ALA E 513 -11.08 -55.44 -23.68
CA ALA E 513 -11.18 -56.89 -23.61
C ALA E 513 -12.63 -57.34 -23.72
N ALA E 514 -13.55 -56.60 -23.11
CA ALA E 514 -14.98 -56.96 -23.13
C ALA E 514 -15.78 -55.67 -23.33
N LEU E 515 -16.14 -55.38 -24.57
CA LEU E 515 -16.78 -54.12 -24.90
C LEU E 515 -18.30 -54.23 -24.92
N ASP E 516 -18.88 -54.83 -23.89
CA ASP E 516 -20.33 -54.90 -23.81
C ASP E 516 -20.77 -54.46 -22.42
N VAL E 517 -19.88 -54.52 -21.46
CA VAL E 517 -20.11 -54.03 -20.11
C VAL E 517 -18.91 -53.22 -19.68
N LEU E 518 -19.16 -52.20 -18.88
CA LEU E 518 -18.06 -51.49 -18.26
C LEU E 518 -17.39 -52.38 -17.23
N GLN E 519 -16.07 -52.27 -17.14
CA GLN E 519 -15.29 -53.06 -16.21
C GLN E 519 -14.72 -52.17 -15.12
N THR E 520 -14.34 -52.79 -14.02
CA THR E 520 -13.72 -52.05 -12.93
C THR E 520 -12.39 -51.46 -13.38
N CYS E 521 -12.17 -50.19 -13.05
CA CYS E 521 -10.92 -49.55 -13.43
C CYS E 521 -9.75 -50.26 -12.78
N ASN E 522 -8.76 -50.59 -13.58
CA ASN E 522 -7.50 -51.10 -13.07
C ASN E 522 -6.41 -50.67 -14.04
N GLN E 523 -5.28 -51.35 -13.99
CA GLN E 523 -4.14 -51.00 -14.83
C GLN E 523 -4.08 -51.81 -16.11
N ASN E 524 -5.16 -52.48 -16.49
CA ASN E 524 -5.17 -53.23 -17.72
C ASN E 524 -4.82 -52.32 -18.89
N LEU E 525 -3.95 -52.79 -19.76
CA LEU E 525 -3.63 -52.02 -20.95
C LEU E 525 -4.79 -51.97 -21.93
N THR E 526 -5.70 -52.94 -21.86
CA THR E 526 -6.90 -52.90 -22.69
C THR E 526 -7.86 -51.81 -22.28
N GLN E 527 -7.66 -51.19 -21.12
CA GLN E 527 -8.51 -50.10 -20.69
C GLN E 527 -7.96 -48.75 -21.07
N ARG E 528 -6.87 -48.69 -21.80
CA ARG E 528 -6.25 -47.43 -22.18
C ARG E 528 -6.47 -47.19 -23.66
N TRP E 529 -6.82 -45.97 -24.01
CA TRP E 529 -7.14 -45.59 -25.36
C TRP E 529 -6.37 -44.36 -25.76
N GLU E 530 -6.00 -44.29 -27.03
CA GLU E 530 -5.40 -43.08 -27.56
C GLU E 530 -6.02 -42.78 -28.91
N TRP E 531 -6.11 -41.51 -29.23
CA TRP E 531 -6.71 -41.07 -30.47
C TRP E 531 -5.66 -41.09 -31.57
N ARG E 532 -5.95 -41.82 -32.64
CA ARG E 532 -5.08 -41.77 -33.81
C ARG E 532 -5.06 -40.36 -34.36
N LYS E 533 -3.86 -39.85 -34.63
CA LYS E 533 -3.71 -38.44 -34.91
C LYS E 533 -4.37 -38.06 -36.24
N ASN E 534 -5.06 -36.92 -36.23
CA ASN E 534 -5.71 -36.33 -37.40
C ASN E 534 -6.80 -37.23 -37.97
N THR E 535 -7.37 -38.11 -37.16
CA THR E 535 -8.46 -38.97 -37.61
C THR E 535 -9.51 -39.05 -36.51
N ASP E 536 -10.57 -39.78 -36.79
CA ASP E 536 -11.63 -40.05 -35.84
C ASP E 536 -11.58 -41.48 -35.34
N GLU E 537 -10.38 -42.01 -35.18
CA GLU E 537 -10.18 -43.38 -34.74
C GLU E 537 -9.68 -43.39 -33.31
N LEU E 538 -10.30 -44.21 -32.48
CA LEU E 538 -9.88 -44.44 -31.11
C LEU E 538 -9.23 -45.81 -31.06
N THR E 539 -7.95 -45.86 -30.69
CA THR E 539 -7.20 -47.10 -30.72
C THR E 539 -6.90 -47.58 -29.32
N ASN E 540 -6.93 -48.89 -29.13
CA ASN E 540 -6.59 -49.50 -27.87
C ASN E 540 -5.09 -49.57 -27.69
N VAL E 541 -4.62 -49.26 -26.49
CA VAL E 541 -3.19 -49.21 -26.25
C VAL E 541 -2.58 -50.61 -26.30
N TYR E 542 -3.28 -51.61 -25.77
CA TYR E 542 -2.70 -52.94 -25.65
C TYR E 542 -2.41 -53.54 -27.01
N SER E 543 -3.40 -53.58 -27.89
CA SER E 543 -3.27 -54.27 -29.17
C SER E 543 -3.08 -53.35 -30.36
N GLY E 544 -3.36 -52.06 -30.20
CA GLY E 544 -3.29 -51.17 -31.33
C GLY E 544 -4.51 -51.18 -32.22
N GLU E 545 -5.48 -52.05 -31.94
CA GLU E 545 -6.69 -52.09 -32.75
C GLU E 545 -7.57 -50.89 -32.45
N SER E 546 -8.42 -50.55 -33.42
CA SER E 546 -9.28 -49.40 -33.29
C SER E 546 -10.65 -49.81 -32.77
N LEU E 547 -11.29 -48.90 -32.07
CA LEU E 547 -12.65 -49.13 -31.60
C LEU E 547 -13.60 -48.94 -32.76
N GLY E 548 -14.35 -49.98 -33.09
CA GLY E 548 -15.32 -49.93 -34.16
C GLY E 548 -16.69 -50.31 -33.65
N HIS E 549 -17.71 -49.94 -34.41
CA HIS E 549 -19.07 -50.27 -34.06
C HIS E 549 -19.78 -50.84 -35.27
N ASP E 550 -20.68 -51.78 -35.02
CA ASP E 550 -21.48 -52.35 -36.07
C ASP E 550 -22.36 -51.26 -36.69
N LYS E 551 -22.40 -51.23 -38.03
CA LYS E 551 -23.11 -50.17 -38.71
C LYS E 551 -24.61 -50.27 -38.58
N GLN E 552 -25.14 -51.38 -38.08
CA GLN E 552 -26.58 -51.55 -37.93
C GLN E 552 -27.05 -51.40 -36.49
N THR E 553 -26.33 -51.98 -35.53
CA THR E 553 -26.76 -51.96 -34.15
C THR E 553 -25.87 -51.10 -33.25
N GLY E 554 -24.71 -50.68 -33.72
CA GLY E 554 -23.82 -49.92 -32.88
C GLY E 554 -23.10 -50.70 -31.81
N GLU E 555 -23.01 -52.02 -31.97
CA GLU E 555 -22.29 -52.83 -31.00
C GLU E 555 -20.79 -52.60 -31.13
N LEU E 556 -20.14 -52.34 -30.01
CA LEU E 556 -18.72 -52.00 -30.03
C LEU E 556 -17.86 -53.24 -30.21
N GLY E 557 -16.66 -53.02 -30.70
CA GLY E 557 -15.68 -54.09 -30.88
C GLY E 557 -14.35 -53.50 -31.24
N LEU E 558 -13.34 -54.36 -31.27
CA LEU E 558 -11.99 -53.98 -31.65
C LEU E 558 -11.67 -54.58 -33.01
N TYR E 559 -11.19 -53.75 -33.93
CA TYR E 559 -10.94 -54.18 -35.28
C TYR E 559 -9.64 -53.60 -35.79
N ALA E 560 -8.89 -54.40 -36.55
CA ALA E 560 -7.70 -53.88 -37.20
C ALA E 560 -8.06 -52.87 -38.28
N SER E 561 -9.13 -53.13 -39.02
CA SER E 561 -9.57 -52.21 -40.06
C SER E 561 -11.07 -52.33 -40.23
N SER E 562 -11.66 -51.29 -40.80
CA SER E 562 -13.08 -51.29 -41.04
C SER E 562 -13.43 -52.20 -42.20
N ASN E 563 -14.69 -52.59 -42.26
CA ASN E 563 -15.22 -53.37 -43.37
C ASN E 563 -16.61 -52.84 -43.68
N ASP E 564 -17.38 -53.62 -44.44
CA ASP E 564 -18.71 -53.17 -44.83
C ASP E 564 -19.63 -53.04 -43.62
N ALA E 565 -19.51 -53.95 -42.67
CA ALA E 565 -20.42 -54.00 -41.54
C ALA E 565 -19.93 -53.21 -40.33
N VAL E 566 -18.72 -52.68 -40.36
CA VAL E 566 -18.09 -52.09 -39.19
C VAL E 566 -17.52 -50.73 -39.58
N SER E 567 -17.79 -49.73 -38.75
CA SER E 567 -17.25 -48.40 -38.93
C SER E 567 -16.29 -48.08 -37.80
N LEU E 568 -15.19 -47.43 -38.13
CA LEU E 568 -14.19 -47.05 -37.13
C LEU E 568 -14.26 -45.58 -36.76
N ARG E 569 -15.32 -44.88 -37.13
CA ARG E 569 -15.40 -43.45 -36.92
C ARG E 569 -16.05 -43.14 -35.58
N THR E 570 -15.28 -42.52 -34.69
CA THR E 570 -15.77 -42.13 -33.38
C THR E 570 -15.55 -40.64 -33.20
N ILE E 571 -16.58 -39.96 -32.75
CA ILE E 571 -16.53 -38.52 -32.54
C ILE E 571 -16.82 -38.24 -31.08
N THR E 572 -16.02 -37.37 -30.48
CA THR E 572 -16.15 -37.06 -29.06
C THR E 572 -16.36 -35.56 -28.89
N ALA E 573 -17.20 -35.20 -27.93
CA ALA E 573 -17.46 -33.81 -27.62
C ALA E 573 -17.78 -33.68 -26.15
N TYR E 574 -17.51 -32.51 -25.60
CA TYR E 574 -17.80 -32.25 -24.20
C TYR E 574 -19.30 -32.20 -23.98
N THR E 575 -19.75 -32.84 -22.90
CA THR E 575 -21.15 -32.84 -22.55
C THR E 575 -21.41 -31.87 -21.41
N ASN E 576 -22.65 -31.41 -21.32
CA ASN E 576 -23.04 -30.45 -20.30
C ASN E 576 -23.84 -31.18 -19.23
N VAL E 577 -23.14 -31.76 -18.27
CA VAL E 577 -23.77 -32.45 -17.16
C VAL E 577 -23.73 -31.61 -15.88
N PHE E 578 -23.42 -30.32 -16.01
CA PHE E 578 -23.23 -29.45 -14.86
C PHE E 578 -24.43 -28.54 -14.62
N ASN E 579 -25.62 -29.01 -14.92
CA ASN E 579 -26.83 -28.32 -14.55
C ASN E 579 -27.37 -28.93 -13.27
N VAL E 580 -27.94 -28.09 -12.41
CA VAL E 580 -28.45 -28.57 -11.13
C VAL E 580 -29.69 -29.41 -11.39
N GLN E 581 -29.63 -30.68 -10.99
CA GLN E 581 -30.74 -31.59 -11.21
C GLN E 581 -31.05 -32.40 -9.96
N SER F 134 6.24 -32.89 -11.67
CA SER F 134 7.44 -32.06 -11.58
C SER F 134 7.53 -31.37 -10.23
N THR F 135 6.40 -30.85 -9.76
CA THR F 135 6.37 -30.15 -8.49
C THR F 135 6.42 -31.13 -7.33
N LEU F 136 6.55 -30.58 -6.15
CA LEU F 136 6.76 -31.38 -4.95
C LEU F 136 5.46 -32.04 -4.52
N PRO F 137 5.44 -33.36 -4.32
CA PRO F 137 4.21 -34.04 -3.89
C PRO F 137 3.93 -33.84 -2.41
N HIS F 138 2.65 -33.95 -2.06
CA HIS F 138 2.21 -33.83 -0.69
C HIS F 138 1.29 -34.99 -0.35
N VAL F 139 1.21 -35.28 0.93
CA VAL F 139 0.12 -36.06 1.49
C VAL F 139 -0.72 -35.09 2.29
N ALA F 140 -1.96 -34.89 1.88
CA ALA F 140 -2.84 -33.90 2.50
C ALA F 140 -4.11 -34.59 2.96
N PHE F 141 -4.53 -34.31 4.18
CA PHE F 141 -5.79 -34.85 4.66
C PHE F 141 -6.32 -33.96 5.78
N TYR F 142 -7.60 -34.12 6.05
CA TYR F 142 -8.29 -33.39 7.10
C TYR F 142 -8.43 -34.28 8.31
N ILE F 143 -8.34 -33.68 9.49
CA ILE F 143 -8.66 -34.37 10.74
C ILE F 143 -9.82 -33.65 11.38
N SER F 144 -10.94 -34.32 11.50
CA SER F 144 -12.11 -33.76 12.16
C SER F 144 -12.03 -34.06 13.64
N VAL F 145 -12.23 -33.03 14.45
CA VAL F 145 -12.22 -33.15 15.89
C VAL F 145 -13.61 -32.74 16.37
N ASN F 146 -14.48 -33.72 16.56
CA ASN F 146 -15.86 -33.47 16.98
C ASN F 146 -16.07 -34.03 18.36
N ARG F 147 -16.52 -33.21 19.27
CA ARG F 147 -16.72 -33.62 20.66
C ARG F 147 -17.90 -32.85 21.21
N PRO F 148 -19.07 -33.48 21.28
CA PRO F 148 -20.17 -32.87 22.01
C PRO F 148 -19.92 -32.94 23.50
N ILE F 149 -20.24 -31.86 24.19
CA ILE F 149 -20.03 -31.76 25.62
C ILE F 149 -21.35 -32.04 26.32
N SER F 150 -21.38 -33.08 27.14
CA SER F 150 -22.63 -33.51 27.75
C SER F 150 -23.09 -32.53 28.81
N ASP F 151 -24.36 -32.67 29.20
CA ASP F 151 -24.92 -31.79 30.22
C ASP F 151 -24.21 -31.96 31.55
N GLU F 152 -23.90 -33.19 31.93
CA GLU F 152 -23.19 -33.42 33.18
C GLU F 152 -21.75 -32.95 33.12
N GLU F 153 -21.16 -32.88 31.93
CA GLU F 153 -19.78 -32.45 31.81
C GLU F 153 -19.60 -30.98 32.15
N CYS F 154 -20.65 -30.19 32.09
CA CYS F 154 -20.57 -28.82 32.56
C CYS F 154 -21.77 -28.49 33.44
N THR F 155 -22.02 -29.37 34.41
CA THR F 155 -22.92 -29.09 35.50
C THR F 155 -22.09 -28.65 36.70
N PHE F 156 -22.39 -27.46 37.21
CA PHE F 156 -21.71 -26.91 38.37
C PHE F 156 -22.72 -26.62 39.46
N ASP F 157 -22.21 -26.33 40.65
CA ASP F 157 -23.08 -25.95 41.75
C ASP F 157 -23.80 -24.65 41.44
N ASN F 158 -25.07 -24.59 41.81
CA ASN F 158 -25.86 -23.40 41.54
C ASN F 158 -25.31 -22.17 42.25
N SER F 159 -24.63 -22.38 43.37
CA SER F 159 -24.09 -21.28 44.14
C SER F 159 -22.69 -21.64 44.60
N TRP F 160 -21.90 -20.61 44.88
CA TRP F 160 -20.55 -20.78 45.38
C TRP F 160 -20.46 -20.60 46.88
N LEU F 161 -21.26 -19.68 47.44
CA LEU F 161 -21.26 -19.47 48.88
C LEU F 161 -22.02 -20.56 49.61
N TRP F 162 -23.09 -21.08 49.01
CA TRP F 162 -23.94 -22.09 49.61
C TRP F 162 -24.03 -23.29 48.71
N LYS F 163 -22.86 -23.79 48.29
CA LYS F 163 -22.80 -24.82 47.26
C LYS F 163 -23.54 -26.08 47.67
N ASP F 164 -23.66 -26.34 48.96
CA ASP F 164 -24.31 -27.57 49.41
C ASP F 164 -25.82 -27.44 49.55
N GLU F 165 -26.37 -26.24 49.40
CA GLU F 165 -27.79 -26.02 49.64
C GLU F 165 -28.61 -25.80 48.38
N LYS F 166 -28.05 -25.15 47.37
CA LYS F 166 -28.84 -24.71 46.24
C LYS F 166 -28.80 -25.67 45.06
N GLY F 167 -28.12 -26.80 45.19
CA GLY F 167 -28.11 -27.78 44.13
C GLY F 167 -27.20 -27.39 42.98
N SER F 168 -27.43 -28.03 41.84
CA SER F 168 -26.59 -27.87 40.67
C SER F 168 -27.46 -27.76 39.43
N ARG F 169 -26.87 -27.26 38.36
CA ARG F 169 -27.58 -27.08 37.10
C ARG F 169 -26.57 -27.10 35.97
N PRO F 170 -27.00 -27.34 34.73
CA PRO F 170 -26.09 -27.26 33.59
C PRO F 170 -25.85 -25.81 33.21
N PHE F 171 -24.58 -25.44 33.11
CA PHE F 171 -24.21 -24.08 32.78
C PHE F 171 -23.95 -23.86 31.30
N CYS F 172 -24.19 -24.88 30.47
CA CYS F 172 -24.01 -24.77 29.04
C CYS F 172 -25.34 -25.05 28.37
N LYS F 173 -25.33 -25.03 27.04
CA LYS F 173 -26.49 -25.43 26.27
C LYS F 173 -25.97 -25.98 24.96
N ASP F 174 -25.92 -27.31 24.88
CA ASP F 174 -25.40 -28.00 23.70
C ASP F 174 -23.98 -27.55 23.37
N ALA F 175 -23.12 -27.55 24.38
CA ALA F 175 -21.74 -27.21 24.16
C ALA F 175 -21.09 -28.22 23.23
N ASN F 176 -20.15 -27.76 22.42
CA ASN F 176 -19.63 -28.60 21.36
C ASN F 176 -18.25 -28.11 20.95
N ILE F 177 -17.40 -29.05 20.55
CA ILE F 177 -16.14 -28.76 19.91
C ILE F 177 -16.18 -29.36 18.51
N SER F 178 -15.92 -28.55 17.50
CA SER F 178 -15.93 -29.00 16.11
C SER F 178 -14.82 -28.28 15.36
N LEU F 179 -13.69 -28.95 15.18
CA LEU F 179 -12.55 -28.37 14.50
C LEU F 179 -12.12 -29.30 13.38
N ILE F 180 -11.50 -28.72 12.36
CA ILE F 180 -10.97 -29.49 11.23
C ILE F 180 -9.54 -29.04 11.00
N TYR F 181 -8.59 -29.91 11.31
CA TYR F 181 -7.19 -29.63 11.06
C TYR F 181 -6.81 -30.12 9.67
N ARG F 182 -5.95 -29.37 9.01
CA ARG F 182 -5.35 -29.80 7.76
C ARG F 182 -3.92 -30.21 8.00
N VAL F 183 -3.56 -31.42 7.56
CA VAL F 183 -2.23 -31.97 7.75
C VAL F 183 -1.58 -32.13 6.39
N ASN F 184 -0.34 -31.69 6.27
CA ASN F 184 0.45 -31.87 5.07
C ASN F 184 1.73 -32.60 5.43
N LEU F 185 2.04 -33.65 4.68
CA LEU F 185 3.33 -34.31 4.76
C LEU F 185 4.07 -34.04 3.46
N GLU F 186 5.35 -33.69 3.56
CA GLU F 186 6.12 -33.41 2.37
C GLU F 186 7.60 -33.42 2.72
N ARG F 187 8.42 -33.52 1.69
CA ARG F 187 9.84 -33.24 1.82
C ARG F 187 10.05 -31.74 1.62
N SER F 188 11.14 -31.23 2.18
CA SER F 188 11.41 -29.81 2.01
C SER F 188 11.79 -29.46 0.58
N LEU F 189 12.35 -30.41 -0.17
CA LEU F 189 12.78 -30.18 -1.53
C LEU F 189 12.41 -31.36 -2.38
N GLN F 190 12.35 -31.12 -3.70
CA GLN F 190 12.12 -32.21 -4.63
C GLN F 190 13.29 -33.17 -4.62
N TYR F 191 13.03 -34.38 -5.10
CA TYR F 191 14.05 -35.42 -5.07
C TYR F 191 15.26 -35.01 -5.90
N GLY F 192 16.44 -35.25 -5.34
CA GLY F 192 17.67 -35.11 -6.09
C GLY F 192 18.16 -33.71 -6.32
N ILE F 193 17.56 -32.71 -5.71
CA ILE F 193 18.00 -31.33 -5.87
C ILE F 193 19.19 -31.08 -4.96
N VAL F 194 20.29 -30.60 -5.54
CA VAL F 194 21.51 -30.37 -4.78
C VAL F 194 21.84 -28.90 -4.80
N GLY F 195 22.51 -28.44 -3.75
CA GLY F 195 22.95 -27.07 -3.68
C GLY F 195 21.88 -26.06 -3.38
N SER F 196 20.75 -26.48 -2.83
CA SER F 196 19.69 -25.55 -2.51
C SER F 196 19.96 -24.84 -1.20
N ALA F 197 19.38 -23.66 -1.05
CA ALA F 197 19.51 -22.90 0.19
C ALA F 197 18.61 -23.43 1.28
N THR F 198 17.72 -24.31 0.98
CA THR F 198 16.85 -24.98 1.93
C THR F 198 17.48 -26.30 2.35
N PRO F 199 17.62 -26.56 3.64
CA PRO F 199 18.14 -27.86 4.07
C PRO F 199 17.17 -28.98 3.76
N ASN F 200 17.72 -30.17 3.56
CA ASN F 200 16.89 -31.35 3.35
C ASN F 200 16.22 -31.75 4.66
N ALA F 201 14.91 -31.96 4.62
CA ALA F 201 14.18 -32.34 5.82
C ALA F 201 12.86 -32.94 5.41
N LYS F 202 12.28 -33.71 6.33
CA LYS F 202 10.93 -34.23 6.20
C LYS F 202 10.01 -33.35 7.03
N ILE F 203 8.99 -32.80 6.40
CA ILE F 203 8.18 -31.75 6.99
C ILE F 203 6.78 -32.30 7.28
N VAL F 204 6.30 -32.06 8.48
CA VAL F 204 4.91 -32.30 8.84
C VAL F 204 4.30 -30.97 9.21
N ARG F 205 3.27 -30.57 8.51
CA ARG F 205 2.61 -29.29 8.73
C ARG F 205 1.19 -29.54 9.21
N ILE F 206 0.86 -29.01 10.37
CA ILE F 206 -0.48 -29.10 10.94
C ILE F 206 -1.05 -27.70 11.00
N SER F 207 -2.18 -27.50 10.37
CA SER F 207 -2.69 -26.15 10.18
C SER F 207 -4.16 -26.08 10.54
N LEU F 208 -4.54 -24.97 11.15
CA LEU F 208 -5.93 -24.63 11.45
C LEU F 208 -6.07 -23.19 11.00
N ASP F 209 -6.44 -23.00 9.74
CA ASP F 209 -6.37 -21.66 9.17
C ASP F 209 -7.69 -21.26 8.52
N ASP F 210 -7.68 -20.14 7.79
CA ASP F 210 -8.92 -19.65 7.19
C ASP F 210 -9.48 -20.60 6.16
N ASP F 211 -8.63 -21.36 5.47
CA ASP F 211 -9.11 -22.29 4.46
C ASP F 211 -9.76 -23.52 5.07
N SER F 212 -9.44 -23.86 6.31
CA SER F 212 -9.96 -25.09 6.92
C SER F 212 -9.97 -24.88 8.43
N SER F 213 -11.11 -24.64 8.97
CA SER F 213 -11.15 -24.40 10.40
C SER F 213 -12.22 -25.21 11.10
N GLY F 214 -13.37 -25.39 10.48
CA GLY F 214 -14.48 -26.05 11.15
C GLY F 214 -15.39 -25.07 11.82
N ALA F 215 -16.40 -25.63 12.49
CA ALA F 215 -17.42 -24.80 13.13
C ALA F 215 -16.84 -24.00 14.29
N GLY F 216 -16.06 -24.65 15.15
CA GLY F 216 -15.44 -23.98 16.26
C GLY F 216 -15.90 -24.56 17.56
N ILE F 217 -15.60 -23.87 18.65
CA ILE F 217 -15.94 -24.30 19.99
C ILE F 217 -17.11 -23.45 20.46
N HIS F 218 -18.16 -24.12 20.92
CA HIS F 218 -19.41 -23.48 21.26
C HIS F 218 -19.81 -23.87 22.67
N LEU F 219 -20.26 -22.92 23.45
CA LEU F 219 -20.72 -23.19 24.81
C LEU F 219 -22.17 -22.84 25.04
N ASN F 220 -22.65 -21.74 24.49
CA ASN F 220 -23.98 -21.23 24.82
C ASN F 220 -24.50 -20.40 23.66
N ASP F 221 -25.82 -20.39 23.51
CA ASP F 221 -26.43 -19.44 22.59
C ASP F 221 -26.47 -18.05 23.21
N GLN F 222 -26.80 -17.96 24.49
CA GLN F 222 -26.81 -16.71 25.20
C GLN F 222 -26.63 -16.99 26.69
N LEU F 223 -26.23 -15.97 27.42
CA LEU F 223 -25.91 -16.11 28.83
C LEU F 223 -27.10 -15.73 29.69
N SER F 224 -27.46 -16.59 30.61
CA SER F 224 -28.50 -16.34 31.59
C SER F 224 -27.92 -16.46 32.98
N TYR F 225 -28.73 -16.14 33.98
CA TYR F 225 -28.28 -16.18 35.36
C TYR F 225 -29.41 -16.65 36.26
N ARG F 226 -29.02 -17.05 37.46
CA ARG F 226 -29.96 -17.39 38.51
C ARG F 226 -29.56 -16.65 39.78
N ARG F 227 -30.54 -16.16 40.52
CA ARG F 227 -30.31 -15.44 41.75
C ARG F 227 -30.64 -16.31 42.94
N PHE F 228 -29.78 -16.30 43.93
CA PHE F 228 -29.97 -17.06 45.16
C PHE F 228 -29.76 -16.17 46.36
N GLY F 229 -30.61 -16.35 47.36
CA GLY F 229 -30.49 -15.60 48.59
C GLY F 229 -30.14 -16.48 49.75
N ALA F 230 -29.53 -15.91 50.77
CA ALA F 230 -29.20 -16.66 51.97
C ALA F 230 -30.48 -17.07 52.69
N SER F 231 -30.56 -18.34 53.09
CA SER F 231 -31.74 -18.84 53.79
C SER F 231 -31.89 -18.22 55.17
N TYR F 232 -30.80 -17.71 55.74
CA TYR F 232 -30.81 -17.09 57.06
C TYR F 232 -30.36 -15.65 56.95
N THR F 233 -31.05 -14.75 57.64
CA THR F 233 -30.65 -13.36 57.66
C THR F 233 -29.45 -13.17 58.58
N THR F 234 -28.66 -12.14 58.30
CA THR F 234 -27.47 -11.84 59.09
C THR F 234 -27.20 -10.34 59.02
N LEU F 235 -26.02 -9.94 59.46
CA LEU F 235 -25.66 -8.53 59.52
C LEU F 235 -24.52 -8.18 58.57
N ASP F 236 -23.36 -8.82 58.71
CA ASP F 236 -22.21 -8.54 57.86
C ASP F 236 -21.75 -9.84 57.22
N ALA F 237 -22.36 -10.18 56.10
CA ALA F 237 -22.03 -11.40 55.36
C ALA F 237 -22.67 -11.29 53.99
N TYR F 238 -22.38 -12.27 53.15
CA TYR F 238 -23.02 -12.34 51.85
C TYR F 238 -24.47 -12.76 52.02
N PHE F 239 -25.37 -12.02 51.40
CA PHE F 239 -26.79 -12.32 51.50
C PHE F 239 -27.45 -12.58 50.15
N ARG F 240 -26.76 -12.33 49.04
CA ARG F 240 -27.30 -12.61 47.73
C ARG F 240 -26.19 -13.14 46.85
N GLU F 241 -26.58 -13.90 45.83
CA GLU F 241 -25.62 -14.45 44.90
C GLU F 241 -26.27 -14.67 43.55
N TRP F 242 -25.53 -14.37 42.49
CA TRP F 242 -25.94 -14.67 41.13
C TRP F 242 -24.93 -15.62 40.52
N SER F 243 -25.41 -16.64 39.82
CA SER F 243 -24.55 -17.54 39.08
C SER F 243 -24.90 -17.41 37.60
N THR F 244 -23.95 -16.92 36.82
CA THR F 244 -24.13 -16.70 35.39
C THR F 244 -23.65 -17.91 34.60
N ASP F 245 -24.26 -18.12 33.44
CA ASP F 245 -23.88 -19.22 32.58
C ASP F 245 -22.39 -19.17 32.26
N ALA F 246 -21.83 -20.34 32.03
CA ALA F 246 -20.38 -20.47 31.92
C ALA F 246 -19.84 -19.83 30.65
N ILE F 247 -18.67 -19.23 30.77
CA ILE F 247 -17.94 -18.73 29.62
C ILE F 247 -16.64 -19.52 29.52
N ALA F 248 -15.88 -19.29 28.47
CA ALA F 248 -14.60 -19.94 28.28
C ALA F 248 -13.53 -19.08 28.91
N GLN F 249 -12.94 -19.55 30.00
CA GLN F 249 -11.80 -18.84 30.56
C GLN F 249 -10.63 -18.84 29.59
N ASP F 250 -10.41 -19.96 28.92
CA ASP F 250 -9.41 -20.00 27.87
C ASP F 250 -9.70 -21.16 26.93
N TYR F 251 -9.14 -21.08 25.74
CA TYR F 251 -9.09 -22.18 24.80
C TYR F 251 -7.64 -22.57 24.59
N ARG F 252 -7.35 -23.85 24.73
CA ARG F 252 -5.99 -24.33 24.65
C ARG F 252 -5.86 -25.40 23.59
N PHE F 253 -4.78 -25.34 22.82
CA PHE F 253 -4.51 -26.30 21.77
C PHE F 253 -3.07 -26.76 21.91
N VAL F 254 -2.89 -28.04 22.23
CA VAL F 254 -1.59 -28.60 22.53
C VAL F 254 -1.18 -29.53 21.40
N PHE F 255 0.03 -29.35 20.90
CA PHE F 255 0.58 -30.20 19.86
C PHE F 255 1.73 -31.00 20.44
N LYS F 256 1.58 -32.30 20.49
CA LYS F 256 2.56 -33.18 21.09
C LYS F 256 3.09 -34.15 20.06
N THR F 257 4.08 -34.93 20.47
CA THR F 257 4.75 -35.88 19.62
C THR F 257 5.10 -37.09 20.46
N SER F 258 4.94 -38.29 19.89
CA SER F 258 5.15 -39.50 20.67
C SER F 258 6.62 -39.72 20.98
N ASN F 259 7.51 -39.40 20.04
CA ASN F 259 8.93 -39.53 20.30
C ASN F 259 9.65 -38.27 19.86
N ASN F 260 10.97 -38.26 19.85
CA ASN F 260 11.73 -37.07 19.52
C ASN F 260 12.29 -37.10 18.12
N LYS F 261 11.72 -37.91 17.24
CA LYS F 261 12.17 -37.94 15.85
C LYS F 261 11.86 -36.63 15.13
N ALA F 262 10.82 -35.92 15.56
CA ALA F 262 10.44 -34.66 14.95
C ALA F 262 10.60 -33.53 15.96
N GLU F 263 10.98 -32.36 15.46
CA GLU F 263 11.13 -31.17 16.26
C GLU F 263 10.29 -30.06 15.67
N ILE F 264 9.80 -29.17 16.53
CA ILE F 264 9.09 -28.00 16.05
C ILE F 264 10.06 -27.12 15.29
N LEU F 265 9.73 -26.83 14.04
CA LEU F 265 10.56 -25.94 13.25
C LEU F 265 10.07 -24.52 13.29
N GLU F 266 8.77 -24.32 13.15
CA GLU F 266 8.20 -22.98 13.19
C GLU F 266 6.72 -23.12 13.51
N THR F 267 6.14 -22.02 13.99
CA THR F 267 4.74 -22.00 14.36
C THR F 267 4.11 -20.72 13.87
N PHE F 268 2.80 -20.71 13.86
CA PHE F 268 2.04 -19.49 13.78
C PHE F 268 0.95 -19.56 14.83
N PRO F 269 0.79 -18.55 15.70
CA PRO F 269 1.53 -17.31 15.87
C PRO F 269 3.01 -17.54 16.11
N ILE F 270 3.85 -16.66 15.58
CA ILE F 270 5.28 -16.92 15.60
C ILE F 270 5.82 -16.88 17.02
N ASP F 271 5.33 -15.95 17.84
CA ASP F 271 5.86 -15.80 19.19
C ASP F 271 4.81 -15.10 20.03
N ASN F 272 5.11 -15.02 21.33
CA ASN F 272 4.32 -14.19 22.22
C ASN F 272 4.53 -12.72 21.88
N LEU F 273 3.51 -11.92 22.20
CA LEU F 273 3.54 -10.52 21.83
C LEU F 273 4.56 -9.74 22.64
N ASN F 274 5.30 -8.87 21.96
CA ASN F 274 6.19 -7.90 22.60
C ASN F 274 5.40 -6.61 22.71
N VAL F 275 4.79 -6.39 23.88
CA VAL F 275 3.85 -5.28 24.04
C VAL F 275 4.54 -3.95 23.86
N LYS F 276 3.88 -3.03 23.18
CA LYS F 276 4.38 -1.70 22.94
C LYS F 276 3.67 -0.72 23.85
N TYR F 277 4.44 0.07 24.59
CA TYR F 277 3.89 1.04 25.53
C TYR F 277 4.18 2.45 25.05
N GLU F 278 3.25 3.35 25.26
CA GLU F 278 3.46 4.76 24.98
C GLU F 278 3.56 5.50 26.31
N LYS F 279 4.72 6.06 26.58
CA LYS F 279 4.95 6.84 27.78
C LYS F 279 4.82 8.31 27.46
N ARG F 280 4.36 9.08 28.44
CA ARG F 280 4.16 10.50 28.25
C ARG F 280 4.47 11.20 29.56
N LYS F 281 5.36 12.18 29.51
CA LYS F 281 5.71 12.98 30.67
C LYS F 281 5.23 14.41 30.45
N GLN F 282 4.58 14.97 31.44
CA GLN F 282 4.13 16.35 31.39
C GLN F 282 4.70 17.11 32.57
N SER F 283 5.20 18.30 32.31
CA SER F 283 5.64 19.22 33.35
C SER F 283 5.03 20.58 33.06
N GLY F 284 4.51 21.23 34.08
CA GLY F 284 3.90 22.52 33.87
C GLY F 284 4.06 23.42 35.08
N PHE F 285 3.92 24.71 34.84
CA PHE F 285 3.86 25.69 35.91
C PHE F 285 2.77 26.69 35.58
N GLU F 286 2.20 27.29 36.62
CA GLU F 286 1.15 28.27 36.45
C GLU F 286 1.38 29.42 37.42
N LEU F 287 1.26 30.64 36.91
CA LEU F 287 1.40 31.85 37.70
C LEU F 287 0.09 32.62 37.65
N GLY F 288 -0.34 33.13 38.79
CA GLY F 288 -1.60 33.84 38.86
C GLY F 288 -1.53 35.01 39.81
N VAL F 289 -2.36 36.02 39.52
CA VAL F 289 -2.58 37.14 40.42
C VAL F 289 -4.09 37.37 40.50
N THR F 290 -4.51 37.97 41.61
CA THR F 290 -5.91 38.26 41.83
C THR F 290 -6.04 39.59 42.55
N GLY F 291 -6.97 40.43 42.09
CA GLY F 291 -7.23 41.69 42.74
C GLY F 291 -8.69 41.87 43.09
N GLY F 292 -9.00 41.90 44.37
CA GLY F 292 -10.37 41.99 44.84
C GLY F 292 -10.65 43.32 45.49
N ALA F 293 -11.90 43.77 45.36
CA ALA F 293 -12.36 45.03 45.95
C ALA F 293 -13.74 44.79 46.53
N GLU F 294 -13.82 44.68 47.85
CA GLU F 294 -15.08 44.44 48.54
C GLU F 294 -15.55 45.74 49.19
N VAL F 295 -16.75 46.17 48.85
CA VAL F 295 -17.33 47.40 49.38
C VAL F 295 -18.60 47.05 50.13
N SER F 296 -18.68 47.48 51.39
CA SER F 296 -19.84 47.22 52.23
C SER F 296 -19.99 48.37 53.22
N GLU F 297 -20.87 48.18 54.21
CA GLU F 297 -21.06 49.21 55.23
C GLU F 297 -19.82 49.40 56.08
N ASP F 298 -18.99 48.36 56.22
CA ASP F 298 -17.78 48.48 57.02
C ASP F 298 -16.79 49.44 56.38
N GLY F 299 -16.67 49.40 55.06
CA GLY F 299 -15.75 50.25 54.35
C GLY F 299 -15.04 49.50 53.24
N PRO F 300 -14.41 50.24 52.33
CA PRO F 300 -13.70 49.60 51.22
C PRO F 300 -12.64 48.64 51.73
N LYS F 301 -12.55 47.48 51.08
CA LYS F 301 -11.59 46.44 51.42
C LYS F 301 -10.94 45.94 50.15
N ALA F 302 -9.62 45.95 50.11
CA ALA F 302 -8.87 45.57 48.93
C ALA F 302 -8.08 44.30 49.19
N LYS F 303 -8.01 43.44 48.18
CA LYS F 303 -7.31 42.16 48.27
C LYS F 303 -6.32 42.04 47.12
N LEU F 304 -5.17 41.46 47.40
CA LEU F 304 -4.15 41.20 46.40
C LEU F 304 -3.60 39.81 46.66
N GLU F 305 -3.64 38.94 45.66
CA GLU F 305 -3.25 37.55 45.81
C GLU F 305 -2.31 37.15 44.69
N ALA F 306 -1.40 36.24 45.00
CA ALA F 306 -0.48 35.69 44.02
C ALA F 306 -0.44 34.18 44.17
N ARG F 307 -0.46 33.47 43.05
CA ARG F 307 -0.46 32.02 43.04
C ARG F 307 0.69 31.52 42.17
N ALA F 308 1.25 30.39 42.56
CA ALA F 308 2.26 29.71 41.76
C ALA F 308 2.05 28.22 41.94
N SER F 309 1.91 27.50 40.83
CA SER F 309 1.68 26.07 40.87
C SER F 309 2.72 25.36 40.02
N ILE F 310 3.00 24.12 40.39
CA ILE F 310 3.91 23.26 39.66
C ILE F 310 3.22 21.92 39.50
N THR F 311 3.23 21.40 38.27
CA THR F 311 2.50 20.18 37.96
C THR F 311 3.42 19.20 37.29
N GLN F 312 3.17 17.92 37.49
CA GLN F 312 3.93 16.87 36.83
C GLN F 312 3.04 15.64 36.73
N SER F 313 2.92 15.08 35.54
CA SER F 313 2.10 13.90 35.36
C SER F 313 2.79 12.93 34.42
N ARG F 314 2.47 11.66 34.60
CA ARG F 314 3.00 10.60 33.75
C ARG F 314 1.84 9.80 33.20
N TRP F 315 1.91 9.46 31.91
CA TRP F 315 0.91 8.64 31.27
C TRP F 315 1.54 7.36 30.78
N LEU F 316 0.77 6.29 30.78
CA LEU F 316 1.18 5.02 30.19
C LEU F 316 0.01 4.47 29.40
N THR F 317 0.25 4.15 28.14
CA THR F 317 -0.80 3.66 27.25
C THR F 317 -0.37 2.36 26.60
N TYR F 318 -1.28 1.41 26.55
CA TYR F 318 -1.01 0.14 25.89
C TYR F 318 -2.34 -0.49 25.51
N ASN F 319 -2.26 -1.50 24.65
CA ASN F 319 -3.44 -2.18 24.13
C ASN F 319 -3.60 -3.54 24.78
N THR F 320 -4.84 -3.92 25.04
CA THR F 320 -5.17 -5.26 25.46
C THR F 320 -6.25 -5.79 24.53
N GLN F 321 -6.53 -7.09 24.66
CA GLN F 321 -7.64 -7.72 23.97
C GLN F 321 -8.45 -8.48 25.01
N ASP F 322 -9.62 -8.94 24.65
CA ASP F 322 -10.31 -9.80 25.59
C ASP F 322 -9.80 -11.23 25.56
N TYR F 323 -9.11 -11.63 24.51
CA TYR F 323 -8.42 -12.92 24.49
C TYR F 323 -7.02 -12.70 23.95
N ARG F 324 -6.02 -13.05 24.74
CA ARG F 324 -4.64 -12.93 24.35
C ARG F 324 -4.06 -14.31 24.07
N VAL F 325 -3.37 -14.44 22.95
CA VAL F 325 -2.73 -15.70 22.59
C VAL F 325 -1.44 -15.83 23.36
N GLU F 326 -1.27 -16.96 24.04
CA GLU F 326 -0.05 -17.24 24.79
C GLU F 326 0.54 -18.53 24.25
N ARG F 327 1.73 -18.44 23.70
CA ARG F 327 2.43 -19.57 23.13
C ARG F 327 3.38 -20.13 24.19
N ASN F 328 3.33 -21.43 24.40
CA ASN F 328 4.07 -22.09 25.46
C ASN F 328 4.71 -23.33 24.88
N ALA F 329 6.03 -23.31 24.74
CA ALA F 329 6.76 -24.41 24.12
C ALA F 329 7.63 -25.06 25.18
N LYS F 330 7.16 -26.16 25.74
CA LYS F 330 7.89 -26.81 26.81
C LYS F 330 9.23 -27.37 26.34
N ASN F 331 9.24 -27.99 25.18
CA ASN F 331 10.48 -28.56 24.65
C ASN F 331 10.36 -28.58 23.13
N ALA F 332 11.29 -29.27 22.48
CA ALA F 332 11.33 -29.27 21.03
C ALA F 332 10.20 -30.05 20.40
N GLN F 333 9.48 -30.85 21.16
CA GLN F 333 8.44 -31.69 20.62
C GLN F 333 7.02 -31.20 20.89
N THR F 334 6.84 -30.29 21.83
CA THR F 334 5.50 -29.90 22.24
C THR F 334 5.38 -28.39 22.29
N VAL F 335 4.28 -27.88 21.75
CA VAL F 335 3.94 -26.47 21.85
C VAL F 335 2.45 -26.38 22.11
N SER F 336 2.06 -25.42 22.93
CA SER F 336 0.65 -25.19 23.20
C SER F 336 0.32 -23.73 22.94
N PHE F 337 -0.83 -23.50 22.32
CA PHE F 337 -1.36 -22.17 22.13
C PHE F 337 -2.59 -22.02 22.99
N THR F 338 -2.63 -20.97 23.80
CA THR F 338 -3.77 -20.71 24.67
C THR F 338 -4.30 -19.32 24.37
N TRP F 339 -5.58 -19.23 24.09
CA TRP F 339 -6.25 -17.95 24.04
C TRP F 339 -6.86 -17.72 25.41
N ASN F 340 -6.27 -16.80 26.15
CA ASN F 340 -6.63 -16.57 27.54
C ASN F 340 -7.38 -15.26 27.67
N ARG F 341 -8.43 -15.25 28.47
CA ARG F 341 -9.14 -14.01 28.74
C ARG F 341 -8.20 -13.00 29.35
N GLN F 342 -8.15 -11.80 28.79
CA GLN F 342 -7.25 -10.78 29.29
C GLN F 342 -7.97 -9.57 29.85
N GLU F 343 -8.79 -8.89 29.06
CA GLU F 343 -9.33 -7.60 29.50
C GLU F 343 -10.32 -7.77 30.64
N TYR F 344 -11.29 -8.66 30.48
CA TYR F 344 -12.24 -8.96 31.54
C TYR F 344 -12.04 -10.42 31.92
N ALA F 345 -11.02 -10.68 32.72
CA ALA F 345 -10.68 -12.05 33.04
C ALA F 345 -11.31 -12.53 34.33
N THR F 346 -11.74 -11.61 35.20
CA THR F 346 -12.25 -11.95 36.51
C THR F 346 -13.73 -11.64 36.57
N ALA F 347 -14.44 -12.37 37.44
CA ALA F 347 -15.85 -12.06 37.67
C ALA F 347 -16.01 -10.68 38.25
N GLU F 348 -15.02 -10.18 38.98
CA GLU F 348 -15.09 -8.83 39.53
C GLU F 348 -15.12 -7.79 38.44
N SER F 349 -14.35 -7.99 37.38
CA SER F 349 -14.29 -7.00 36.30
C SER F 349 -15.56 -6.93 35.49
N LEU F 350 -16.46 -7.89 35.65
CA LEU F 350 -17.71 -7.90 34.90
C LEU F 350 -18.81 -7.10 35.57
N LEU F 351 -18.58 -6.60 36.78
CA LEU F 351 -19.59 -5.83 37.48
C LEU F 351 -19.61 -4.41 36.98
N ASN F 352 -20.78 -3.94 36.54
CA ASN F 352 -20.91 -2.56 36.12
C ASN F 352 -21.10 -1.60 37.28
N ARG F 353 -21.42 -2.12 38.45
CA ARG F 353 -21.59 -1.31 39.65
C ARG F 353 -20.90 -1.99 40.81
N SER F 354 -20.36 -1.19 41.72
CA SER F 354 -19.62 -1.72 42.85
C SER F 354 -20.34 -1.58 44.18
N THR F 355 -21.30 -0.66 44.28
CA THR F 355 -21.99 -0.41 45.53
C THR F 355 -23.43 -0.05 45.23
N ASP F 356 -24.30 -0.28 46.19
CA ASP F 356 -25.72 0.02 46.01
C ASP F 356 -26.40 0.12 47.37
N ALA F 357 -27.60 0.68 47.36
CA ALA F 357 -28.42 0.72 48.56
C ALA F 357 -29.08 -0.64 48.80
N LEU F 358 -29.51 -0.86 50.04
CA LEU F 358 -29.99 -2.17 50.43
C LEU F 358 -31.23 -2.59 49.65
N TRP F 359 -32.12 -1.64 49.36
CA TRP F 359 -33.36 -1.99 48.69
C TRP F 359 -33.15 -2.36 47.22
N VAL F 360 -31.97 -2.10 46.66
CA VAL F 360 -31.70 -2.45 45.27
C VAL F 360 -31.49 -3.95 45.16
N ASP F 361 -32.21 -4.58 44.24
CA ASP F 361 -32.08 -6.02 44.00
C ASP F 361 -32.11 -6.23 42.49
N THR F 362 -30.93 -6.16 41.86
CA THR F 362 -30.81 -6.32 40.42
C THR F 362 -29.54 -7.09 40.10
N TYR F 363 -29.51 -7.64 38.90
CA TYR F 363 -28.33 -8.33 38.42
C TYR F 363 -27.19 -7.34 38.26
N PRO F 364 -26.08 -7.51 38.97
CA PRO F 364 -25.00 -6.52 38.93
C PRO F 364 -23.94 -6.76 37.86
N VAL F 365 -24.14 -7.71 36.95
CA VAL F 365 -23.16 -8.05 35.94
C VAL F 365 -23.54 -7.37 34.63
N ASP F 366 -22.57 -6.74 33.98
CA ASP F 366 -22.78 -6.16 32.65
C ASP F 366 -22.47 -7.23 31.62
N VAL F 367 -23.50 -7.88 31.11
CA VAL F 367 -23.30 -8.97 30.16
C VAL F 367 -22.77 -8.47 28.83
N ASN F 368 -22.88 -7.18 28.56
CA ASN F 368 -22.32 -6.65 27.33
C ASN F 368 -20.81 -6.71 27.32
N ARG F 369 -20.17 -6.86 28.47
CA ARG F 369 -18.73 -7.02 28.52
C ARG F 369 -18.28 -8.41 28.13
N ILE F 370 -19.18 -9.37 28.06
CA ILE F 370 -18.84 -10.73 27.64
C ILE F 370 -19.12 -10.83 26.16
N SER F 371 -18.05 -10.87 25.37
CA SER F 371 -18.18 -10.95 23.94
C SER F 371 -18.68 -12.33 23.51
N PRO F 372 -19.30 -12.42 22.34
CA PRO F 372 -19.70 -13.74 21.83
C PRO F 372 -18.52 -14.66 21.61
N LEU F 373 -17.30 -14.13 21.50
CA LEU F 373 -16.11 -14.95 21.45
C LEU F 373 -15.95 -15.83 22.69
N SER F 374 -16.56 -15.44 23.79
CA SER F 374 -16.46 -16.17 25.04
C SER F 374 -17.32 -17.42 25.08
N TYR F 375 -18.44 -17.44 24.39
CA TYR F 375 -19.33 -18.58 24.48
C TYR F 375 -19.97 -19.00 23.16
N ALA F 376 -20.11 -18.12 22.18
CA ALA F 376 -20.93 -18.44 21.02
C ALA F 376 -20.20 -19.31 20.03
N SER F 377 -19.04 -18.88 19.57
CA SER F 377 -18.15 -19.73 18.80
C SER F 377 -16.76 -19.14 18.82
N PHE F 378 -15.75 -20.00 18.92
CA PHE F 378 -14.38 -19.59 18.86
C PHE F 378 -13.68 -20.46 17.83
N VAL F 379 -12.92 -19.82 16.94
CA VAL F 379 -12.13 -20.52 15.94
C VAL F 379 -10.70 -20.04 16.07
N PRO F 380 -9.74 -20.89 16.44
CA PRO F 380 -8.34 -20.48 16.47
C PRO F 380 -7.74 -20.49 15.09
N LYS F 381 -6.64 -19.75 14.96
CA LYS F 381 -5.84 -19.77 13.74
C LYS F 381 -4.41 -20.06 14.13
N MET F 382 -3.91 -21.23 13.76
CA MET F 382 -2.55 -21.57 14.13
C MET F 382 -1.98 -22.60 13.19
N ASP F 383 -0.66 -22.57 13.05
CA ASP F 383 0.11 -23.51 12.25
C ASP F 383 1.25 -24.04 13.09
N VAL F 384 1.56 -25.32 12.92
CA VAL F 384 2.74 -25.92 13.52
C VAL F 384 3.44 -26.70 12.44
N ILE F 385 4.74 -26.48 12.30
CA ILE F 385 5.54 -27.19 11.32
C ILE F 385 6.57 -28.01 12.08
N TYR F 386 6.51 -29.32 11.91
CA TYR F 386 7.51 -30.22 12.45
C TYR F 386 8.49 -30.59 11.36
N LYS F 387 9.70 -30.92 11.78
CA LYS F 387 10.70 -31.41 10.84
C LYS F 387 11.41 -32.60 11.43
N ALA F 388 11.77 -33.53 10.56
CA ALA F 388 12.60 -34.66 10.92
C ALA F 388 13.79 -34.66 9.99
N SER F 389 14.84 -35.36 10.39
CA SER F 389 16.03 -35.42 9.56
C SER F 389 15.72 -36.15 8.27
N ASP F 390 16.47 -35.83 7.23
CA ASP F 390 16.22 -36.42 5.92
C ASP F 390 16.45 -37.92 5.89
N THR F 391 17.07 -38.50 6.91
CA THR F 391 17.29 -39.94 6.96
C THR F 391 16.51 -40.59 8.09
N GLU F 392 15.46 -39.95 8.59
CA GLU F 392 14.71 -40.52 9.69
C GLU F 392 13.98 -41.79 9.25
N THR F 393 13.91 -42.74 10.14
CA THR F 393 13.20 -43.99 9.94
C THR F 393 12.19 -44.19 11.06
N GLY F 394 11.40 -45.23 10.95
CA GLY F 394 10.40 -45.50 11.96
C GLY F 394 9.16 -44.66 11.76
N SER F 395 8.44 -44.46 12.85
CA SER F 395 7.18 -43.74 12.82
C SER F 395 7.09 -42.82 14.02
N THR F 396 6.12 -41.91 13.97
CA THR F 396 5.91 -40.94 15.03
C THR F 396 4.43 -40.62 15.09
N ASP F 397 3.88 -40.59 16.30
CA ASP F 397 2.49 -40.20 16.51
C ASP F 397 2.42 -38.74 16.88
N PHE F 398 1.57 -37.99 16.19
CA PHE F 398 1.33 -36.59 16.49
C PHE F 398 -0.03 -36.48 17.14
N ILE F 399 -0.10 -35.80 18.28
CA ILE F 399 -1.33 -35.66 19.05
C ILE F 399 -1.71 -34.20 19.08
N ILE F 400 -2.98 -33.91 18.85
CA ILE F 400 -3.52 -32.57 18.99
C ILE F 400 -4.60 -32.59 20.06
N ASP F 401 -4.39 -31.82 21.11
CA ASP F 401 -5.34 -31.71 22.22
C ASP F 401 -6.02 -30.36 22.13
N SER F 402 -7.32 -30.36 21.86
CA SER F 402 -8.11 -29.14 21.81
C SER F 402 -9.03 -29.13 23.01
N SER F 403 -8.98 -28.05 23.78
CA SER F 403 -9.72 -28.01 25.02
C SER F 403 -10.25 -26.61 25.28
N VAL F 404 -11.27 -26.54 26.11
CA VAL F 404 -11.84 -25.28 26.55
C VAL F 404 -11.95 -25.33 28.06
N ASN F 405 -11.53 -24.27 28.73
CA ASN F 405 -11.61 -24.17 30.18
C ASN F 405 -12.93 -23.50 30.53
N ILE F 406 -13.93 -24.32 30.85
CA ILE F 406 -15.27 -23.81 31.10
C ILE F 406 -15.34 -23.23 32.50
N ARG F 407 -15.84 -22.01 32.61
CA ARG F 407 -15.85 -21.29 33.89
C ARG F 407 -17.21 -20.67 34.17
N PRO F 408 -17.96 -21.17 35.14
CA PRO F 408 -19.15 -20.46 35.57
C PRO F 408 -18.79 -19.19 36.33
N ILE F 409 -19.67 -18.22 36.28
CA ILE F 409 -19.42 -16.90 36.88
C ILE F 409 -20.30 -16.75 38.10
N TYR F 410 -19.68 -16.45 39.24
CA TYR F 410 -20.38 -16.28 40.50
C TYR F 410 -20.12 -14.88 41.03
N ASN F 411 -21.19 -14.20 41.42
CA ASN F 411 -21.07 -12.89 42.05
C ASN F 411 -21.93 -12.87 43.30
N GLY F 412 -21.49 -12.11 44.29
CA GLY F 412 -22.20 -12.02 45.55
C GLY F 412 -22.35 -10.58 45.98
N ALA F 413 -23.41 -10.34 46.75
CA ALA F 413 -23.68 -9.04 47.35
C ALA F 413 -23.39 -9.14 48.85
N TYR F 414 -22.55 -8.25 49.34
CA TYR F 414 -22.12 -8.25 50.74
C TYR F 414 -22.80 -7.10 51.46
N LYS F 415 -23.37 -7.39 52.63
CA LYS F 415 -24.07 -6.39 53.41
C LYS F 415 -23.09 -5.70 54.35
N HIS F 416 -22.91 -4.40 54.17
CA HIS F 416 -22.05 -3.60 55.02
C HIS F 416 -22.93 -2.69 55.87
N TYR F 417 -23.01 -2.98 57.17
CA TYR F 417 -23.81 -2.17 58.08
C TYR F 417 -22.92 -1.11 58.72
N TYR F 418 -23.19 0.15 58.38
CA TYR F 418 -22.50 1.29 58.96
C TYR F 418 -23.53 2.22 59.58
N VAL F 419 -23.15 2.83 60.70
CA VAL F 419 -24.06 3.74 61.39
C VAL F 419 -24.40 4.93 60.51
N VAL F 420 -23.43 5.43 59.74
CA VAL F 420 -23.71 6.51 58.80
C VAL F 420 -24.68 6.05 57.73
N GLY F 421 -24.47 4.85 57.20
CA GLY F 421 -25.36 4.30 56.19
C GLY F 421 -25.03 2.88 55.80
N ALA F 422 -26.05 2.02 55.74
CA ALA F 422 -25.87 0.63 55.34
C ALA F 422 -26.01 0.50 53.83
N HIS F 423 -25.04 -0.17 53.22
CA HIS F 423 -25.01 -0.35 51.77
C HIS F 423 -24.58 -1.78 51.49
N GLN F 424 -24.71 -2.18 50.22
CA GLN F 424 -24.27 -3.48 49.76
C GLN F 424 -23.18 -3.29 48.72
N SER F 425 -22.14 -4.10 48.82
CA SER F 425 -21.04 -4.08 47.86
C SER F 425 -21.01 -5.39 47.10
N TYR F 426 -20.78 -5.31 45.80
CA TYR F 426 -20.78 -6.48 44.95
C TYR F 426 -19.37 -7.03 44.78
N HIS F 427 -19.25 -8.34 44.84
CA HIS F 427 -17.97 -9.01 44.72
C HIS F 427 -18.07 -10.16 43.73
N GLY F 428 -16.95 -10.43 43.07
CA GLY F 428 -16.82 -11.61 42.23
C GLY F 428 -15.89 -12.59 42.90
N PHE F 429 -16.16 -13.86 42.72
CA PHE F 429 -15.37 -14.93 43.32
C PHE F 429 -14.48 -15.55 42.25
N GLU F 430 -13.18 -15.54 42.48
CA GLU F 430 -12.25 -16.08 41.51
C GLU F 430 -11.84 -17.51 41.77
N ASN F 431 -12.02 -18.01 42.99
CA ASN F 431 -11.71 -19.39 43.31
C ASN F 431 -12.84 -20.35 42.96
N SER F 432 -13.78 -19.90 42.15
CA SER F 432 -14.87 -20.76 41.74
C SER F 432 -14.35 -21.89 40.85
N PRO F 433 -15.07 -23.00 40.77
CA PRO F 433 -14.58 -24.14 39.99
C PRO F 433 -14.50 -23.85 38.51
N ARG F 434 -13.57 -24.53 37.86
CA ARG F 434 -13.45 -24.54 36.41
C ARG F 434 -13.27 -25.98 35.97
N ARG F 435 -13.75 -26.28 34.77
CA ARG F 435 -13.61 -27.61 34.21
C ARG F 435 -13.05 -27.51 32.81
N ARG F 436 -11.99 -28.27 32.55
CA ARG F 436 -11.40 -28.31 31.22
C ARG F 436 -11.95 -29.51 30.47
N ILE F 437 -12.52 -29.26 29.30
CA ILE F 437 -13.09 -30.30 28.45
C ILE F 437 -12.20 -30.45 27.23
N THR F 438 -11.63 -31.62 27.04
CA THR F 438 -10.62 -31.86 26.02
C THR F 438 -11.10 -32.89 25.01
N LYS F 439 -10.65 -32.73 23.77
CA LYS F 439 -10.78 -33.74 22.76
C LYS F 439 -9.42 -33.93 22.10
N SER F 440 -8.95 -35.17 22.05
CA SER F 440 -7.64 -35.49 21.50
C SER F 440 -7.80 -36.11 20.13
N ALA F 441 -7.02 -35.64 19.17
CA ALA F 441 -6.91 -36.26 17.87
C ALA F 441 -5.45 -36.63 17.63
N SER F 442 -5.24 -37.71 16.90
CA SER F 442 -3.87 -38.14 16.63
C SER F 442 -3.78 -38.75 15.25
N PHE F 443 -2.59 -38.71 14.69
CA PHE F 443 -2.29 -39.40 13.45
C PHE F 443 -0.85 -39.87 13.51
N THR F 444 -0.56 -40.93 12.77
CA THR F 444 0.76 -41.52 12.75
C THR F 444 1.43 -41.19 11.43
N VAL F 445 2.69 -40.78 11.51
CA VAL F 445 3.50 -40.50 10.34
C VAL F 445 4.57 -41.56 10.27
N ASP F 446 4.61 -42.29 9.17
CA ASP F 446 5.70 -43.22 8.89
C ASP F 446 6.76 -42.48 8.09
N TRP F 447 7.94 -42.33 8.68
CA TRP F 447 8.96 -41.52 8.03
C TRP F 447 9.52 -42.16 6.78
N ASP F 448 9.20 -43.40 6.51
CA ASP F 448 9.58 -44.06 5.27
C ASP F 448 8.50 -43.99 4.21
N HIS F 449 7.50 -43.15 4.40
CA HIS F 449 6.47 -42.98 3.39
C HIS F 449 7.09 -42.44 2.11
N PRO F 450 6.61 -42.86 0.95
CA PRO F 450 7.19 -42.38 -0.31
C PRO F 450 7.10 -40.89 -0.51
N VAL F 451 6.19 -40.20 0.17
CA VAL F 451 6.09 -38.76 -0.01
C VAL F 451 7.36 -38.08 0.48
N PHE F 452 8.07 -38.69 1.40
CA PHE F 452 9.26 -38.07 1.97
C PHE F 452 10.49 -38.26 1.12
N THR F 453 10.38 -38.98 0.00
CA THR F 453 11.45 -38.96 -0.98
C THR F 453 11.46 -37.67 -1.78
N GLY F 454 10.32 -37.00 -1.88
CA GLY F 454 10.23 -35.79 -2.66
C GLY F 454 10.05 -35.99 -4.14
N GLY F 455 9.92 -37.23 -4.60
CA GLY F 455 9.80 -37.48 -6.01
C GLY F 455 8.45 -38.06 -6.38
N ARG F 456 8.12 -38.03 -7.66
CA ARG F 456 6.87 -38.58 -8.14
C ARG F 456 7.13 -39.91 -8.79
N PRO F 457 6.75 -41.02 -8.18
CA PRO F 457 7.12 -42.33 -8.70
C PRO F 457 6.31 -42.72 -9.92
N VAL F 458 6.87 -43.66 -10.67
CA VAL F 458 6.23 -44.28 -11.81
C VAL F 458 6.36 -45.78 -11.66
N ASN F 459 5.56 -46.51 -12.43
CA ASN F 459 5.70 -47.95 -12.49
C ASN F 459 6.26 -48.35 -13.84
N LEU F 460 6.78 -49.56 -13.91
CA LEU F 460 7.31 -50.12 -15.13
C LEU F 460 6.43 -51.29 -15.52
N GLN F 461 5.49 -51.05 -16.44
CA GLN F 461 4.54 -52.07 -16.84
C GLN F 461 5.08 -52.83 -18.04
N LEU F 462 5.10 -54.14 -17.92
CA LEU F 462 5.55 -55.01 -19.01
C LEU F 462 4.41 -55.14 -20.01
N ALA F 463 4.55 -54.51 -21.15
CA ALA F 463 3.41 -54.26 -22.02
C ALA F 463 3.07 -55.44 -22.93
N SER F 464 3.82 -56.54 -22.87
CA SER F 464 3.35 -57.73 -23.57
C SER F 464 2.21 -58.39 -22.83
N PHE F 465 2.11 -58.16 -21.53
CA PHE F 465 1.00 -58.64 -20.74
C PHE F 465 -0.07 -57.56 -20.65
N ASN F 466 -1.29 -58.00 -20.35
CA ASN F 466 -2.34 -57.03 -20.12
C ASN F 466 -2.15 -56.29 -18.81
N ASN F 467 -1.72 -57.01 -17.76
CA ASN F 467 -1.60 -56.39 -16.45
C ASN F 467 -0.46 -57.07 -15.70
N ARG F 468 0.75 -56.54 -15.86
CA ARG F 468 1.92 -57.04 -15.16
C ARG F 468 2.90 -55.90 -14.98
N CYS F 469 3.37 -55.71 -13.75
CA CYS F 469 4.30 -54.64 -13.44
C CYS F 469 5.50 -55.21 -12.73
N VAL F 470 6.63 -54.52 -12.83
CA VAL F 470 7.81 -54.89 -12.09
C VAL F 470 7.58 -54.58 -10.61
N GLN F 471 7.84 -55.56 -9.76
CA GLN F 471 7.60 -55.41 -8.34
C GLN F 471 8.83 -55.86 -7.56
N VAL F 472 9.12 -55.15 -6.49
CA VAL F 472 10.23 -55.48 -5.59
C VAL F 472 9.66 -56.10 -4.33
N ASP F 473 10.20 -57.25 -3.95
CA ASP F 473 9.77 -57.88 -2.70
C ASP F 473 10.67 -57.43 -1.56
N ALA F 474 10.56 -58.10 -0.42
CA ALA F 474 11.23 -57.63 0.79
C ALA F 474 12.75 -57.68 0.66
N GLN F 475 13.28 -58.74 0.06
CA GLN F 475 14.73 -58.91 -0.06
C GLN F 475 15.28 -58.41 -1.39
N SER F 476 14.57 -57.50 -2.06
CA SER F 476 15.12 -56.81 -3.20
C SER F 476 14.96 -57.50 -4.52
N ARG F 477 14.41 -58.71 -4.56
CA ARG F 477 14.24 -59.41 -5.83
C ARG F 477 13.13 -58.79 -6.64
N LEU F 478 13.23 -58.94 -7.96
CA LEU F 478 12.28 -58.36 -8.90
C LEU F 478 11.40 -59.45 -9.47
N THR F 479 10.10 -59.21 -9.48
CA THR F 479 9.14 -60.12 -10.07
C THR F 479 8.13 -59.31 -10.86
N ALA F 480 7.32 -59.99 -11.65
CA ALA F 480 6.23 -59.38 -12.39
C ALA F 480 4.93 -59.77 -11.72
N ASN F 481 4.18 -58.77 -11.26
CA ASN F 481 2.91 -58.98 -10.59
C ASN F 481 1.87 -58.10 -11.23
N THR F 482 0.61 -58.37 -10.93
CA THR F 482 -0.47 -57.53 -11.43
C THR F 482 -0.29 -56.12 -10.89
N CYS F 483 -0.42 -55.14 -11.77
CA CYS F 483 -0.14 -53.76 -11.38
C CYS F 483 -1.16 -53.27 -10.38
N ASP F 484 -0.67 -52.53 -9.40
CA ASP F 484 -1.50 -51.83 -8.42
C ASP F 484 -1.01 -50.40 -8.34
N ASP F 485 -1.90 -49.45 -8.63
CA ASP F 485 -1.49 -48.06 -8.72
C ASP F 485 -1.02 -47.50 -7.39
N GLN F 486 -1.42 -48.12 -6.27
CA GLN F 486 -1.08 -47.61 -4.95
C GLN F 486 -0.01 -48.44 -4.27
N GLN F 487 0.55 -49.42 -4.96
CA GLN F 487 1.57 -50.26 -4.38
C GLN F 487 2.92 -49.56 -4.50
N SER F 488 3.52 -49.20 -3.37
CA SER F 488 4.81 -48.55 -3.41
C SER F 488 5.93 -49.50 -3.79
N ALA F 489 5.70 -50.81 -3.69
CA ALA F 489 6.68 -51.79 -4.12
C ALA F 489 6.78 -51.86 -5.63
N GLN F 490 5.86 -51.25 -6.36
CA GLN F 490 5.92 -51.21 -7.81
C GLN F 490 6.24 -49.81 -8.32
N SER F 491 6.74 -48.95 -7.45
CA SER F 491 6.97 -47.55 -7.78
C SER F 491 8.46 -47.26 -7.84
N PHE F 492 8.86 -46.52 -8.86
CA PHE F 492 10.25 -46.14 -9.04
C PHE F 492 10.32 -44.65 -9.33
N ILE F 493 11.38 -44.01 -8.87
CA ILE F 493 11.63 -42.62 -9.17
C ILE F 493 12.66 -42.56 -10.28
N TYR F 494 12.34 -41.87 -11.35
CA TYR F 494 13.26 -41.66 -12.47
C TYR F 494 14.07 -40.41 -12.16
N ASP F 495 15.30 -40.59 -11.71
CA ASP F 495 16.05 -39.48 -11.18
C ASP F 495 16.84 -38.75 -12.27
N GLN F 496 17.65 -37.77 -11.87
CA GLN F 496 18.33 -36.92 -12.82
C GLN F 496 19.38 -37.69 -13.61
N LEU F 497 20.05 -38.64 -12.96
CA LEU F 497 21.05 -39.45 -13.66
C LEU F 497 20.41 -40.38 -14.68
N GLY F 498 19.12 -40.62 -14.61
CA GLY F 498 18.49 -41.63 -15.41
C GLY F 498 18.33 -42.96 -14.74
N ARG F 499 18.50 -43.03 -13.43
CA ARG F 499 18.32 -44.27 -12.70
C ARG F 499 16.88 -44.44 -12.28
N TYR F 500 16.47 -45.69 -12.15
CA TYR F 500 15.14 -46.03 -11.66
C TYR F 500 15.30 -46.47 -10.21
N VAL F 501 15.06 -45.57 -9.34
CA VAL F 501 15.28 -45.75 -7.92
C VAL F 501 14.00 -46.24 -7.28
N SER F 502 14.08 -47.29 -6.49
CA SER F 502 12.91 -47.80 -5.80
C SER F 502 12.32 -46.74 -4.89
N ALA F 503 11.00 -46.56 -4.96
CA ALA F 503 10.37 -45.51 -4.15
C ALA F 503 10.28 -45.91 -2.70
N SER F 504 10.21 -47.20 -2.41
CA SER F 504 10.17 -47.65 -1.02
C SER F 504 11.52 -47.67 -0.35
N ASN F 505 12.60 -47.60 -1.13
CA ASN F 505 13.95 -47.58 -0.57
C ASN F 505 14.84 -46.88 -1.59
N THR F 506 15.14 -45.63 -1.36
CA THR F 506 15.86 -44.90 -2.39
C THR F 506 17.30 -45.25 -2.46
N GLU F 507 17.80 -46.26 -1.76
CA GLU F 507 19.18 -46.69 -1.91
C GLU F 507 19.32 -47.85 -2.88
N LEU F 508 18.24 -48.27 -3.52
CA LEU F 508 18.25 -49.41 -4.42
C LEU F 508 17.84 -48.97 -5.81
N CYS F 509 18.56 -49.46 -6.81
CA CYS F 509 18.36 -49.09 -8.20
C CYS F 509 18.11 -50.32 -9.05
N LEU F 510 17.47 -50.08 -10.19
CA LEU F 510 17.35 -51.08 -11.24
C LEU F 510 18.65 -51.08 -12.03
N ASP F 511 19.40 -52.18 -11.96
CA ASP F 511 20.72 -52.27 -12.56
C ASP F 511 20.70 -53.24 -13.72
N GLY F 512 21.21 -52.79 -14.87
CA GLY F 512 21.20 -53.63 -16.05
C GLY F 512 22.19 -54.77 -16.00
N ALA F 513 23.17 -54.70 -15.10
CA ALA F 513 24.12 -55.80 -14.98
C ALA F 513 23.46 -57.04 -14.40
N ALA F 514 22.56 -56.87 -13.44
CA ALA F 514 21.88 -57.99 -12.80
C ALA F 514 20.41 -57.61 -12.60
N LEU F 515 19.56 -58.01 -13.54
CA LEU F 515 18.16 -57.59 -13.53
C LEU F 515 17.27 -58.61 -12.83
N ASP F 516 17.67 -59.05 -11.65
CA ASP F 516 16.82 -59.89 -10.82
C ASP F 516 16.73 -59.41 -9.39
N VAL F 517 17.69 -58.61 -8.93
CA VAL F 517 17.61 -57.96 -7.63
C VAL F 517 17.97 -56.50 -7.84
N LEU F 518 17.35 -55.64 -7.05
CA LEU F 518 17.77 -54.26 -7.03
C LEU F 518 19.17 -54.15 -6.44
N GLN F 519 19.97 -53.27 -7.01
CA GLN F 519 21.33 -53.06 -6.55
C GLN F 519 21.44 -51.71 -5.85
N THR F 520 22.48 -51.55 -5.05
CA THR F 520 22.74 -50.28 -4.40
C THR F 520 23.03 -49.21 -5.44
N CYS F 521 22.42 -48.04 -5.25
CA CYS F 521 22.64 -46.95 -6.19
C CYS F 521 24.10 -46.53 -6.16
N ASN F 522 24.70 -46.44 -7.34
CA ASN F 522 26.03 -45.88 -7.48
C ASN F 522 26.11 -45.23 -8.85
N GLN F 523 27.32 -45.03 -9.35
CA GLN F 523 27.53 -44.35 -10.61
C GLN F 523 27.70 -45.32 -11.77
N ASN F 524 27.33 -46.59 -11.58
CA ASN F 524 27.42 -47.55 -12.67
C ASN F 524 26.63 -47.06 -13.87
N LEU F 525 27.22 -47.18 -15.05
CA LEU F 525 26.48 -46.82 -16.24
C LEU F 525 25.38 -47.82 -16.55
N THR F 526 25.50 -49.05 -16.05
CA THR F 526 24.42 -50.02 -16.22
C THR F 526 23.19 -49.67 -15.40
N GLN F 527 23.28 -48.73 -14.48
CA GLN F 527 22.13 -48.30 -13.71
C GLN F 527 21.42 -47.11 -14.32
N ARG F 528 21.85 -46.64 -15.49
CA ARG F 528 21.24 -45.49 -16.12
C ARG F 528 20.44 -45.94 -17.33
N TRP F 529 19.25 -45.37 -17.47
CA TRP F 529 18.34 -45.76 -18.52
C TRP F 529 17.85 -44.53 -19.25
N GLU F 530 17.57 -44.68 -20.54
CA GLU F 530 16.95 -43.62 -21.30
C GLU F 530 15.89 -44.22 -22.20
N TRP F 531 14.86 -43.44 -22.45
CA TRP F 531 13.75 -43.89 -23.28
C TRP F 531 14.06 -43.62 -24.74
N ARG F 532 14.01 -44.66 -25.55
CA ARG F 532 14.15 -44.48 -26.98
C ARG F 532 13.01 -43.62 -27.49
N LYS F 533 13.34 -42.64 -28.32
CA LYS F 533 12.36 -41.62 -28.71
C LYS F 533 11.22 -42.23 -29.51
N ASN F 534 10.00 -41.80 -29.20
CA ASN F 534 8.79 -42.18 -29.91
C ASN F 534 8.53 -43.68 -29.88
N THR F 535 9.04 -44.38 -28.88
CA THR F 535 8.79 -45.81 -28.75
C THR F 535 8.53 -46.14 -27.30
N ASP F 536 8.29 -47.41 -27.04
CA ASP F 536 8.10 -47.94 -25.69
C ASP F 536 9.29 -48.78 -25.27
N GLU F 537 10.48 -48.38 -25.69
CA GLU F 537 11.71 -49.11 -25.37
C GLU F 537 12.51 -48.33 -24.35
N LEU F 538 12.94 -49.03 -23.31
CA LEU F 538 13.84 -48.49 -22.31
C LEU F 538 15.22 -49.07 -22.56
N THR F 539 16.19 -48.21 -22.83
CA THR F 539 17.52 -48.66 -23.21
C THR F 539 18.51 -48.36 -22.11
N ASN F 540 19.46 -49.26 -21.92
CA ASN F 540 20.53 -49.08 -20.96
C ASN F 540 21.60 -48.16 -21.52
N VAL F 541 22.10 -47.26 -20.68
CA VAL F 541 23.06 -46.28 -21.15
C VAL F 541 24.40 -46.95 -21.46
N TYR F 542 24.80 -47.92 -20.65
CA TYR F 542 26.13 -48.49 -20.80
C TYR F 542 26.29 -49.21 -22.14
N SER F 543 25.38 -50.12 -22.45
CA SER F 543 25.52 -50.96 -23.63
C SER F 543 24.61 -50.57 -24.77
N GLY F 544 23.59 -49.76 -24.52
CA GLY F 544 22.63 -49.44 -25.55
C GLY F 544 21.57 -50.48 -25.77
N GLU F 545 21.63 -51.60 -25.05
CA GLU F 545 20.62 -52.63 -25.19
C GLU F 545 19.33 -52.20 -24.52
N SER F 546 18.23 -52.77 -24.99
CA SER F 546 16.92 -52.43 -24.47
C SER F 546 16.51 -53.38 -23.37
N LEU F 547 15.68 -52.88 -22.46
CA LEU F 547 15.13 -53.70 -21.41
C LEU F 547 13.99 -54.52 -21.97
N GLY F 548 14.12 -55.85 -21.90
CA GLY F 548 13.10 -56.75 -22.38
C GLY F 548 12.67 -57.69 -21.28
N HIS F 549 11.51 -58.29 -21.47
CA HIS F 549 10.98 -59.23 -20.51
C HIS F 549 10.52 -60.48 -21.24
N ASP F 550 10.66 -61.62 -20.58
CA ASP F 550 10.18 -62.87 -21.13
C ASP F 550 8.67 -62.81 -21.28
N LYS F 551 8.18 -63.26 -22.43
CA LYS F 551 6.75 -63.15 -22.72
C LYS F 551 5.90 -64.09 -21.89
N GLN F 552 6.51 -65.04 -21.18
CA GLN F 552 5.76 -65.99 -20.36
C GLN F 552 5.82 -65.68 -18.88
N THR F 553 7.00 -65.35 -18.37
CA THR F 553 7.18 -65.13 -16.94
C THR F 553 7.46 -63.68 -16.58
N GLY F 554 7.76 -62.83 -17.55
CA GLY F 554 8.09 -61.46 -17.24
C GLY F 554 9.44 -61.25 -16.62
N GLU F 555 10.35 -62.20 -16.78
CA GLU F 555 11.71 -62.03 -16.26
C GLU F 555 12.46 -61.00 -17.09
N LEU F 556 13.09 -60.05 -16.42
CA LEU F 556 13.75 -58.95 -17.10
C LEU F 556 15.11 -59.38 -17.66
N GLY F 557 15.56 -58.66 -18.66
CA GLY F 557 16.85 -58.91 -19.27
C GLY F 557 17.18 -57.80 -20.24
N LEU F 558 18.42 -57.82 -20.72
CA LEU F 558 18.89 -56.86 -21.69
C LEU F 558 19.05 -57.54 -23.04
N TYR F 559 18.47 -56.96 -24.08
CA TYR F 559 18.47 -57.58 -25.39
C TYR F 559 18.74 -56.53 -26.46
N ALA F 560 19.51 -56.91 -27.47
CA ALA F 560 19.70 -56.03 -28.61
C ALA F 560 18.41 -55.87 -29.40
N SER F 561 17.66 -56.95 -29.55
CA SER F 561 16.40 -56.89 -30.27
C SER F 561 15.46 -57.94 -29.71
N SER F 562 14.17 -57.74 -29.94
CA SER F 562 13.17 -58.68 -29.48
C SER F 562 13.20 -59.94 -30.33
N ASN F 563 12.63 -61.01 -29.79
CA ASN F 563 12.45 -62.25 -30.51
C ASN F 563 11.09 -62.81 -30.13
N ASP F 564 10.87 -64.10 -30.43
CA ASP F 564 9.58 -64.70 -30.14
C ASP F 564 9.32 -64.77 -28.64
N ALA F 565 10.35 -65.03 -27.85
CA ALA F 565 10.18 -65.24 -26.43
C ALA F 565 10.34 -63.97 -25.61
N VAL F 566 10.76 -62.86 -26.21
CA VAL F 566 11.14 -61.67 -25.48
C VAL F 566 10.45 -60.47 -26.10
N SER F 567 9.83 -59.64 -25.26
CA SER F 567 9.22 -58.40 -25.70
C SER F 567 9.99 -57.22 -25.16
N LEU F 568 10.14 -56.18 -25.96
CA LEU F 568 10.84 -54.98 -25.56
C LEU F 568 9.91 -53.84 -25.21
N ARG F 569 8.63 -54.09 -25.04
CA ARG F 569 7.65 -53.04 -24.84
C ARG F 569 7.49 -52.75 -23.35
N THR F 570 7.84 -51.55 -22.94
CA THR F 570 7.71 -51.13 -21.56
C THR F 570 6.88 -49.85 -21.52
N ILE F 571 5.90 -49.82 -20.64
CA ILE F 571 5.02 -48.68 -20.49
C ILE F 571 5.13 -48.17 -19.07
N THR F 572 5.26 -46.86 -18.93
CA THR F 572 5.43 -46.25 -17.62
C THR F 572 4.32 -45.24 -17.38
N ALA F 573 3.86 -45.15 -16.14
CA ALA F 573 2.83 -44.21 -15.77
C ALA F 573 3.03 -43.82 -14.32
N TYR F 574 2.57 -42.61 -13.98
CA TYR F 574 2.68 -42.16 -12.60
C TYR F 574 1.76 -42.95 -11.70
N THR F 575 2.26 -43.32 -10.54
CA THR F 575 1.49 -44.06 -9.56
C THR F 575 1.04 -43.13 -8.45
N ASN F 576 -0.04 -43.52 -7.78
CA ASN F 576 -0.62 -42.71 -6.71
C ASN F 576 -0.27 -43.38 -5.38
N VAL F 577 0.91 -43.05 -4.86
CA VAL F 577 1.34 -43.56 -3.58
C VAL F 577 1.24 -42.50 -2.49
N PHE F 578 0.50 -41.42 -2.75
CA PHE F 578 0.41 -40.29 -1.84
C PHE F 578 -0.90 -40.26 -1.08
N ASN F 579 -1.44 -41.42 -0.77
CA ASN F 579 -2.59 -41.52 0.13
C ASN F 579 -2.07 -41.86 1.51
N VAL F 580 -2.74 -41.33 2.53
CA VAL F 580 -2.31 -41.56 3.90
C VAL F 580 -2.61 -43.01 4.27
N GLN F 581 -1.57 -43.76 4.61
CA GLN F 581 -1.73 -45.17 4.94
C GLN F 581 -0.96 -45.52 6.21
N SER G 134 22.77 -23.93 -12.91
CA SER G 134 22.99 -22.57 -13.41
C SER G 134 23.02 -21.57 -12.26
N THR G 135 22.11 -21.72 -11.32
CA THR G 135 22.03 -20.80 -10.20
C THR G 135 23.13 -21.10 -9.19
N LEU G 136 23.23 -20.23 -8.21
CA LEU G 136 24.32 -20.29 -7.25
C LEU G 136 24.09 -21.42 -6.24
N PRO G 137 25.05 -22.31 -6.05
CA PRO G 137 24.86 -23.39 -5.09
C PRO G 137 25.05 -22.94 -3.65
N HIS G 138 24.42 -23.66 -2.74
CA HIS G 138 24.51 -23.40 -1.32
C HIS G 138 24.83 -24.68 -0.58
N VAL G 139 25.42 -24.52 0.59
CA VAL G 139 25.44 -25.55 1.61
C VAL G 139 24.50 -25.08 2.70
N ALA G 140 23.43 -25.82 2.93
CA ALA G 140 22.39 -25.44 3.88
C ALA G 140 22.20 -26.55 4.88
N PHE G 141 22.16 -26.20 6.17
CA PHE G 141 21.89 -27.20 7.19
C PHE G 141 21.31 -26.50 8.41
N TYR G 142 20.69 -27.30 9.26
CA TYR G 142 20.10 -26.84 10.50
C TYR G 142 21.03 -27.16 11.65
N ILE G 143 21.07 -26.29 12.64
CA ILE G 143 21.76 -26.55 13.89
C ILE G 143 20.74 -26.52 15.00
N SER G 144 20.53 -27.65 15.64
CA SER G 144 19.60 -27.73 16.77
C SER G 144 20.34 -27.42 18.05
N VAL G 145 19.78 -26.53 18.84
CA VAL G 145 20.36 -26.13 20.11
C VAL G 145 19.35 -26.52 21.18
N ASN G 146 19.53 -27.68 21.78
CA ASN G 146 18.62 -28.19 22.79
C ASN G 146 19.34 -28.27 24.12
N ARG G 147 18.78 -27.64 25.12
CA ARG G 147 19.40 -27.58 26.44
C ARG G 147 18.29 -27.56 27.48
N PRO G 148 17.99 -28.70 28.09
CA PRO G 148 17.11 -28.69 29.25
C PRO G 148 17.83 -28.09 30.45
N ILE G 149 17.12 -27.28 31.20
CA ILE G 149 17.66 -26.60 32.36
C ILE G 149 17.23 -27.37 33.60
N SER G 150 18.20 -27.88 34.35
CA SER G 150 17.91 -28.74 35.47
C SER G 150 17.30 -27.95 36.62
N ASP G 151 16.72 -28.69 37.58
CA ASP G 151 16.10 -28.05 38.73
C ASP G 151 17.12 -27.29 39.57
N GLU G 152 18.30 -27.87 39.76
CA GLU G 152 19.34 -27.19 40.53
C GLU G 152 19.91 -26.00 39.79
N GLU G 153 19.84 -25.99 38.46
CA GLU G 153 20.38 -24.89 37.70
C GLU G 153 19.60 -23.60 37.88
N CYS G 154 18.36 -23.68 38.34
CA CYS G 154 17.62 -22.48 38.69
C CYS G 154 16.92 -22.68 40.03
N THR G 155 17.69 -23.14 41.01
CA THR G 155 17.29 -23.13 42.40
C THR G 155 17.92 -21.92 43.07
N PHE G 156 17.08 -21.07 43.65
CA PHE G 156 17.54 -19.87 44.33
C PHE G 156 17.06 -19.91 45.78
N ASP G 157 17.59 -18.99 46.58
CA ASP G 157 17.14 -18.87 47.96
C ASP G 157 15.68 -18.48 48.00
N ASN G 158 14.95 -19.07 48.94
CA ASN G 158 13.52 -18.78 49.05
C ASN G 158 13.27 -17.33 49.41
N SER G 159 14.22 -16.70 50.08
CA SER G 159 14.06 -15.32 50.49
C SER G 159 15.36 -14.57 50.25
N TRP G 160 15.25 -13.26 50.09
CA TRP G 160 16.41 -12.41 49.91
C TRP G 160 16.84 -11.71 51.18
N LEU G 161 15.88 -11.34 52.04
CA LEU G 161 16.22 -10.72 53.31
C LEU G 161 16.72 -11.73 54.33
N TRP G 162 16.20 -12.94 54.30
CA TRP G 162 16.55 -13.99 55.25
C TRP G 162 17.03 -15.23 54.51
N LYS G 163 17.98 -15.01 53.60
CA LYS G 163 18.38 -16.06 52.67
C LYS G 163 18.91 -17.29 53.39
N ASP G 164 19.44 -17.13 54.59
CA ASP G 164 20.02 -18.25 55.32
C ASP G 164 19.01 -19.03 56.14
N GLU G 165 17.78 -18.54 56.26
CA GLU G 165 16.81 -19.16 57.14
C GLU G 165 15.70 -19.91 56.41
N LYS G 166 15.27 -19.44 55.25
CA LYS G 166 14.08 -19.97 54.61
C LYS G 166 14.37 -21.05 53.58
N GLY G 167 15.63 -21.40 53.38
CA GLY G 167 15.95 -22.46 52.45
C GLY G 167 15.90 -22.01 51.00
N SER G 168 15.78 -22.99 50.11
CA SER G 168 15.82 -22.75 48.68
C SER G 168 14.78 -23.61 48.00
N ARG G 169 14.45 -23.24 46.76
CA ARG G 169 13.45 -23.96 45.99
C ARG G 169 13.72 -23.72 44.51
N PRO G 170 13.21 -24.59 43.64
CA PRO G 170 13.35 -24.35 42.20
C PRO G 170 12.37 -23.27 41.73
N PHE G 171 12.90 -22.28 41.03
CA PHE G 171 12.09 -21.17 40.55
C PHE G 171 11.60 -21.36 39.12
N CYS G 172 11.88 -22.51 38.52
CA CYS G 172 11.44 -22.81 37.17
C CYS G 172 10.54 -24.03 37.21
N LYS G 173 10.10 -24.44 36.03
CA LYS G 173 9.34 -25.68 35.91
C LYS G 173 9.63 -26.22 34.52
N ASP G 174 10.56 -27.17 34.44
CA ASP G 174 10.97 -27.77 33.18
C ASP G 174 11.46 -26.69 32.20
N ALA G 175 12.35 -25.84 32.69
CA ALA G 175 12.94 -24.83 31.83
C ALA G 175 13.75 -25.49 30.72
N ASN G 176 13.78 -24.83 29.56
CA ASN G 176 14.32 -25.48 28.38
C ASN G 176 14.72 -24.44 27.37
N ILE G 177 15.79 -24.74 26.62
CA ILE G 177 16.17 -23.97 25.45
C ILE G 177 16.09 -24.90 24.25
N SER G 178 15.35 -24.48 23.22
CA SER G 178 15.20 -25.28 22.01
C SER G 178 15.15 -24.34 20.82
N LEU G 179 16.28 -24.20 20.14
CA LEU G 179 16.38 -23.33 18.99
C LEU G 179 16.94 -24.10 17.80
N ILE G 180 16.59 -23.65 16.61
CA ILE G 180 17.08 -24.25 15.38
C ILE G 180 17.61 -23.14 14.49
N TYR G 181 18.93 -23.10 14.32
CA TYR G 181 19.54 -22.14 13.43
C TYR G 181 19.66 -22.72 12.04
N ARG G 182 19.48 -21.87 11.04
CA ARG G 182 19.73 -22.25 9.66
C ARG G 182 21.02 -21.60 9.21
N VAL G 183 21.92 -22.40 8.65
CA VAL G 183 23.23 -21.93 8.20
C VAL G 183 23.31 -22.11 6.70
N ASN G 184 23.74 -21.07 6.00
CA ASN G 184 23.97 -21.13 4.57
C ASN G 184 25.42 -20.77 4.29
N LEU G 185 26.07 -21.57 3.47
CA LEU G 185 27.38 -21.25 2.94
C LEU G 185 27.25 -21.03 1.45
N GLU G 186 27.86 -19.97 0.94
CA GLU G 186 27.76 -19.69 -0.49
C GLU G 186 28.84 -18.70 -0.86
N ARG G 187 29.09 -18.61 -2.15
CA ARG G 187 29.85 -17.51 -2.73
C ARG G 187 28.88 -16.37 -3.02
N SER G 188 29.40 -15.15 -3.03
CA SER G 188 28.54 -14.02 -3.32
C SER G 188 28.06 -14.01 -4.77
N LEU G 189 28.83 -14.61 -5.67
CA LEU G 189 28.49 -14.63 -7.08
C LEU G 189 28.77 -16.00 -7.66
N GLN G 190 28.15 -16.29 -8.79
CA GLN G 190 28.43 -17.53 -9.49
C GLN G 190 29.85 -17.52 -10.03
N TYR G 191 30.36 -18.70 -10.31
CA TYR G 191 31.73 -18.84 -10.76
C TYR G 191 31.95 -18.10 -12.06
N GLY G 192 33.05 -17.35 -12.13
CA GLY G 192 33.49 -16.78 -13.37
C GLY G 192 32.76 -15.53 -13.82
N ILE G 193 31.89 -14.97 -13.00
CA ILE G 193 31.17 -13.76 -13.37
C ILE G 193 32.07 -12.57 -13.14
N VAL G 194 32.24 -11.74 -14.17
CA VAL G 194 33.13 -10.60 -14.08
C VAL G 194 32.32 -9.33 -14.27
N GLY G 195 32.80 -8.24 -13.67
CA GLY G 195 32.17 -6.96 -13.82
C GLY G 195 30.89 -6.76 -13.07
N SER G 196 30.64 -7.57 -12.04
CA SER G 196 29.42 -7.44 -11.27
C SER G 196 29.55 -6.32 -10.24
N ALA G 197 28.40 -5.77 -9.85
CA ALA G 197 28.38 -4.74 -8.82
C ALA G 197 28.53 -5.30 -7.42
N THR G 198 28.45 -6.58 -7.27
CA THR G 198 28.68 -7.27 -6.01
C THR G 198 30.13 -7.71 -5.92
N PRO G 199 30.83 -7.39 -4.85
CA PRO G 199 32.21 -7.86 -4.71
C PRO G 199 32.26 -9.37 -4.52
N ASN G 200 33.37 -9.97 -4.94
CA ASN G 200 33.58 -11.39 -4.72
C ASN G 200 33.87 -11.65 -3.26
N ALA G 201 33.16 -12.60 -2.66
CA ALA G 201 33.37 -12.92 -1.26
C ALA G 201 32.79 -14.30 -0.98
N LYS G 202 33.25 -14.89 0.10
CA LYS G 202 32.70 -16.12 0.63
C LYS G 202 31.79 -15.78 1.80
N ILE G 203 30.54 -16.19 1.71
CA ILE G 203 29.49 -15.74 2.62
C ILE G 203 29.08 -16.87 3.53
N VAL G 204 29.01 -16.61 4.82
CA VAL G 204 28.41 -17.51 5.79
C VAL G 204 27.23 -16.78 6.40
N ARG G 205 26.05 -17.35 6.25
CA ARG G 205 24.82 -16.74 6.74
C ARG G 205 24.23 -17.62 7.84
N ILE G 206 24.04 -17.04 9.02
CA ILE G 206 23.43 -17.74 10.14
C ILE G 206 22.12 -17.04 10.45
N SER G 207 21.04 -17.79 10.43
CA SER G 207 19.73 -17.19 10.49
C SER G 207 18.86 -17.89 11.52
N LEU G 208 18.05 -17.12 12.21
CA LEU G 208 17.03 -17.61 13.13
C LEU G 208 15.79 -16.79 12.78
N ASP G 209 14.98 -17.30 11.86
CA ASP G 209 13.90 -16.50 11.31
C ASP G 209 12.57 -17.22 11.36
N ASP G 210 11.56 -16.65 10.70
CA ASP G 210 10.22 -17.25 10.74
C ASP G 210 10.18 -18.62 10.11
N ASP G 211 11.03 -18.88 9.11
CA ASP G 211 11.04 -20.18 8.46
C ASP G 211 11.68 -21.26 9.31
N SER G 212 12.54 -20.89 10.26
CA SER G 212 13.24 -21.89 11.06
C SER G 212 13.61 -21.25 12.39
N SER G 213 12.88 -21.59 13.40
CA SER G 213 13.16 -20.97 14.68
C SER G 213 13.26 -21.96 15.82
N GLY G 214 12.45 -23.00 15.81
CA GLY G 214 12.41 -23.92 16.92
C GLY G 214 11.37 -23.55 17.95
N ALA G 215 11.34 -24.34 19.01
CA ALA G 215 10.33 -24.14 20.05
C ALA G 215 10.54 -22.83 20.78
N GLY G 216 11.76 -22.53 21.17
CA GLY G 216 12.07 -21.29 21.85
C GLY G 216 12.63 -21.57 23.22
N ILE G 217 12.70 -20.52 24.02
CA ILE G 217 13.24 -20.59 25.38
C ILE G 217 12.08 -20.54 26.35
N HIS G 218 12.02 -21.50 27.25
CA HIS G 218 10.89 -21.67 28.14
C HIS G 218 11.37 -21.73 29.57
N LEU G 219 10.69 -21.05 30.47
CA LEU G 219 11.04 -21.07 31.88
C LEU G 219 9.95 -21.62 32.77
N ASN G 220 8.68 -21.29 32.50
CA ASN G 220 7.60 -21.63 33.40
C ASN G 220 6.31 -21.73 32.62
N ASP G 221 5.40 -22.56 33.12
CA ASP G 221 4.04 -22.53 32.58
C ASP G 221 3.27 -21.35 33.13
N GLN G 222 3.43 -21.06 34.42
CA GLN G 222 2.78 -19.92 35.04
C GLN G 222 3.59 -19.54 36.26
N LEU G 223 3.39 -18.31 36.72
CA LEU G 223 4.18 -17.76 37.81
C LEU G 223 3.44 -17.91 39.12
N SER G 224 4.12 -18.46 40.12
CA SER G 224 3.59 -18.56 41.47
C SER G 224 4.52 -17.84 42.42
N TYR G 225 4.13 -17.78 43.69
CA TYR G 225 4.90 -17.06 44.68
C TYR G 225 4.81 -17.79 46.01
N ARG G 226 5.73 -17.45 46.90
CA ARG G 226 5.72 -17.92 48.27
C ARG G 226 5.89 -16.72 49.19
N ARG G 227 5.18 -16.72 50.30
CA ARG G 227 5.24 -15.63 51.26
C ARG G 227 6.04 -16.08 52.49
N PHE G 228 6.91 -15.20 52.96
CA PHE G 228 7.72 -15.47 54.12
C PHE G 228 7.65 -14.30 55.08
N GLY G 229 7.57 -14.62 56.36
CA GLY G 229 7.53 -13.59 57.38
C GLY G 229 8.76 -13.63 58.25
N ALA G 230 9.11 -12.50 58.86
CA ALA G 230 10.24 -12.45 59.77
C ALA G 230 9.94 -13.29 61.01
N SER G 231 10.90 -14.12 61.40
CA SER G 231 10.73 -14.96 62.58
C SER G 231 10.66 -14.15 63.86
N TYR G 232 11.19 -12.93 63.86
CA TYR G 232 11.20 -12.06 65.02
C TYR G 232 10.46 -10.77 64.68
N THR G 233 9.62 -10.32 65.61
CA THR G 233 8.93 -9.05 65.43
C THR G 233 9.88 -7.89 65.68
N THR G 234 9.58 -6.75 65.04
CA THR G 234 10.41 -5.56 65.17
C THR G 234 9.52 -4.34 64.97
N LEU G 235 10.16 -3.17 64.80
CA LEU G 235 9.44 -1.92 64.66
C LEU G 235 9.62 -1.29 63.28
N ASP G 236 10.84 -1.01 62.87
CA ASP G 236 11.10 -0.39 61.57
C ASP G 236 12.07 -1.27 60.80
N ALA G 237 11.54 -2.27 60.10
CA ALA G 237 12.34 -3.19 59.31
C ALA G 237 11.39 -3.95 58.40
N TYR G 238 11.97 -4.77 57.54
CA TYR G 238 11.17 -5.63 56.69
C TYR G 238 10.59 -6.76 57.53
N PHE G 239 9.28 -6.97 57.41
CA PHE G 239 8.61 -8.01 58.17
C PHE G 239 7.93 -9.05 57.29
N ARG G 240 7.82 -8.82 55.99
CA ARG G 240 7.23 -9.79 55.08
C ARG G 240 8.02 -9.80 53.79
N GLU G 241 7.95 -10.92 53.09
CA GLU G 241 8.63 -11.04 51.81
C GLU G 241 7.91 -12.04 50.94
N TRP G 242 7.81 -11.73 49.66
CA TRP G 242 7.30 -12.64 48.65
C TRP G 242 8.39 -12.92 47.64
N SER G 243 8.55 -14.17 47.27
CA SER G 243 9.47 -14.56 46.21
C SER G 243 8.66 -15.17 45.08
N THR G 244 8.69 -14.52 43.93
CA THR G 244 7.93 -14.94 42.76
C THR G 244 8.81 -15.78 41.85
N ASP G 245 8.18 -16.68 41.12
CA ASP G 245 8.90 -17.54 40.18
C ASP G 245 9.71 -16.71 39.20
N ALA G 246 10.80 -17.29 38.74
CA ALA G 246 11.78 -16.54 37.97
C ALA G 246 11.25 -16.19 36.59
N ILE G 247 11.63 -15.00 36.13
CA ILE G 247 11.38 -14.57 34.77
C ILE G 247 12.72 -14.39 34.08
N ALA G 248 12.68 -14.12 32.79
CA ALA G 248 13.89 -13.89 32.02
C ALA G 248 14.19 -12.40 32.06
N GLN G 249 15.27 -12.02 32.74
CA GLN G 249 15.70 -10.63 32.69
C GLN G 249 16.12 -10.25 31.29
N ASP G 250 16.80 -11.14 30.59
CA ASP G 250 17.13 -10.91 29.20
C ASP G 250 17.43 -12.24 28.53
N TYR G 251 17.34 -12.23 27.21
CA TYR G 251 17.81 -13.32 26.37
C TYR G 251 18.94 -12.80 25.51
N ARG G 252 20.06 -13.50 25.51
CA ARG G 252 21.24 -13.04 24.79
C ARG G 252 21.69 -14.10 23.81
N PHE G 253 22.09 -13.65 22.62
CA PHE G 253 22.57 -14.54 21.57
C PHE G 253 23.86 -13.96 21.03
N VAL G 254 24.96 -14.66 21.23
CA VAL G 254 26.29 -14.18 20.88
C VAL G 254 26.82 -14.99 19.71
N PHE G 255 27.29 -14.30 18.68
CA PHE G 255 27.87 -14.93 17.51
C PHE G 255 29.35 -14.62 17.50
N LYS G 256 30.17 -15.64 17.62
CA LYS G 256 31.61 -15.48 17.71
C LYS G 256 32.28 -16.20 16.54
N THR G 257 33.58 -16.00 16.44
CA THR G 257 34.39 -16.58 15.38
C THR G 257 35.72 -16.97 15.98
N SER G 258 36.24 -18.13 15.57
CA SER G 258 37.48 -18.63 16.16
C SER G 258 38.68 -17.79 15.75
N ASN G 259 38.73 -17.34 14.50
CA ASN G 259 39.81 -16.48 14.06
C ASN G 259 39.25 -15.28 13.32
N ASN G 260 40.10 -14.49 12.68
CA ASN G 260 39.65 -13.27 12.02
C ASN G 260 39.55 -13.43 10.52
N LYS G 261 39.45 -14.66 10.02
CA LYS G 261 39.29 -14.85 8.59
C LYS G 261 37.95 -14.33 8.09
N ALA G 262 36.95 -14.30 8.95
CA ALA G 262 35.63 -13.81 8.59
C ALA G 262 35.30 -12.56 9.38
N GLU G 263 34.55 -11.67 8.75
CA GLU G 263 34.11 -10.44 9.38
C GLU G 263 32.60 -10.33 9.24
N ILE G 264 31.96 -9.70 10.22
CA ILE G 264 30.54 -9.46 10.12
C ILE G 264 30.30 -8.48 8.98
N LEU G 265 29.46 -8.87 8.03
CA LEU G 265 29.12 -8.00 6.93
C LEU G 265 27.83 -7.25 7.19
N GLU G 266 26.81 -7.95 7.68
CA GLU G 266 25.54 -7.32 7.97
C GLU G 266 24.79 -8.20 8.96
N THR G 267 23.84 -7.59 9.65
CA THR G 267 23.04 -8.31 10.63
C THR G 267 21.59 -7.92 10.49
N PHE G 268 20.74 -8.71 11.10
CA PHE G 268 19.38 -8.31 11.37
C PHE G 268 19.08 -8.68 12.81
N PRO G 269 18.58 -7.76 13.65
CA PRO G 269 18.27 -6.35 13.44
C PRO G 269 19.45 -5.55 12.97
N ILE G 270 19.21 -4.58 12.09
CA ILE G 270 20.31 -3.87 11.43
C ILE G 270 21.11 -3.07 12.43
N ASP G 271 20.43 -2.40 13.36
CA ASP G 271 21.11 -1.51 14.29
C ASP G 271 20.24 -1.35 15.53
N ASN G 272 20.82 -0.70 16.53
CA ASN G 272 20.03 -0.28 17.68
C ASN G 272 19.03 0.79 17.27
N LEU G 273 17.95 0.87 18.02
CA LEU G 273 16.87 1.78 17.68
C LEU G 273 17.25 3.23 17.91
N ASN G 274 16.91 4.07 16.94
CA ASN G 274 17.02 5.52 17.07
C ASN G 274 15.66 6.02 17.53
N VAL G 275 15.51 6.21 18.84
CA VAL G 275 14.21 6.48 19.42
C VAL G 275 13.67 7.81 18.92
N LYS G 276 12.38 7.84 18.62
CA LYS G 276 11.70 9.04 18.16
C LYS G 276 10.87 9.62 19.29
N TYR G 277 11.07 10.90 19.58
CA TYR G 277 10.36 11.58 20.65
C TYR G 277 9.43 12.62 20.07
N GLU G 278 8.27 12.78 20.69
CA GLU G 278 7.34 13.84 20.33
C GLU G 278 7.34 14.87 21.44
N LYS G 279 7.78 16.08 21.12
CA LYS G 279 7.79 17.17 22.08
C LYS G 279 6.60 18.06 21.83
N ARG G 280 6.09 18.64 22.91
CA ARG G 280 4.92 19.49 22.83
C ARG G 280 5.07 20.63 23.83
N LYS G 281 4.94 21.85 23.35
CA LYS G 281 5.02 23.04 24.20
C LYS G 281 3.66 23.72 24.21
N GLN G 282 3.18 24.05 25.39
CA GLN G 282 1.92 24.75 25.55
C GLN G 282 2.17 26.05 26.32
N SER G 283 1.57 27.12 25.84
CA SER G 283 1.58 28.40 26.54
C SER G 283 0.16 28.93 26.55
N GLY G 284 -0.29 29.44 27.68
CA GLY G 284 -1.64 29.94 27.77
C GLY G 284 -1.76 31.07 28.76
N PHE G 285 -2.81 31.85 28.60
CA PHE G 285 -3.17 32.87 29.56
C PHE G 285 -4.67 32.82 29.79
N GLU G 286 -5.09 33.26 30.96
CA GLU G 286 -6.51 33.28 31.31
C GLU G 286 -6.83 34.56 32.03
N LEU G 287 -7.93 35.20 31.64
CA LEU G 287 -8.40 36.44 32.26
C LEU G 287 -9.78 36.18 32.83
N GLY G 288 -10.03 36.66 34.03
CA GLY G 288 -11.31 36.44 34.68
C GLY G 288 -11.75 37.65 35.46
N VAL G 289 -13.07 37.78 35.59
CA VAL G 289 -13.69 38.76 36.48
C VAL G 289 -14.78 38.05 37.26
N THR G 290 -15.08 38.59 38.43
CA THR G 290 -16.11 38.03 39.29
C THR G 290 -16.88 39.16 39.97
N GLY G 291 -18.19 39.05 39.99
CA GLY G 291 -19.01 40.03 40.67
C GLY G 291 -19.96 39.38 41.66
N GLY G 292 -19.75 39.63 42.95
CA GLY G 292 -20.55 39.02 43.99
C GLY G 292 -21.43 40.04 44.69
N ALA G 293 -22.58 39.57 45.17
CA ALA G 293 -23.53 40.39 45.91
C ALA G 293 -24.05 39.57 47.07
N GLU G 294 -23.59 39.89 48.28
CA GLU G 294 -24.00 39.18 49.48
C GLU G 294 -24.98 40.06 50.26
N VAL G 295 -26.17 39.53 50.53
CA VAL G 295 -27.21 40.24 51.24
C VAL G 295 -27.52 39.47 52.52
N SER G 296 -27.46 40.17 53.66
CA SER G 296 -27.74 39.55 54.95
C SER G 296 -28.29 40.62 55.87
N GLU G 297 -28.39 40.29 57.17
CA GLU G 297 -28.87 41.25 58.14
C GLU G 297 -27.92 42.42 58.30
N ASP G 298 -26.63 42.21 58.04
CA ASP G 298 -25.66 43.30 58.18
C ASP G 298 -25.90 44.38 57.14
N GLY G 299 -26.24 43.98 55.92
CA GLY G 299 -26.47 44.92 54.85
C GLY G 299 -25.88 44.44 53.54
N PRO G 300 -26.28 45.06 52.43
CA PRO G 300 -25.76 44.65 51.13
C PRO G 300 -24.25 44.77 51.08
N LYS G 301 -23.61 43.77 50.48
CA LYS G 301 -22.17 43.70 50.34
C LYS G 301 -21.83 43.30 48.93
N ALA G 302 -21.00 44.10 48.26
CA ALA G 302 -20.65 43.89 46.87
C ALA G 302 -19.18 43.54 46.74
N LYS G 303 -18.89 42.62 45.83
CA LYS G 303 -17.53 42.14 45.58
C LYS G 303 -17.20 42.27 44.11
N LEU G 304 -15.96 42.62 43.81
CA LEU G 304 -15.47 42.71 42.45
C LEU G 304 -14.06 42.14 42.43
N GLU G 305 -13.83 41.16 41.58
CA GLU G 305 -12.57 40.43 41.54
C GLU G 305 -12.07 40.32 40.11
N ALA G 306 -10.75 40.31 39.96
CA ALA G 306 -10.12 40.13 38.67
C ALA G 306 -8.98 39.15 38.81
N ARG G 307 -8.87 38.23 37.85
CA ARG G 307 -7.85 37.20 37.86
C ARG G 307 -7.08 37.24 36.55
N ALA G 308 -5.80 36.92 36.62
CA ALA G 308 -4.98 36.76 35.43
C ALA G 308 -4.02 35.61 35.69
N SER G 309 -4.00 34.64 34.80
CA SER G 309 -3.15 33.46 34.96
C SER G 309 -2.28 33.29 33.73
N ILE G 310 -1.11 32.72 33.95
CA ILE G 310 -0.16 32.40 32.88
C ILE G 310 0.25 30.95 33.07
N THR G 311 0.18 30.18 32.00
CA THR G 311 0.44 28.75 32.08
C THR G 311 1.49 28.37 31.04
N GLN G 312 2.27 27.35 31.37
CA GLN G 312 3.26 26.83 30.44
C GLN G 312 3.50 25.38 30.79
N SER G 313 3.44 24.51 29.79
CA SER G 313 3.67 23.09 30.04
C SER G 313 4.46 22.49 28.89
N ARG G 314 5.18 21.42 29.20
CA ARG G 314 5.96 20.68 28.22
C ARG G 314 5.57 19.22 28.28
N TRP G 315 5.43 18.60 27.13
CA TRP G 315 5.14 17.17 27.04
C TRP G 315 6.26 16.47 26.31
N LEU G 316 6.51 15.23 26.70
CA LEU G 316 7.44 14.37 26.00
C LEU G 316 6.81 13.01 25.86
N THR G 317 6.75 12.49 24.64
CA THR G 317 6.11 11.22 24.35
C THR G 317 7.08 10.33 23.59
N TYR G 318 7.14 9.06 23.98
CA TYR G 318 7.95 8.08 23.28
C TYR G 318 7.42 6.70 23.58
N ASN G 319 7.86 5.73 22.80
CA ASN G 319 7.41 4.36 22.91
C ASN G 319 8.46 3.49 23.58
N THR G 320 8.02 2.56 24.39
CA THR G 320 8.87 1.52 24.93
C THR G 320 8.24 0.18 24.62
N GLN G 321 8.99 -0.89 24.88
CA GLN G 321 8.48 -2.24 24.82
C GLN G 321 8.85 -2.92 26.12
N ASP G 322 8.29 -4.10 26.36
CA ASP G 322 8.77 -4.80 27.55
C ASP G 322 10.06 -5.56 27.27
N TYR G 323 10.42 -5.77 26.02
CA TYR G 323 11.74 -6.30 25.68
C TYR G 323 12.30 -5.49 24.55
N ARG G 324 13.45 -4.88 24.77
CA ARG G 324 14.13 -4.08 23.77
C ARG G 324 15.35 -4.82 23.27
N VAL G 325 15.51 -4.87 21.95
CA VAL G 325 16.66 -5.51 21.34
C VAL G 325 17.84 -4.58 21.42
N GLU G 326 18.95 -5.05 21.95
CA GLU G 326 20.18 -4.29 22.04
C GLU G 326 21.27 -5.05 21.31
N ARG G 327 21.78 -4.44 20.25
CA ARG G 327 22.84 -5.03 19.43
C ARG G 327 24.17 -4.51 19.94
N ASN G 328 25.13 -5.40 20.10
CA ASN G 328 26.40 -5.07 20.72
C ASN G 328 27.49 -5.77 19.93
N ALA G 329 28.26 -5.02 19.15
CA ALA G 329 29.28 -5.59 18.29
C ALA G 329 30.65 -5.17 18.82
N LYS G 330 31.29 -6.07 19.56
CA LYS G 330 32.57 -5.74 20.17
C LYS G 330 33.65 -5.50 19.13
N ASN G 331 33.70 -6.32 18.09
CA ASN G 331 34.69 -6.18 17.05
C ASN G 331 34.13 -6.77 15.77
N ALA G 332 34.97 -6.90 14.75
CA ALA G 332 34.51 -7.35 13.46
C ALA G 332 34.11 -8.82 13.45
N GLN G 333 34.47 -9.58 14.48
CA GLN G 333 34.20 -11.00 14.49
C GLN G 333 33.04 -11.41 15.40
N THR G 334 32.61 -10.55 16.31
CA THR G 334 31.62 -10.94 17.29
C THR G 334 30.52 -9.91 17.38
N VAL G 335 29.29 -10.37 17.42
CA VAL G 335 28.12 -9.53 17.65
C VAL G 335 27.20 -10.28 18.58
N SER G 336 26.56 -9.56 19.47
CA SER G 336 25.59 -10.15 20.38
C SER G 336 24.28 -9.38 20.30
N PHE G 337 23.19 -10.12 20.30
CA PHE G 337 21.86 -9.53 20.36
C PHE G 337 21.25 -9.88 21.71
N THR G 338 20.79 -8.86 22.42
CA THR G 338 20.18 -9.08 23.72
C THR G 338 18.78 -8.49 23.70
N TRP G 339 17.80 -9.30 24.04
CA TRP G 339 16.46 -8.80 24.31
C TRP G 339 16.37 -8.54 25.80
N ASN G 340 16.34 -7.28 26.18
CA ASN G 340 16.43 -6.86 27.56
C ASN G 340 15.09 -6.32 28.02
N ARG G 341 14.67 -6.69 29.22
CA ARG G 341 13.46 -6.13 29.79
C ARG G 341 13.58 -4.62 29.87
N GLN G 342 12.59 -3.91 29.34
CA GLN G 342 12.64 -2.46 29.34
C GLN G 342 11.53 -1.83 30.17
N GLU G 343 10.26 -2.10 29.85
CA GLU G 343 9.18 -1.35 30.48
C GLU G 343 9.04 -1.69 31.96
N TYR G 344 8.98 -2.97 32.30
CA TYR G 344 8.94 -3.41 33.68
C TYR G 344 10.19 -4.22 33.93
N ALA G 345 11.30 -3.54 34.15
CA ALA G 345 12.58 -4.21 34.29
C ALA G 345 12.94 -4.50 35.73
N THR G 346 12.33 -3.82 36.68
CA THR G 346 12.66 -3.94 38.08
C THR G 346 11.52 -4.59 38.84
N ALA G 347 11.86 -5.25 39.95
CA ALA G 347 10.83 -5.81 40.81
C ALA G 347 9.94 -4.71 41.39
N GLU G 348 10.50 -3.51 41.54
CA GLU G 348 9.71 -2.40 42.06
C GLU G 348 8.59 -2.03 41.10
N SER G 349 8.86 -2.06 39.80
CA SER G 349 7.87 -1.65 38.82
C SER G 349 6.72 -2.63 38.70
N LEU G 350 6.86 -3.83 39.27
CA LEU G 350 5.82 -4.83 39.20
C LEU G 350 4.79 -4.70 40.31
N LEU G 351 5.00 -3.80 41.26
CA LEU G 351 4.07 -3.62 42.36
C LEU G 351 2.89 -2.77 41.90
N ASN G 352 1.68 -3.28 42.06
CA ASN G 352 0.50 -2.50 41.74
C ASN G 352 0.11 -1.53 42.85
N ARG G 353 0.65 -1.71 44.04
CA ARG G 353 0.37 -0.83 45.16
C ARG G 353 1.69 -0.52 45.87
N SER G 354 1.78 0.69 46.40
CA SER G 354 3.00 1.13 47.06
C SER G 354 2.89 1.23 48.56
N THR G 355 1.69 1.34 49.10
CA THR G 355 1.49 1.53 50.53
C THR G 355 0.21 0.83 50.93
N ASP G 356 0.13 0.45 52.21
CA ASP G 356 -1.05 -0.25 52.71
C ASP G 356 -1.10 -0.14 54.22
N ALA G 357 -2.26 -0.46 54.78
CA ALA G 357 -2.41 -0.53 56.22
C ALA G 357 -1.80 -1.83 56.75
N LEU G 358 -1.51 -1.84 58.05
CA LEU G 358 -0.78 -2.95 58.64
C LEU G 358 -1.57 -4.26 58.53
N TRP G 359 -2.88 -4.19 58.71
CA TRP G 359 -3.68 -5.42 58.69
C TRP G 359 -3.77 -6.05 57.31
N VAL G 360 -3.38 -5.34 56.25
CA VAL G 360 -3.42 -5.89 54.90
C VAL G 360 -2.29 -6.89 54.73
N ASP G 361 -2.62 -8.08 54.25
CA ASP G 361 -1.62 -9.13 54.00
C ASP G 361 -2.00 -9.80 52.68
N THR G 362 -1.50 -9.25 51.58
CA THR G 362 -1.81 -9.77 50.25
C THR G 362 -0.57 -9.67 49.38
N TYR G 363 -0.57 -10.45 48.32
CA TYR G 363 0.49 -10.40 47.34
C TYR G 363 0.49 -9.04 46.64
N PRO G 364 1.55 -8.26 46.74
CA PRO G 364 1.54 -6.90 46.18
C PRO G 364 2.03 -6.79 44.74
N VAL G 365 2.25 -7.90 44.04
CA VAL G 365 2.77 -7.89 42.69
C VAL G 365 1.62 -8.07 41.72
N ASP G 366 1.59 -7.24 40.67
CA ASP G 366 0.61 -7.38 39.60
C ASP G 366 1.21 -8.31 38.56
N VAL G 367 0.82 -9.59 38.60
CA VAL G 367 1.38 -10.56 37.68
C VAL G 367 0.93 -10.32 36.25
N ASN G 368 -0.12 -9.54 36.05
CA ASN G 368 -0.54 -9.22 34.69
C ASN G 368 0.47 -8.36 33.96
N ARG G 369 1.37 -7.69 34.68
CA ARG G 369 2.41 -6.91 34.04
C ARG G 369 3.53 -7.79 33.51
N ILE G 370 3.58 -9.05 33.88
CA ILE G 370 4.60 -9.96 33.40
C ILE G 370 4.02 -10.71 32.21
N SER G 371 4.46 -10.35 31.01
CA SER G 371 3.95 -10.95 29.80
C SER G 371 4.44 -12.39 29.69
N PRO G 372 3.71 -13.22 28.95
CA PRO G 372 4.19 -14.59 28.68
C PRO G 372 5.50 -14.62 27.93
N LEU G 373 5.86 -13.53 27.25
CA LEU G 373 7.14 -13.44 26.59
C LEU G 373 8.31 -13.59 27.54
N SER G 374 8.10 -13.35 28.82
CA SER G 374 9.18 -13.37 29.79
C SER G 374 9.35 -14.73 30.46
N TYR G 375 8.41 -15.63 30.36
CA TYR G 375 8.63 -16.97 30.89
C TYR G 375 8.09 -18.10 30.04
N ALA G 376 7.06 -17.88 29.22
CA ALA G 376 6.36 -19.01 28.62
C ALA G 376 7.10 -19.54 27.39
N SER G 377 7.38 -18.67 26.43
CA SER G 377 8.27 -19.01 25.35
C SER G 377 8.77 -17.74 24.69
N PHE G 378 10.04 -17.73 24.32
CA PHE G 378 10.63 -16.62 23.61
C PHE G 378 11.32 -17.16 22.37
N VAL G 379 11.06 -16.54 21.23
CA VAL G 379 11.72 -16.89 19.98
C VAL G 379 12.36 -15.63 19.41
N PRO G 380 13.68 -15.56 19.30
CA PRO G 380 14.30 -14.40 18.67
C PRO G 380 14.23 -14.50 17.16
N LYS G 381 14.40 -13.36 16.52
CA LYS G 381 14.51 -13.29 15.07
C LYS G 381 15.76 -12.50 14.74
N MET G 382 16.76 -13.16 14.17
CA MET G 382 17.99 -12.46 13.86
C MET G 382 18.75 -13.18 12.75
N ASP G 383 19.53 -12.41 12.02
CA ASP G 383 20.40 -12.91 10.96
C ASP G 383 21.78 -12.33 11.18
N VAL G 384 22.80 -13.11 10.89
CA VAL G 384 24.17 -12.62 10.87
C VAL G 384 24.82 -13.12 9.59
N ILE G 385 25.44 -12.23 8.85
CA ILE G 385 26.12 -12.57 7.61
C ILE G 385 27.60 -12.30 7.81
N TYR G 386 28.39 -13.34 7.70
CA TYR G 386 29.84 -13.21 7.72
C TYR G 386 30.38 -13.26 6.31
N LYS G 387 31.50 -12.60 6.09
CA LYS G 387 32.16 -12.68 4.81
C LYS G 387 33.65 -12.92 5.01
N ALA G 388 34.22 -13.67 4.09
CA ALA G 388 35.64 -13.88 4.02
C ALA G 388 36.10 -13.45 2.64
N SER G 389 37.40 -13.19 2.51
CA SER G 389 37.91 -12.79 1.21
C SER G 389 37.78 -13.94 0.23
N ASP G 390 37.71 -13.60 -1.06
CA ASP G 390 37.52 -14.61 -2.09
C ASP G 390 38.69 -15.56 -2.22
N THR G 391 39.83 -15.28 -1.59
CA THR G 391 40.98 -16.17 -1.62
C THR G 391 41.31 -16.74 -0.25
N GLU G 392 40.36 -16.74 0.66
CA GLU G 392 40.63 -17.25 2.01
C GLU G 392 40.90 -18.74 1.97
N THR G 393 41.82 -19.18 2.80
CA THR G 393 42.15 -20.58 2.97
C THR G 393 42.01 -20.97 4.43
N GLY G 394 42.21 -22.24 4.72
CA GLY G 394 42.09 -22.71 6.08
C GLY G 394 40.63 -22.90 6.48
N SER G 395 40.41 -22.84 7.78
CA SER G 395 39.09 -23.08 8.32
C SER G 395 38.80 -22.07 9.43
N THR G 396 37.54 -22.02 9.83
CA THR G 396 37.08 -21.10 10.86
C THR G 396 35.94 -21.74 11.61
N ASP G 397 35.95 -21.63 12.93
CA ASP G 397 34.87 -22.12 13.76
C ASP G 397 33.94 -20.98 14.11
N PHE G 398 32.65 -21.18 13.90
CA PHE G 398 31.64 -20.22 14.27
C PHE G 398 30.91 -20.75 15.49
N ILE G 399 30.76 -19.91 16.51
CA ILE G 399 30.15 -20.30 17.76
C ILE G 399 28.91 -19.45 17.97
N ILE G 400 27.81 -20.09 18.34
CA ILE G 400 26.58 -19.40 18.71
C ILE G 400 26.26 -19.72 20.15
N ASP G 401 26.21 -18.69 20.98
CA ASP G 401 25.90 -18.82 22.40
C ASP G 401 24.50 -18.28 22.64
N SER G 402 23.58 -19.16 23.01
CA SER G 402 22.22 -18.77 23.34
C SER G 402 22.03 -18.92 24.83
N SER G 403 21.58 -17.85 25.48
CA SER G 403 21.49 -17.85 26.92
C SER G 403 20.27 -17.07 27.37
N VAL G 404 19.84 -17.36 28.59
CA VAL G 404 18.76 -16.64 29.23
C VAL G 404 19.23 -16.25 30.63
N ASN G 405 18.99 -15.00 31.00
CA ASN G 405 19.35 -14.49 32.32
C ASN G 405 18.16 -14.70 33.25
N ILE G 406 18.19 -15.79 34.00
CA ILE G 406 17.08 -16.15 34.86
C ILE G 406 17.11 -15.30 36.12
N ARG G 407 15.98 -14.68 36.44
CA ARG G 407 15.92 -13.74 37.55
C ARG G 407 14.71 -14.01 38.44
N PRO G 408 14.89 -14.51 39.65
CA PRO G 408 13.78 -14.57 40.60
C PRO G 408 13.39 -13.17 41.07
N ILE G 409 12.13 -13.02 41.44
CA ILE G 409 11.59 -11.73 41.85
C ILE G 409 11.35 -11.75 43.34
N TYR G 410 11.91 -10.78 44.04
CA TYR G 410 11.77 -10.66 45.48
C TYR G 410 11.16 -9.31 45.82
N ASN G 411 10.13 -9.33 46.65
CA ASN G 411 9.50 -8.11 47.13
C ASN G 411 9.35 -8.20 48.64
N GLY G 412 9.45 -7.05 49.31
CA GLY G 412 9.34 -7.01 50.74
C GLY G 412 8.41 -5.90 51.19
N ALA G 413 7.81 -6.11 52.36
CA ALA G 413 6.97 -5.12 53.00
C ALA G 413 7.71 -4.53 54.18
N TYR G 414 7.81 -3.20 54.21
CA TYR G 414 8.55 -2.49 55.24
C TYR G 414 7.57 -1.83 56.19
N LYS G 415 7.79 -2.00 57.49
CA LYS G 415 6.92 -1.44 58.50
C LYS G 415 7.40 -0.04 58.87
N HIS G 416 6.55 0.96 58.60
CA HIS G 416 6.85 2.34 58.94
C HIS G 416 5.94 2.75 60.09
N TYR G 417 6.52 2.94 61.27
CA TYR G 417 5.76 3.34 62.45
C TYR G 417 5.83 4.86 62.58
N TYR G 418 4.67 5.50 62.40
CA TYR G 418 4.53 6.93 62.58
C TYR G 418 3.45 7.19 63.62
N VAL G 419 3.64 8.24 64.41
CA VAL G 419 2.67 8.56 65.45
C VAL G 419 1.33 8.92 64.84
N VAL G 420 1.34 9.61 63.70
CA VAL G 420 0.09 9.91 62.99
C VAL G 420 -0.56 8.62 62.52
N GLY G 421 0.22 7.70 61.96
CA GLY G 421 -0.31 6.43 61.51
C GLY G 421 0.76 5.47 61.02
N ALA G 422 0.67 4.21 61.43
CA ALA G 422 1.60 3.20 61.00
C ALA G 422 1.09 2.52 59.74
N HIS G 423 1.96 2.42 58.74
CA HIS G 423 1.63 1.83 57.45
C HIS G 423 2.78 0.95 57.01
N GLN G 424 2.54 0.17 55.96
CA GLN G 424 3.56 -0.67 55.35
C GLN G 424 3.78 -0.22 53.92
N SER G 425 5.04 -0.15 53.52
CA SER G 425 5.41 0.22 52.16
C SER G 425 6.08 -0.96 51.49
N TYR G 426 5.72 -1.21 50.24
CA TYR G 426 6.24 -2.34 49.50
C TYR G 426 7.46 -1.93 48.70
N HIS G 427 8.46 -2.79 48.69
CA HIS G 427 9.71 -2.54 47.99
C HIS G 427 10.11 -3.75 47.19
N GLY G 428 10.79 -3.50 46.07
CA GLY G 428 11.41 -4.55 45.28
C GLY G 428 12.91 -4.47 45.45
N PHE G 429 13.56 -5.63 45.43
CA PHE G 429 15.00 -5.72 45.59
C PHE G 429 15.63 -5.99 44.23
N GLU G 430 16.56 -5.13 43.83
CA GLU G 430 17.20 -5.27 42.54
C GLU G 430 18.55 -5.97 42.58
N ASN G 431 19.19 -6.04 43.75
CA ASN G 431 20.45 -6.73 43.89
C ASN G 431 20.29 -8.21 44.12
N SER G 432 19.10 -8.74 43.90
CA SER G 432 18.86 -10.15 44.07
C SER G 432 19.62 -10.95 43.02
N PRO G 433 19.89 -12.22 43.28
CA PRO G 433 20.74 -13.00 42.37
C PRO G 433 20.08 -13.22 41.01
N ARG G 434 20.93 -13.38 40.01
CA ARG G 434 20.53 -13.80 38.67
C ARG G 434 21.49 -14.88 38.21
N ARG G 435 20.98 -15.78 37.39
CA ARG G 435 21.79 -16.86 36.85
C ARG G 435 21.63 -16.91 35.34
N ARG G 436 22.73 -16.91 34.62
CA ARG G 436 22.70 -17.02 33.18
C ARG G 436 22.92 -18.48 32.79
N ILE G 437 22.00 -19.03 32.02
CA ILE G 437 22.06 -20.40 31.54
C ILE G 437 22.32 -20.37 30.06
N THR G 438 23.43 -20.96 29.63
CA THR G 438 23.90 -20.85 28.26
C THR G 438 23.96 -22.21 27.60
N LYS G 439 23.72 -22.24 26.30
CA LYS G 439 24.01 -23.40 25.47
C LYS G 439 24.78 -22.93 24.25
N SER G 440 25.93 -23.54 24.01
CA SER G 440 26.80 -23.17 22.91
C SER G 440 26.66 -24.18 21.78
N ALA G 441 26.52 -23.68 20.57
CA ALA G 441 26.59 -24.49 19.37
C ALA G 441 27.70 -23.97 18.49
N SER G 442 28.31 -24.86 17.72
CA SER G 442 29.39 -24.44 16.86
C SER G 442 29.41 -25.29 15.61
N PHE G 443 29.98 -24.73 14.55
CA PHE G 443 30.23 -25.46 13.32
C PHE G 443 31.48 -24.90 12.68
N THR G 444 32.15 -25.74 11.92
CA THR G 444 33.41 -25.38 11.28
C THR G 444 33.16 -25.16 9.80
N VAL G 445 33.72 -24.08 9.27
CA VAL G 445 33.66 -23.78 7.86
C VAL G 445 35.06 -23.93 7.30
N ASP G 446 35.21 -24.80 6.31
CA ASP G 446 36.45 -24.91 5.57
C ASP G 446 36.35 -23.99 4.35
N TRP G 447 37.19 -22.97 4.31
CA TRP G 447 37.08 -21.98 3.26
C TRP G 447 37.45 -22.52 1.89
N ASP G 448 38.02 -23.71 1.82
CA ASP G 448 38.29 -24.36 0.55
C ASP G 448 37.21 -25.33 0.13
N HIS G 449 36.05 -25.25 0.76
CA HIS G 449 34.93 -26.07 0.36
C HIS G 449 34.53 -25.74 -1.08
N PRO G 450 34.11 -26.72 -1.87
CA PRO G 450 33.74 -26.44 -3.26
C PRO G 450 32.57 -25.48 -3.41
N VAL G 451 31.74 -25.31 -2.39
CA VAL G 451 30.63 -24.38 -2.51
C VAL G 451 31.13 -22.97 -2.68
N PHE G 452 32.32 -22.68 -2.20
CA PHE G 452 32.84 -21.33 -2.25
C PHE G 452 33.48 -21.01 -3.59
N THR G 453 33.55 -21.95 -4.52
CA THR G 453 33.88 -21.62 -5.89
C THR G 453 32.73 -20.94 -6.61
N GLY G 454 31.50 -21.18 -6.17
CA GLY G 454 30.35 -20.61 -6.82
C GLY G 454 29.88 -21.36 -8.04
N GLY G 455 30.49 -22.49 -8.36
CA GLY G 455 30.11 -23.22 -9.55
C GLY G 455 29.52 -24.57 -9.24
N ARG G 456 28.85 -25.17 -10.21
CA ARG G 456 28.27 -26.49 -10.03
C ARG G 456 29.15 -27.51 -10.72
N PRO G 457 29.86 -28.35 -9.99
CA PRO G 457 30.82 -29.25 -10.61
C PRO G 457 30.16 -30.43 -11.31
N VAL G 458 30.92 -31.01 -12.23
CA VAL G 458 30.54 -32.23 -12.92
C VAL G 458 31.71 -33.18 -12.83
N ASN G 459 31.45 -34.44 -13.13
CA ASN G 459 32.51 -35.42 -13.23
C ASN G 459 32.71 -35.82 -14.68
N LEU G 460 33.85 -36.42 -14.97
CA LEU G 460 34.16 -36.91 -16.31
C LEU G 460 34.26 -38.42 -16.22
N GLN G 461 33.20 -39.11 -16.58
CA GLN G 461 33.15 -40.55 -16.48
C GLN G 461 33.62 -41.18 -17.77
N LEU G 462 34.59 -42.09 -17.66
CA LEU G 462 35.10 -42.80 -18.82
C LEU G 462 34.12 -43.91 -19.16
N ALA G 463 33.39 -43.75 -20.25
CA ALA G 463 32.20 -44.55 -20.49
C ALA G 463 32.49 -45.90 -21.11
N SER G 464 33.74 -46.23 -21.40
CA SER G 464 34.03 -47.61 -21.79
C SER G 464 33.98 -48.53 -20.58
N PHE G 465 34.24 -48.01 -19.40
CA PHE G 465 34.10 -48.76 -18.16
C PHE G 465 32.72 -48.60 -17.60
N ASN G 466 32.33 -49.55 -16.75
CA ASN G 466 31.06 -49.41 -16.06
C ASN G 466 31.12 -48.32 -15.01
N ASN G 467 32.22 -48.22 -14.28
CA ASN G 467 32.32 -47.26 -13.19
C ASN G 467 33.77 -46.82 -13.06
N ARG G 468 34.13 -45.75 -13.78
CA ARG G 468 35.46 -45.17 -13.72
C ARG G 468 35.36 -43.70 -14.02
N CYS G 469 35.94 -42.87 -13.17
CA CYS G 469 35.92 -41.44 -13.34
C CYS G 469 37.33 -40.89 -13.28
N VAL G 470 37.53 -39.73 -13.91
CA VAL G 470 38.80 -39.04 -13.80
C VAL G 470 38.93 -38.48 -12.40
N GLN G 471 40.05 -38.74 -11.76
CA GLN G 471 40.28 -38.29 -10.40
C GLN G 471 41.63 -37.63 -10.29
N VAL G 472 41.70 -36.57 -9.48
CA VAL G 472 42.92 -35.84 -9.21
C VAL G 472 43.43 -36.23 -7.83
N ASP G 473 44.69 -36.60 -7.74
CA ASP G 473 45.26 -36.90 -6.44
C ASP G 473 45.91 -35.64 -5.85
N ALA G 474 46.69 -35.82 -4.79
CA ALA G 474 47.21 -34.68 -4.05
C ALA G 474 48.18 -33.85 -4.88
N GLN G 475 49.03 -34.50 -5.66
CA GLN G 475 50.05 -33.80 -6.43
C GLN G 475 49.60 -33.51 -7.87
N SER G 476 48.31 -33.51 -8.12
CA SER G 476 47.78 -33.06 -9.39
C SER G 476 47.71 -34.09 -10.49
N ARG G 477 48.17 -35.32 -10.25
CA ARG G 477 48.12 -36.33 -11.28
C ARG G 477 46.70 -36.84 -11.48
N LEU G 478 46.43 -37.33 -12.68
CA LEU G 478 45.12 -37.81 -13.07
C LEU G 478 45.11 -39.31 -13.15
N THR G 479 44.11 -39.93 -12.54
CA THR G 479 43.92 -41.37 -12.62
C THR G 479 42.44 -41.65 -12.83
N ALA G 480 42.14 -42.90 -13.14
CA ALA G 480 40.77 -43.36 -13.28
C ALA G 480 40.42 -44.21 -12.07
N ASN G 481 39.41 -43.77 -11.32
CA ASN G 481 38.97 -44.48 -10.13
C ASN G 481 37.47 -44.66 -10.20
N THR G 482 36.96 -45.54 -9.34
CA THR G 482 35.52 -45.74 -9.28
C THR G 482 34.84 -44.44 -8.90
N CYS G 483 33.78 -44.09 -9.63
CA CYS G 483 33.15 -42.80 -9.43
C CYS G 483 32.48 -42.73 -8.07
N ASP G 484 32.63 -41.57 -7.44
CA ASP G 484 31.94 -41.25 -6.19
C ASP G 484 31.29 -39.89 -6.37
N ASP G 485 29.97 -39.83 -6.23
CA ASP G 485 29.25 -38.60 -6.51
C ASP G 485 29.61 -37.47 -5.56
N GLN G 486 30.15 -37.79 -4.39
CA GLN G 486 30.46 -36.78 -3.39
C GLN G 486 31.95 -36.50 -3.29
N GLN G 487 32.76 -37.11 -4.14
CA GLN G 487 34.19 -36.91 -4.11
C GLN G 487 34.53 -35.63 -4.87
N SER G 488 35.04 -34.63 -4.15
CA SER G 488 35.41 -33.39 -4.82
C SER G 488 36.66 -33.54 -5.65
N ALA G 489 37.45 -34.58 -5.43
CA ALA G 489 38.61 -34.85 -6.27
C ALA G 489 38.22 -35.33 -7.65
N GLN G 490 36.97 -35.69 -7.87
CA GLN G 490 36.47 -36.10 -9.17
C GLN G 490 35.55 -35.06 -9.79
N SER G 491 35.57 -33.84 -9.28
CA SER G 491 34.64 -32.80 -9.68
C SER G 491 35.38 -31.72 -10.45
N PHE G 492 34.78 -31.27 -11.53
CA PHE G 492 35.34 -30.22 -12.36
C PHE G 492 34.27 -29.20 -12.65
N ILE G 493 34.66 -27.95 -12.77
CA ILE G 493 33.75 -26.89 -13.16
C ILE G 493 34.01 -26.58 -14.63
N TYR G 494 32.96 -26.64 -15.44
CA TYR G 494 33.04 -26.29 -16.85
C TYR G 494 32.79 -24.80 -16.97
N ASP G 495 33.86 -24.04 -17.15
CA ASP G 495 33.75 -22.60 -17.05
C ASP G 495 33.39 -21.97 -18.40
N GLN G 496 33.37 -20.63 -18.43
CA GLN G 496 32.91 -19.91 -19.61
C GLN G 496 33.85 -20.10 -20.78
N LEU G 497 35.16 -20.16 -20.52
CA LEU G 497 36.12 -20.38 -21.59
C LEU G 497 36.00 -21.77 -22.19
N GLY G 498 35.36 -22.70 -21.51
CA GLY G 498 35.39 -24.08 -21.91
C GLY G 498 36.43 -24.92 -21.23
N ARG G 499 37.03 -24.43 -20.16
CA ARG G 499 38.01 -25.20 -19.42
C ARG G 499 37.34 -26.06 -18.36
N TYR G 500 37.98 -27.17 -18.04
CA TYR G 500 37.53 -28.06 -16.98
C TYR G 500 38.42 -27.79 -15.79
N VAL G 501 37.93 -27.00 -14.89
CA VAL G 501 38.68 -26.53 -13.75
C VAL G 501 38.40 -27.44 -12.58
N SER G 502 39.45 -27.89 -11.91
CA SER G 502 39.28 -28.74 -10.74
C SER G 502 38.49 -28.02 -9.67
N ALA G 503 37.50 -28.70 -9.11
CA ALA G 503 36.64 -28.06 -8.12
C ALA G 503 37.34 -27.92 -6.78
N SER G 504 38.29 -28.80 -6.49
CA SER G 504 39.03 -28.71 -5.24
C SER G 504 40.15 -27.68 -5.29
N ASN G 505 40.53 -27.22 -6.48
CA ASN G 505 41.57 -26.22 -6.62
C ASN G 505 41.34 -25.51 -7.95
N THR G 506 40.71 -24.36 -7.90
CA THR G 506 40.33 -23.74 -9.16
C THR G 506 41.46 -23.14 -9.91
N GLU G 507 42.72 -23.34 -9.52
CA GLU G 507 43.85 -22.87 -10.29
C GLU G 507 44.42 -23.95 -11.19
N LEU G 508 43.79 -25.11 -11.25
CA LEU G 508 44.29 -26.22 -12.05
C LEU G 508 43.25 -26.62 -13.08
N CYS G 509 43.71 -26.85 -14.30
CA CYS G 509 42.85 -27.20 -15.42
C CYS G 509 43.26 -28.53 -16.03
N LEU G 510 42.31 -29.11 -16.73
CA LEU G 510 42.58 -30.25 -17.59
C LEU G 510 43.14 -29.73 -18.91
N ASP G 511 44.40 -30.03 -19.20
CA ASP G 511 45.11 -29.49 -20.35
C ASP G 511 45.37 -30.60 -21.35
N GLY G 512 44.99 -30.36 -22.61
CA GLY G 512 45.19 -31.36 -23.63
C GLY G 512 46.62 -31.57 -24.04
N ALA G 513 47.50 -30.63 -23.71
CA ALA G 513 48.91 -30.80 -24.04
C ALA G 513 49.54 -31.90 -23.21
N ALA G 514 49.18 -32.00 -21.93
CA ALA G 514 49.73 -33.00 -21.02
C ALA G 514 48.61 -33.54 -20.16
N LEU G 515 48.03 -34.66 -20.58
CA LEU G 515 46.85 -35.20 -19.91
C LEU G 515 47.20 -36.24 -18.85
N ASP G 516 48.16 -35.94 -17.99
CA ASP G 516 48.50 -36.84 -16.92
C ASP G 516 48.52 -36.09 -15.60
N VAL G 517 48.73 -34.78 -15.67
CA VAL G 517 48.67 -33.92 -14.52
C VAL G 517 47.84 -32.70 -14.88
N LEU G 518 47.15 -32.16 -13.89
CA LEU G 518 46.46 -30.91 -14.08
C LEU G 518 47.48 -29.79 -14.22
N GLN G 519 47.18 -28.83 -15.08
CA GLN G 519 48.06 -27.70 -15.33
C GLN G 519 47.43 -26.42 -14.79
N THR G 520 48.27 -25.42 -14.57
CA THR G 520 47.78 -24.13 -14.13
C THR G 520 46.87 -23.52 -15.19
N CYS G 521 45.74 -22.98 -14.76
CA CYS G 521 44.83 -22.35 -15.69
C CYS G 521 45.49 -21.17 -16.36
N ASN G 522 45.40 -21.13 -17.69
CA ASN G 522 45.84 -19.97 -18.44
C ASN G 522 44.97 -19.91 -19.70
N GLN G 523 45.44 -19.19 -20.71
CA GLN G 523 44.68 -19.00 -21.93
C GLN G 523 45.07 -19.99 -23.02
N ASN G 524 45.77 -21.06 -22.67
CA ASN G 524 46.12 -22.06 -23.66
C ASN G 524 44.88 -22.59 -24.34
N LEU G 525 44.93 -22.71 -25.65
CA LEU G 525 43.81 -23.29 -26.37
C LEU G 525 43.68 -24.78 -26.11
N THR G 526 44.77 -25.44 -25.70
CA THR G 526 44.70 -26.84 -25.34
C THR G 526 43.93 -27.06 -24.05
N GLN G 527 43.65 -26.02 -23.29
CA GLN G 527 42.88 -26.15 -22.07
C GLN G 527 41.40 -25.93 -22.28
N ARG G 528 40.97 -25.73 -23.51
CA ARG G 528 39.56 -25.46 -23.80
C ARG G 528 38.95 -26.67 -24.48
N TRP G 529 37.76 -27.04 -24.06
CA TRP G 529 37.08 -28.21 -24.54
C TRP G 529 35.67 -27.85 -24.97
N GLU G 530 35.19 -28.53 -25.99
CA GLU G 530 33.79 -28.40 -26.38
C GLU G 530 33.24 -29.78 -26.65
N TRP G 531 31.95 -29.94 -26.39
CA TRP G 531 31.29 -31.21 -26.59
C TRP G 531 30.83 -31.33 -28.03
N ARG G 532 31.25 -32.38 -28.71
CA ARG G 532 30.74 -32.64 -30.04
C ARG G 532 29.25 -32.89 -29.96
N LYS G 533 28.49 -32.23 -30.84
CA LYS G 533 27.05 -32.20 -30.68
C LYS G 533 26.43 -33.57 -30.91
N ASN G 534 25.47 -33.90 -30.05
CA ASN G 534 24.70 -35.14 -30.12
C ASN G 534 25.55 -36.38 -29.95
N THR G 535 26.71 -36.27 -29.31
CA THR G 535 27.56 -37.41 -29.05
C THR G 535 28.12 -37.31 -27.65
N ASP G 536 28.91 -38.30 -27.28
CA ASP G 536 29.60 -38.35 -26.01
C ASP G 536 31.09 -38.10 -26.18
N GLU G 537 31.45 -37.22 -27.12
CA GLU G 537 32.84 -36.92 -27.41
C GLU G 537 33.17 -35.52 -26.90
N LEU G 538 34.28 -35.43 -26.18
CA LEU G 538 34.82 -34.16 -25.72
C LEU G 538 36.01 -33.83 -26.59
N THR G 539 35.96 -32.71 -27.29
CA THR G 539 36.99 -32.36 -28.26
C THR G 539 37.80 -31.17 -27.76
N ASN G 540 39.09 -31.20 -28.04
CA ASN G 540 39.97 -30.10 -27.69
C ASN G 540 39.84 -28.97 -28.69
N VAL G 541 39.82 -27.75 -28.20
CA VAL G 541 39.60 -26.60 -29.08
C VAL G 541 40.81 -26.38 -29.98
N TYR G 542 42.01 -26.56 -29.45
CA TYR G 542 43.22 -26.24 -30.21
C TYR G 542 43.36 -27.10 -31.45
N SER G 543 43.29 -28.42 -31.28
CA SER G 543 43.58 -29.33 -32.37
C SER G 543 42.33 -29.98 -32.96
N GLY G 544 41.20 -29.92 -32.27
CA GLY G 544 40.02 -30.60 -32.72
C GLY G 544 39.98 -32.08 -32.39
N GLU G 545 41.03 -32.62 -31.79
CA GLU G 545 41.05 -34.02 -31.43
C GLU G 545 40.14 -34.27 -30.23
N SER G 546 39.68 -35.50 -30.11
CA SER G 546 38.76 -35.87 -29.05
C SER G 546 39.53 -36.43 -27.87
N LEU G 547 38.96 -36.28 -26.69
CA LEU G 547 39.54 -36.85 -25.49
C LEU G 547 39.19 -38.33 -25.44
N GLY G 548 40.21 -39.18 -25.43
CA GLY G 548 40.03 -40.61 -25.37
C GLY G 548 40.76 -41.19 -24.17
N HIS G 549 40.35 -42.38 -23.79
CA HIS G 549 40.99 -43.07 -22.68
C HIS G 549 41.30 -44.49 -23.10
N ASP G 550 42.40 -45.01 -22.56
CA ASP G 550 42.76 -46.39 -22.81
C ASP G 550 41.71 -47.32 -22.23
N LYS G 551 41.32 -48.32 -23.00
CA LYS G 551 40.24 -49.20 -22.59
C LYS G 551 40.63 -50.12 -21.45
N GLN G 552 41.90 -50.21 -21.10
CA GLN G 552 42.34 -51.08 -20.01
C GLN G 552 42.67 -50.31 -18.75
N THR G 553 43.37 -49.20 -18.85
CA THR G 553 43.83 -48.45 -17.69
C THR G 553 43.12 -47.12 -17.51
N GLY G 554 42.40 -46.64 -18.51
CA GLY G 554 41.77 -45.34 -18.41
C GLY G 554 42.71 -44.16 -18.51
N GLU G 555 43.90 -44.36 -19.08
CA GLU G 555 44.81 -43.25 -19.25
C GLU G 555 44.31 -42.32 -20.35
N LEU G 556 44.29 -41.02 -20.07
CA LEU G 556 43.72 -40.06 -20.99
C LEU G 556 44.71 -39.74 -22.11
N GLY G 557 44.14 -39.28 -23.23
CA GLY G 557 44.94 -38.87 -24.37
C GLY G 557 44.07 -38.19 -25.39
N LEU G 558 44.71 -37.63 -26.39
CA LEU G 558 44.02 -36.96 -27.49
C LEU G 558 44.14 -37.81 -28.74
N TYR G 559 43.02 -38.08 -29.40
CA TYR G 559 43.00 -38.96 -30.55
C TYR G 559 42.10 -38.40 -31.62
N ALA G 560 42.52 -38.53 -32.87
CA ALA G 560 41.65 -38.17 -33.98
C ALA G 560 40.44 -39.09 -34.07
N SER G 561 40.65 -40.38 -33.83
CA SER G 561 39.57 -41.34 -33.86
C SER G 561 39.88 -42.49 -32.92
N SER G 562 38.83 -43.19 -32.52
CA SER G 562 39.00 -44.32 -31.63
C SER G 562 39.60 -45.50 -32.38
N ASN G 563 40.15 -46.43 -31.62
CA ASN G 563 40.66 -47.68 -32.17
C ASN G 563 40.29 -48.79 -31.18
N ASP G 564 40.94 -49.94 -31.33
CA ASP G 564 40.61 -51.07 -30.47
C ASP G 564 40.99 -50.79 -29.03
N ALA G 565 42.11 -50.10 -28.81
CA ALA G 565 42.60 -49.89 -27.46
C ALA G 565 42.12 -48.58 -26.83
N VAL G 566 41.44 -47.73 -27.57
CA VAL G 566 41.10 -46.40 -27.11
C VAL G 566 39.62 -46.15 -27.34
N SER G 567 38.95 -45.63 -26.32
CA SER G 567 37.55 -45.25 -26.42
C SER G 567 37.42 -43.75 -26.32
N LEU G 568 36.52 -43.18 -27.12
CA LEU G 568 36.28 -41.75 -27.11
C LEU G 568 35.01 -41.36 -26.38
N ARG G 569 34.42 -42.26 -25.62
CA ARG G 569 33.13 -42.02 -24.99
C ARG G 569 33.33 -41.42 -23.61
N THR G 570 32.87 -40.20 -23.42
CA THR G 570 32.95 -39.52 -22.14
C THR G 570 31.56 -39.09 -21.72
N ILE G 571 31.21 -39.36 -20.49
CA ILE G 571 29.90 -39.03 -19.95
C ILE G 571 30.10 -38.12 -18.76
N THR G 572 29.31 -37.06 -18.69
CA THR G 572 29.44 -36.07 -17.64
C THR G 572 28.11 -35.93 -16.90
N ALA G 573 28.18 -35.74 -15.60
CA ALA G 573 26.99 -35.55 -14.79
C ALA G 573 27.33 -34.66 -13.61
N TYR G 574 26.33 -33.95 -13.11
CA TYR G 574 26.55 -33.09 -11.96
C TYR G 574 26.81 -33.93 -10.72
N THR G 575 27.78 -33.50 -9.93
CA THR G 575 28.12 -34.18 -8.70
C THR G 575 27.57 -33.40 -7.51
N ASN G 576 27.37 -34.12 -6.41
CA ASN G 576 26.81 -33.53 -5.20
C ASN G 576 27.94 -33.36 -4.19
N VAL G 577 28.64 -32.24 -4.29
CA VAL G 577 29.71 -31.92 -3.36
C VAL G 577 29.26 -30.86 -2.35
N PHE G 578 27.96 -30.61 -2.25
CA PHE G 578 27.44 -29.54 -1.41
C PHE G 578 26.84 -30.08 -0.12
N ASN G 579 27.39 -31.13 0.42
CA ASN G 579 27.04 -31.61 1.74
C ASN G 579 28.06 -31.09 2.73
N VAL G 580 27.60 -30.75 3.93
CA VAL G 580 28.50 -30.21 4.94
C VAL G 580 29.43 -31.31 5.43
N GLN G 581 30.72 -31.11 5.23
CA GLN G 581 31.71 -32.11 5.61
C GLN G 581 32.87 -31.48 6.36
K K H . -3.24 19.93 22.36
CA CA I . 25.33 0.17 -11.44
K K J . -8.30 19.92 21.02
CA CA K . 12.27 11.64 -22.06
K K L . -12.02 16.37 22.26
CA CA M . -7.54 8.54 -25.35
K K N . -11.51 12.01 25.12
CA CA O . -19.25 -6.82 -18.86
K K P . -7.23 10.10 27.44
CA CA Q . -13.98 -22.82 -7.45
K K R . -2.35 12.10 27.51
CA CA S . 4.27 -27.47 0.28
K K T . -0.59 16.43 25.25
CA CA U . 21.76 -17.23 -1.52
#